data_4WZA
#
_entry.id   4WZA
#
_cell.length_a   110.201
_cell.length_b   120.412
_cell.length_c   264.318
_cell.angle_alpha   90.000
_cell.angle_beta   90.000
_cell.angle_gamma   90.000
#
_symmetry.space_group_name_H-M   'P 21 21 21'
#
loop_
_entity.id
_entity.type
_entity.pdbx_description
1 polymer 'Nitrogenase molybdenum-iron protein alpha chain'
2 polymer 'Nitrogenase molybdenum-iron protein beta chain'
3 polymer 'Nitrogenase iron protein 1'
4 non-polymer '3-HYDROXY-3-CARBOXY-ADIPIC ACID'
5 non-polymer 'iron-sulfur-molybdenum cluster with interstitial carbon'
6 non-polymer 'FE(8)-S(7) CLUSTER'
7 non-polymer 'FE (III) ION'
8 non-polymer 'IRON/SULFUR CLUSTER'
9 non-polymer 'MAGNESIUM ION'
10 non-polymer "ADENOSINE-5'-DIPHOSPHATE"
11 non-polymer 'PHOSPHOMETHYLPHOSPHONIC ACID ADENYLATE ESTER'
12 water water
#
loop_
_entity_poly.entity_id
_entity_poly.type
_entity_poly.pdbx_seq_one_letter_code
_entity_poly.pdbx_strand_id
1 'polypeptide(L)'
;MSREEVESLIQEVLEVYPEKARKDRNKHLAVNDPAVTQSKKCIISNKKSQPGLMTIRGCAYAGSKGVVWGPIKDMIHISH
GPVGCGQYSRAGRRNYYIGTTGVNAFVTMNFTSDFQEKDIVFGGDKKLAKLIDEVETLFPLNKGISVQSECPIGLIGDDI
ESVSKVKGAELSKTIVPVRCEGFRGVSQSLGHHIANDAVRDWVLGKRDEDTTFASTPYDVAIIGDYNIGGDAWSSRILLE
EMGLRCVAQWSGDGSISEIELTPKVKLNLVHCYRSMNYISRHMEEKYGIPWMEYNFFGPTKTIESLRAIAAKFDESIQKK
CEEVIAKYKPEWEAVVAKYRPRLEGKRVMLYIGGLRPRHVIGAYEDLGMEVVGTGYEFAHNDDYDRTMKEMGDSTLLYDD
VTGYEFEEFVKRIKPDLIGSGIKEKFIFQKMGIPFRQMHSWDYSGPYHGFDGFAIFARDMDMTLNNPCWKKLQAPWE
;
A,C
2 'polypeptide(L)'
;SQQVDKIKASYPLFLDQDYKDMLAKKRDGFEEKYPQDKIDEVFQWTTTKEYQELNFQREALTVNPAKACQPLGAVLCALG
FEKTMPYVHGSQGCVAYFRSYFNRHFREPVSCVSDSMTEDAAVFGGQQNMKDGLQNCKATYKPDMIAVSTTCMAEVIGDD
LNAFINNSKKEGFIPDEFPVPFAHTPSFVGSHVTGWDNMFEGIARYFTLKSMDDKVVGSNKKINIVPGFETYLGNFRVIK
RMLSEMGVGYSLLSDPEEVLDTPADGQFRMYAGGTTQEEMKDAPNALNTVLLQPWHLEKTKKFVEGTWKHEVPKLNIPMG
LDWTDEFLMKVSEISGQPIPASLTKERGRLVDMMTDSHTWLHGKRFALWGDPDFVMGLVKFLLELGCEPVHILCHNGNKR
WKKAVDAILAASPYGKNATVYIGKDLWHLRSLVFTDKPDFMIGNSYGKFIQRDTLHKGKEFEVPLIRIGFPIFDRHHLHR
STTLGYEGAMQILTTLVNSILERLDEETRGMQATDYNHDLVR
;
B,D
3 'polypeptide(L)'
;AMRQCAIYGKGGIGKSTTTQNLVAALAEMGKKVMIVGCDPKADSTRLILHSKAQNTIMEMAAEAGTVEDLELEDVLKAGY
GGVKCVESGGPEPGVGCAGRGVITAINFLEEEGAYEDDLDFVFYDVLGDVVCGGFAMPIRENKAQEIYIVCSGEMMAMYA
ANNISKGIVKYANSGSVRLGGLICNSRNTDREDELIIALANKLGTQMIHFVPRDNVVQRAEIRRMTVIEYDPKAKQADEY
RALARKVVDNKLLVIPNPITMDELEELLMEFGIMEV
;
E,F,G,H
#
loop_
_chem_comp.id
_chem_comp.type
_chem_comp.name
_chem_comp.formula
ACP non-polymer 'PHOSPHOMETHYLPHOSPHONIC ACID ADENYLATE ESTER' 'C11 H18 N5 O12 P3'
ADP non-polymer ADENOSINE-5'-DIPHOSPHATE 'C10 H15 N5 O10 P2'
CLF non-polymer 'FE(8)-S(7) CLUSTER' 'Fe8 S7'
FE non-polymer 'FE (III) ION' 'Fe 3'
HCA non-polymer '3-HYDROXY-3-CARBOXY-ADIPIC ACID' 'C7 H10 O7'
ICS non-polymer 'iron-sulfur-molybdenum cluster with interstitial carbon' 'C Fe7 Mo S9'
MG non-polymer 'MAGNESIUM ION' 'Mg 2'
SF4 non-polymer 'IRON/SULFUR CLUSTER' 'Fe4 S4'
#
# COMPACT_ATOMS: atom_id res chain seq x y z
N MET A 1 16.06 -23.20 38.64
CA MET A 1 17.34 -23.78 39.08
C MET A 1 17.43 -23.74 40.59
N SER A 2 17.76 -24.89 41.17
CA SER A 2 17.60 -25.25 42.61
C SER A 2 16.18 -25.72 42.90
N ARG A 3 16.05 -26.94 43.41
CA ARG A 3 14.75 -27.57 43.56
C ARG A 3 13.84 -26.84 44.55
N GLU A 4 14.39 -26.45 45.70
CA GLU A 4 13.61 -25.75 46.72
C GLU A 4 13.08 -24.42 46.18
N GLU A 5 13.87 -23.77 45.34
CA GLU A 5 13.49 -22.46 44.81
C GLU A 5 12.38 -22.56 43.79
N VAL A 6 12.38 -23.61 42.98
CA VAL A 6 11.33 -23.80 41.99
C VAL A 6 10.04 -24.13 42.72
N GLU A 7 10.14 -24.97 43.75
CA GLU A 7 8.96 -25.32 44.54
C GLU A 7 8.44 -24.06 45.25
N SER A 8 9.34 -23.18 45.63
CA SER A 8 8.91 -21.91 46.22
C SER A 8 8.12 -21.05 45.21
N LEU A 9 8.63 -20.96 43.99
CA LEU A 9 7.97 -20.19 42.93
C LEU A 9 6.56 -20.71 42.65
N ILE A 10 6.42 -22.03 42.60
CA ILE A 10 5.12 -22.64 42.36
C ILE A 10 4.10 -22.23 43.44
N GLN A 11 4.52 -22.28 44.69
CA GLN A 11 3.60 -21.97 45.77
C GLN A 11 3.26 -20.47 45.77
N GLU A 12 4.24 -19.62 45.48
CA GLU A 12 3.98 -18.18 45.35
C GLU A 12 2.95 -17.88 44.27
N VAL A 13 3.10 -18.51 43.11
CA VAL A 13 2.20 -18.22 42.00
C VAL A 13 0.79 -18.70 42.33
N LEU A 14 0.71 -19.83 43.03
CA LEU A 14 -0.58 -20.43 43.41
C LEU A 14 -1.37 -19.59 44.42
N GLU A 15 -0.70 -18.68 45.11
CA GLU A 15 -1.34 -17.89 46.15
C GLU A 15 -2.53 -17.05 45.66
N VAL A 16 -2.62 -16.78 44.36
CA VAL A 16 -3.64 -15.87 43.88
C VAL A 16 -5.00 -16.56 43.75
N TYR A 17 -5.01 -17.89 43.69
CA TYR A 17 -6.23 -18.63 43.37
C TYR A 17 -7.15 -18.80 44.58
N PRO A 18 -8.47 -18.91 44.33
CA PRO A 18 -9.36 -19.46 45.35
C PRO A 18 -8.97 -20.90 45.70
N GLU A 19 -9.34 -21.33 46.90
CA GLU A 19 -8.93 -22.63 47.43
C GLU A 19 -9.15 -23.82 46.47
N LYS A 20 -10.33 -23.93 45.88
CA LYS A 20 -10.62 -25.06 44.97
C LYS A 20 -9.64 -25.08 43.79
N ALA A 21 -9.47 -23.95 43.12
CA ALA A 21 -8.53 -23.90 42.01
C ALA A 21 -7.10 -24.09 42.52
N ARG A 22 -6.77 -23.55 43.69
CA ARG A 22 -5.40 -23.66 44.21
C ARG A 22 -5.06 -25.12 44.44
N LYS A 23 -5.98 -25.84 45.08
CA LYS A 23 -5.77 -27.23 45.38
C LYS A 23 -5.54 -28.04 44.11
N ASP A 24 -6.32 -27.73 43.07
CA ASP A 24 -6.23 -28.47 41.80
C ASP A 24 -4.95 -28.19 41.04
N ARG A 25 -4.69 -26.91 40.77
CA ARG A 25 -3.51 -26.51 40.01
C ARG A 25 -2.21 -27.03 40.64
N ASN A 26 -2.19 -27.17 41.96
CA ASN A 26 -1.00 -27.68 42.64
C ASN A 26 -0.56 -29.03 42.06
N LYS A 27 -1.53 -29.84 41.63
CA LYS A 27 -1.26 -31.19 41.16
C LYS A 27 -0.72 -31.21 39.73
N HIS A 28 -0.83 -30.08 39.04
CA HIS A 28 -0.46 -29.98 37.63
C HIS A 28 0.85 -29.24 37.39
N LEU A 29 1.60 -29.02 38.46
CA LEU A 29 2.88 -28.33 38.37
C LEU A 29 3.93 -29.11 39.12
N ALA A 30 5.12 -29.25 38.53
CA ALA A 30 6.11 -30.11 39.13
C ALA A 30 7.51 -29.65 38.83
N VAL A 31 8.42 -30.00 39.73
CA VAL A 31 9.84 -29.87 39.51
C VAL A 31 10.36 -31.23 39.07
N ASN A 32 10.99 -31.28 37.91
CA ASN A 32 11.39 -32.55 37.34
C ASN A 32 12.43 -33.33 38.14
N ASP A 33 12.22 -34.64 38.17
CA ASP A 33 13.26 -35.58 38.56
C ASP A 33 13.41 -36.62 37.45
N PRO A 34 14.56 -36.62 36.75
CA PRO A 34 14.78 -37.53 35.63
C PRO A 34 14.80 -38.99 36.09
N ALA A 35 15.13 -39.18 37.37
CA ALA A 35 15.08 -40.49 38.00
C ALA A 35 13.69 -41.10 37.97
N VAL A 36 12.68 -40.29 38.30
CA VAL A 36 11.30 -40.76 38.41
C VAL A 36 10.81 -41.40 37.13
N THR A 37 10.25 -42.59 37.23
CA THR A 37 9.79 -43.32 36.07
C THR A 37 8.26 -43.31 35.98
N GLN A 38 7.60 -43.08 37.11
CA GLN A 38 6.14 -42.99 37.14
C GLN A 38 5.71 -41.56 37.39
N SER A 39 5.33 -40.86 36.32
CA SER A 39 5.03 -39.44 36.42
C SER A 39 3.78 -39.19 37.27
N LYS A 40 2.97 -40.23 37.45
CA LYS A 40 1.78 -40.15 38.28
C LYS A 40 2.17 -39.80 39.71
N LYS A 41 3.40 -40.12 40.09
CA LYS A 41 3.86 -39.77 41.42
C LYS A 41 4.23 -38.29 41.53
N CYS A 42 4.28 -37.59 40.39
CA CYS A 42 4.82 -36.22 40.35
C CYS A 42 3.89 -35.17 39.73
N ILE A 43 3.03 -35.59 38.81
CA ILE A 43 2.16 -34.64 38.13
C ILE A 43 0.90 -35.34 37.64
N ILE A 44 -0.21 -34.62 37.67
CA ILE A 44 -1.49 -35.10 37.21
C ILE A 44 -1.79 -34.41 35.88
N SER A 45 -2.43 -35.12 34.95
CA SER A 45 -2.72 -34.55 33.65
C SER A 45 -4.03 -35.10 33.09
N ASN A 46 -4.47 -34.57 31.94
CA ASN A 46 -5.68 -35.02 31.26
C ASN A 46 -6.92 -34.94 32.15
N LYS A 47 -7.03 -33.86 32.90
CA LYS A 47 -8.19 -33.61 33.73
C LYS A 47 -8.90 -32.36 33.22
N LYS A 48 -10.13 -32.13 33.69
CA LYS A 48 -10.87 -30.94 33.23
C LYS A 48 -10.15 -29.67 33.67
N SER A 49 -10.22 -28.65 32.82
CA SER A 49 -9.70 -27.33 33.15
C SER A 49 -10.56 -26.63 34.20
N GLN A 50 -9.92 -25.88 35.08
CA GLN A 50 -10.63 -25.00 36.00
C GLN A 50 -11.30 -23.85 35.25
N PRO A 51 -12.57 -23.57 35.56
CA PRO A 51 -13.35 -22.51 34.92
C PRO A 51 -12.75 -21.12 35.11
N GLY A 52 -12.69 -20.33 34.06
CA GLY A 52 -12.28 -18.92 34.19
C GLY A 52 -10.81 -18.59 34.33
N LEU A 53 -9.93 -19.55 34.07
CA LEU A 53 -8.50 -19.33 34.31
C LEU A 53 -7.68 -19.16 33.02
N MET A 54 -8.36 -19.06 31.89
CA MET A 54 -7.70 -18.82 30.59
C MET A 54 -6.74 -19.95 30.22
N THR A 55 -7.28 -21.16 30.17
CA THR A 55 -6.58 -22.29 29.58
C THR A 55 -6.28 -22.01 28.10
N ILE A 56 -5.27 -22.69 27.58
CA ILE A 56 -4.85 -22.52 26.20
C ILE A 56 -5.49 -23.62 25.33
N ARG A 57 -6.08 -24.60 26.00
CA ARG A 57 -6.72 -25.75 25.36
C ARG A 57 -7.86 -25.46 24.39
N GLY A 58 -8.02 -26.36 23.43
CA GLY A 58 -9.14 -26.34 22.50
C GLY A 58 -10.09 -27.48 22.84
N CYS A 59 -10.84 -27.94 21.84
CA CYS A 59 -11.94 -28.89 22.06
C CYS A 59 -11.78 -30.15 21.21
N ALA A 60 -12.64 -31.12 21.47
CA ALA A 60 -12.60 -32.39 20.75
C ALA A 60 -12.77 -32.24 19.23
N TYR A 61 -13.52 -31.22 18.81
CA TYR A 61 -13.69 -30.93 17.38
C TYR A 61 -12.35 -30.49 16.77
N ALA A 62 -11.61 -29.65 17.50
CA ALA A 62 -10.30 -29.26 17.03
C ALA A 62 -9.43 -30.51 16.88
N GLY A 63 -9.53 -31.41 17.86
CA GLY A 63 -8.73 -32.62 17.86
C GLY A 63 -9.13 -33.58 16.76
N SER A 64 -10.40 -33.52 16.34
CA SER A 64 -10.86 -34.48 15.33
C SER A 64 -10.80 -33.91 13.89
N LYS A 65 -11.47 -32.78 13.69
CA LYS A 65 -11.52 -32.12 12.39
C LYS A 65 -10.21 -31.40 12.10
N GLY A 66 -9.78 -30.59 13.06
CA GLY A 66 -8.64 -29.71 12.88
C GLY A 66 -7.37 -30.51 12.73
N VAL A 67 -7.26 -31.61 13.49
CA VAL A 67 -6.00 -32.33 13.56
C VAL A 67 -5.97 -33.61 12.71
N VAL A 68 -6.88 -34.53 12.96
CA VAL A 68 -6.75 -35.86 12.34
C VAL A 68 -7.38 -35.96 10.96
N TRP A 69 -8.62 -35.50 10.84
CA TRP A 69 -9.38 -35.70 9.59
C TRP A 69 -9.14 -34.61 8.55
N GLY A 70 -9.12 -33.36 9.01
CA GLY A 70 -8.89 -32.20 8.16
C GLY A 70 -7.78 -32.28 7.13
N PRO A 71 -6.60 -32.86 7.49
CA PRO A 71 -5.51 -32.98 6.51
C PRO A 71 -5.76 -33.96 5.37
N ILE A 72 -6.68 -34.91 5.51
CA ILE A 72 -6.87 -35.90 4.45
C ILE A 72 -7.39 -35.21 3.20
N LYS A 73 -6.62 -35.24 2.12
CA LYS A 73 -6.81 -34.20 1.12
C LYS A 73 -7.87 -34.49 0.06
N ASP A 74 -8.17 -35.75 -0.21
CA ASP A 74 -9.14 -36.07 -1.27
C ASP A 74 -10.52 -36.40 -0.72
N MET A 75 -10.73 -36.15 0.57
CA MET A 75 -12.06 -36.22 1.14
C MET A 75 -12.61 -34.82 1.43
N ILE A 76 -13.92 -34.73 1.52
CA ILE A 76 -14.55 -33.48 1.92
C ILE A 76 -15.06 -33.62 3.35
N HIS A 77 -14.67 -32.67 4.19
CA HIS A 77 -14.97 -32.73 5.61
C HIS A 77 -16.01 -31.69 5.97
N ILE A 78 -17.15 -32.14 6.48
CA ILE A 78 -18.24 -31.23 6.79
C ILE A 78 -18.20 -30.80 8.25
N SER A 79 -18.03 -29.51 8.48
CA SER A 79 -18.21 -28.97 9.83
C SER A 79 -19.70 -28.83 10.09
N HIS A 80 -20.23 -29.77 10.86
CA HIS A 80 -21.69 -29.94 10.93
C HIS A 80 -22.22 -29.26 12.19
N GLY A 81 -23.03 -28.22 12.00
CA GLY A 81 -23.42 -27.34 13.09
C GLY A 81 -23.36 -25.89 12.67
N PRO A 82 -23.39 -24.94 13.63
CA PRO A 82 -23.34 -23.53 13.23
C PRO A 82 -22.00 -23.12 12.59
N VAL A 83 -22.00 -21.91 12.02
CA VAL A 83 -20.91 -21.48 11.13
C VAL A 83 -19.55 -21.22 11.83
N GLY A 84 -19.56 -21.04 13.15
CA GLY A 84 -18.34 -20.62 13.83
C GLY A 84 -17.14 -21.55 13.70
N CYS A 85 -17.29 -22.81 14.10
CA CYS A 85 -16.13 -23.69 14.28
C CYS A 85 -15.33 -23.90 12.99
N GLY A 86 -16.03 -24.11 11.88
CA GLY A 86 -15.35 -24.37 10.63
C GLY A 86 -14.63 -23.12 10.11
N GLN A 87 -15.17 -21.95 10.40
CA GLN A 87 -14.56 -20.70 9.94
C GLN A 87 -13.27 -20.36 10.68
N TYR A 88 -13.26 -20.50 12.02
CA TYR A 88 -12.04 -20.21 12.77
C TYR A 88 -10.96 -21.24 12.46
N SER A 89 -11.37 -22.45 12.11
CA SER A 89 -10.37 -23.47 11.84
C SER A 89 -9.98 -23.56 10.35
N ARG A 90 -10.59 -22.74 9.50
CA ARG A 90 -10.29 -22.81 8.07
C ARG A 90 -8.83 -22.40 7.79
N ALA A 91 -8.01 -23.36 7.35
CA ALA A 91 -6.63 -23.09 6.92
C ALA A 91 -5.75 -22.41 8.00
N GLY A 92 -6.10 -22.61 9.26
CA GLY A 92 -5.25 -22.14 10.35
C GLY A 92 -4.08 -23.07 10.64
N ARG A 93 -4.20 -24.33 10.28
CA ARG A 93 -3.12 -25.30 10.50
C ARG A 93 -2.48 -25.67 9.17
N ARG A 94 -1.14 -25.63 9.14
CA ARG A 94 -0.38 -25.73 7.89
C ARG A 94 -0.07 -27.17 7.53
N ASN A 95 -1.13 -27.99 7.51
CA ASN A 95 -0.98 -29.38 7.12
C ASN A 95 -0.89 -29.44 5.59
N TYR A 96 0.35 -29.44 5.09
CA TYR A 96 0.62 -29.23 3.66
C TYR A 96 0.21 -30.42 2.80
N TYR A 97 -0.20 -30.13 1.56
CA TYR A 97 -0.66 -31.17 0.65
C TYR A 97 -0.45 -30.74 -0.79
N ILE A 98 -0.43 -31.72 -1.70
CA ILE A 98 -0.37 -31.46 -3.13
C ILE A 98 -1.71 -31.83 -3.77
N GLY A 99 -2.39 -30.89 -4.39
CA GLY A 99 -3.65 -31.21 -5.05
C GLY A 99 -4.19 -30.03 -5.82
N THR A 100 -5.29 -30.24 -6.52
CA THR A 100 -6.01 -29.19 -7.21
C THR A 100 -7.23 -28.84 -6.39
N THR A 101 -7.08 -27.80 -5.59
CA THR A 101 -8.07 -27.52 -4.55
C THR A 101 -9.40 -27.07 -5.13
N GLY A 102 -10.48 -27.67 -4.61
CA GLY A 102 -11.82 -27.46 -5.13
C GLY A 102 -12.19 -28.44 -6.22
N VAL A 103 -11.20 -29.21 -6.69
CA VAL A 103 -11.46 -30.20 -7.73
C VAL A 103 -11.19 -31.61 -7.23
N ASN A 104 -9.94 -31.94 -6.87
CA ASN A 104 -9.67 -33.29 -6.35
C ASN A 104 -9.16 -33.28 -4.92
N ALA A 105 -8.90 -32.08 -4.39
CA ALA A 105 -8.43 -31.89 -3.03
C ALA A 105 -9.18 -30.72 -2.40
N PHE A 106 -9.33 -30.70 -1.08
CA PHE A 106 -10.30 -29.80 -0.44
C PHE A 106 -9.85 -29.25 0.93
N VAL A 107 -8.57 -29.39 1.26
CA VAL A 107 -8.07 -29.16 2.62
C VAL A 107 -8.31 -27.72 3.13
N THR A 108 -8.11 -26.73 2.29
CA THR A 108 -8.18 -25.34 2.72
C THR A 108 -9.58 -24.81 2.67
N MET A 109 -10.49 -25.62 2.17
CA MET A 109 -11.86 -25.15 2.05
C MET A 109 -12.64 -25.32 3.36
N ASN A 110 -13.72 -24.55 3.54
CA ASN A 110 -14.60 -24.76 4.71
C ASN A 110 -15.99 -25.20 4.26
N PHE A 111 -16.28 -26.51 4.34
CA PHE A 111 -17.65 -26.99 4.09
C PHE A 111 -18.42 -27.03 5.43
N THR A 112 -19.66 -26.58 5.43
CA THR A 112 -20.40 -26.54 6.67
C THR A 112 -21.90 -26.62 6.40
N SER A 113 -22.65 -27.12 7.39
CA SER A 113 -24.12 -27.12 7.27
C SER A 113 -24.74 -25.83 7.82
N ASP A 114 -23.90 -24.91 8.30
CA ASP A 114 -24.34 -23.56 8.71
C ASP A 114 -25.67 -23.58 9.46
N PHE A 115 -25.74 -24.34 10.54
CA PHE A 115 -26.99 -24.46 11.31
C PHE A 115 -27.61 -23.12 11.67
N GLN A 116 -28.91 -23.02 11.40
CA GLN A 116 -29.72 -21.88 11.83
C GLN A 116 -30.66 -22.35 12.97
N GLU A 117 -31.43 -21.44 13.54
CA GLU A 117 -32.26 -21.82 14.68
C GLU A 117 -33.28 -22.94 14.32
N LYS A 118 -33.87 -22.89 13.13
CA LYS A 118 -34.83 -23.92 12.73
C LYS A 118 -34.19 -25.31 12.64
N ASP A 119 -32.89 -25.35 12.33
CA ASP A 119 -32.12 -26.60 12.27
C ASP A 119 -31.90 -27.23 13.66
N ILE A 120 -31.65 -26.39 14.65
CA ILE A 120 -31.59 -26.82 16.05
C ILE A 120 -32.94 -27.40 16.51
N VAL A 121 -33.98 -26.62 16.30
CA VAL A 121 -35.28 -26.95 16.85
C VAL A 121 -35.86 -28.18 16.15
N PHE A 122 -35.70 -28.27 14.83
CA PHE A 122 -36.32 -29.37 14.08
C PHE A 122 -35.32 -30.46 13.71
N GLY A 123 -34.05 -30.27 14.05
CA GLY A 123 -33.06 -31.31 13.84
C GLY A 123 -32.44 -31.14 12.45
N GLY A 124 -31.23 -31.64 12.27
CA GLY A 124 -30.54 -31.40 10.99
C GLY A 124 -30.27 -32.59 10.08
N ASP A 125 -30.92 -33.73 10.32
CA ASP A 125 -30.61 -34.92 9.51
C ASP A 125 -31.12 -34.78 8.07
N LYS A 126 -32.25 -34.11 7.89
CA LYS A 126 -32.74 -33.88 6.52
C LYS A 126 -31.85 -32.90 5.78
N LYS A 127 -31.36 -31.88 6.50
CA LYS A 127 -30.44 -30.91 5.91
C LYS A 127 -29.14 -31.61 5.54
N LEU A 128 -28.62 -32.45 6.45
CA LEU A 128 -27.39 -33.20 6.16
C LEU A 128 -27.51 -34.13 4.93
N ALA A 129 -28.66 -34.79 4.78
CA ALA A 129 -28.87 -35.64 3.59
C ALA A 129 -28.82 -34.82 2.29
N LYS A 130 -29.49 -33.67 2.32
CA LYS A 130 -29.51 -32.78 1.16
C LYS A 130 -28.12 -32.20 0.88
N LEU A 131 -27.43 -31.85 1.96
CA LEU A 131 -26.06 -31.33 1.87
C LEU A 131 -25.15 -32.35 1.19
N ILE A 132 -25.26 -33.60 1.59
CA ILE A 132 -24.48 -34.66 0.93
C ILE A 132 -24.79 -34.79 -0.57
N ASP A 133 -26.07 -34.72 -0.96
CA ASP A 133 -26.40 -34.69 -2.40
C ASP A 133 -25.71 -33.52 -3.12
N GLU A 134 -25.72 -32.35 -2.50
CA GLU A 134 -25.13 -31.17 -3.13
C GLU A 134 -23.61 -31.29 -3.21
N VAL A 135 -22.98 -31.95 -2.23
CA VAL A 135 -21.54 -32.17 -2.28
C VAL A 135 -21.21 -33.05 -3.49
N GLU A 136 -22.02 -34.07 -3.71
CA GLU A 136 -21.73 -35.00 -4.78
C GLU A 136 -21.94 -34.31 -6.13
N THR A 137 -22.88 -33.39 -6.18
CA THR A 137 -23.17 -32.70 -7.42
C THR A 137 -22.01 -31.77 -7.79
N LEU A 138 -21.54 -30.99 -6.82
CA LEU A 138 -20.62 -29.88 -7.12
C LEU A 138 -19.16 -30.25 -6.98
N PHE A 139 -18.89 -31.38 -6.33
CA PHE A 139 -17.52 -31.88 -6.16
C PHE A 139 -17.41 -33.36 -6.50
N PRO A 140 -17.63 -33.71 -7.77
CA PRO A 140 -17.76 -35.12 -8.17
C PRO A 140 -16.48 -35.96 -7.99
N LEU A 141 -15.31 -35.34 -7.95
CA LEU A 141 -14.10 -36.13 -7.75
C LEU A 141 -13.70 -36.35 -6.30
N ASN A 142 -14.56 -35.96 -5.34
CA ASN A 142 -14.22 -36.21 -3.93
C ASN A 142 -14.21 -37.72 -3.70
N LYS A 143 -13.37 -38.22 -2.82
CA LYS A 143 -13.21 -39.66 -2.69
C LYS A 143 -13.77 -40.16 -1.36
N GLY A 144 -14.58 -39.34 -0.72
CA GLY A 144 -15.24 -39.69 0.53
C GLY A 144 -15.58 -38.41 1.28
N ILE A 145 -16.44 -38.53 2.27
CA ILE A 145 -16.94 -37.39 3.04
C ILE A 145 -16.82 -37.70 4.53
N SER A 146 -16.43 -36.73 5.35
CA SER A 146 -16.55 -36.93 6.81
C SER A 146 -17.54 -35.91 7.34
N VAL A 147 -18.22 -36.28 8.42
CA VAL A 147 -19.18 -35.39 9.08
C VAL A 147 -18.66 -35.10 10.49
N GLN A 148 -18.11 -33.91 10.68
CA GLN A 148 -17.47 -33.52 11.93
C GLN A 148 -18.48 -32.77 12.80
N SER A 149 -18.95 -33.40 13.87
CA SER A 149 -20.00 -32.80 14.70
C SER A 149 -19.47 -31.64 15.52
N GLU A 150 -20.23 -30.55 15.52
CA GLU A 150 -20.00 -29.49 16.48
C GLU A 150 -20.97 -29.66 17.65
N CYS A 151 -20.82 -28.85 18.69
CA CYS A 151 -21.57 -28.99 19.93
C CYS A 151 -23.06 -29.35 19.80
N PRO A 152 -23.85 -28.58 19.02
CA PRO A 152 -25.31 -28.81 19.03
C PRO A 152 -25.75 -30.18 18.50
N ILE A 153 -24.97 -30.73 17.60
CA ILE A 153 -25.30 -32.03 17.00
C ILE A 153 -25.34 -33.07 18.11
N GLY A 154 -24.39 -32.96 19.03
CA GLY A 154 -24.29 -33.91 20.13
C GLY A 154 -25.41 -33.74 21.13
N LEU A 155 -25.93 -32.52 21.28
CA LEU A 155 -26.96 -32.31 22.29
C LEU A 155 -28.32 -32.81 21.83
N ILE A 156 -28.66 -32.48 20.58
CA ILE A 156 -30.03 -32.66 20.13
C ILE A 156 -30.27 -34.06 19.58
N GLY A 157 -29.23 -34.88 19.54
CA GLY A 157 -29.42 -36.27 19.17
C GLY A 157 -29.71 -36.54 17.69
N ASP A 158 -29.12 -35.75 16.80
CA ASP A 158 -29.25 -36.02 15.37
C ASP A 158 -28.63 -37.39 15.10
N ASP A 159 -29.19 -38.16 14.19
CA ASP A 159 -28.67 -39.51 13.93
C ASP A 159 -27.76 -39.52 12.71
N ILE A 160 -26.53 -39.03 12.85
CA ILE A 160 -25.67 -38.87 11.69
C ILE A 160 -25.09 -40.19 11.20
N GLU A 161 -25.10 -41.21 12.06
CA GLU A 161 -24.67 -42.54 11.61
C GLU A 161 -25.66 -43.12 10.63
N SER A 162 -26.95 -42.95 10.92
CA SER A 162 -27.97 -43.45 10.02
C SER A 162 -27.89 -42.70 8.67
N VAL A 163 -27.74 -41.38 8.72
CA VAL A 163 -27.60 -40.60 7.48
C VAL A 163 -26.37 -41.05 6.66
N SER A 164 -25.24 -41.21 7.34
CA SER A 164 -24.01 -41.68 6.68
C SER A 164 -24.21 -43.05 6.04
N LYS A 165 -24.96 -43.94 6.70
CA LYS A 165 -25.15 -45.28 6.14
C LYS A 165 -26.07 -45.25 4.93
N VAL A 166 -27.18 -44.52 5.05
CA VAL A 166 -28.15 -44.50 3.97
C VAL A 166 -27.61 -43.79 2.73
N LYS A 167 -27.06 -42.60 2.90
CA LYS A 167 -26.48 -41.87 1.77
C LYS A 167 -25.22 -42.57 1.23
N GLY A 168 -24.41 -43.14 2.12
CA GLY A 168 -23.26 -43.93 1.70
C GLY A 168 -23.63 -45.05 0.73
N ALA A 169 -24.70 -45.77 1.04
CA ALA A 169 -25.18 -46.86 0.18
C ALA A 169 -25.81 -46.32 -1.09
N GLU A 170 -26.58 -45.24 -0.96
CA GLU A 170 -27.28 -44.69 -2.12
C GLU A 170 -26.30 -44.15 -3.18
N LEU A 171 -25.16 -43.62 -2.74
CA LEU A 171 -24.18 -43.00 -3.63
C LEU A 171 -22.89 -43.80 -3.77
N SER A 172 -22.84 -45.00 -3.18
CA SER A 172 -21.63 -45.81 -3.14
C SER A 172 -20.39 -45.01 -2.73
N LYS A 173 -20.52 -44.27 -1.64
CA LYS A 173 -19.46 -43.40 -1.14
C LYS A 173 -19.14 -43.70 0.33
N THR A 174 -17.87 -43.65 0.71
CA THR A 174 -17.53 -43.73 2.12
C THR A 174 -17.92 -42.42 2.80
N ILE A 175 -18.84 -42.48 3.76
CA ILE A 175 -19.22 -41.32 4.54
C ILE A 175 -18.99 -41.60 6.02
N VAL A 176 -18.18 -40.77 6.66
CA VAL A 176 -17.71 -41.08 8.02
C VAL A 176 -18.29 -40.11 9.04
N PRO A 177 -19.23 -40.59 9.86
CA PRO A 177 -19.82 -39.75 10.90
C PRO A 177 -18.90 -39.71 12.12
N VAL A 178 -18.55 -38.52 12.58
CA VAL A 178 -17.66 -38.39 13.73
C VAL A 178 -18.32 -37.59 14.84
N ARG A 179 -18.49 -38.23 16.00
CA ARG A 179 -19.12 -37.59 17.14
C ARG A 179 -18.12 -36.77 17.97
N CYS A 180 -17.51 -35.76 17.35
CA CYS A 180 -16.51 -34.98 18.03
C CYS A 180 -17.05 -33.66 18.57
N GLU A 181 -18.34 -33.66 18.94
CA GLU A 181 -18.94 -32.48 19.56
C GLU A 181 -18.00 -31.95 20.65
N GLY A 182 -17.79 -30.63 20.66
CA GLY A 182 -16.66 -30.06 21.36
C GLY A 182 -16.70 -30.12 22.88
N PHE A 183 -17.88 -30.37 23.45
CA PHE A 183 -17.94 -30.50 24.89
C PHE A 183 -17.53 -31.91 25.39
N ARG A 184 -17.25 -32.86 24.50
CA ARG A 184 -16.77 -34.17 24.95
C ARG A 184 -15.33 -34.08 25.45
N GLY A 185 -14.96 -34.92 26.41
CA GLY A 185 -13.58 -34.92 26.88
C GLY A 185 -13.25 -33.60 27.56
N VAL A 186 -11.97 -33.21 27.53
CA VAL A 186 -11.52 -32.05 28.29
C VAL A 186 -10.58 -31.15 27.50
N SER A 187 -10.36 -31.51 26.23
CA SER A 187 -9.28 -30.95 25.43
C SER A 187 -9.33 -31.53 24.03
N GLN A 188 -8.37 -31.15 23.19
CA GLN A 188 -8.22 -31.75 21.87
C GLN A 188 -8.08 -33.28 21.94
N SER A 189 -7.54 -33.79 23.04
CA SER A 189 -7.11 -35.18 23.09
C SER A 189 -8.22 -36.20 22.83
N LEU A 190 -9.40 -36.02 23.42
CA LEU A 190 -10.45 -37.02 23.19
C LEU A 190 -10.89 -36.99 21.72
N GLY A 191 -10.71 -35.84 21.08
CA GLY A 191 -10.97 -35.72 19.66
C GLY A 191 -10.06 -36.63 18.86
N HIS A 192 -8.78 -36.70 19.23
CA HIS A 192 -7.87 -37.64 18.59
C HIS A 192 -8.47 -39.05 18.64
N HIS A 193 -8.92 -39.43 19.84
CA HIS A 193 -9.32 -40.80 20.11
C HIS A 193 -10.59 -41.14 19.33
N ILE A 194 -11.56 -40.23 19.40
CA ILE A 194 -12.82 -40.37 18.67
C ILE A 194 -12.53 -40.50 17.17
N ALA A 195 -11.64 -39.64 16.65
CA ALA A 195 -11.28 -39.66 15.23
C ALA A 195 -10.60 -40.98 14.83
N ASN A 196 -9.65 -41.44 15.64
CA ASN A 196 -9.02 -42.74 15.41
C ASN A 196 -10.04 -43.86 15.31
N ASP A 197 -11.04 -43.82 16.19
CA ASP A 197 -12.05 -44.87 16.22
C ASP A 197 -12.93 -44.81 14.96
N ALA A 198 -13.21 -43.59 14.49
CA ALA A 198 -13.98 -43.41 13.27
C ALA A 198 -13.21 -43.97 12.07
N VAL A 199 -11.90 -43.76 12.03
CA VAL A 199 -11.08 -44.35 10.96
C VAL A 199 -11.19 -45.86 11.04
N ARG A 200 -11.03 -46.38 12.25
CA ARG A 200 -11.11 -47.80 12.49
C ARG A 200 -12.42 -48.38 12.00
N ASP A 201 -13.52 -47.72 12.34
CA ASP A 201 -14.84 -48.32 12.11
C ASP A 201 -15.38 -48.14 10.70
N TRP A 202 -14.97 -47.07 10.02
CA TRP A 202 -15.62 -46.70 8.77
C TRP A 202 -14.70 -46.78 7.53
N VAL A 203 -13.38 -46.78 7.73
CA VAL A 203 -12.45 -46.68 6.60
C VAL A 203 -11.42 -47.84 6.53
N LEU A 204 -10.76 -48.11 7.64
CA LEU A 204 -9.53 -48.91 7.65
C LEU A 204 -9.71 -50.34 7.17
N GLY A 205 -10.88 -50.92 7.40
CA GLY A 205 -11.11 -52.31 7.02
C GLY A 205 -11.57 -52.54 5.58
N LYS A 206 -11.69 -51.47 4.79
CA LYS A 206 -12.26 -51.55 3.45
C LYS A 206 -11.57 -52.56 2.52
N ARG A 207 -10.26 -52.73 2.67
CA ARG A 207 -9.53 -53.65 1.80
C ARG A 207 -9.11 -54.95 2.51
N ASP A 208 -9.82 -55.29 3.59
CA ASP A 208 -9.51 -56.48 4.38
C ASP A 208 -9.49 -57.77 3.56
N GLU A 209 -10.37 -57.87 2.57
CA GLU A 209 -10.43 -59.08 1.77
C GLU A 209 -9.96 -58.81 0.33
N ASP A 210 -9.20 -57.73 0.15
CA ASP A 210 -8.58 -57.46 -1.15
C ASP A 210 -7.09 -57.74 -1.14
N THR A 211 -6.63 -58.53 -2.09
CA THR A 211 -5.20 -58.86 -2.18
C THR A 211 -4.48 -58.30 -3.43
N THR A 212 -5.05 -57.28 -4.05
CA THR A 212 -4.47 -56.80 -5.30
C THR A 212 -3.26 -55.87 -5.10
N PHE A 213 -3.06 -55.39 -3.87
CA PHE A 213 -1.88 -54.56 -3.59
C PHE A 213 -0.66 -55.44 -3.39
N ALA A 214 0.38 -55.20 -4.17
CA ALA A 214 1.62 -55.95 -4.05
C ALA A 214 2.50 -55.33 -2.97
N SER A 215 2.61 -56.01 -1.84
CA SER A 215 3.43 -55.52 -0.74
C SER A 215 4.88 -56.01 -0.86
N THR A 216 5.79 -55.27 -0.25
CA THR A 216 7.20 -55.69 -0.16
C THR A 216 7.56 -55.77 1.31
N PRO A 217 8.70 -56.40 1.64
CA PRO A 217 9.14 -56.44 3.04
C PRO A 217 9.60 -55.11 3.61
N TYR A 218 9.75 -54.08 2.79
CA TYR A 218 10.24 -52.81 3.30
C TYR A 218 9.14 -51.76 3.37
N ASP A 219 7.89 -52.23 3.34
CA ASP A 219 6.73 -51.34 3.41
C ASP A 219 6.50 -50.81 4.83
N VAL A 220 6.47 -49.48 4.98
CA VAL A 220 6.14 -48.85 6.26
C VAL A 220 5.07 -47.79 6.09
N ALA A 221 4.52 -47.31 7.20
CA ALA A 221 3.66 -46.15 7.16
C ALA A 221 4.13 -45.12 8.20
N ILE A 222 4.08 -43.85 7.82
CA ILE A 222 4.33 -42.78 8.78
C ILE A 222 3.03 -42.45 9.50
N ILE A 223 2.98 -42.73 10.81
CA ILE A 223 1.75 -42.51 11.58
C ILE A 223 1.86 -41.30 12.49
N GLY A 224 0.97 -40.34 12.31
CA GLY A 224 0.97 -39.16 13.16
C GLY A 224 2.05 -38.15 12.81
N ASP A 225 2.12 -37.80 11.53
CA ASP A 225 2.86 -36.64 11.05
C ASP A 225 1.91 -35.88 10.15
N TYR A 226 1.61 -34.65 10.53
CA TYR A 226 0.57 -33.92 9.86
C TYR A 226 1.18 -32.95 8.86
N ASN A 227 2.46 -33.14 8.55
CA ASN A 227 3.15 -32.42 7.48
C ASN A 227 3.10 -30.90 7.63
N ILE A 228 3.32 -30.41 8.84
CA ILE A 228 3.29 -28.97 9.10
C ILE A 228 4.46 -28.29 8.37
N GLY A 229 4.13 -27.37 7.46
CA GLY A 229 5.13 -26.76 6.60
C GLY A 229 5.96 -27.77 5.82
N GLY A 230 5.44 -28.98 5.63
CA GLY A 230 6.12 -29.99 4.84
C GLY A 230 7.01 -30.97 5.61
N ASP A 231 6.83 -30.97 6.93
CA ASP A 231 7.53 -31.87 7.86
C ASP A 231 7.59 -33.35 7.45
N ALA A 232 6.47 -33.86 6.96
CA ALA A 232 6.38 -35.28 6.66
C ALA A 232 7.14 -35.61 5.40
N TRP A 233 7.14 -34.68 4.47
CA TRP A 233 7.89 -34.86 3.24
C TRP A 233 9.40 -34.95 3.51
N SER A 234 9.90 -34.14 4.43
CA SER A 234 11.33 -34.13 4.72
C SER A 234 11.69 -35.26 5.67
N SER A 235 10.69 -35.99 6.17
CA SER A 235 10.92 -37.25 6.86
C SER A 235 10.86 -38.41 5.87
N ARG A 236 9.83 -38.38 5.02
CA ARG A 236 9.60 -39.44 4.07
C ARG A 236 10.80 -39.58 3.13
N ILE A 237 11.43 -38.47 2.77
CA ILE A 237 12.58 -38.59 1.85
C ILE A 237 13.73 -39.40 2.48
N LEU A 238 13.92 -39.28 3.79
CA LEU A 238 14.98 -40.03 4.47
C LEU A 238 14.68 -41.52 4.53
N LEU A 239 13.45 -41.87 4.88
CA LEU A 239 13.05 -43.27 4.94
C LEU A 239 13.22 -43.94 3.59
N GLU A 240 12.88 -43.22 2.52
CA GLU A 240 12.98 -43.82 1.20
C GLU A 240 14.43 -43.84 0.70
N GLU A 241 15.24 -42.86 1.08
CA GLU A 241 16.67 -42.92 0.75
C GLU A 241 17.33 -44.12 1.46
N MET A 242 16.73 -44.52 2.58
CA MET A 242 17.21 -45.66 3.36
C MET A 242 16.72 -47.00 2.76
N GLY A 243 15.89 -46.92 1.72
CA GLY A 243 15.45 -48.11 1.00
C GLY A 243 14.09 -48.65 1.43
N LEU A 244 13.38 -47.89 2.26
CA LEU A 244 12.06 -48.32 2.69
C LEU A 244 11.01 -47.74 1.76
N ARG A 245 9.83 -48.34 1.73
CA ARG A 245 8.74 -47.83 0.91
C ARG A 245 7.65 -47.28 1.81
N CYS A 246 7.36 -45.99 1.71
CA CYS A 246 6.34 -45.37 2.56
C CYS A 246 4.99 -45.41 1.88
N VAL A 247 4.20 -46.41 2.23
CA VAL A 247 2.90 -46.63 1.62
C VAL A 247 1.85 -45.59 2.05
N ALA A 248 1.99 -45.05 3.26
CA ALA A 248 1.02 -44.08 3.74
C ALA A 248 1.63 -43.07 4.70
N GLN A 249 1.06 -41.86 4.75
CA GLN A 249 1.36 -40.95 5.86
C GLN A 249 0.04 -40.41 6.43
N TRP A 250 -0.08 -40.57 7.74
CA TRP A 250 -1.28 -40.23 8.48
C TRP A 250 -1.07 -38.96 9.28
N SER A 251 -1.75 -37.86 8.96
CA SER A 251 -2.59 -37.73 7.79
C SER A 251 -2.17 -36.52 6.94
N GLY A 252 -1.01 -35.94 7.26
CA GLY A 252 -0.47 -34.84 6.45
C GLY A 252 -0.21 -35.29 5.01
N ASP A 253 -0.76 -34.55 4.06
CA ASP A 253 -0.75 -34.88 2.62
C ASP A 253 -1.35 -36.26 2.38
N GLY A 254 -2.19 -36.72 3.31
CA GLY A 254 -2.73 -38.06 3.24
C GLY A 254 -3.92 -38.19 2.31
N SER A 255 -4.14 -39.40 1.79
CA SER A 255 -5.27 -39.66 0.90
C SER A 255 -6.02 -40.83 1.47
N ILE A 256 -7.30 -40.96 1.12
CA ILE A 256 -8.07 -42.01 1.74
C ILE A 256 -7.53 -43.39 1.26
N SER A 257 -7.00 -43.46 0.04
CA SER A 257 -6.51 -44.78 -0.40
C SER A 257 -5.26 -45.20 0.40
N GLU A 258 -4.39 -44.24 0.75
CA GLU A 258 -3.25 -44.55 1.63
C GLU A 258 -3.68 -45.13 2.97
N ILE A 259 -4.73 -44.56 3.54
CA ILE A 259 -5.28 -45.08 4.78
C ILE A 259 -5.77 -46.52 4.59
N GLU A 260 -6.47 -46.78 3.50
CA GLU A 260 -6.97 -48.12 3.25
C GLU A 260 -5.87 -49.14 2.99
N LEU A 261 -4.74 -48.68 2.45
CA LEU A 261 -3.62 -49.56 2.14
C LEU A 261 -2.72 -49.81 3.36
N THR A 262 -2.88 -49.00 4.40
CA THR A 262 -1.97 -49.06 5.54
C THR A 262 -1.95 -50.43 6.23
N PRO A 263 -3.08 -51.16 6.28
CA PRO A 263 -2.96 -52.51 6.87
C PRO A 263 -2.07 -53.48 6.13
N LYS A 264 -1.54 -53.10 4.98
CA LYS A 264 -0.67 -54.00 4.23
C LYS A 264 0.82 -53.80 4.56
N VAL A 265 1.17 -52.81 5.40
CA VAL A 265 2.59 -52.50 5.62
C VAL A 265 3.19 -53.45 6.65
N LYS A 266 4.51 -53.39 6.78
CA LYS A 266 5.24 -54.30 7.66
C LYS A 266 5.49 -53.66 9.03
N LEU A 267 5.51 -52.34 9.05
CA LEU A 267 5.88 -51.65 10.28
C LEU A 267 5.25 -50.27 10.32
N ASN A 268 4.61 -49.91 11.44
CA ASN A 268 4.06 -48.57 11.58
C ASN A 268 5.03 -47.64 12.35
N LEU A 269 5.44 -46.55 11.69
CA LEU A 269 6.36 -45.61 12.30
C LEU A 269 5.56 -44.46 12.89
N VAL A 270 5.55 -44.37 14.22
CA VAL A 270 4.68 -43.41 14.90
C VAL A 270 5.49 -42.23 15.37
N HIS A 271 5.17 -41.05 14.84
CA HIS A 271 5.83 -39.84 15.28
C HIS A 271 4.98 -39.27 16.43
N CYS A 272 3.76 -38.83 16.13
CA CYS A 272 2.88 -38.41 17.23
C CYS A 272 2.18 -39.57 17.94
N TYR A 273 2.76 -39.96 19.07
CA TYR A 273 2.19 -40.99 19.92
C TYR A 273 0.81 -40.58 20.44
N ARG A 274 0.70 -39.33 20.88
CA ARG A 274 -0.53 -38.88 21.54
C ARG A 274 -1.75 -39.08 20.65
N SER A 275 -1.68 -38.56 19.42
CA SER A 275 -2.85 -38.52 18.57
C SER A 275 -3.13 -39.86 17.84
N MET A 276 -2.10 -40.69 17.66
CA MET A 276 -2.29 -41.88 16.82
C MET A 276 -1.92 -43.21 17.45
N ASN A 277 -1.60 -43.23 18.74
CA ASN A 277 -1.28 -44.51 19.35
C ASN A 277 -2.49 -45.44 19.35
N TYR A 278 -3.69 -44.86 19.32
CA TYR A 278 -4.92 -45.67 19.37
C TYR A 278 -5.03 -46.59 18.15
N ILE A 279 -4.93 -46.02 16.96
CA ILE A 279 -5.08 -46.81 15.75
C ILE A 279 -3.83 -47.71 15.55
N SER A 280 -2.68 -47.27 16.08
CA SER A 280 -1.46 -48.06 16.05
C SER A 280 -1.65 -49.36 16.84
N ARG A 281 -2.17 -49.25 18.06
CA ARG A 281 -2.48 -50.45 18.84
C ARG A 281 -3.53 -51.30 18.15
N HIS A 282 -4.56 -50.66 17.61
CA HIS A 282 -5.57 -51.40 16.86
C HIS A 282 -4.95 -52.22 15.74
N MET A 283 -4.07 -51.60 14.96
CA MET A 283 -3.47 -52.29 13.83
C MET A 283 -2.56 -53.46 14.26
N GLU A 284 -1.96 -53.36 15.44
CA GLU A 284 -1.16 -54.49 15.89
C GLU A 284 -2.07 -55.64 16.34
N GLU A 285 -3.20 -55.29 16.96
CA GLU A 285 -4.13 -56.31 17.45
C GLU A 285 -4.86 -57.01 16.31
N LYS A 286 -5.29 -56.25 15.31
CA LYS A 286 -6.04 -56.86 14.21
C LYS A 286 -5.17 -57.41 13.09
N TYR A 287 -4.13 -56.67 12.70
CA TYR A 287 -3.33 -57.03 11.53
C TYR A 287 -1.97 -57.60 11.90
N GLY A 288 -1.60 -57.49 13.17
CA GLY A 288 -0.32 -58.02 13.62
C GLY A 288 0.86 -57.11 13.32
N ILE A 289 0.58 -55.90 12.87
CA ILE A 289 1.60 -54.94 12.46
C ILE A 289 2.21 -54.27 13.67
N PRO A 290 3.52 -54.41 13.86
CA PRO A 290 4.14 -53.74 15.01
C PRO A 290 4.26 -52.24 14.78
N TRP A 291 4.40 -51.48 15.86
CA TRP A 291 4.64 -50.04 15.71
C TRP A 291 5.79 -49.59 16.60
N MET A 292 6.45 -48.52 16.20
CA MET A 292 7.51 -47.97 17.03
C MET A 292 7.50 -46.44 16.97
N GLU A 293 7.75 -45.82 18.10
CA GLU A 293 7.88 -44.36 18.16
C GLU A 293 9.24 -43.94 17.60
N TYR A 294 9.30 -42.84 16.85
CA TYR A 294 10.59 -42.27 16.43
C TYR A 294 10.53 -40.74 16.56
N ASN A 295 11.68 -40.09 16.34
CA ASN A 295 11.83 -38.66 16.58
C ASN A 295 12.76 -38.10 15.53
N PHE A 296 12.26 -37.22 14.68
CA PHE A 296 13.08 -36.67 13.60
C PHE A 296 13.37 -35.20 13.85
N PHE A 297 13.41 -34.79 15.11
CA PHE A 297 13.76 -33.41 15.44
C PHE A 297 15.24 -33.32 15.76
N GLY A 298 16.03 -32.76 14.85
CA GLY A 298 17.46 -32.59 15.07
C GLY A 298 18.30 -33.78 14.67
N PRO A 299 19.62 -33.60 14.50
CA PRO A 299 20.40 -34.71 13.96
C PRO A 299 20.58 -35.87 14.93
N THR A 300 20.78 -35.61 16.22
CA THR A 300 20.98 -36.69 17.18
C THR A 300 19.79 -37.65 17.20
N LYS A 301 18.57 -37.12 17.30
CA LYS A 301 17.38 -37.95 17.33
C LYS A 301 17.11 -38.61 15.97
N THR A 302 17.32 -37.87 14.89
CA THR A 302 17.08 -38.40 13.55
C THR A 302 18.00 -39.58 13.28
N ILE A 303 19.27 -39.42 13.64
CA ILE A 303 20.28 -40.46 13.42
C ILE A 303 19.91 -41.71 14.22
N GLU A 304 19.54 -41.48 15.48
CA GLU A 304 19.16 -42.54 16.40
C GLU A 304 17.92 -43.26 15.91
N SER A 305 16.92 -42.51 15.47
CA SER A 305 15.72 -43.05 14.85
C SER A 305 16.00 -43.85 13.57
N LEU A 306 16.84 -43.32 12.69
CA LEU A 306 17.13 -43.99 11.44
C LEU A 306 17.77 -45.36 11.71
N ARG A 307 18.72 -45.42 12.63
CA ARG A 307 19.37 -46.68 12.98
C ARG A 307 18.42 -47.68 13.68
N ALA A 308 17.60 -47.18 14.59
CA ALA A 308 16.61 -48.01 15.28
C ALA A 308 15.61 -48.60 14.29
N ILE A 309 15.13 -47.77 13.37
CA ILE A 309 14.21 -48.23 12.34
C ILE A 309 14.88 -49.27 11.46
N ALA A 310 16.12 -49.00 11.04
CA ALA A 310 16.80 -49.88 10.10
C ALA A 310 17.12 -51.23 10.72
N ALA A 311 17.32 -51.25 12.03
CA ALA A 311 17.64 -52.49 12.73
C ALA A 311 16.44 -53.42 12.74
N LYS A 312 15.28 -52.90 12.39
CA LYS A 312 14.05 -53.69 12.39
C LYS A 312 13.95 -54.56 11.12
N PHE A 313 14.82 -54.30 10.15
CA PHE A 313 14.71 -54.94 8.83
C PHE A 313 15.87 -55.90 8.57
N ASP A 314 16.68 -55.62 7.57
CA ASP A 314 17.85 -56.47 7.30
C ASP A 314 19.09 -55.65 7.00
N GLU A 315 20.18 -56.38 6.71
CA GLU A 315 21.49 -55.78 6.49
C GLU A 315 21.52 -54.78 5.36
N SER A 316 20.72 -55.01 4.32
CA SER A 316 20.72 -54.10 3.18
C SER A 316 20.23 -52.72 3.62
N ILE A 317 19.14 -52.70 4.40
CA ILE A 317 18.62 -51.44 4.90
C ILE A 317 19.59 -50.77 5.88
N GLN A 318 20.28 -51.57 6.69
CA GLN A 318 21.21 -51.00 7.67
C GLN A 318 22.42 -50.38 6.97
N LYS A 319 22.81 -50.96 5.85
CA LYS A 319 23.88 -50.39 5.03
C LYS A 319 23.43 -49.07 4.44
N LYS A 320 22.20 -49.02 3.93
CA LYS A 320 21.69 -47.81 3.33
C LYS A 320 21.52 -46.73 4.39
N CYS A 321 21.16 -47.13 5.60
CA CYS A 321 21.04 -46.22 6.73
C CYS A 321 22.34 -45.46 6.96
N GLU A 322 23.44 -46.19 7.05
CA GLU A 322 24.72 -45.57 7.34
C GLU A 322 25.16 -44.70 6.17
N GLU A 323 24.73 -45.08 4.95
CA GLU A 323 25.01 -44.26 3.77
C GLU A 323 24.20 -42.95 3.78
N VAL A 324 22.95 -42.99 4.24
CA VAL A 324 22.17 -41.77 4.39
C VAL A 324 22.78 -40.87 5.45
N ILE A 325 23.15 -41.47 6.58
CA ILE A 325 23.76 -40.73 7.68
C ILE A 325 25.08 -40.07 7.24
N ALA A 326 25.88 -40.78 6.44
CA ALA A 326 27.11 -40.24 5.87
C ALA A 326 26.86 -39.07 4.92
N LYS A 327 25.83 -39.20 4.08
CA LYS A 327 25.47 -38.15 3.14
C LYS A 327 25.18 -36.83 3.85
N TYR A 328 24.43 -36.89 4.94
CA TYR A 328 23.89 -35.68 5.53
C TYR A 328 24.79 -35.11 6.62
N LYS A 329 25.81 -35.87 6.99
CA LYS A 329 26.68 -35.48 8.09
C LYS A 329 27.34 -34.11 7.88
N PRO A 330 27.96 -33.87 6.71
CA PRO A 330 28.55 -32.53 6.56
C PRO A 330 27.52 -31.40 6.50
N GLU A 331 26.28 -31.72 6.17
CA GLU A 331 25.25 -30.69 6.09
C GLU A 331 24.84 -30.24 7.49
N TRP A 332 24.47 -31.17 8.37
CA TRP A 332 24.05 -30.74 9.69
C TRP A 332 25.25 -30.29 10.53
N GLU A 333 26.47 -30.76 10.21
CA GLU A 333 27.64 -30.27 10.92
C GLU A 333 27.91 -28.80 10.58
N ALA A 334 27.61 -28.41 9.35
CA ALA A 334 27.79 -27.01 8.96
C ALA A 334 26.73 -26.12 9.62
N VAL A 335 25.53 -26.66 9.76
CA VAL A 335 24.48 -25.96 10.50
C VAL A 335 24.91 -25.74 11.96
N VAL A 336 25.42 -26.79 12.59
CA VAL A 336 25.90 -26.65 13.98
C VAL A 336 27.09 -25.66 14.07
N ALA A 337 28.08 -25.80 13.20
CA ALA A 337 29.22 -24.89 13.18
C ALA A 337 28.78 -23.43 13.05
N LYS A 338 27.77 -23.18 12.23
CA LYS A 338 27.32 -21.82 12.01
C LYS A 338 26.48 -21.30 13.16
N TYR A 339 25.51 -22.10 13.60
CA TYR A 339 24.49 -21.55 14.50
C TYR A 339 24.71 -21.86 15.98
N ARG A 340 25.31 -23.00 16.31
CA ARG A 340 25.52 -23.34 17.71
C ARG A 340 26.33 -22.25 18.46
N PRO A 341 27.40 -21.69 17.84
CA PRO A 341 28.06 -20.59 18.57
C PRO A 341 27.16 -19.37 18.84
N ARG A 342 26.11 -19.16 18.05
CA ARG A 342 25.18 -18.04 18.26
C ARG A 342 24.12 -18.33 19.32
N LEU A 343 23.97 -19.59 19.71
CA LEU A 343 22.84 -19.99 20.55
C LEU A 343 23.28 -20.69 21.83
N GLU A 344 24.54 -21.10 21.87
CA GLU A 344 25.11 -21.82 23.01
C GLU A 344 24.75 -21.22 24.37
N GLY A 345 24.23 -22.03 25.28
CA GLY A 345 23.92 -21.58 26.63
C GLY A 345 22.58 -20.88 26.81
N LYS A 346 21.91 -20.54 25.70
CA LYS A 346 20.61 -19.89 25.81
C LYS A 346 19.57 -20.85 26.39
N ARG A 347 18.63 -20.30 27.14
CA ARG A 347 17.65 -21.08 27.88
C ARG A 347 16.25 -20.89 27.33
N VAL A 348 15.57 -22.01 27.08
CA VAL A 348 14.26 -22.03 26.43
C VAL A 348 13.16 -22.58 27.34
N MET A 349 11.98 -21.97 27.28
CA MET A 349 10.77 -22.54 27.89
C MET A 349 9.77 -22.88 26.79
N LEU A 350 9.17 -24.07 26.87
CA LEU A 350 8.19 -24.51 25.88
C LEU A 350 6.81 -24.76 26.50
N TYR A 351 5.79 -24.54 25.70
CA TYR A 351 4.44 -24.96 26.04
C TYR A 351 3.71 -25.27 24.74
N ILE A 352 3.43 -26.55 24.51
CA ILE A 352 2.77 -26.92 23.26
C ILE A 352 1.70 -27.96 23.61
N GLY A 353 1.41 -28.90 22.71
CA GLY A 353 0.21 -29.70 22.76
C GLY A 353 0.28 -31.07 23.44
N GLY A 354 0.78 -32.07 22.72
CA GLY A 354 0.81 -33.43 23.26
C GLY A 354 2.05 -34.20 22.82
N LEU A 355 2.92 -33.56 22.04
CA LEU A 355 4.13 -34.24 21.56
C LEU A 355 5.39 -33.38 21.61
N ARG A 356 5.32 -32.27 20.88
CA ARG A 356 6.46 -31.39 20.70
C ARG A 356 7.14 -30.89 21.99
N PRO A 357 6.39 -30.75 23.11
CA PRO A 357 7.09 -30.31 24.34
C PRO A 357 8.24 -31.20 24.80
N ARG A 358 8.21 -32.50 24.54
CA ARG A 358 9.40 -33.31 24.78
C ARG A 358 10.19 -33.56 23.50
N HIS A 359 9.51 -33.62 22.37
CA HIS A 359 10.13 -34.12 21.14
C HIS A 359 11.19 -33.21 20.54
N VAL A 360 11.12 -31.91 20.83
CA VAL A 360 12.03 -30.96 20.17
C VAL A 360 13.24 -30.65 21.03
N ILE A 361 13.26 -31.20 22.24
CA ILE A 361 14.32 -30.91 23.19
C ILE A 361 15.72 -31.27 22.63
N GLY A 362 15.84 -32.46 22.05
CA GLY A 362 17.09 -32.92 21.46
C GLY A 362 17.63 -31.92 20.44
N ALA A 363 16.75 -31.35 19.63
CA ALA A 363 17.16 -30.40 18.62
C ALA A 363 17.72 -29.14 19.27
N TYR A 364 17.04 -28.61 20.27
CA TYR A 364 17.58 -27.46 21.00
C TYR A 364 18.95 -27.80 21.59
N GLU A 365 19.12 -29.02 22.10
CA GLU A 365 20.39 -29.41 22.68
C GLU A 365 21.50 -29.56 21.64
N ASP A 366 21.13 -29.92 20.41
CA ASP A 366 22.09 -29.98 19.32
C ASP A 366 22.65 -28.61 18.97
N LEU A 367 21.95 -27.58 19.43
CA LEU A 367 22.42 -26.21 19.23
C LEU A 367 22.96 -25.63 20.55
N GLY A 368 23.19 -26.50 21.51
CA GLY A 368 23.80 -26.08 22.77
C GLY A 368 22.85 -25.31 23.65
N MET A 369 21.56 -25.32 23.31
CA MET A 369 20.56 -24.65 24.13
C MET A 369 19.99 -25.56 25.20
N GLU A 370 19.40 -24.95 26.23
CA GLU A 370 18.88 -25.67 27.39
C GLU A 370 17.39 -25.43 27.58
N VAL A 371 16.60 -26.50 27.64
CA VAL A 371 15.16 -26.36 27.87
C VAL A 371 14.93 -26.36 29.38
N VAL A 372 14.56 -25.21 29.93
CA VAL A 372 14.46 -25.07 31.37
C VAL A 372 13.03 -25.20 31.91
N GLY A 373 12.07 -25.29 31.02
CA GLY A 373 10.70 -25.50 31.42
C GLY A 373 9.97 -26.03 30.20
N THR A 374 9.12 -27.03 30.39
CA THR A 374 8.27 -27.47 29.31
C THR A 374 6.94 -27.95 29.88
N GLY A 375 5.95 -28.06 29.01
CA GLY A 375 4.65 -28.52 29.47
C GLY A 375 3.69 -28.68 28.31
N TYR A 376 2.54 -29.27 28.59
CA TYR A 376 1.59 -29.62 27.55
C TYR A 376 0.19 -29.11 27.85
N GLU A 377 -0.55 -28.79 26.79
CA GLU A 377 -1.99 -28.51 26.94
C GLU A 377 -2.78 -29.76 27.36
N PHE A 378 -2.50 -30.91 26.72
CA PHE A 378 -3.44 -32.03 26.83
C PHE A 378 -2.81 -33.43 26.87
N ALA A 379 -1.50 -33.49 27.13
CA ALA A 379 -0.82 -34.78 27.32
C ALA A 379 -1.40 -35.63 28.46
N HIS A 380 -1.17 -36.94 28.40
CA HIS A 380 -1.59 -37.84 29.46
C HIS A 380 -0.34 -38.22 30.24
N ASN A 381 -0.48 -39.02 31.29
CA ASN A 381 0.70 -39.37 32.06
C ASN A 381 1.70 -40.26 31.32
N ASP A 382 1.26 -41.01 30.30
CA ASP A 382 2.26 -41.75 29.53
C ASP A 382 3.12 -40.79 28.70
N ASP A 383 2.63 -39.58 28.42
CA ASP A 383 3.49 -38.57 27.82
C ASP A 383 4.50 -37.99 28.80
N TYR A 384 4.05 -37.69 30.02
CA TYR A 384 4.95 -37.15 31.03
C TYR A 384 5.98 -38.18 31.45
N ASP A 385 5.61 -39.46 31.38
CA ASP A 385 6.55 -40.56 31.62
C ASP A 385 7.73 -40.46 30.65
N ARG A 386 7.43 -40.08 29.41
CA ARG A 386 8.49 -39.99 28.42
C ARG A 386 9.24 -38.66 28.52
N THR A 387 8.65 -37.69 29.21
CA THR A 387 9.21 -36.34 29.26
C THR A 387 10.26 -36.18 30.35
N MET A 388 9.98 -36.74 31.52
CA MET A 388 10.83 -36.50 32.68
C MET A 388 12.28 -36.97 32.48
N LYS A 389 12.46 -38.04 31.70
CA LYS A 389 13.83 -38.48 31.43
C LYS A 389 14.52 -37.61 30.37
N GLU A 390 13.76 -36.78 29.65
CA GLU A 390 14.32 -35.94 28.59
C GLU A 390 14.69 -34.57 29.12
N MET A 391 14.17 -34.24 30.29
CA MET A 391 14.35 -32.91 30.87
C MET A 391 15.39 -32.96 31.97
N GLY A 392 16.03 -31.83 32.23
CA GLY A 392 17.07 -31.78 33.25
C GLY A 392 16.48 -31.78 34.65
N ASP A 393 17.30 -32.15 35.62
CA ASP A 393 16.85 -32.14 37.01
C ASP A 393 16.52 -30.71 37.41
N SER A 394 15.47 -30.56 38.21
CA SER A 394 15.00 -29.27 38.70
C SER A 394 14.58 -28.30 37.58
N THR A 395 14.11 -28.85 36.47
CA THR A 395 13.44 -28.03 35.48
C THR A 395 11.93 -28.01 35.82
N LEU A 396 11.23 -27.01 35.29
CA LEU A 396 9.81 -26.84 35.61
C LEU A 396 8.91 -27.56 34.61
N LEU A 397 7.92 -28.29 35.13
CA LEU A 397 6.90 -28.94 34.32
C LEU A 397 5.53 -28.37 34.65
N TYR A 398 4.71 -28.13 33.62
CA TYR A 398 3.41 -27.56 33.87
C TYR A 398 2.41 -28.19 32.92
N ASP A 399 1.30 -28.65 33.47
CA ASP A 399 0.27 -29.28 32.66
C ASP A 399 -0.96 -28.38 32.60
N ASP A 400 -1.49 -28.16 31.40
CA ASP A 400 -2.65 -27.28 31.21
C ASP A 400 -2.46 -25.95 31.93
N VAL A 401 -1.34 -25.30 31.63
CA VAL A 401 -0.96 -24.10 32.32
C VAL A 401 -1.94 -22.94 32.05
N THR A 402 -2.14 -22.09 33.05
CA THR A 402 -3.04 -20.94 32.88
C THR A 402 -2.26 -19.76 32.30
N GLY A 403 -2.96 -18.80 31.71
CA GLY A 403 -2.29 -17.63 31.16
C GLY A 403 -1.48 -16.94 32.26
N TYR A 404 -2.11 -16.77 33.41
CA TYR A 404 -1.47 -16.17 34.59
C TYR A 404 -0.20 -16.91 35.05
N GLU A 405 -0.31 -18.22 35.23
CA GLU A 405 0.86 -19.04 35.63
C GLU A 405 2.04 -18.88 34.68
N PHE A 406 1.77 -19.11 33.40
CA PHE A 406 2.80 -19.10 32.39
C PHE A 406 3.57 -17.77 32.43
N GLU A 407 2.82 -16.66 32.50
CA GLU A 407 3.46 -15.34 32.62
C GLU A 407 4.31 -15.20 33.89
N GLU A 408 3.76 -15.53 35.05
CA GLU A 408 4.49 -15.45 36.30
C GLU A 408 5.79 -16.33 36.29
N PHE A 409 5.68 -17.56 35.78
CA PHE A 409 6.84 -18.44 35.67
C PHE A 409 7.92 -17.81 34.79
N VAL A 410 7.51 -17.32 33.63
CA VAL A 410 8.42 -16.64 32.71
C VAL A 410 9.12 -15.42 33.35
N LYS A 411 8.38 -14.62 34.12
CA LYS A 411 9.00 -13.48 34.81
C LYS A 411 10.13 -13.85 35.77
N ARG A 412 10.05 -15.02 36.39
CA ARG A 412 11.06 -15.44 37.37
C ARG A 412 12.20 -16.25 36.74
N ILE A 413 11.86 -17.16 35.85
CA ILE A 413 12.87 -18.00 35.21
C ILE A 413 13.65 -17.21 34.16
N LYS A 414 13.00 -16.20 33.57
CA LYS A 414 13.64 -15.34 32.56
C LYS A 414 14.37 -16.12 31.46
N PRO A 415 13.62 -16.90 30.68
CA PRO A 415 14.23 -17.60 29.53
C PRO A 415 14.75 -16.64 28.46
N ASP A 416 15.69 -17.08 27.64
CA ASP A 416 16.10 -16.31 26.47
C ASP A 416 15.14 -16.45 25.30
N LEU A 417 14.32 -17.50 25.34
CA LEU A 417 13.47 -17.87 24.21
C LEU A 417 12.27 -18.65 24.71
N ILE A 418 11.11 -18.39 24.12
CA ILE A 418 9.91 -19.13 24.44
C ILE A 418 9.32 -19.72 23.16
N GLY A 419 8.87 -20.96 23.25
CA GLY A 419 8.30 -21.65 22.11
C GLY A 419 6.90 -22.11 22.49
N SER A 420 5.90 -21.46 21.91
CA SER A 420 4.51 -21.81 22.25
C SER A 420 3.58 -21.46 21.08
N GLY A 421 2.31 -21.15 21.38
CA GLY A 421 1.30 -20.97 20.35
C GLY A 421 0.95 -19.52 20.05
N ILE A 422 0.04 -19.31 19.09
CA ILE A 422 -0.35 -17.97 18.68
C ILE A 422 -0.99 -17.15 19.82
N LYS A 423 -1.66 -17.81 20.77
CA LYS A 423 -2.32 -17.05 21.84
C LYS A 423 -1.31 -16.63 22.91
N GLU A 424 -0.08 -17.11 22.80
CA GLU A 424 0.99 -16.80 23.75
C GLU A 424 1.97 -15.77 23.16
N LYS A 425 2.11 -15.81 21.84
CA LYS A 425 3.17 -15.12 21.12
C LYS A 425 3.31 -13.64 21.45
N PHE A 426 2.21 -12.92 21.30
CA PHE A 426 2.29 -11.46 21.35
C PHE A 426 2.42 -10.96 22.78
N ILE A 427 1.98 -11.76 23.76
CA ILE A 427 2.19 -11.46 25.18
C ILE A 427 3.68 -11.33 25.51
N PHE A 428 4.45 -12.30 25.06
CA PHE A 428 5.85 -12.36 25.46
C PHE A 428 6.75 -11.47 24.63
N GLN A 429 6.36 -11.22 23.38
CA GLN A 429 7.10 -10.25 22.59
C GLN A 429 7.03 -8.88 23.24
N LYS A 430 5.91 -8.56 23.88
CA LYS A 430 5.80 -7.27 24.51
C LYS A 430 6.67 -7.18 25.76
N MET A 431 6.95 -8.32 26.38
CA MET A 431 7.85 -8.37 27.54
C MET A 431 9.29 -8.37 27.07
N GLY A 432 9.51 -8.41 25.77
CA GLY A 432 10.86 -8.32 25.22
C GLY A 432 11.55 -9.67 25.17
N ILE A 433 10.76 -10.73 25.15
CA ILE A 433 11.31 -12.08 25.08
C ILE A 433 11.09 -12.69 23.71
N PRO A 434 12.19 -13.04 23.01
CA PRO A 434 12.11 -13.69 21.71
C PRO A 434 11.18 -14.89 21.78
N PHE A 435 10.32 -15.03 20.78
CA PHE A 435 9.26 -16.02 20.81
C PHE A 435 9.21 -16.73 19.46
N ARG A 436 9.13 -18.05 19.48
CA ARG A 436 8.95 -18.80 18.25
C ARG A 436 7.68 -19.61 18.34
N GLN A 437 6.84 -19.54 17.31
CA GLN A 437 5.64 -20.35 17.29
C GLN A 437 6.06 -21.80 17.07
N MET A 438 5.70 -22.70 18.00
CA MET A 438 6.12 -24.10 17.84
C MET A 438 4.94 -25.01 17.47
N HIS A 439 3.81 -24.42 17.09
CA HIS A 439 2.78 -25.15 16.35
C HIS A 439 2.92 -24.88 14.84
N SER A 440 2.80 -23.61 14.46
CA SER A 440 2.80 -23.23 13.04
C SER A 440 4.20 -23.06 12.46
N TRP A 441 5.22 -23.27 13.28
CA TRP A 441 6.60 -22.93 12.91
C TRP A 441 6.77 -21.47 12.48
N ASP A 442 5.82 -20.61 12.88
CA ASP A 442 5.84 -19.20 12.47
C ASP A 442 5.95 -19.05 10.95
N TYR A 443 5.15 -19.88 10.25
CA TYR A 443 4.95 -19.85 8.80
C TYR A 443 6.25 -20.19 8.09
N SER A 444 7.13 -20.86 8.82
CA SER A 444 8.41 -21.36 8.30
C SER A 444 8.39 -22.91 8.29
N GLY A 445 9.55 -23.55 8.44
CA GLY A 445 9.62 -25.00 8.38
C GLY A 445 9.90 -25.50 6.96
N PRO A 446 10.04 -26.83 6.77
CA PRO A 446 9.84 -27.87 7.79
C PRO A 446 10.90 -27.83 8.88
N TYR A 447 10.61 -28.44 10.03
CA TYR A 447 11.63 -28.68 11.06
C TYR A 447 12.04 -30.15 11.20
N HIS A 448 11.26 -31.09 10.64
CA HIS A 448 11.63 -32.51 10.75
C HIS A 448 12.79 -32.84 9.82
N GLY A 449 13.60 -33.82 10.21
CA GLY A 449 14.65 -34.33 9.36
C GLY A 449 15.88 -33.44 9.27
N PHE A 450 16.81 -33.83 8.41
CA PHE A 450 18.06 -33.08 8.29
C PHE A 450 17.79 -31.73 7.64
N ASP A 451 17.02 -31.70 6.56
CA ASP A 451 16.71 -30.44 5.88
C ASP A 451 15.96 -29.51 6.81
N GLY A 452 15.11 -30.09 7.65
CA GLY A 452 14.35 -29.33 8.63
C GLY A 452 15.21 -28.71 9.70
N PHE A 453 16.29 -29.39 10.10
CA PHE A 453 17.15 -28.88 11.16
C PHE A 453 17.80 -27.56 10.76
N ALA A 454 18.18 -27.45 9.51
CA ALA A 454 18.84 -26.24 9.04
C ALA A 454 17.89 -25.05 9.18
N ILE A 455 16.63 -25.25 8.79
CA ILE A 455 15.62 -24.19 8.94
C ILE A 455 15.33 -23.89 10.43
N PHE A 456 15.16 -24.93 11.24
CA PHE A 456 14.97 -24.74 12.68
C PHE A 456 16.09 -23.86 13.26
N ALA A 457 17.34 -24.18 12.93
CA ALA A 457 18.48 -23.47 13.48
C ALA A 457 18.51 -22.01 13.03
N ARG A 458 18.30 -21.81 11.73
CA ARG A 458 18.16 -20.48 11.15
C ARG A 458 17.10 -19.66 11.86
N ASP A 459 15.94 -20.26 12.07
CA ASP A 459 14.81 -19.56 12.70
C ASP A 459 15.07 -19.17 14.17
N MET A 460 15.60 -20.11 14.94
CA MET A 460 15.90 -19.81 16.34
C MET A 460 16.90 -18.65 16.42
N ASP A 461 17.97 -18.73 15.62
CA ASP A 461 18.95 -17.66 15.60
C ASP A 461 18.37 -16.32 15.13
N MET A 462 17.52 -16.35 14.11
CA MET A 462 17.02 -15.10 13.53
C MET A 462 16.21 -14.36 14.59
N THR A 463 15.50 -15.12 15.41
CA THR A 463 14.60 -14.51 16.38
C THR A 463 15.33 -14.18 17.66
N LEU A 464 16.09 -15.12 18.19
CA LEU A 464 16.76 -14.89 19.46
C LEU A 464 17.75 -13.72 19.35
N ASN A 465 18.41 -13.60 18.19
CA ASN A 465 19.46 -12.62 18.05
C ASN A 465 19.03 -11.41 17.22
N ASN A 466 17.71 -11.21 17.06
CA ASN A 466 17.22 -10.14 16.21
C ASN A 466 17.51 -8.77 16.82
N PRO A 467 17.79 -7.77 15.97
CA PRO A 467 18.11 -6.48 16.58
C PRO A 467 16.91 -5.81 17.25
N CYS A 468 15.69 -6.29 17.01
CA CYS A 468 14.53 -5.62 17.63
C CYS A 468 14.52 -5.74 19.16
N TRP A 469 15.14 -6.80 19.70
CA TRP A 469 15.01 -7.08 21.14
C TRP A 469 15.80 -6.12 22.01
N LYS A 470 16.71 -5.36 21.40
CA LYS A 470 17.51 -4.39 22.15
C LYS A 470 16.82 -3.03 22.21
N LYS A 471 15.67 -2.91 21.56
CA LYS A 471 15.12 -1.59 21.30
C LYS A 471 13.88 -1.27 22.14
N LEU A 472 13.51 -2.14 23.07
CA LEU A 472 12.24 -2.00 23.75
C LEU A 472 12.21 -0.89 24.79
N GLN A 473 13.36 -0.47 25.29
CA GLN A 473 13.32 0.58 26.28
C GLN A 473 13.69 1.91 25.64
N ALA A 474 12.80 2.90 25.74
CA ALA A 474 13.13 4.23 25.26
C ALA A 474 14.38 4.74 25.97
N PRO A 475 15.31 5.32 25.21
CA PRO A 475 16.56 5.83 25.77
C PRO A 475 16.33 6.83 26.91
N TRP A 476 15.27 7.62 26.84
CA TRP A 476 15.02 8.61 27.88
C TRP A 476 14.35 8.04 29.14
N GLU A 477 14.32 6.72 29.26
CA GLU A 477 13.77 6.09 30.45
C GLU A 477 14.77 5.17 31.14
N SER B 1 18.38 -31.78 0.55
CA SER B 1 19.65 -31.21 0.99
C SER B 1 19.54 -29.70 1.16
N GLN B 2 20.45 -29.16 1.95
CA GLN B 2 20.52 -27.72 2.18
C GLN B 2 21.93 -27.23 2.00
N GLN B 3 22.08 -26.04 1.42
CA GLN B 3 23.35 -25.31 1.47
C GLN B 3 23.28 -24.39 2.67
N VAL B 4 24.24 -24.49 3.58
CA VAL B 4 24.11 -23.80 4.86
C VAL B 4 24.04 -22.30 4.68
N ASP B 5 24.61 -21.77 3.61
CA ASP B 5 24.59 -20.32 3.42
C ASP B 5 23.38 -19.83 2.60
N LYS B 6 22.56 -20.75 2.11
CA LYS B 6 21.32 -20.34 1.48
C LYS B 6 20.26 -21.35 1.78
N ILE B 7 19.83 -21.39 3.05
CA ILE B 7 18.87 -22.38 3.48
C ILE B 7 17.51 -22.13 2.82
N LYS B 8 16.87 -23.21 2.37
CA LYS B 8 15.55 -23.19 1.73
C LYS B 8 14.44 -23.63 2.69
N ALA B 9 13.41 -22.80 2.86
CA ALA B 9 12.22 -23.28 3.55
C ALA B 9 11.34 -24.02 2.54
N SER B 10 10.18 -24.49 2.99
CA SER B 10 9.31 -25.36 2.19
C SER B 10 9.17 -24.90 0.74
N TYR B 11 8.90 -23.61 0.55
CA TYR B 11 9.13 -23.01 -0.76
C TYR B 11 10.45 -22.25 -0.71
N PRO B 12 11.42 -22.56 -1.58
CA PRO B 12 11.33 -23.50 -2.71
C PRO B 12 11.95 -24.88 -2.48
N LEU B 13 12.19 -25.28 -1.24
CA LEU B 13 12.85 -26.57 -0.96
C LEU B 13 12.25 -27.73 -1.75
N PHE B 14 10.91 -27.82 -1.72
CA PHE B 14 10.28 -29.02 -2.26
C PHE B 14 10.15 -28.95 -3.79
N LEU B 15 10.67 -27.89 -4.39
CA LEU B 15 10.85 -27.87 -5.84
C LEU B 15 12.12 -28.59 -6.30
N ASP B 16 12.97 -28.97 -5.34
CA ASP B 16 14.20 -29.69 -5.71
C ASP B 16 13.82 -30.99 -6.38
N GLN B 17 14.66 -31.44 -7.28
CA GLN B 17 14.39 -32.61 -8.08
C GLN B 17 14.14 -33.86 -7.24
N ASP B 18 14.91 -34.06 -6.19
CA ASP B 18 14.70 -35.25 -5.38
C ASP B 18 13.35 -35.22 -4.63
N TYR B 19 12.95 -34.06 -4.11
CA TYR B 19 11.60 -33.98 -3.55
C TYR B 19 10.49 -34.15 -4.59
N LYS B 20 10.67 -33.55 -5.77
CA LYS B 20 9.66 -33.67 -6.84
C LYS B 20 9.49 -35.13 -7.23
N ASP B 21 10.61 -35.83 -7.36
CA ASP B 21 10.65 -37.24 -7.70
C ASP B 21 9.94 -38.08 -6.63
N MET B 22 10.26 -37.82 -5.38
CA MET B 22 9.60 -38.49 -4.27
C MET B 22 8.08 -38.23 -4.23
N LEU B 23 7.67 -37.01 -4.52
CA LEU B 23 6.24 -36.70 -4.51
C LEU B 23 5.52 -37.39 -5.67
N ALA B 24 6.20 -37.50 -6.81
CA ALA B 24 5.61 -38.16 -7.95
C ALA B 24 5.36 -39.64 -7.61
N LYS B 25 6.34 -40.28 -6.99
CA LYS B 25 6.23 -41.67 -6.53
C LYS B 25 5.12 -41.89 -5.52
N LYS B 26 4.95 -40.93 -4.61
CA LYS B 26 3.90 -41.01 -3.59
C LYS B 26 2.54 -40.98 -4.25
N ARG B 27 2.36 -40.03 -5.15
CA ARG B 27 1.11 -39.87 -5.89
C ARG B 27 0.79 -41.11 -6.70
N ASP B 28 1.68 -41.48 -7.61
CA ASP B 28 1.43 -42.58 -8.52
C ASP B 28 1.32 -43.91 -7.79
N GLY B 29 2.10 -44.06 -6.72
CA GLY B 29 2.14 -45.33 -6.01
C GLY B 29 0.92 -45.57 -5.15
N PHE B 30 0.46 -44.55 -4.42
CA PHE B 30 -0.45 -44.85 -3.32
C PHE B 30 -1.67 -43.97 -3.22
N GLU B 31 -1.72 -42.86 -3.94
CA GLU B 31 -2.85 -41.94 -3.76
C GLU B 31 -4.04 -42.26 -4.65
N GLU B 32 -3.87 -43.16 -5.62
CA GLU B 32 -4.95 -43.52 -6.55
C GLU B 32 -5.67 -42.27 -7.06
N LYS B 33 -4.87 -41.32 -7.56
CA LYS B 33 -5.35 -40.01 -7.93
C LYS B 33 -6.10 -40.04 -9.25
N TYR B 34 -7.13 -39.22 -9.41
CA TYR B 34 -7.75 -39.07 -10.73
C TYR B 34 -6.68 -38.58 -11.71
N PRO B 35 -6.75 -39.06 -12.98
CA PRO B 35 -5.77 -38.64 -13.99
C PRO B 35 -5.86 -37.14 -14.22
N GLN B 36 -4.75 -36.52 -14.62
CA GLN B 36 -4.67 -35.06 -14.74
C GLN B 36 -5.69 -34.50 -15.75
N ASP B 37 -5.93 -35.23 -16.83
CA ASP B 37 -6.88 -34.80 -17.85
C ASP B 37 -8.31 -34.74 -17.28
N LYS B 38 -8.61 -35.65 -16.34
CA LYS B 38 -9.92 -35.63 -15.70
C LYS B 38 -10.03 -34.46 -14.74
N ILE B 39 -8.94 -34.19 -14.02
CA ILE B 39 -8.91 -33.05 -13.15
C ILE B 39 -9.09 -31.72 -13.91
N ASP B 40 -8.37 -31.59 -15.02
CA ASP B 40 -8.49 -30.40 -15.88
C ASP B 40 -9.91 -30.21 -16.41
N GLU B 41 -10.53 -31.29 -16.89
CA GLU B 41 -11.91 -31.26 -17.37
C GLU B 41 -12.90 -30.81 -16.28
N VAL B 42 -12.77 -31.36 -15.08
CA VAL B 42 -13.65 -30.94 -13.97
C VAL B 42 -13.38 -29.49 -13.60
N PHE B 43 -12.11 -29.10 -13.52
CA PHE B 43 -11.81 -27.71 -13.19
C PHE B 43 -12.48 -26.77 -14.20
N GLN B 44 -12.30 -27.06 -15.48
CA GLN B 44 -12.91 -26.23 -16.52
C GLN B 44 -14.46 -26.16 -16.36
N TRP B 45 -15.06 -27.30 -16.08
CA TRP B 45 -16.49 -27.35 -15.79
C TRP B 45 -16.88 -26.41 -14.62
N THR B 46 -16.07 -26.37 -13.55
CA THR B 46 -16.42 -25.48 -12.43
C THR B 46 -16.34 -24.00 -12.75
N THR B 47 -15.84 -23.63 -13.92
CA THR B 47 -15.79 -22.24 -14.34
C THR B 47 -16.98 -21.83 -15.21
N THR B 48 -17.91 -22.76 -15.46
CA THR B 48 -18.97 -22.54 -16.46
C THR B 48 -20.28 -21.99 -15.87
N LYS B 49 -21.13 -21.46 -16.75
CA LYS B 49 -22.46 -21.04 -16.34
C LYS B 49 -23.32 -22.24 -15.95
N GLU B 50 -23.04 -23.40 -16.52
CA GLU B 50 -23.76 -24.62 -16.17
C GLU B 50 -23.48 -25.02 -14.72
N TYR B 51 -22.21 -24.99 -14.34
CA TYR B 51 -21.85 -25.21 -12.96
C TYR B 51 -22.45 -24.13 -12.06
N GLN B 52 -22.41 -22.88 -12.51
CA GLN B 52 -22.95 -21.79 -11.71
C GLN B 52 -24.42 -22.01 -11.38
N GLU B 53 -25.20 -22.50 -12.35
CA GLU B 53 -26.61 -22.75 -12.06
C GLU B 53 -26.75 -23.82 -10.96
N LEU B 54 -25.97 -24.91 -11.06
CA LEU B 54 -25.99 -25.96 -10.02
C LEU B 54 -25.58 -25.37 -8.67
N ASN B 55 -24.52 -24.58 -8.72
CA ASN B 55 -23.98 -23.92 -7.52
C ASN B 55 -25.02 -23.06 -6.82
N PHE B 56 -25.75 -22.24 -7.57
CA PHE B 56 -26.76 -21.38 -6.97
C PHE B 56 -28.07 -22.12 -6.62
N GLN B 57 -28.19 -23.40 -6.97
CA GLN B 57 -29.34 -24.17 -6.51
C GLN B 57 -29.13 -24.78 -5.12
N ARG B 58 -27.97 -24.56 -4.51
CA ARG B 58 -27.70 -25.13 -3.19
C ARG B 58 -28.70 -24.66 -2.16
N GLU B 59 -29.23 -25.59 -1.38
CA GLU B 59 -30.15 -25.24 -0.29
C GLU B 59 -29.61 -25.61 1.09
N ALA B 60 -28.65 -26.53 1.15
CA ALA B 60 -28.25 -27.12 2.43
C ALA B 60 -26.76 -26.96 2.70
N LEU B 61 -25.96 -27.06 1.64
CA LEU B 61 -24.51 -26.94 1.76
C LEU B 61 -24.00 -25.50 1.71
N THR B 62 -23.11 -25.15 2.63
CA THR B 62 -22.40 -23.88 2.59
C THR B 62 -20.92 -24.18 2.36
N VAL B 63 -20.28 -23.40 1.52
CA VAL B 63 -18.87 -23.61 1.19
C VAL B 63 -18.16 -22.29 1.26
N ASN B 64 -17.11 -22.23 2.08
CA ASN B 64 -16.37 -21.00 2.29
C ASN B 64 -17.23 -19.81 2.67
N PRO B 65 -17.85 -19.88 3.88
CA PRO B 65 -18.71 -18.79 4.30
C PRO B 65 -17.93 -17.48 4.46
N ALA B 66 -18.65 -16.36 4.42
CA ALA B 66 -18.05 -15.06 4.65
C ALA B 66 -18.72 -14.43 5.85
N LYS B 67 -18.72 -15.16 6.97
CA LYS B 67 -19.22 -14.68 8.25
C LYS B 67 -18.69 -15.58 9.37
N ALA B 68 -18.80 -15.10 10.60
CA ALA B 68 -18.45 -15.89 11.76
C ALA B 68 -19.66 -15.92 12.69
N CYS B 69 -19.46 -16.38 13.92
CA CYS B 69 -20.61 -16.55 14.81
C CYS B 69 -20.67 -15.52 15.92
N GLN B 70 -21.87 -15.34 16.46
CA GLN B 70 -22.14 -14.31 17.48
C GLN B 70 -21.07 -14.05 18.55
N PRO B 71 -20.61 -15.07 19.29
CA PRO B 71 -19.77 -14.68 20.43
C PRO B 71 -18.46 -14.02 20.05
N LEU B 72 -17.97 -14.27 18.85
CA LEU B 72 -16.79 -13.53 18.35
C LEU B 72 -17.03 -12.04 18.47
N GLY B 73 -18.23 -11.60 18.07
CA GLY B 73 -18.55 -10.19 18.14
C GLY B 73 -18.74 -9.70 19.57
N ALA B 74 -19.35 -10.56 20.41
CA ALA B 74 -19.55 -10.19 21.81
C ALA B 74 -18.22 -9.94 22.49
N VAL B 75 -17.24 -10.79 22.17
CA VAL B 75 -15.91 -10.66 22.74
C VAL B 75 -15.28 -9.33 22.34
N LEU B 76 -15.40 -8.98 21.05
CA LEU B 76 -14.79 -7.74 20.57
C LEU B 76 -15.47 -6.53 21.23
N CYS B 77 -16.80 -6.57 21.34
CA CYS B 77 -17.52 -5.54 22.06
C CYS B 77 -17.01 -5.40 23.49
N ALA B 78 -16.92 -6.53 24.20
CA ALA B 78 -16.50 -6.49 25.62
C ALA B 78 -15.08 -5.91 25.79
N LEU B 79 -14.17 -6.24 24.87
CA LEU B 79 -12.82 -5.69 24.89
C LEU B 79 -12.78 -4.16 24.85
N GLY B 80 -13.85 -3.52 24.42
CA GLY B 80 -13.85 -2.07 24.35
C GLY B 80 -14.18 -1.34 25.65
N PHE B 81 -14.30 -2.06 26.75
CA PHE B 81 -14.63 -1.42 28.03
C PHE B 81 -13.47 -1.50 29.01
N GLU B 82 -13.32 -0.47 29.84
CA GLU B 82 -12.14 -0.38 30.69
C GLU B 82 -12.02 -1.58 31.65
N LYS B 83 -10.82 -2.16 31.68
CA LYS B 83 -10.47 -3.32 32.53
C LYS B 83 -11.56 -4.39 32.58
N THR B 84 -12.04 -4.75 31.40
CA THR B 84 -13.13 -5.68 31.27
C THR B 84 -12.61 -6.97 30.68
N MET B 85 -12.99 -8.08 31.31
CA MET B 85 -12.62 -9.38 30.80
C MET B 85 -13.81 -9.97 30.05
N PRO B 86 -13.66 -10.23 28.76
CA PRO B 86 -14.67 -11.03 28.07
C PRO B 86 -14.70 -12.45 28.67
N TYR B 87 -15.89 -13.01 28.83
CA TYR B 87 -16.10 -14.27 29.52
C TYR B 87 -17.17 -15.00 28.72
N VAL B 88 -16.86 -16.18 28.18
CA VAL B 88 -17.86 -16.83 27.35
C VAL B 88 -18.28 -18.08 28.09
N HIS B 89 -19.53 -18.06 28.54
CA HIS B 89 -20.12 -19.17 29.24
C HIS B 89 -20.42 -20.28 28.25
N GLY B 90 -19.85 -21.45 28.50
CA GLY B 90 -19.98 -22.56 27.59
C GLY B 90 -18.66 -23.29 27.41
N SER B 91 -18.43 -23.80 26.20
CA SER B 91 -17.31 -24.71 25.91
C SER B 91 -16.02 -23.98 25.58
N GLN B 92 -14.89 -24.49 26.07
CA GLN B 92 -13.63 -23.74 25.97
C GLN B 92 -13.00 -23.73 24.56
N GLY B 93 -13.33 -24.72 23.73
CA GLY B 93 -12.87 -24.74 22.33
C GLY B 93 -13.18 -23.43 21.61
N CYS B 94 -14.37 -22.88 21.85
CA CYS B 94 -14.79 -21.63 21.24
C CYS B 94 -13.80 -20.52 21.53
N VAL B 95 -13.45 -20.37 22.80
CA VAL B 95 -12.63 -19.25 23.22
C VAL B 95 -11.21 -19.39 22.64
N ALA B 96 -10.70 -20.61 22.53
CA ALA B 96 -9.37 -20.77 21.90
C ALA B 96 -9.45 -20.29 20.45
N TYR B 97 -10.56 -20.58 19.77
CA TYR B 97 -10.70 -20.08 18.41
C TYR B 97 -10.93 -18.57 18.35
N PHE B 98 -11.74 -18.00 19.25
CA PHE B 98 -12.00 -16.55 19.20
C PHE B 98 -10.69 -15.78 19.36
N ARG B 99 -9.89 -16.18 20.34
CA ARG B 99 -8.64 -15.49 20.66
C ARG B 99 -7.64 -15.60 19.49
N SER B 100 -7.49 -16.82 18.97
CA SER B 100 -6.61 -17.07 17.83
C SER B 100 -6.99 -16.27 16.60
N TYR B 101 -8.29 -16.19 16.34
CA TYR B 101 -8.83 -15.52 15.17
C TYR B 101 -8.44 -14.06 15.22
N PHE B 102 -8.71 -13.45 16.37
CA PHE B 102 -8.34 -12.08 16.60
C PHE B 102 -6.80 -11.89 16.71
N ASN B 103 -6.08 -12.83 17.35
CA ASN B 103 -4.61 -12.73 17.40
C ASN B 103 -4.05 -12.53 16.00
N ARG B 104 -4.55 -13.31 15.05
CA ARG B 104 -3.99 -13.35 13.71
C ARG B 104 -4.29 -12.08 12.90
N HIS B 105 -5.42 -11.44 13.18
CA HIS B 105 -5.79 -10.23 12.45
C HIS B 105 -5.12 -8.99 13.05
N PHE B 106 -5.13 -8.87 14.38
CA PHE B 106 -4.52 -7.70 15.02
C PHE B 106 -3.04 -7.85 15.35
N ARG B 107 -2.55 -9.09 15.32
CA ARG B 107 -1.19 -9.40 15.80
C ARG B 107 -0.93 -8.81 17.19
N GLU B 108 -1.82 -9.15 18.11
CA GLU B 108 -1.82 -8.64 19.49
C GLU B 108 -2.37 -9.74 20.40
N PRO B 109 -2.06 -9.67 21.71
CA PRO B 109 -2.74 -10.54 22.65
C PRO B 109 -4.22 -10.26 22.61
N VAL B 110 -5.03 -11.30 22.77
CA VAL B 110 -6.47 -11.14 22.94
C VAL B 110 -6.89 -11.93 24.17
N SER B 111 -7.38 -11.22 25.18
CA SER B 111 -7.61 -11.87 26.46
C SER B 111 -9.10 -12.16 26.57
N CYS B 112 -9.44 -13.40 26.92
CA CYS B 112 -10.84 -13.83 27.01
C CYS B 112 -10.84 -15.11 27.80
N VAL B 113 -11.85 -15.36 28.64
CA VAL B 113 -11.84 -16.62 29.37
C VAL B 113 -13.11 -17.44 29.05
N SER B 114 -13.04 -18.72 29.39
CA SER B 114 -14.16 -19.66 29.29
C SER B 114 -14.51 -20.18 30.68
N ASP B 115 -15.71 -20.73 30.90
CA ASP B 115 -15.85 -21.47 32.15
C ASP B 115 -15.89 -22.98 31.90
N SER B 116 -15.39 -23.38 30.72
CA SER B 116 -15.03 -24.77 30.41
C SER B 116 -16.10 -25.77 30.81
N MET B 117 -17.30 -25.58 30.27
CA MET B 117 -18.36 -26.55 30.44
C MET B 117 -18.06 -27.81 29.67
N THR B 118 -18.12 -28.94 30.36
CA THR B 118 -17.81 -30.23 29.76
C THR B 118 -19.12 -31.01 29.59
N GLU B 119 -18.99 -32.29 29.25
CA GLU B 119 -20.15 -33.12 28.99
C GLU B 119 -21.13 -33.15 30.17
N ASP B 120 -20.61 -33.21 31.39
CA ASP B 120 -21.52 -33.31 32.53
C ASP B 120 -22.18 -31.97 32.84
N ALA B 121 -21.51 -30.86 32.49
CA ALA B 121 -22.14 -29.55 32.58
C ALA B 121 -23.21 -29.36 31.49
N ALA B 122 -23.02 -29.93 30.29
CA ALA B 122 -24.11 -29.95 29.30
C ALA B 122 -25.34 -30.62 29.89
N VAL B 123 -25.13 -31.73 30.60
CA VAL B 123 -26.27 -32.49 31.10
C VAL B 123 -26.89 -31.82 32.34
N PHE B 124 -26.05 -31.35 33.27
CA PHE B 124 -26.57 -30.81 34.53
C PHE B 124 -26.73 -29.30 34.52
N GLY B 125 -26.33 -28.67 33.43
CA GLY B 125 -26.32 -27.22 33.36
C GLY B 125 -25.00 -26.65 33.88
N GLY B 126 -24.72 -25.41 33.52
CA GLY B 126 -23.43 -24.80 33.86
C GLY B 126 -23.46 -23.82 35.04
N GLN B 127 -24.40 -23.98 35.96
CA GLN B 127 -24.47 -23.08 37.12
C GLN B 127 -23.18 -23.10 37.95
N GLN B 128 -22.64 -24.30 38.22
CA GLN B 128 -21.42 -24.38 39.01
C GLN B 128 -20.22 -23.80 38.25
N ASN B 129 -20.19 -23.97 36.92
CA ASN B 129 -19.11 -23.35 36.15
C ASN B 129 -19.13 -21.83 36.25
N MET B 130 -20.31 -21.24 36.15
CA MET B 130 -20.42 -19.80 36.31
C MET B 130 -19.95 -19.36 37.72
N LYS B 131 -20.26 -20.12 38.76
CA LYS B 131 -19.90 -19.70 40.12
C LYS B 131 -18.37 -19.74 40.28
N ASP B 132 -17.78 -20.90 40.02
CA ASP B 132 -16.34 -21.05 40.12
C ASP B 132 -15.63 -20.16 39.09
N GLY B 133 -16.16 -20.09 37.86
CA GLY B 133 -15.53 -19.31 36.79
C GLY B 133 -15.42 -17.83 37.14
N LEU B 134 -16.50 -17.24 37.64
CA LEU B 134 -16.49 -15.82 37.98
C LEU B 134 -15.53 -15.54 39.14
N GLN B 135 -15.60 -16.36 40.19
CA GLN B 135 -14.68 -16.20 41.32
C GLN B 135 -13.22 -16.35 40.85
N ASN B 136 -12.96 -17.40 40.08
CA ASN B 136 -11.59 -17.66 39.59
C ASN B 136 -11.04 -16.54 38.72
N CYS B 137 -11.81 -16.15 37.73
CA CYS B 137 -11.43 -15.08 36.80
C CYS B 137 -11.19 -13.79 37.55
N LYS B 138 -12.07 -13.46 38.50
CA LYS B 138 -11.88 -12.24 39.27
C LYS B 138 -10.62 -12.27 40.10
N ALA B 139 -10.38 -13.38 40.80
CA ALA B 139 -9.18 -13.50 41.63
C ALA B 139 -7.89 -13.41 40.80
N THR B 140 -7.89 -14.06 39.65
CA THR B 140 -6.67 -14.29 38.88
C THR B 140 -6.27 -13.14 37.95
N TYR B 141 -7.25 -12.59 37.24
CA TYR B 141 -6.93 -11.59 36.24
C TYR B 141 -7.36 -10.19 36.66
N LYS B 142 -8.00 -10.11 37.82
CA LYS B 142 -8.43 -8.85 38.41
C LYS B 142 -9.05 -7.80 37.44
N PRO B 143 -10.09 -8.20 36.69
CA PRO B 143 -10.82 -7.21 35.90
C PRO B 143 -11.70 -6.31 36.79
N ASP B 144 -12.07 -5.11 36.32
CA ASP B 144 -13.06 -4.30 37.05
C ASP B 144 -14.49 -4.73 36.65
N MET B 145 -14.59 -5.46 35.55
CA MET B 145 -15.88 -5.86 35.00
C MET B 145 -15.72 -7.16 34.24
N ILE B 146 -16.72 -8.03 34.32
CA ILE B 146 -16.72 -9.24 33.53
C ILE B 146 -17.95 -9.24 32.63
N ALA B 147 -17.70 -9.35 31.32
CA ALA B 147 -18.79 -9.30 30.35
C ALA B 147 -19.07 -10.69 29.79
N VAL B 148 -20.24 -11.23 30.13
CA VAL B 148 -20.56 -12.63 29.85
C VAL B 148 -21.39 -12.78 28.58
N SER B 149 -20.96 -13.69 27.70
CA SER B 149 -21.72 -14.08 26.51
C SER B 149 -21.80 -15.61 26.53
N THR B 150 -22.26 -16.25 25.46
CA THR B 150 -22.49 -17.71 25.50
C THR B 150 -21.99 -18.45 24.27
N THR B 151 -21.64 -19.72 24.42
CA THR B 151 -21.39 -20.56 23.27
C THR B 151 -22.65 -21.36 22.97
N CYS B 152 -22.68 -22.01 21.81
CA CYS B 152 -23.94 -22.53 21.34
C CYS B 152 -24.47 -23.69 22.23
N MET B 153 -23.58 -24.43 22.88
CA MET B 153 -24.05 -25.52 23.74
C MET B 153 -24.88 -24.95 24.91
N ALA B 154 -24.44 -23.82 25.48
CA ALA B 154 -25.14 -23.20 26.59
C ALA B 154 -26.45 -22.56 26.12
N GLU B 155 -26.52 -22.25 24.83
CA GLU B 155 -27.74 -21.69 24.24
C GLU B 155 -28.79 -22.78 23.90
N VAL B 156 -28.33 -23.93 23.44
CA VAL B 156 -29.24 -25.03 23.22
C VAL B 156 -29.92 -25.44 24.53
N ILE B 157 -29.15 -25.58 25.61
CA ILE B 157 -29.71 -26.13 26.83
C ILE B 157 -30.37 -25.07 27.69
N GLY B 158 -30.34 -23.83 27.22
CA GLY B 158 -31.03 -22.75 27.90
C GLY B 158 -30.49 -22.36 29.28
N ASP B 159 -29.17 -22.40 29.45
CA ASP B 159 -28.56 -21.89 30.69
C ASP B 159 -29.02 -20.44 30.88
N ASP B 160 -29.64 -20.15 32.03
CA ASP B 160 -30.13 -18.80 32.31
C ASP B 160 -29.02 -17.95 32.88
N LEU B 161 -28.35 -17.16 32.03
CA LEU B 161 -27.22 -16.34 32.47
C LEU B 161 -27.57 -15.48 33.67
N ASN B 162 -28.70 -14.78 33.55
CA ASN B 162 -29.18 -13.88 34.59
C ASN B 162 -29.27 -14.57 35.94
N ALA B 163 -29.93 -15.73 35.96
CA ALA B 163 -30.08 -16.49 37.20
C ALA B 163 -28.73 -16.97 37.75
N PHE B 164 -27.90 -17.49 36.85
CA PHE B 164 -26.63 -18.09 37.22
C PHE B 164 -25.71 -17.03 37.81
N ILE B 165 -25.74 -15.85 37.20
CA ILE B 165 -24.89 -14.75 37.65
C ILE B 165 -25.40 -14.25 38.99
N ASN B 166 -26.71 -14.09 39.15
CA ASN B 166 -27.21 -13.62 40.44
C ASN B 166 -26.99 -14.63 41.56
N ASN B 167 -27.06 -15.92 41.25
CA ASN B 167 -26.80 -16.92 42.29
C ASN B 167 -25.34 -16.97 42.69
N SER B 168 -24.45 -16.65 41.74
CA SER B 168 -23.02 -16.54 42.07
C SER B 168 -22.82 -15.41 43.08
N LYS B 169 -23.55 -14.32 42.89
CA LYS B 169 -23.46 -13.18 43.79
C LYS B 169 -24.12 -13.50 45.13
N LYS B 170 -25.32 -14.07 45.10
CA LYS B 170 -26.06 -14.34 46.31
C LYS B 170 -25.30 -15.33 47.19
N GLU B 171 -24.54 -16.22 46.56
CA GLU B 171 -23.81 -17.23 47.31
C GLU B 171 -22.37 -16.81 47.61
N GLY B 172 -22.01 -15.59 47.22
CA GLY B 172 -20.76 -14.98 47.63
C GLY B 172 -19.53 -15.38 46.84
N PHE B 173 -19.73 -15.85 45.62
CA PHE B 173 -18.62 -16.19 44.74
C PHE B 173 -17.97 -14.94 44.17
N ILE B 174 -18.76 -13.90 43.99
CA ILE B 174 -18.25 -12.58 43.59
C ILE B 174 -19.05 -11.51 44.30
N PRO B 175 -18.46 -10.32 44.53
CA PRO B 175 -19.19 -9.28 45.29
C PRO B 175 -20.47 -8.85 44.58
N ASP B 176 -21.47 -8.43 45.35
CA ASP B 176 -22.78 -8.15 44.78
C ASP B 176 -22.74 -6.95 43.84
N GLU B 177 -21.87 -6.00 44.13
CA GLU B 177 -21.79 -4.76 43.37
C GLU B 177 -20.83 -4.89 42.18
N PHE B 178 -20.10 -6.00 42.09
CA PHE B 178 -19.19 -6.22 40.98
C PHE B 178 -19.97 -6.36 39.68
N PRO B 179 -19.64 -5.52 38.68
CA PRO B 179 -20.47 -5.53 37.46
C PRO B 179 -20.21 -6.73 36.57
N VAL B 180 -21.29 -7.48 36.33
CA VAL B 180 -21.29 -8.62 35.43
C VAL B 180 -22.46 -8.49 34.45
N PRO B 181 -22.34 -7.62 33.44
CA PRO B 181 -23.36 -7.57 32.39
C PRO B 181 -23.30 -8.84 31.51
N PHE B 182 -24.41 -9.18 30.86
CA PHE B 182 -24.46 -10.41 30.09
C PHE B 182 -25.32 -10.28 28.82
N ALA B 183 -25.11 -11.18 27.87
CA ALA B 183 -25.97 -11.25 26.71
C ALA B 183 -25.99 -12.68 26.19
N HIS B 184 -27.16 -13.14 25.78
CA HIS B 184 -27.24 -14.43 25.12
C HIS B 184 -26.78 -14.26 23.67
N THR B 185 -25.80 -15.05 23.23
CA THR B 185 -25.27 -14.88 21.90
C THR B 185 -25.23 -16.17 21.09
N PRO B 186 -26.40 -16.66 20.66
CA PRO B 186 -26.49 -17.95 19.96
C PRO B 186 -25.88 -17.92 18.56
N SER B 187 -24.94 -18.82 18.33
CA SER B 187 -24.18 -18.83 17.07
C SER B 187 -25.05 -19.23 15.89
N PHE B 188 -26.19 -19.88 16.17
CA PHE B 188 -27.07 -20.31 15.08
C PHE B 188 -28.13 -19.24 14.77
N VAL B 189 -27.90 -18.02 15.27
CA VAL B 189 -28.69 -16.88 14.87
C VAL B 189 -27.77 -15.78 14.34
N GLY B 190 -28.07 -15.27 13.15
CA GLY B 190 -27.36 -14.11 12.64
C GLY B 190 -25.88 -14.40 12.46
N SER B 191 -25.02 -13.52 12.94
CA SER B 191 -23.57 -13.71 12.75
C SER B 191 -22.77 -12.97 13.84
N HIS B 192 -21.45 -12.89 13.68
CA HIS B 192 -20.60 -12.18 14.63
C HIS B 192 -21.10 -10.74 14.92
N VAL B 193 -21.63 -10.07 13.90
CA VAL B 193 -22.08 -8.71 14.13
C VAL B 193 -23.34 -8.67 14.99
N THR B 194 -24.16 -9.71 14.93
CA THR B 194 -25.33 -9.80 15.78
C THR B 194 -24.87 -9.95 17.24
N GLY B 195 -23.81 -10.70 17.44
CA GLY B 195 -23.25 -10.88 18.78
C GLY B 195 -22.77 -9.57 19.40
N TRP B 196 -22.14 -8.74 18.59
CA TRP B 196 -21.70 -7.40 19.02
C TRP B 196 -22.91 -6.57 19.49
N ASP B 197 -23.95 -6.48 18.64
CA ASP B 197 -25.21 -5.80 18.99
C ASP B 197 -25.77 -6.32 20.33
N ASN B 198 -25.85 -7.64 20.47
CA ASN B 198 -26.44 -8.22 21.69
C ASN B 198 -25.62 -7.89 22.94
N MET B 199 -24.31 -8.04 22.83
CA MET B 199 -23.42 -7.74 23.96
C MET B 199 -23.53 -6.29 24.37
N PHE B 200 -23.52 -5.40 23.38
CA PHE B 200 -23.56 -3.98 23.68
C PHE B 200 -24.87 -3.59 24.39
N GLU B 201 -26.00 -4.05 23.84
CA GLU B 201 -27.27 -3.76 24.45
C GLU B 201 -27.35 -4.31 25.87
N GLY B 202 -26.76 -5.49 26.08
CA GLY B 202 -26.66 -6.07 27.42
C GLY B 202 -25.89 -5.20 28.39
N ILE B 203 -24.76 -4.66 27.93
CA ILE B 203 -23.95 -3.81 28.79
C ILE B 203 -24.64 -2.46 29.04
N ALA B 204 -25.24 -1.91 28.00
CA ALA B 204 -25.97 -0.66 28.13
C ALA B 204 -27.13 -0.80 29.14
N ARG B 205 -27.88 -1.89 29.01
CA ARG B 205 -28.99 -2.18 29.92
C ARG B 205 -28.48 -2.28 31.37
N TYR B 206 -27.37 -2.98 31.54
CA TYR B 206 -26.87 -3.27 32.88
C TYR B 206 -26.60 -1.98 33.64
N PHE B 207 -26.05 -0.98 32.95
CA PHE B 207 -25.68 0.27 33.62
C PHE B 207 -26.74 1.36 33.64
N THR B 208 -27.83 1.21 32.89
CA THR B 208 -28.76 2.35 32.82
C THR B 208 -30.22 2.02 33.14
N LEU B 209 -30.61 0.76 32.99
CA LEU B 209 -32.02 0.39 33.07
C LEU B 209 -32.65 0.80 34.39
N LYS B 210 -31.93 0.63 35.50
CA LYS B 210 -32.51 0.84 36.82
C LYS B 210 -32.41 2.27 37.32
N SER B 211 -31.75 3.14 36.56
CA SER B 211 -31.49 4.48 37.06
C SER B 211 -31.91 5.61 36.11
N MET B 212 -32.93 5.35 35.32
CA MET B 212 -33.38 6.32 34.32
C MET B 212 -34.04 7.54 34.95
N ASP B 213 -34.56 7.38 36.16
CA ASP B 213 -35.36 8.44 36.78
C ASP B 213 -34.65 9.80 36.91
N ASP B 214 -33.35 9.81 37.18
CA ASP B 214 -32.67 11.09 37.32
C ASP B 214 -31.98 11.53 36.01
N LYS B 215 -32.24 10.82 34.93
CA LYS B 215 -31.62 11.17 33.67
C LYS B 215 -32.36 12.28 32.96
N VAL B 216 -31.60 13.11 32.25
CA VAL B 216 -32.15 14.21 31.45
C VAL B 216 -31.40 14.29 30.11
N VAL B 217 -32.12 14.06 29.01
CA VAL B 217 -31.49 14.07 27.68
C VAL B 217 -30.85 15.41 27.44
N GLY B 218 -29.59 15.39 27.02
CA GLY B 218 -28.87 16.61 26.69
C GLY B 218 -28.08 17.24 27.83
N SER B 219 -28.27 16.79 29.07
CA SER B 219 -27.65 17.48 30.21
C SER B 219 -26.11 17.40 30.31
N ASN B 220 -25.47 16.40 29.72
CA ASN B 220 -23.99 16.35 29.75
C ASN B 220 -23.37 16.95 28.48
N LYS B 221 -24.22 17.44 27.59
CA LYS B 221 -23.78 18.13 26.36
C LYS B 221 -22.86 17.32 25.43
N LYS B 222 -22.86 15.99 25.55
CA LYS B 222 -22.07 15.14 24.65
C LYS B 222 -22.93 14.39 23.63
N ILE B 223 -22.28 13.85 22.60
CA ILE B 223 -22.93 12.90 21.70
C ILE B 223 -22.33 11.52 21.92
N ASN B 224 -23.16 10.52 22.19
CA ASN B 224 -22.65 9.14 22.24
C ASN B 224 -22.40 8.60 20.85
N ILE B 225 -21.30 7.86 20.69
CA ILE B 225 -20.99 7.17 19.46
C ILE B 225 -20.88 5.68 19.70
N VAL B 226 -21.67 4.88 18.98
CA VAL B 226 -21.60 3.42 19.06
C VAL B 226 -21.03 2.87 17.74
N PRO B 227 -19.80 2.31 17.79
CA PRO B 227 -19.09 1.96 16.55
C PRO B 227 -19.55 0.67 15.87
N GLY B 228 -20.10 -0.26 16.64
CA GLY B 228 -20.38 -1.59 16.13
C GLY B 228 -19.10 -2.38 15.96
N PHE B 229 -19.23 -3.56 15.33
CA PHE B 229 -18.11 -4.47 15.07
C PHE B 229 -17.09 -3.79 14.15
N GLU B 230 -15.89 -3.50 14.68
CA GLU B 230 -14.91 -2.70 13.96
C GLU B 230 -13.51 -3.26 14.16
N THR B 231 -12.80 -3.55 13.06
CA THR B 231 -11.51 -4.22 13.15
C THR B 231 -10.38 -3.42 12.51
N TYR B 232 -10.69 -2.17 12.15
CA TYR B 232 -9.67 -1.22 11.73
C TYR B 232 -9.45 -0.21 12.84
N LEU B 233 -8.24 -0.20 13.41
CA LEU B 233 -7.93 0.74 14.50
C LEU B 233 -8.16 2.17 14.06
N GLY B 234 -7.81 2.45 12.81
CA GLY B 234 -7.91 3.80 12.26
C GLY B 234 -9.34 4.35 12.30
N ASN B 235 -10.31 3.45 12.28
CA ASN B 235 -11.72 3.86 12.27
C ASN B 235 -12.17 4.41 13.63
N PHE B 236 -11.73 3.77 14.70
CA PHE B 236 -12.01 4.36 16.03
C PHE B 236 -11.33 5.71 16.11
N ARG B 237 -10.10 5.76 15.61
CA ARG B 237 -9.26 6.95 15.76
C ARG B 237 -9.76 8.15 14.96
N VAL B 238 -10.21 7.92 13.73
CA VAL B 238 -10.64 9.01 12.89
C VAL B 238 -11.95 9.67 13.41
N ILE B 239 -12.84 8.88 14.00
CA ILE B 239 -14.07 9.43 14.54
C ILE B 239 -13.74 10.34 15.72
N LYS B 240 -12.91 9.86 16.64
CA LYS B 240 -12.49 10.70 17.75
C LYS B 240 -11.77 11.96 17.26
N ARG B 241 -10.95 11.82 16.22
CA ARG B 241 -10.17 12.94 15.73
C ARG B 241 -11.09 14.02 15.14
N MET B 242 -12.08 13.63 14.32
CA MET B 242 -12.98 14.60 13.68
C MET B 242 -13.88 15.30 14.73
N LEU B 243 -14.41 14.54 15.67
CA LEU B 243 -15.25 15.15 16.71
C LEU B 243 -14.44 16.15 17.56
N SER B 244 -13.21 15.79 17.90
CA SER B 244 -12.38 16.70 18.68
C SER B 244 -12.06 17.94 17.86
N GLU B 245 -11.80 17.74 16.58
CA GLU B 245 -11.50 18.83 15.66
C GLU B 245 -12.67 19.83 15.59
N MET B 246 -13.88 19.31 15.72
CA MET B 246 -15.08 20.16 15.77
C MET B 246 -15.38 20.76 17.13
N GLY B 247 -14.69 20.28 18.16
CA GLY B 247 -14.98 20.75 19.52
C GLY B 247 -16.29 20.17 20.03
N VAL B 248 -16.61 18.97 19.57
CA VAL B 248 -17.85 18.29 19.99
C VAL B 248 -17.52 17.34 21.12
N GLY B 249 -18.23 17.47 22.23
CA GLY B 249 -18.07 16.57 23.35
C GLY B 249 -18.66 15.24 22.97
N TYR B 250 -17.97 14.15 23.29
CA TYR B 250 -18.47 12.87 22.83
C TYR B 250 -18.11 11.76 23.80
N SER B 251 -18.70 10.60 23.58
CA SER B 251 -18.43 9.46 24.40
C SER B 251 -18.49 8.25 23.48
N LEU B 252 -17.35 7.59 23.27
CA LEU B 252 -17.31 6.45 22.36
C LEU B 252 -17.57 5.20 23.18
N LEU B 253 -18.70 4.56 22.89
CA LEU B 253 -19.17 3.47 23.74
C LEU B 253 -18.75 2.14 23.11
N SER B 254 -17.80 1.48 23.79
CA SER B 254 -17.00 0.34 23.33
C SER B 254 -15.84 0.85 22.44
N ASP B 255 -14.66 0.91 23.05
CA ASP B 255 -13.52 1.55 22.41
C ASP B 255 -12.27 0.71 22.69
N PRO B 256 -12.00 -0.28 21.83
CA PRO B 256 -10.90 -1.22 22.09
C PRO B 256 -9.59 -0.76 21.48
N GLU B 257 -9.54 0.49 21.04
CA GLU B 257 -8.42 1.01 20.27
C GLU B 257 -7.07 0.92 21.01
N GLU B 258 -7.07 1.21 22.31
CA GLU B 258 -5.84 1.05 23.12
C GLU B 258 -5.46 -0.42 23.41
N VAL B 259 -6.43 -1.25 23.76
CA VAL B 259 -6.08 -2.60 24.18
C VAL B 259 -5.65 -3.45 22.97
N LEU B 260 -6.02 -2.99 21.79
CA LEU B 260 -5.65 -3.70 20.58
C LEU B 260 -4.35 -3.14 19.94
N ASP B 261 -3.66 -2.27 20.67
CA ASP B 261 -2.50 -1.62 20.10
C ASP B 261 -1.53 -1.15 21.20
N THR B 262 -1.26 -2.03 22.16
CA THR B 262 -0.36 -1.67 23.27
C THR B 262 1.07 -1.66 22.81
N PRO B 263 1.90 -0.81 23.43
CA PRO B 263 3.30 -0.69 23.04
C PRO B 263 4.08 -1.92 23.46
N ALA B 264 5.14 -2.23 22.74
CA ALA B 264 6.04 -3.27 23.20
C ALA B 264 7.19 -2.58 23.94
N ASP B 265 7.08 -2.45 25.25
CA ASP B 265 8.06 -1.68 26.01
C ASP B 265 8.58 -2.46 27.21
N GLY B 266 8.37 -3.77 27.22
CA GLY B 266 8.91 -4.59 28.28
C GLY B 266 7.83 -5.09 29.24
N GLN B 267 6.60 -4.65 29.05
CA GLN B 267 5.57 -5.20 29.90
C GLN B 267 4.32 -5.57 29.12
N PHE B 268 3.70 -6.68 29.52
CA PHE B 268 2.43 -7.05 28.95
C PHE B 268 1.31 -6.36 29.71
N ARG B 269 0.47 -5.64 28.98
CA ARG B 269 -0.68 -4.95 29.54
C ARG B 269 -1.94 -5.70 29.15
N MET B 270 -2.52 -6.45 30.07
CA MET B 270 -3.74 -7.20 29.74
C MET B 270 -4.89 -6.27 29.37
N TYR B 271 -4.97 -5.12 30.05
CA TYR B 271 -6.01 -4.15 29.74
C TYR B 271 -5.39 -2.81 29.40
N ALA B 272 -6.07 -2.02 28.57
CA ALA B 272 -5.64 -0.66 28.30
C ALA B 272 -6.83 0.16 27.79
N GLY B 273 -6.94 1.41 28.27
CA GLY B 273 -7.97 2.32 27.80
C GLY B 273 -9.39 1.77 27.95
N GLY B 274 -10.25 2.12 26.99
CA GLY B 274 -11.61 1.61 26.93
C GLY B 274 -12.67 2.56 27.49
N THR B 275 -13.93 2.30 27.15
CA THR B 275 -15.05 3.03 27.73
C THR B 275 -15.14 2.76 29.23
N THR B 276 -15.28 3.81 30.05
CA THR B 276 -15.36 3.63 31.50
C THR B 276 -16.78 3.26 31.94
N GLN B 277 -16.91 2.64 33.10
CA GLN B 277 -18.23 2.36 33.63
C GLN B 277 -19.02 3.67 33.87
N GLU B 278 -18.34 4.71 34.34
CA GLU B 278 -19.01 6.00 34.53
C GLU B 278 -19.54 6.57 33.21
N GLU B 279 -18.81 6.39 32.10
CA GLU B 279 -19.28 6.82 30.79
C GLU B 279 -20.57 6.11 30.38
N MET B 280 -20.65 4.83 30.68
CA MET B 280 -21.88 4.08 30.36
C MET B 280 -23.03 4.54 31.25
N LYS B 281 -22.75 4.77 32.53
CA LYS B 281 -23.80 5.13 33.48
C LYS B 281 -24.36 6.51 33.13
N ASP B 282 -23.51 7.37 32.59
CA ASP B 282 -23.89 8.75 32.28
C ASP B 282 -24.43 8.91 30.85
N ALA B 283 -24.36 7.85 30.05
CA ALA B 283 -24.73 7.92 28.64
C ALA B 283 -26.15 8.44 28.34
N PRO B 284 -27.16 8.11 29.18
CA PRO B 284 -28.49 8.65 28.85
C PRO B 284 -28.58 10.18 28.92
N ASN B 285 -27.63 10.81 29.59
CA ASN B 285 -27.61 12.26 29.67
C ASN B 285 -27.05 12.95 28.43
N ALA B 286 -26.64 12.18 27.42
CA ALA B 286 -26.12 12.75 26.17
C ALA B 286 -27.22 13.46 25.36
N LEU B 287 -26.81 14.35 24.46
CA LEU B 287 -27.73 15.01 23.56
C LEU B 287 -28.45 14.00 22.68
N ASN B 288 -27.70 13.00 22.23
CA ASN B 288 -28.20 12.02 21.30
C ASN B 288 -27.18 10.89 21.21
N THR B 289 -27.54 9.83 20.50
CA THR B 289 -26.65 8.71 20.28
C THR B 289 -26.58 8.43 18.77
N VAL B 290 -25.36 8.36 18.25
CA VAL B 290 -25.18 8.01 16.84
C VAL B 290 -24.61 6.60 16.67
N LEU B 291 -25.24 5.83 15.81
CA LEU B 291 -24.83 4.45 15.54
C LEU B 291 -24.08 4.43 14.24
N LEU B 292 -22.79 4.10 14.28
CA LEU B 292 -21.93 4.12 13.08
C LEU B 292 -22.26 3.02 12.08
N GLN B 293 -22.78 1.90 12.57
CA GLN B 293 -23.10 0.77 11.69
C GLN B 293 -24.51 0.30 12.03
N PRO B 294 -25.50 1.07 11.56
CA PRO B 294 -26.91 0.83 11.93
C PRO B 294 -27.46 -0.53 11.50
N TRP B 295 -26.95 -1.12 10.41
CA TRP B 295 -27.51 -2.38 9.95
C TRP B 295 -27.14 -3.56 10.83
N HIS B 296 -26.23 -3.40 11.79
CA HIS B 296 -26.20 -4.44 12.82
C HIS B 296 -26.36 -3.89 14.23
N LEU B 297 -26.93 -2.70 14.35
CA LEU B 297 -27.19 -2.15 15.70
C LEU B 297 -28.68 -1.96 16.01
N GLU B 298 -29.51 -2.84 15.46
CA GLU B 298 -30.95 -2.70 15.66
C GLU B 298 -31.45 -2.97 17.08
N LYS B 299 -30.87 -3.92 17.80
CA LYS B 299 -31.30 -4.12 19.19
C LYS B 299 -30.88 -2.93 20.05
N THR B 300 -29.66 -2.46 19.83
CA THR B 300 -29.13 -1.30 20.53
C THR B 300 -30.02 -0.08 20.28
N LYS B 301 -30.35 0.15 19.02
CA LYS B 301 -31.22 1.24 18.66
C LYS B 301 -32.58 1.18 19.38
N LYS B 302 -33.19 0.00 19.45
CA LYS B 302 -34.47 -0.13 20.14
C LYS B 302 -34.31 0.28 21.60
N PHE B 303 -33.20 -0.12 22.21
CA PHE B 303 -33.04 0.17 23.63
C PHE B 303 -32.78 1.65 23.84
N VAL B 304 -31.92 2.22 23.01
CA VAL B 304 -31.53 3.61 23.15
C VAL B 304 -32.71 4.57 22.90
N GLU B 305 -33.54 4.28 21.90
CA GLU B 305 -34.71 5.11 21.62
C GLU B 305 -35.79 4.92 22.67
N GLY B 306 -36.02 3.68 23.07
CA GLY B 306 -37.15 3.37 23.92
C GLY B 306 -36.86 3.64 25.38
N THR B 307 -35.60 3.53 25.78
CA THR B 307 -35.29 3.69 27.19
C THR B 307 -34.56 5.01 27.50
N TRP B 308 -33.53 5.36 26.71
CA TRP B 308 -32.82 6.63 26.93
C TRP B 308 -33.59 7.79 26.30
N LYS B 309 -34.54 7.45 25.42
CA LYS B 309 -35.36 8.43 24.68
C LYS B 309 -34.51 9.34 23.79
N HIS B 310 -33.45 8.79 23.19
CA HIS B 310 -32.65 9.57 22.23
C HIS B 310 -33.26 9.43 20.85
N GLU B 311 -33.32 10.54 20.11
CA GLU B 311 -33.82 10.54 18.75
C GLU B 311 -32.72 10.19 17.79
N VAL B 312 -32.35 8.90 17.80
CA VAL B 312 -31.22 8.40 17.01
C VAL B 312 -31.38 8.78 15.55
N PRO B 313 -30.39 9.51 15.00
CA PRO B 313 -30.50 9.97 13.61
C PRO B 313 -30.47 8.78 12.63
N LYS B 314 -31.22 8.90 11.54
CA LYS B 314 -31.19 7.90 10.49
C LYS B 314 -29.99 8.22 9.58
N LEU B 315 -28.84 7.64 9.90
CA LEU B 315 -27.60 7.93 9.16
C LEU B 315 -26.98 6.65 8.65
N ASN B 316 -26.52 6.66 7.40
CA ASN B 316 -25.65 5.59 6.91
C ASN B 316 -24.26 5.64 7.56
N ILE B 317 -23.56 4.52 7.51
CA ILE B 317 -22.15 4.48 7.89
C ILE B 317 -21.41 5.66 7.22
N PRO B 318 -20.55 6.36 7.97
CA PRO B 318 -19.83 7.48 7.37
C PRO B 318 -18.64 7.01 6.51
N MET B 319 -18.96 6.50 5.31
CA MET B 319 -17.96 6.09 4.32
C MET B 319 -18.17 6.79 3.00
N GLY B 320 -17.07 7.18 2.35
CA GLY B 320 -17.20 7.89 1.10
C GLY B 320 -17.50 9.37 1.35
N LEU B 321 -17.72 10.09 0.27
CA LEU B 321 -17.88 11.54 0.38
C LEU B 321 -19.24 11.97 0.94
N ASP B 322 -20.34 11.57 0.26
CA ASP B 322 -21.70 11.98 0.66
C ASP B 322 -22.04 11.63 2.11
N TRP B 323 -21.70 10.41 2.51
CA TRP B 323 -22.16 9.92 3.81
C TRP B 323 -21.30 10.46 4.94
N THR B 324 -20.03 10.77 4.65
CA THR B 324 -19.25 11.51 5.64
C THR B 324 -19.80 12.95 5.78
N ASP B 325 -20.10 13.61 4.65
CA ASP B 325 -20.77 14.92 4.69
C ASP B 325 -22.02 14.88 5.60
N GLU B 326 -22.87 13.88 5.39
CA GLU B 326 -24.12 13.82 6.15
C GLU B 326 -23.89 13.58 7.63
N PHE B 327 -22.90 12.75 7.94
CA PHE B 327 -22.51 12.51 9.32
C PHE B 327 -22.06 13.82 10.00
N LEU B 328 -21.19 14.58 9.35
CA LEU B 328 -20.71 15.83 9.94
C LEU B 328 -21.80 16.86 10.09
N MET B 329 -22.70 16.95 9.13
CA MET B 329 -23.78 17.94 9.25
C MET B 329 -24.75 17.59 10.37
N LYS B 330 -24.99 16.30 10.56
CA LYS B 330 -25.87 15.87 11.64
C LYS B 330 -25.20 16.10 13.01
N VAL B 331 -23.92 15.80 13.11
CA VAL B 331 -23.19 16.08 14.36
C VAL B 331 -23.19 17.58 14.63
N SER B 332 -22.98 18.37 13.57
CA SER B 332 -23.05 19.82 13.70
C SER B 332 -24.42 20.30 14.21
N GLU B 333 -25.47 19.71 13.63
CA GLU B 333 -26.83 20.03 14.02
C GLU B 333 -27.12 19.68 15.49
N ILE B 334 -26.64 18.52 15.93
CA ILE B 334 -26.94 18.03 17.27
C ILE B 334 -26.21 18.86 18.34
N SER B 335 -24.93 19.12 18.09
CA SER B 335 -24.07 19.75 19.09
C SER B 335 -24.06 21.26 19.04
N GLY B 336 -24.50 21.84 17.93
CA GLY B 336 -24.44 23.28 17.76
C GLY B 336 -23.08 23.78 17.27
N GLN B 337 -22.10 22.90 17.12
CA GLN B 337 -20.79 23.30 16.60
C GLN B 337 -20.76 23.32 15.08
N PRO B 338 -20.21 24.40 14.50
CA PRO B 338 -19.98 24.48 13.06
C PRO B 338 -18.95 23.47 12.59
N ILE B 339 -19.03 23.11 11.32
CA ILE B 339 -17.97 22.29 10.75
C ILE B 339 -16.80 23.22 10.51
N PRO B 340 -15.63 22.88 11.10
CA PRO B 340 -14.44 23.73 11.09
C PRO B 340 -13.74 23.75 9.73
N ALA B 341 -12.98 24.82 9.50
CA ALA B 341 -12.24 25.02 8.24
C ALA B 341 -11.34 23.84 7.92
N SER B 342 -10.76 23.23 8.95
CA SER B 342 -9.83 22.13 8.74
C SER B 342 -10.55 20.92 8.13
N LEU B 343 -11.74 20.59 8.61
CA LEU B 343 -12.47 19.47 8.02
C LEU B 343 -13.01 19.80 6.62
N THR B 344 -13.42 21.04 6.40
CA THR B 344 -13.83 21.48 5.07
C THR B 344 -12.66 21.34 4.09
N LYS B 345 -11.47 21.67 4.56
CA LYS B 345 -10.30 21.55 3.70
C LYS B 345 -9.99 20.09 3.41
N GLU B 346 -10.09 19.24 4.43
CA GLU B 346 -9.90 17.79 4.23
C GLU B 346 -10.85 17.20 3.17
N ARG B 347 -12.12 17.57 3.27
CA ARG B 347 -13.10 17.22 2.26
C ARG B 347 -12.64 17.59 0.83
N GLY B 348 -12.22 18.84 0.67
CA GLY B 348 -11.76 19.35 -0.61
C GLY B 348 -10.51 18.63 -1.11
N ARG B 349 -9.71 18.10 -0.21
CA ARG B 349 -8.52 17.34 -0.60
C ARG B 349 -8.90 15.94 -1.10
N LEU B 350 -9.93 15.34 -0.50
CA LEU B 350 -10.47 14.10 -1.03
C LEU B 350 -11.05 14.34 -2.43
N VAL B 351 -11.81 15.43 -2.59
CA VAL B 351 -12.39 15.72 -3.91
C VAL B 351 -11.26 15.91 -4.93
N ASP B 352 -10.20 16.60 -4.51
CA ASP B 352 -9.05 16.78 -5.40
C ASP B 352 -8.48 15.46 -5.87
N MET B 353 -8.34 14.51 -4.95
CA MET B 353 -7.81 13.21 -5.28
C MET B 353 -8.72 12.50 -6.25
N MET B 354 -10.03 12.64 -6.03
CA MET B 354 -11.01 12.02 -6.91
C MET B 354 -10.84 12.58 -8.33
N THR B 355 -10.70 13.89 -8.45
CA THR B 355 -10.54 14.48 -9.79
C THR B 355 -9.22 14.02 -10.43
N ASP B 356 -8.19 13.85 -9.60
CA ASP B 356 -6.87 13.45 -10.10
C ASP B 356 -6.82 12.01 -10.60
N SER B 357 -7.64 11.14 -10.03
CA SER B 357 -7.52 9.73 -10.34
C SER B 357 -8.71 9.19 -11.15
N HIS B 358 -9.66 10.06 -11.50
CA HIS B 358 -10.95 9.56 -12.04
C HIS B 358 -10.78 8.80 -13.35
N THR B 359 -9.76 9.14 -14.15
CA THR B 359 -9.63 8.49 -15.46
C THR B 359 -9.24 7.03 -15.36
N TRP B 360 -8.46 6.66 -14.34
CA TRP B 360 -8.05 5.27 -14.18
C TRP B 360 -9.14 4.45 -13.46
N LEU B 361 -9.94 5.13 -12.66
CA LEU B 361 -11.04 4.48 -11.94
C LEU B 361 -12.27 4.25 -12.80
N HIS B 362 -12.49 5.12 -13.79
CA HIS B 362 -13.76 5.11 -14.53
C HIS B 362 -14.09 3.74 -15.12
N GLY B 363 -15.29 3.25 -14.80
CA GLY B 363 -15.77 2.03 -15.44
C GLY B 363 -15.14 0.75 -14.94
N LYS B 364 -14.21 0.83 -13.98
CA LYS B 364 -13.62 -0.40 -13.45
C LYS B 364 -14.66 -1.22 -12.69
N ARG B 365 -14.60 -2.55 -12.86
CA ARG B 365 -15.64 -3.46 -12.40
C ARG B 365 -15.14 -4.25 -11.19
N PHE B 366 -15.95 -4.28 -10.15
CA PHE B 366 -15.53 -4.92 -8.91
C PHE B 366 -16.51 -5.96 -8.42
N ALA B 367 -15.98 -7.03 -7.85
CA ALA B 367 -16.75 -7.92 -6.98
C ALA B 367 -16.31 -7.59 -5.56
N LEU B 368 -17.19 -7.73 -4.58
CA LEU B 368 -16.78 -7.38 -3.21
C LEU B 368 -17.67 -8.05 -2.18
N TRP B 369 -17.17 -8.21 -0.95
CA TRP B 369 -17.97 -8.83 0.10
C TRP B 369 -17.54 -8.32 1.45
N GLY B 370 -18.27 -8.70 2.49
CA GLY B 370 -17.98 -8.27 3.83
C GLY B 370 -19.28 -8.08 4.60
N ASP B 371 -19.22 -7.33 5.69
CA ASP B 371 -20.37 -7.12 6.56
C ASP B 371 -21.31 -6.06 5.98
N PRO B 372 -22.60 -6.04 6.41
CA PRO B 372 -23.58 -5.21 5.69
C PRO B 372 -23.27 -3.72 5.61
N ASP B 373 -22.87 -3.10 6.72
CA ASP B 373 -22.63 -1.65 6.67
C ASP B 373 -21.37 -1.35 5.88
N PHE B 374 -20.32 -2.11 6.14
CA PHE B 374 -19.07 -1.99 5.37
C PHE B 374 -19.30 -2.12 3.85
N VAL B 375 -20.00 -3.17 3.46
CA VAL B 375 -20.26 -3.41 2.04
C VAL B 375 -21.07 -2.27 1.40
N MET B 376 -22.11 -1.79 2.07
CA MET B 376 -22.89 -0.72 1.46
C MET B 376 -22.11 0.60 1.38
N GLY B 377 -21.27 0.88 2.37
CA GLY B 377 -20.40 2.05 2.28
C GLY B 377 -19.39 1.94 1.13
N LEU B 378 -18.86 0.75 0.92
CA LEU B 378 -17.93 0.55 -0.17
C LEU B 378 -18.65 0.69 -1.51
N VAL B 379 -19.87 0.16 -1.61
CA VAL B 379 -20.65 0.27 -2.84
C VAL B 379 -20.92 1.74 -3.14
N LYS B 380 -21.34 2.47 -2.13
CA LYS B 380 -21.64 3.88 -2.30
C LYS B 380 -20.40 4.65 -2.79
N PHE B 381 -19.24 4.40 -2.20
CA PHE B 381 -18.06 5.17 -2.57
C PHE B 381 -17.58 4.75 -3.98
N LEU B 382 -17.67 3.47 -4.31
CA LEU B 382 -17.33 3.03 -5.68
C LEU B 382 -18.15 3.78 -6.73
N LEU B 383 -19.47 3.94 -6.49
CA LEU B 383 -20.33 4.72 -7.36
C LEU B 383 -19.87 6.18 -7.47
N GLU B 384 -19.48 6.78 -6.34
CA GLU B 384 -18.96 8.16 -6.33
C GLU B 384 -17.72 8.31 -7.17
N LEU B 385 -16.94 7.24 -7.25
CA LEU B 385 -15.69 7.23 -7.99
C LEU B 385 -15.88 6.92 -9.48
N GLY B 386 -17.11 6.55 -9.88
CA GLY B 386 -17.37 6.25 -11.27
C GLY B 386 -16.96 4.83 -11.61
N CYS B 387 -16.87 3.99 -10.57
CA CYS B 387 -16.62 2.55 -10.70
C CYS B 387 -17.94 1.77 -10.79
N GLU B 388 -17.85 0.53 -11.26
CA GLU B 388 -19.02 -0.33 -11.36
C GLU B 388 -18.93 -1.49 -10.42
N PRO B 389 -19.70 -1.43 -9.33
CA PRO B 389 -19.81 -2.65 -8.54
C PRO B 389 -20.55 -3.65 -9.44
N VAL B 390 -20.15 -4.91 -9.48
CA VAL B 390 -20.87 -5.87 -10.32
C VAL B 390 -21.45 -7.01 -9.49
N HIS B 391 -20.62 -7.56 -8.63
CA HIS B 391 -21.04 -8.65 -7.77
C HIS B 391 -20.88 -8.17 -6.32
N ILE B 392 -22.01 -8.01 -5.64
CA ILE B 392 -22.00 -7.51 -4.28
C ILE B 392 -22.51 -8.61 -3.38
N LEU B 393 -21.65 -9.13 -2.50
CA LEU B 393 -22.05 -10.27 -1.69
C LEU B 393 -21.99 -9.95 -0.21
N CYS B 394 -23.06 -10.27 0.50
CA CYS B 394 -23.05 -10.13 1.94
C CYS B 394 -23.74 -11.36 2.53
N HIS B 395 -22.92 -12.32 2.93
CA HIS B 395 -23.39 -13.62 3.41
C HIS B 395 -24.34 -13.46 4.60
N ASN B 396 -24.00 -12.53 5.49
CA ASN B 396 -24.86 -12.23 6.62
C ASN B 396 -25.80 -11.04 6.41
N GLY B 397 -26.17 -10.70 5.18
CA GLY B 397 -27.12 -9.62 4.95
C GLY B 397 -28.57 -10.11 5.04
N ASN B 398 -29.53 -9.19 5.08
CA ASN B 398 -30.92 -9.59 5.06
C ASN B 398 -31.67 -8.90 3.95
N LYS B 399 -32.93 -9.27 3.76
CA LYS B 399 -33.75 -8.77 2.66
C LYS B 399 -33.94 -7.26 2.67
N ARG B 400 -34.11 -6.68 3.85
CA ARG B 400 -34.31 -5.23 3.90
C ARG B 400 -33.02 -4.52 3.50
N TRP B 401 -31.89 -5.06 3.93
CA TRP B 401 -30.60 -4.46 3.59
C TRP B 401 -30.39 -4.56 2.07
N LYS B 402 -30.70 -5.73 1.50
CA LYS B 402 -30.50 -5.95 0.07
C LYS B 402 -31.32 -4.94 -0.74
N LYS B 403 -32.59 -4.74 -0.38
CA LYS B 403 -33.41 -3.73 -1.04
C LYS B 403 -32.82 -2.31 -0.90
N ALA B 404 -32.25 -2.02 0.26
CA ALA B 404 -31.60 -0.72 0.45
C ALA B 404 -30.38 -0.55 -0.46
N VAL B 405 -29.61 -1.60 -0.65
CA VAL B 405 -28.44 -1.49 -1.52
C VAL B 405 -28.85 -1.44 -3.00
N ASP B 406 -29.87 -2.22 -3.39
CA ASP B 406 -30.43 -2.09 -4.73
C ASP B 406 -30.88 -0.67 -5.06
N ALA B 407 -31.43 0.01 -4.06
CA ALA B 407 -31.90 1.37 -4.28
C ALA B 407 -30.72 2.33 -4.50
N ILE B 408 -29.64 2.11 -3.79
CA ILE B 408 -28.43 2.94 -3.93
C ILE B 408 -27.83 2.74 -5.34
N LEU B 409 -27.79 1.49 -5.76
CA LEU B 409 -27.34 1.13 -7.10
C LEU B 409 -28.18 1.77 -8.19
N ALA B 410 -29.50 1.73 -8.01
CA ALA B 410 -30.42 2.28 -8.99
C ALA B 410 -30.29 3.79 -9.12
N ALA B 411 -29.74 4.44 -8.09
CA ALA B 411 -29.70 5.89 -8.11
C ALA B 411 -28.49 6.39 -8.92
N SER B 412 -27.62 5.47 -9.35
CA SER B 412 -26.45 5.84 -10.14
C SER B 412 -26.37 5.08 -11.47
N PRO B 413 -26.07 5.78 -12.57
CA PRO B 413 -25.83 5.03 -13.81
C PRO B 413 -24.68 4.03 -13.69
N TYR B 414 -23.81 4.16 -12.68
CA TYR B 414 -22.75 3.16 -12.52
C TYR B 414 -23.22 1.90 -11.77
N GLY B 415 -24.49 1.85 -11.35
CA GLY B 415 -24.97 0.67 -10.65
C GLY B 415 -25.80 -0.25 -11.52
N LYS B 416 -25.81 -0.02 -12.83
CA LYS B 416 -26.71 -0.73 -13.75
C LYS B 416 -26.35 -2.20 -14.01
N ASN B 417 -25.09 -2.58 -13.80
CA ASN B 417 -24.68 -3.97 -14.02
C ASN B 417 -24.46 -4.74 -12.72
N ALA B 418 -25.00 -4.21 -11.63
CA ALA B 418 -24.70 -4.76 -10.32
C ALA B 418 -25.84 -5.66 -9.81
N THR B 419 -25.45 -6.73 -9.12
CA THR B 419 -26.41 -7.58 -8.42
C THR B 419 -25.93 -7.75 -6.99
N VAL B 420 -26.87 -7.70 -6.06
CA VAL B 420 -26.63 -7.89 -4.63
C VAL B 420 -27.04 -9.30 -4.20
N TYR B 421 -26.15 -10.02 -3.54
CA TYR B 421 -26.44 -11.39 -3.10
C TYR B 421 -26.45 -11.44 -1.58
N ILE B 422 -27.49 -12.04 -0.99
CA ILE B 422 -27.44 -12.28 0.46
C ILE B 422 -27.55 -13.79 0.69
N GLY B 423 -26.96 -14.28 1.77
CA GLY B 423 -27.04 -15.70 2.09
C GLY B 423 -26.21 -16.57 1.15
N LYS B 424 -25.38 -15.96 0.32
CA LYS B 424 -24.51 -16.68 -0.59
C LYS B 424 -23.05 -16.61 -0.06
N ASP B 425 -22.21 -17.56 -0.46
CA ASP B 425 -20.87 -17.65 0.10
C ASP B 425 -19.78 -17.42 -0.95
N LEU B 426 -18.54 -17.66 -0.56
CA LEU B 426 -17.43 -17.34 -1.44
C LEU B 426 -17.26 -18.41 -2.55
N TRP B 427 -17.94 -19.55 -2.42
CA TRP B 427 -17.95 -20.52 -3.53
C TRP B 427 -18.95 -20.06 -4.61
N HIS B 428 -20.05 -19.48 -4.18
CA HIS B 428 -20.93 -18.75 -5.10
C HIS B 428 -20.16 -17.62 -5.80
N LEU B 429 -19.43 -16.84 -4.99
CA LEU B 429 -18.76 -15.68 -5.56
C LEU B 429 -17.71 -16.14 -6.56
N ARG B 430 -17.09 -17.28 -6.27
CA ARG B 430 -16.12 -17.86 -7.20
C ARG B 430 -16.72 -18.04 -8.61
N SER B 431 -17.89 -18.66 -8.68
CA SER B 431 -18.57 -18.86 -9.95
C SER B 431 -18.80 -17.53 -10.69
N LEU B 432 -19.28 -16.54 -9.94
CA LEU B 432 -19.56 -15.22 -10.49
C LEU B 432 -18.36 -14.57 -11.18
N VAL B 433 -17.18 -14.66 -10.56
CA VAL B 433 -15.99 -13.99 -11.13
C VAL B 433 -15.42 -14.78 -12.31
N PHE B 434 -15.84 -16.03 -12.49
CA PHE B 434 -15.54 -16.76 -13.71
C PHE B 434 -16.55 -16.44 -14.83
N THR B 435 -17.85 -16.45 -14.53
CA THR B 435 -18.86 -16.35 -15.61
C THR B 435 -19.10 -14.91 -16.03
N ASP B 436 -18.80 -13.98 -15.14
CA ASP B 436 -19.01 -12.56 -15.42
C ASP B 436 -17.84 -11.78 -14.80
N LYS B 437 -16.67 -11.94 -15.43
CA LYS B 437 -15.41 -11.54 -14.84
C LYS B 437 -15.30 -10.05 -14.57
N PRO B 438 -15.02 -9.68 -13.31
CA PRO B 438 -14.74 -8.27 -13.01
C PRO B 438 -13.24 -7.96 -13.15
N ASP B 439 -12.85 -6.71 -12.95
CA ASP B 439 -11.44 -6.38 -13.00
C ASP B 439 -10.73 -6.77 -11.71
N PHE B 440 -11.38 -6.51 -10.59
CA PHE B 440 -10.83 -6.82 -9.27
C PHE B 440 -11.88 -7.36 -8.31
N MET B 441 -11.40 -8.02 -7.26
CA MET B 441 -12.18 -8.35 -6.05
C MET B 441 -11.73 -7.45 -4.91
N ILE B 442 -12.67 -6.98 -4.11
CA ILE B 442 -12.35 -6.31 -2.87
C ILE B 442 -12.92 -7.16 -1.75
N GLY B 443 -12.06 -7.71 -0.90
CA GLY B 443 -12.53 -8.64 0.11
C GLY B 443 -11.45 -8.96 1.11
N ASN B 444 -11.69 -9.98 1.94
CA ASN B 444 -10.72 -10.34 2.98
C ASN B 444 -9.79 -11.42 2.48
N SER B 445 -8.95 -11.96 3.37
CA SER B 445 -7.90 -12.90 2.93
C SER B 445 -8.42 -14.19 2.30
N TYR B 446 -9.66 -14.59 2.60
CA TYR B 446 -10.24 -15.78 1.99
C TYR B 446 -10.36 -15.64 0.49
N GLY B 447 -10.30 -14.40 0.02
CA GLY B 447 -10.38 -14.18 -1.40
C GLY B 447 -9.14 -14.66 -2.14
N LYS B 448 -8.04 -14.93 -1.42
CA LYS B 448 -6.82 -15.29 -2.15
C LYS B 448 -7.02 -16.60 -2.91
N PHE B 449 -7.90 -17.49 -2.40
CA PHE B 449 -8.06 -18.78 -3.06
C PHE B 449 -8.86 -18.66 -4.36
N ILE B 450 -9.73 -17.67 -4.40
CA ILE B 450 -10.43 -17.33 -5.64
C ILE B 450 -9.42 -16.77 -6.66
N GLN B 451 -8.56 -15.86 -6.25
CA GLN B 451 -7.56 -15.36 -7.19
C GLN B 451 -6.74 -16.49 -7.74
N ARG B 452 -6.33 -17.42 -6.88
CA ARG B 452 -5.56 -18.60 -7.29
C ARG B 452 -6.33 -19.43 -8.31
N ASP B 453 -7.61 -19.70 -8.04
CA ASP B 453 -8.46 -20.43 -8.99
C ASP B 453 -8.54 -19.70 -10.34
N THR B 454 -8.72 -18.38 -10.32
CA THR B 454 -8.88 -17.68 -11.60
C THR B 454 -7.58 -17.69 -12.40
N LEU B 455 -6.43 -17.60 -11.74
CA LEU B 455 -5.16 -17.66 -12.48
C LEU B 455 -4.97 -19.02 -13.16
N HIS B 456 -5.43 -20.08 -12.52
CA HIS B 456 -5.25 -21.42 -13.09
C HIS B 456 -6.00 -21.57 -14.41
N LYS B 457 -7.13 -20.89 -14.55
CA LYS B 457 -7.80 -20.85 -15.85
C LYS B 457 -6.92 -20.15 -16.90
N GLY B 458 -6.20 -19.12 -16.47
CA GLY B 458 -5.32 -18.38 -17.37
C GLY B 458 -5.02 -16.98 -16.83
N LYS B 459 -3.83 -16.46 -17.17
CA LYS B 459 -3.43 -15.13 -16.72
C LYS B 459 -4.48 -14.10 -17.15
N GLU B 460 -5.08 -14.27 -18.34
CA GLU B 460 -6.06 -13.29 -18.81
C GLU B 460 -7.39 -13.41 -18.06
N PHE B 461 -7.56 -14.47 -17.29
CA PHE B 461 -8.78 -14.66 -16.47
C PHE B 461 -8.56 -14.32 -14.99
N GLU B 462 -7.31 -14.06 -14.61
CA GLU B 462 -7.01 -13.80 -13.21
C GLU B 462 -7.73 -12.54 -12.73
N VAL B 463 -8.28 -12.60 -11.52
CA VAL B 463 -8.97 -11.48 -10.89
C VAL B 463 -8.18 -11.16 -9.60
N PRO B 464 -7.41 -10.07 -9.60
CA PRO B 464 -6.58 -9.81 -8.40
C PRO B 464 -7.42 -9.42 -7.18
N LEU B 465 -7.02 -9.90 -6.01
CA LEU B 465 -7.68 -9.52 -4.77
C LEU B 465 -7.13 -8.20 -4.20
N ILE B 466 -8.03 -7.30 -3.80
CA ILE B 466 -7.64 -6.11 -3.04
C ILE B 466 -8.13 -6.31 -1.61
N ARG B 467 -7.21 -6.36 -0.65
CA ARG B 467 -7.58 -6.74 0.72
C ARG B 467 -8.11 -5.57 1.53
N ILE B 468 -9.43 -5.56 1.71
CA ILE B 468 -10.10 -4.57 2.56
C ILE B 468 -11.24 -5.29 3.25
N GLY B 469 -11.24 -5.30 4.57
CA GLY B 469 -12.24 -6.05 5.33
C GLY B 469 -11.63 -6.86 6.47
N PHE B 470 -12.30 -7.95 6.82
CA PHE B 470 -11.91 -8.73 7.99
C PHE B 470 -12.31 -10.18 7.75
N PRO B 471 -11.42 -11.15 8.07
CA PRO B 471 -10.06 -10.92 8.60
C PRO B 471 -8.99 -10.76 7.51
N ILE B 472 -7.90 -10.07 7.84
CA ILE B 472 -6.77 -10.02 6.92
C ILE B 472 -5.62 -10.66 7.66
N PHE B 473 -5.18 -11.82 7.18
CA PHE B 473 -4.23 -12.67 7.89
C PHE B 473 -2.89 -12.78 7.16
N ASP B 474 -2.88 -12.45 5.86
CA ASP B 474 -1.73 -12.78 5.01
C ASP B 474 -1.01 -11.51 4.54
N ARG B 475 -1.37 -10.38 5.14
CA ARG B 475 -0.53 -9.18 5.10
C ARG B 475 -0.36 -8.68 6.55
N HIS B 476 0.63 -7.83 6.79
CA HIS B 476 0.89 -7.32 8.14
C HIS B 476 0.44 -5.89 8.32
N HIS B 477 -0.20 -5.63 9.45
CA HIS B 477 -0.49 -4.30 9.95
C HIS B 477 -1.52 -3.50 9.16
N LEU B 478 -2.30 -4.17 8.30
CA LEU B 478 -3.36 -3.47 7.60
C LEU B 478 -4.51 -3.10 8.55
N HIS B 479 -4.58 -3.74 9.71
CA HIS B 479 -5.61 -3.39 10.72
C HIS B 479 -5.43 -1.97 11.26
N ARG B 480 -4.31 -1.35 10.95
CA ARG B 480 -4.04 0.02 11.37
C ARG B 480 -4.67 1.07 10.44
N SER B 481 -5.17 0.62 9.29
CA SER B 481 -5.76 1.50 8.29
C SER B 481 -7.08 2.12 8.74
N THR B 482 -7.61 2.97 7.89
CA THR B 482 -8.90 3.68 8.09
C THR B 482 -9.80 3.44 6.90
N THR B 483 -11.09 3.15 7.10
CA THR B 483 -12.07 3.14 6.01
C THR B 483 -13.18 4.19 6.16
N LEU B 484 -13.30 4.79 7.35
CA LEU B 484 -14.36 5.78 7.60
C LEU B 484 -13.86 7.19 7.33
N GLY B 485 -14.80 8.09 7.05
CA GLY B 485 -14.51 9.51 6.95
C GLY B 485 -13.78 9.88 5.67
N TYR B 486 -13.32 11.14 5.57
CA TYR B 486 -12.56 11.56 4.41
C TYR B 486 -11.20 10.85 4.38
N GLU B 487 -10.63 10.63 5.55
CA GLU B 487 -9.34 9.95 5.66
C GLU B 487 -9.42 8.50 5.15
N GLY B 488 -10.47 7.80 5.53
CA GLY B 488 -10.65 6.44 5.07
C GLY B 488 -10.94 6.39 3.57
N ALA B 489 -11.75 7.34 3.09
CA ALA B 489 -12.00 7.42 1.64
C ALA B 489 -10.71 7.67 0.86
N MET B 490 -9.81 8.51 1.40
CA MET B 490 -8.52 8.76 0.73
C MET B 490 -7.69 7.47 0.68
N GLN B 491 -7.68 6.73 1.78
CA GLN B 491 -6.92 5.48 1.83
C GLN B 491 -7.49 4.46 0.87
N ILE B 492 -8.82 4.36 0.83
CA ILE B 492 -9.45 3.40 -0.09
C ILE B 492 -9.18 3.79 -1.54
N LEU B 493 -9.38 5.06 -1.87
CA LEU B 493 -9.19 5.54 -3.24
C LEU B 493 -7.75 5.24 -3.71
N THR B 494 -6.79 5.61 -2.87
CA THR B 494 -5.38 5.34 -3.16
C THR B 494 -5.13 3.83 -3.40
N THR B 495 -5.68 2.98 -2.54
CA THR B 495 -5.52 1.53 -2.69
C THR B 495 -6.13 1.03 -4.01
N LEU B 496 -7.30 1.54 -4.38
CA LEU B 496 -7.95 1.13 -5.63
C LEU B 496 -7.17 1.57 -6.86
N VAL B 497 -6.84 2.87 -6.96
CA VAL B 497 -6.21 3.34 -8.19
C VAL B 497 -4.82 2.70 -8.32
N ASN B 498 -4.13 2.51 -7.21
CA ASN B 498 -2.80 1.91 -7.34
C ASN B 498 -2.86 0.39 -7.50
N SER B 499 -3.96 -0.24 -7.09
CA SER B 499 -4.15 -1.63 -7.49
C SER B 499 -4.32 -1.73 -9.02
N ILE B 500 -5.08 -0.80 -9.58
CA ILE B 500 -5.31 -0.76 -11.03
C ILE B 500 -3.99 -0.55 -11.78
N LEU B 501 -3.21 0.42 -11.32
CA LEU B 501 -1.95 0.77 -11.97
C LEU B 501 -0.88 -0.31 -11.80
N GLU B 502 -0.89 -0.98 -10.65
CA GLU B 502 0.02 -2.08 -10.40
C GLU B 502 -0.28 -3.22 -11.40
N ARG B 503 -1.55 -3.49 -11.64
CA ARG B 503 -1.92 -4.56 -12.57
C ARG B 503 -1.58 -4.18 -14.02
N LEU B 504 -1.83 -2.94 -14.39
CA LEU B 504 -1.50 -2.46 -15.72
C LEU B 504 0.02 -2.55 -15.96
N ASP B 505 0.82 -2.17 -14.97
CA ASP B 505 2.27 -2.33 -15.12
C ASP B 505 2.64 -3.80 -15.30
N GLU B 506 2.01 -4.68 -14.54
CA GLU B 506 2.31 -6.12 -14.69
C GLU B 506 1.96 -6.57 -16.12
N GLU B 507 0.81 -6.15 -16.62
CA GLU B 507 0.36 -6.55 -17.96
C GLU B 507 1.18 -5.90 -19.08
N THR B 508 1.88 -4.81 -18.80
CA THR B 508 2.68 -4.11 -19.82
C THR B 508 4.20 -4.29 -19.57
N ARG B 509 4.58 -5.27 -18.77
CA ARG B 509 6.01 -5.43 -18.44
C ARG B 509 6.74 -6.34 -19.44
N GLY B 510 6.09 -6.71 -20.53
CA GLY B 510 6.67 -7.67 -21.46
C GLY B 510 7.55 -7.03 -22.51
N MET B 511 8.86 -7.27 -22.40
CA MET B 511 9.85 -6.67 -23.31
C MET B 511 9.50 -6.88 -24.77
N GLN B 512 9.39 -5.79 -25.53
CA GLN B 512 9.08 -5.85 -26.96
C GLN B 512 7.78 -6.59 -27.24
N ALA B 513 6.86 -6.60 -26.29
CA ALA B 513 5.56 -7.24 -26.55
C ALA B 513 4.43 -6.34 -26.09
N THR B 514 4.40 -6.04 -24.80
CA THR B 514 3.39 -5.16 -24.24
C THR B 514 4.00 -3.90 -23.66
N ASP B 515 5.33 -3.80 -23.66
CA ASP B 515 5.92 -2.67 -22.93
C ASP B 515 5.88 -1.37 -23.71
N TYR B 516 5.30 -1.35 -24.90
CA TYR B 516 5.04 -0.08 -25.57
C TYR B 516 4.13 0.81 -24.69
N ASN B 517 3.34 0.18 -23.80
CA ASN B 517 2.45 0.92 -22.90
C ASN B 517 2.95 0.88 -21.44
N HIS B 518 4.25 0.62 -21.25
CA HIS B 518 4.81 0.61 -19.89
C HIS B 518 5.27 2.07 -19.52
N ASP B 519 4.30 2.98 -19.45
CA ASP B 519 4.55 4.42 -19.30
C ASP B 519 5.22 4.74 -17.96
N LEU B 520 6.23 5.58 -18.00
CA LEU B 520 6.78 6.19 -16.78
C LEU B 520 5.73 7.00 -16.02
N VAL B 521 4.95 7.77 -16.76
CA VAL B 521 4.01 8.70 -16.15
C VAL B 521 2.57 8.21 -16.35
N ARG B 522 1.82 8.07 -15.24
CA ARG B 522 0.41 7.68 -15.28
C ARG B 522 -0.44 8.68 -14.49
N MET C 1 -20.03 34.95 -26.21
CA MET C 1 -20.56 35.33 -27.51
C MET C 1 -20.50 36.85 -27.70
N SER C 2 -20.76 37.29 -28.92
CA SER C 2 -20.78 38.71 -29.33
C SER C 2 -19.37 39.31 -29.45
N ARG C 3 -19.04 39.81 -30.63
CA ARG C 3 -17.70 40.27 -30.91
C ARG C 3 -17.28 41.41 -29.99
N GLU C 4 -18.21 42.31 -29.72
CA GLU C 4 -17.97 43.46 -28.85
C GLU C 4 -17.69 42.99 -27.40
N GLU C 5 -18.39 41.94 -26.96
CA GLU C 5 -18.20 41.46 -25.60
C GLU C 5 -16.86 40.75 -25.43
N VAL C 6 -16.43 40.01 -26.46
CA VAL C 6 -15.15 39.33 -26.41
C VAL C 6 -14.02 40.36 -26.46
N GLU C 7 -14.18 41.37 -27.31
CA GLU C 7 -13.19 42.47 -27.39
C GLU C 7 -13.07 43.19 -26.05
N SER C 8 -14.22 43.38 -25.40
CA SER C 8 -14.25 43.99 -24.09
C SER C 8 -13.53 43.11 -23.06
N LEU C 9 -13.75 41.81 -23.15
CA LEU C 9 -13.08 40.86 -22.26
C LEU C 9 -11.56 40.91 -22.43
N ILE C 10 -11.10 41.01 -23.66
CA ILE C 10 -9.68 41.07 -23.90
C ILE C 10 -9.07 42.31 -23.23
N GLN C 11 -9.72 43.44 -23.40
CA GLN C 11 -9.20 44.70 -22.85
C GLN C 11 -9.19 44.70 -21.32
N GLU C 12 -10.25 44.18 -20.68
CA GLU C 12 -10.28 44.07 -19.23
C GLU C 12 -9.15 43.22 -18.68
N VAL C 13 -8.91 42.09 -19.33
CA VAL C 13 -7.85 41.20 -18.84
C VAL C 13 -6.50 41.90 -18.95
N LEU C 14 -6.30 42.63 -20.04
CA LEU C 14 -5.01 43.32 -20.30
C LEU C 14 -4.67 44.45 -19.31
N GLU C 15 -5.68 44.95 -18.59
CA GLU C 15 -5.51 46.12 -17.73
C GLU C 15 -4.50 45.90 -16.59
N VAL C 16 -4.24 44.64 -16.24
CA VAL C 16 -3.34 44.32 -15.14
C VAL C 16 -1.86 44.58 -15.47
N TYR C 17 -1.53 44.51 -16.76
CA TYR C 17 -0.13 44.53 -17.24
C TYR C 17 0.52 45.90 -17.21
N PRO C 18 1.83 45.98 -16.91
CA PRO C 18 2.56 47.22 -17.23
C PRO C 18 2.49 47.52 -18.71
N GLU C 19 2.70 48.78 -19.07
CA GLU C 19 2.43 49.25 -20.43
C GLU C 19 3.12 48.47 -21.55
N LYS C 20 4.40 48.17 -21.38
CA LYS C 20 5.14 47.42 -22.40
C LYS C 20 4.52 46.04 -22.66
N ALA C 21 4.23 45.29 -21.59
CA ALA C 21 3.63 43.99 -21.76
C ALA C 21 2.21 44.13 -22.31
N ARG C 22 1.48 45.16 -21.88
CA ARG C 22 0.10 45.32 -22.32
C ARG C 22 0.04 45.52 -23.85
N LYS C 23 0.90 46.39 -24.36
CA LYS C 23 0.92 46.68 -25.78
C LYS C 23 1.26 45.43 -26.55
N ASP C 24 2.19 44.65 -26.03
CA ASP C 24 2.61 43.43 -26.71
C ASP C 24 1.53 42.36 -26.73
N ARG C 25 0.99 42.04 -25.56
CA ARG C 25 -0.01 40.99 -25.44
C ARG C 25 -1.28 41.30 -26.23
N ASN C 26 -1.63 42.59 -26.34
CA ASN C 26 -2.81 42.97 -27.13
C ASN C 26 -2.77 42.41 -28.57
N LYS C 27 -1.55 42.27 -29.10
CA LYS C 27 -1.32 41.82 -30.45
C LYS C 27 -1.42 40.30 -30.62
N HIS C 28 -1.47 39.57 -29.51
CA HIS C 28 -1.45 38.11 -29.54
C HIS C 28 -2.82 37.54 -29.16
N LEU C 29 -3.81 38.40 -29.07
CA LEU C 29 -5.16 37.99 -28.68
C LEU C 29 -6.13 38.50 -29.74
N ALA C 30 -7.05 37.66 -30.20
CA ALA C 30 -7.93 38.08 -31.29
C ALA C 30 -9.33 37.48 -31.22
N VAL C 31 -10.31 38.21 -31.72
CA VAL C 31 -11.66 37.70 -31.90
C VAL C 31 -11.77 37.13 -33.31
N ASN C 32 -11.94 35.82 -33.42
CA ASN C 32 -11.90 35.18 -34.73
C ASN C 32 -12.86 35.71 -35.76
N ASP C 33 -12.38 35.80 -37.00
CA ASP C 33 -13.21 36.07 -38.16
C ASP C 33 -12.90 35.03 -39.22
N PRO C 34 -13.82 34.07 -39.43
CA PRO C 34 -13.62 32.92 -40.32
C PRO C 34 -13.27 33.29 -41.77
N ALA C 35 -13.65 34.49 -42.20
CA ALA C 35 -13.42 34.90 -43.59
C ALA C 35 -12.01 35.45 -43.85
N VAL C 36 -11.27 35.77 -42.78
CA VAL C 36 -9.91 36.28 -42.91
C VAL C 36 -8.98 35.18 -43.43
N THR C 37 -8.21 35.48 -44.47
CA THR C 37 -7.28 34.48 -45.04
C THR C 37 -5.83 34.82 -44.69
N GLN C 38 -5.56 36.08 -44.37
CA GLN C 38 -4.26 36.52 -43.89
C GLN C 38 -4.32 36.86 -42.41
N SER C 39 -3.99 35.89 -41.57
CA SER C 39 -4.13 36.05 -40.13
C SER C 39 -3.25 37.16 -39.55
N LYS C 40 -2.27 37.63 -40.32
CA LYS C 40 -1.38 38.66 -39.82
C LYS C 40 -2.11 39.97 -39.60
N LYS C 41 -3.26 40.13 -40.24
CA LYS C 41 -4.09 41.32 -40.04
C LYS C 41 -4.87 41.27 -38.72
N CYS C 42 -4.82 40.14 -38.04
CA CYS C 42 -5.64 39.93 -36.83
C CYS C 42 -4.83 39.54 -35.61
N ILE C 43 -3.70 38.88 -35.83
CA ILE C 43 -2.95 38.30 -34.72
C ILE C 43 -1.49 38.09 -35.11
N ILE C 44 -0.62 38.28 -34.14
CA ILE C 44 0.82 38.14 -34.33
C ILE C 44 1.30 36.92 -33.57
N SER C 45 2.32 36.25 -34.06
CA SER C 45 2.74 35.01 -33.44
C SER C 45 4.24 34.81 -33.62
N ASN C 46 4.76 33.79 -32.93
CA ASN C 46 6.16 33.41 -33.07
C ASN C 46 7.08 34.58 -32.76
N LYS C 47 6.75 35.29 -31.68
CA LYS C 47 7.60 36.36 -31.16
C LYS C 47 8.04 35.96 -29.76
N LYS C 48 9.07 36.63 -29.25
CA LYS C 48 9.59 36.29 -27.94
C LYS C 48 8.48 36.49 -26.87
N SER C 49 8.56 35.69 -25.80
CA SER C 49 7.63 35.81 -24.68
C SER C 49 8.00 37.01 -23.80
N GLN C 50 7.00 37.66 -23.19
CA GLN C 50 7.28 38.72 -22.22
C GLN C 50 7.82 38.10 -20.92
N PRO C 51 8.88 38.66 -20.38
CA PRO C 51 9.47 38.13 -19.13
C PRO C 51 8.49 38.15 -17.94
N GLY C 52 8.52 37.10 -17.12
CA GLY C 52 7.80 37.09 -15.87
C GLY C 52 6.29 36.84 -15.95
N LEU C 53 5.76 36.49 -17.12
CA LEU C 53 4.31 36.34 -17.27
C LEU C 53 3.81 34.88 -17.26
N MET C 54 4.70 33.93 -17.03
CA MET C 54 4.35 32.51 -16.89
C MET C 54 3.80 31.95 -18.19
N THR C 55 4.60 32.11 -19.24
CA THR C 55 4.34 31.41 -20.47
C THR C 55 4.36 29.91 -20.24
N ILE C 56 3.71 29.20 -21.14
CA ILE C 56 3.60 27.76 -21.08
C ILE C 56 4.68 27.14 -21.99
N ARG C 57 5.33 28.00 -22.76
CA ARG C 57 6.33 27.55 -23.74
C ARG C 57 7.56 26.83 -23.17
N GLY C 58 8.12 25.95 -23.98
CA GLY C 58 9.42 25.36 -23.74
C GLY C 58 10.52 25.97 -24.59
N CYS C 59 11.58 25.20 -24.80
CA CYS C 59 12.78 25.72 -25.47
C CYS C 59 13.15 24.93 -26.72
N ALA C 60 14.16 25.39 -27.45
CA ALA C 60 14.60 24.73 -28.68
C ALA C 60 15.06 23.29 -28.47
N TYR C 61 15.58 22.98 -27.28
CA TYR C 61 16.03 21.61 -27.00
C TYR C 61 14.81 20.67 -26.88
N ALA C 62 13.74 21.16 -26.27
CA ALA C 62 12.50 20.40 -26.23
C ALA C 62 12.00 20.10 -27.66
N GLY C 63 12.02 21.11 -28.54
CA GLY C 63 11.59 20.97 -29.92
C GLY C 63 12.48 20.01 -30.71
N SER C 64 13.75 19.90 -30.36
CA SER C 64 14.66 19.06 -31.11
C SER C 64 14.80 17.67 -30.51
N LYS C 65 15.25 17.60 -29.25
CA LYS C 65 15.44 16.32 -28.56
C LYS C 65 14.10 15.71 -28.20
N GLY C 66 13.26 16.49 -27.52
CA GLY C 66 12.02 15.93 -26.99
C GLY C 66 11.05 15.54 -28.08
N VAL C 67 11.04 16.30 -29.18
CA VAL C 67 9.98 16.17 -30.18
C VAL C 67 10.43 15.43 -31.44
N VAL C 68 11.47 15.96 -32.11
CA VAL C 68 11.83 15.41 -33.41
C VAL C 68 12.78 14.20 -33.33
N TRP C 69 13.89 14.35 -32.62
CA TRP C 69 14.92 13.30 -32.61
C TRP C 69 14.65 12.16 -31.62
N GLY C 70 14.25 12.51 -30.40
CA GLY C 70 13.99 11.55 -29.32
C GLY C 70 13.22 10.29 -29.67
N PRO C 71 12.16 10.40 -30.49
CA PRO C 71 11.41 9.18 -30.84
C PRO C 71 12.14 8.20 -31.73
N ILE C 72 13.19 8.65 -32.43
CA ILE C 72 13.87 7.75 -33.36
C ILE C 72 14.51 6.64 -32.55
N LYS C 73 14.04 5.41 -32.78
CA LYS C 73 14.14 4.42 -31.72
C LYS C 73 15.45 3.64 -31.70
N ASP C 74 16.12 3.48 -32.83
CA ASP C 74 17.34 2.66 -32.84
C ASP C 74 18.60 3.53 -32.86
N MET C 75 18.41 4.82 -32.59
CA MET C 75 19.52 5.73 -32.36
C MET C 75 19.64 6.07 -30.89
N ILE C 76 20.85 6.44 -30.47
CA ILE C 76 21.08 6.96 -29.12
C ILE C 76 21.22 8.49 -29.13
N HIS C 77 20.36 9.17 -28.38
CA HIS C 77 20.38 10.64 -28.33
C HIS C 77 21.03 11.12 -27.05
N ILE C 78 22.11 11.88 -27.20
CA ILE C 78 22.83 12.38 -26.05
C ILE C 78 22.31 13.76 -25.67
N SER C 79 21.85 13.91 -24.43
CA SER C 79 21.57 15.25 -23.93
C SER C 79 22.90 15.83 -23.43
N HIS C 80 23.45 16.75 -24.21
CA HIS C 80 24.84 17.18 -24.04
C HIS C 80 24.87 18.49 -23.25
N GLY C 81 25.40 18.43 -22.04
CA GLY C 81 25.30 19.53 -21.10
C GLY C 81 25.03 19.02 -19.70
N PRO C 82 24.60 19.91 -18.80
CA PRO C 82 24.29 19.49 -17.43
C PRO C 82 23.09 18.54 -17.34
N VAL C 83 22.93 17.97 -16.16
CA VAL C 83 22.02 16.84 -16.00
C VAL C 83 20.51 17.18 -16.11
N GLY C 84 20.11 18.42 -15.90
CA GLY C 84 18.67 18.70 -15.80
C GLY C 84 17.84 18.34 -17.04
N CYS C 85 18.25 18.83 -18.21
CA CYS C 85 17.37 18.78 -19.38
C CYS C 85 16.90 17.38 -19.71
N GLY C 86 17.87 16.49 -19.78
CA GLY C 86 17.64 15.10 -20.13
C GLY C 86 16.81 14.40 -19.08
N GLN C 87 16.92 14.83 -17.83
CA GLN C 87 16.18 14.18 -16.76
C GLN C 87 14.70 14.58 -16.76
N TYR C 88 14.41 15.87 -16.92
CA TYR C 88 13.02 16.29 -16.95
C TYR C 88 12.32 15.79 -18.20
N SER C 89 13.06 15.54 -19.26
CA SER C 89 12.37 15.11 -20.47
C SER C 89 12.40 13.59 -20.63
N ARG C 90 12.98 12.87 -19.68
CA ARG C 90 13.08 11.42 -19.84
C ARG C 90 11.71 10.75 -19.78
N ALA C 91 11.30 10.15 -20.89
CA ALA C 91 10.03 9.43 -20.99
C ALA C 91 8.80 10.28 -20.62
N GLY C 92 8.89 11.61 -20.79
CA GLY C 92 7.76 12.49 -20.53
C GLY C 92 6.72 12.46 -21.66
N ARG C 93 7.19 12.21 -22.86
CA ARG C 93 6.33 12.23 -24.05
C ARG C 93 6.11 10.81 -24.57
N ARG C 94 4.86 10.49 -24.84
CA ARG C 94 4.46 9.10 -25.07
C ARG C 94 4.63 8.72 -26.53
N ASN C 95 5.85 8.94 -27.05
CA ASN C 95 6.12 8.59 -28.46
C ASN C 95 6.44 7.10 -28.55
N TYR C 96 5.39 6.32 -28.78
CA TYR C 96 5.45 4.86 -28.67
C TYR C 96 6.31 4.19 -29.74
N TYR C 97 6.89 3.05 -29.39
CA TYR C 97 7.77 2.33 -30.29
C TYR C 97 7.79 0.87 -29.93
N ILE C 98 8.22 0.05 -30.87
CA ILE C 98 8.45 -1.37 -30.63
C ILE C 98 9.94 -1.63 -30.65
N GLY C 99 10.48 -2.17 -29.57
CA GLY C 99 11.88 -2.55 -29.56
C GLY C 99 12.31 -3.17 -28.23
N THR C 100 13.58 -3.52 -28.12
CA THR C 100 14.15 -4.11 -26.93
C THR C 100 15.03 -3.06 -26.30
N THR C 101 14.48 -2.39 -25.29
CA THR C 101 15.06 -1.15 -24.82
C THR C 101 16.33 -1.40 -24.04
N GLY C 102 17.37 -0.63 -24.37
CA GLY C 102 18.68 -0.88 -23.83
C GLY C 102 19.53 -1.77 -24.72
N VAL C 103 18.89 -2.39 -25.72
CA VAL C 103 19.63 -3.34 -26.56
C VAL C 103 19.62 -2.88 -28.03
N ASN C 104 18.44 -2.81 -28.67
CA ASN C 104 18.38 -2.29 -30.03
C ASN C 104 17.54 -1.00 -30.16
N ALA C 105 16.91 -0.56 -29.06
CA ALA C 105 16.11 0.66 -29.05
C ALA C 105 16.37 1.39 -27.76
N PHE C 106 16.24 2.71 -27.73
CA PHE C 106 16.82 3.46 -26.61
C PHE C 106 15.94 4.65 -26.17
N VAL C 107 14.68 4.66 -26.59
CA VAL C 107 13.83 5.87 -26.48
C VAL C 107 13.57 6.36 -25.05
N THR C 108 13.31 5.43 -24.14
CA THR C 108 12.96 5.82 -22.75
C THR C 108 14.18 6.06 -21.88
N MET C 109 15.36 5.80 -22.42
CA MET C 109 16.59 6.02 -21.66
C MET C 109 17.05 7.49 -21.71
N ASN C 110 17.80 7.91 -20.71
CA ASN C 110 18.37 9.27 -20.67
C ASN C 110 19.89 9.16 -20.77
N PHE C 111 20.43 9.40 -21.96
CA PHE C 111 21.89 9.48 -22.12
C PHE C 111 22.33 10.93 -21.98
N THR C 112 23.39 11.16 -21.21
CA THR C 112 23.84 12.54 -20.99
C THR C 112 25.34 12.63 -20.69
N SER C 113 25.93 13.78 -20.98
CA SER C 113 27.33 13.99 -20.62
C SER C 113 27.47 14.59 -19.21
N ASP C 114 26.35 14.83 -18.52
CA ASP C 114 26.32 15.27 -17.10
C ASP C 114 27.40 16.31 -16.78
N PHE C 115 27.38 17.43 -17.52
CA PHE C 115 28.41 18.46 -17.37
C PHE C 115 28.62 18.92 -15.94
N GLN C 116 29.88 18.95 -15.52
CA GLN C 116 30.26 19.52 -14.24
C GLN C 116 30.96 20.85 -14.46
N GLU C 117 31.27 21.58 -13.38
CA GLU C 117 31.91 22.88 -13.52
C GLU C 117 33.21 22.79 -14.33
N LYS C 118 34.00 21.73 -14.16
CA LYS C 118 35.24 21.63 -14.94
C LYS C 118 34.97 21.51 -16.44
N ASP C 119 33.86 20.87 -16.80
CA ASP C 119 33.50 20.72 -18.22
C ASP C 119 33.12 22.05 -18.85
N ILE C 120 32.49 22.93 -18.08
CA ILE C 120 32.19 24.28 -18.57
C ILE C 120 33.49 25.06 -18.78
N VAL C 121 34.32 25.08 -17.76
CA VAL C 121 35.52 25.94 -17.82
C VAL C 121 36.55 25.45 -18.84
N PHE C 122 36.71 24.14 -18.94
CA PHE C 122 37.73 23.60 -19.85
C PHE C 122 37.17 23.08 -21.18
N GLY C 123 35.85 23.11 -21.29
CA GLY C 123 35.14 22.68 -22.50
C GLY C 123 34.90 21.17 -22.49
N GLY C 124 33.96 20.71 -23.29
CA GLY C 124 33.53 19.32 -23.23
C GLY C 124 33.83 18.45 -24.44
N ASP C 125 34.68 18.89 -25.36
CA ASP C 125 34.86 18.12 -26.60
C ASP C 125 35.63 16.84 -26.32
N LYS C 126 36.54 16.85 -25.36
CA LYS C 126 37.28 15.64 -25.06
C LYS C 126 36.37 14.64 -24.36
N LYS C 127 35.52 15.15 -23.46
CA LYS C 127 34.53 14.31 -22.80
C LYS C 127 33.53 13.74 -23.80
N LEU C 128 33.09 14.54 -24.76
CA LEU C 128 32.17 14.02 -25.77
C LEU C 128 32.78 12.88 -26.59
N ALA C 129 34.05 13.02 -26.95
CA ALA C 129 34.69 11.98 -27.74
C ALA C 129 34.76 10.69 -26.96
N LYS C 130 35.10 10.80 -25.68
CA LYS C 130 35.20 9.61 -24.82
C LYS C 130 33.80 9.01 -24.60
N LEU C 131 32.80 9.89 -24.48
CA LEU C 131 31.42 9.47 -24.29
C LEU C 131 30.99 8.61 -25.46
N ILE C 132 31.30 9.07 -26.67
CA ILE C 132 30.94 8.32 -27.87
C ILE C 132 31.60 6.95 -27.87
N ASP C 133 32.89 6.88 -27.53
CA ASP C 133 33.51 5.56 -27.38
C ASP C 133 32.78 4.65 -26.37
N GLU C 134 32.29 5.22 -25.30
CA GLU C 134 31.63 4.40 -24.30
C GLU C 134 30.25 3.95 -24.78
N VAL C 135 29.55 4.84 -25.47
CA VAL C 135 28.29 4.46 -26.09
C VAL C 135 28.50 3.23 -26.97
N GLU C 136 29.56 3.27 -27.76
CA GLU C 136 29.77 2.25 -28.77
C GLU C 136 30.07 0.93 -28.08
N THR C 137 30.81 1.01 -26.99
CA THR C 137 31.19 -0.17 -26.22
C THR C 137 29.97 -0.86 -25.57
N LEU C 138 29.11 -0.06 -24.95
CA LEU C 138 28.06 -0.60 -24.07
C LEU C 138 26.73 -0.80 -24.80
N PHE C 139 26.61 -0.20 -25.99
CA PHE C 139 25.38 -0.32 -26.80
C PHE C 139 25.75 -0.59 -28.26
N PRO C 140 26.31 -1.78 -28.53
CA PRO C 140 26.88 -2.02 -29.85
C PRO C 140 25.83 -2.13 -30.97
N LEU C 141 24.55 -2.33 -30.64
CA LEU C 141 23.55 -2.42 -31.70
C LEU C 141 22.91 -1.07 -32.04
N ASN C 142 23.39 0.02 -31.43
CA ASN C 142 22.81 1.32 -31.80
C ASN C 142 23.14 1.57 -33.28
N LYS C 143 22.26 2.27 -33.98
CA LYS C 143 22.46 2.46 -35.42
C LYS C 143 22.78 3.91 -35.75
N GLY C 144 23.16 4.66 -34.74
CA GLY C 144 23.54 6.04 -34.94
C GLY C 144 23.44 6.81 -33.63
N ILE C 145 24.05 7.97 -33.61
CA ILE C 145 24.06 8.78 -32.39
C ILE C 145 23.71 10.21 -32.75
N SER C 146 22.89 10.87 -31.93
CA SER C 146 22.72 12.32 -32.06
C SER C 146 23.23 13.03 -30.81
N VAL C 147 23.66 14.26 -30.98
CA VAL C 147 24.19 15.03 -29.87
C VAL C 147 23.35 16.29 -29.79
N GLN C 148 22.48 16.32 -28.78
CA GLN C 148 21.50 17.36 -28.60
C GLN C 148 22.06 18.40 -27.65
N SER C 149 22.47 19.54 -28.16
CA SER C 149 23.04 20.59 -27.30
C SER C 149 22.07 21.18 -26.31
N GLU C 150 22.51 21.30 -25.06
CA GLU C 150 21.83 22.11 -24.06
C GLU C 150 22.49 23.51 -23.98
N CYS C 151 21.90 24.43 -23.22
CA CYS C 151 22.34 25.82 -23.20
C CYS C 151 23.88 26.01 -23.13
N PRO C 152 24.58 25.37 -22.19
CA PRO C 152 25.99 25.82 -22.08
C PRO C 152 26.88 25.47 -23.28
N ILE C 153 26.52 24.40 -24.00
CA ILE C 153 27.28 23.99 -25.19
C ILE C 153 27.29 25.10 -26.23
N GLY C 154 26.15 25.76 -26.39
CA GLY C 154 26.07 26.88 -27.30
C GLY C 154 26.84 28.12 -26.88
N LEU C 155 27.01 28.33 -25.58
CA LEU C 155 27.72 29.52 -25.11
C LEU C 155 29.23 29.39 -25.26
N ILE C 156 29.76 28.26 -24.82
CA ILE C 156 31.21 28.14 -24.67
C ILE C 156 31.90 27.70 -25.96
N GLY C 157 31.11 27.48 -27.02
CA GLY C 157 31.74 27.25 -28.32
C GLY C 157 32.41 25.90 -28.49
N ASP C 158 31.90 24.86 -27.83
CA ASP C 158 32.37 23.50 -28.09
C ASP C 158 32.16 23.18 -29.59
N ASP C 159 33.13 22.51 -30.21
CA ASP C 159 33.12 22.16 -31.62
C ASP C 159 32.53 20.75 -31.81
N ILE C 160 31.23 20.59 -31.57
CA ILE C 160 30.63 19.26 -31.61
C ILE C 160 30.52 18.69 -33.02
N GLU C 161 30.52 19.56 -34.04
CA GLU C 161 30.55 19.06 -35.43
C GLU C 161 31.87 18.35 -35.75
N SER C 162 32.98 18.94 -35.32
CA SER C 162 34.27 18.30 -35.51
C SER C 162 34.31 16.96 -34.78
N VAL C 163 33.83 16.91 -33.54
CA VAL C 163 33.80 15.65 -32.80
C VAL C 163 32.97 14.60 -33.56
N SER C 164 31.79 15.01 -34.03
CA SER C 164 30.89 14.12 -34.76
C SER C 164 31.54 13.55 -36.01
N LYS C 165 32.21 14.41 -36.78
CA LYS C 165 32.87 13.98 -38.01
C LYS C 165 34.06 13.04 -37.77
N VAL C 166 34.91 13.42 -36.83
CA VAL C 166 36.09 12.63 -36.49
C VAL C 166 35.67 11.26 -35.92
N LYS C 167 34.82 11.26 -34.91
CA LYS C 167 34.43 10.00 -34.27
C LYS C 167 33.59 9.18 -35.23
N GLY C 168 32.70 9.87 -35.96
CA GLY C 168 31.89 9.24 -36.99
C GLY C 168 32.73 8.48 -38.00
N ALA C 169 33.81 9.08 -38.45
CA ALA C 169 34.69 8.43 -39.42
C ALA C 169 35.45 7.30 -38.75
N GLU C 170 35.90 7.53 -37.53
CA GLU C 170 36.67 6.53 -36.83
C GLU C 170 35.84 5.26 -36.64
N LEU C 171 34.56 5.44 -36.35
CA LEU C 171 33.72 4.32 -35.92
C LEU C 171 32.77 3.82 -37.00
N SER C 172 32.82 4.47 -38.17
CA SER C 172 31.89 4.21 -39.29
C SER C 172 30.45 4.29 -38.83
N LYS C 173 30.15 5.42 -38.20
CA LYS C 173 28.88 5.61 -37.54
C LYS C 173 28.32 6.97 -37.90
N THR C 174 27.01 7.02 -38.15
CA THR C 174 26.34 8.31 -38.31
C THR C 174 26.22 8.99 -36.94
N ILE C 175 26.89 10.13 -36.77
CA ILE C 175 26.79 10.93 -35.55
C ILE C 175 26.31 12.35 -35.90
N VAL C 176 25.16 12.74 -35.34
CA VAL C 176 24.47 13.97 -35.75
C VAL C 176 24.56 15.06 -34.67
N PRO C 177 25.32 16.13 -34.94
CA PRO C 177 25.45 17.23 -33.99
C PRO C 177 24.28 18.18 -34.18
N VAL C 178 23.56 18.48 -33.11
CA VAL C 178 22.41 19.38 -33.23
C VAL C 178 22.57 20.60 -32.30
N ARG C 179 22.58 21.79 -32.89
CA ARG C 179 22.74 23.03 -32.15
C ARG C 179 21.39 23.53 -31.63
N CYS C 180 20.75 22.73 -30.80
CA CYS C 180 19.43 23.07 -30.25
C CYS C 180 19.52 23.70 -28.85
N GLU C 181 20.63 24.39 -28.54
CA GLU C 181 20.74 25.04 -27.23
C GLU C 181 19.49 25.89 -26.95
N GLY C 182 18.93 25.73 -25.74
CA GLY C 182 17.59 26.21 -25.48
C GLY C 182 17.32 27.71 -25.58
N PHE C 183 18.36 28.53 -25.56
CA PHE C 183 18.09 29.96 -25.64
C PHE C 183 17.94 30.42 -27.09
N ARG C 184 18.19 29.54 -28.06
CA ARG C 184 17.93 29.94 -29.46
C ARG C 184 16.43 30.02 -29.70
N GLY C 185 16.00 30.95 -30.56
CA GLY C 185 14.61 31.02 -30.91
C GLY C 185 13.77 31.54 -29.76
N VAL C 186 12.48 31.20 -29.73
CA VAL C 186 11.59 31.77 -28.73
C VAL C 186 10.69 30.72 -28.11
N SER C 187 10.88 29.46 -28.51
CA SER C 187 9.95 28.39 -28.16
C SER C 187 10.47 27.07 -28.70
N GLN C 188 9.69 26.01 -28.55
CA GLN C 188 10.01 24.73 -29.15
C GLN C 188 10.23 24.87 -30.65
N SER C 189 9.59 25.85 -31.27
CA SER C 189 9.48 25.90 -32.74
C SER C 189 10.83 25.92 -33.48
N LEU C 190 11.74 26.80 -33.08
CA LEU C 190 13.04 26.82 -33.75
C LEU C 190 13.79 25.49 -33.58
N GLY C 191 13.55 24.82 -32.46
CA GLY C 191 14.07 23.48 -32.27
C GLY C 191 13.64 22.50 -33.36
N HIS C 192 12.37 22.56 -33.77
CA HIS C 192 11.91 21.77 -34.92
C HIS C 192 12.78 22.02 -36.12
N HIS C 193 12.96 23.30 -36.43
CA HIS C 193 13.63 23.69 -37.65
C HIS C 193 15.09 23.28 -37.61
N ILE C 194 15.74 23.53 -36.48
CA ILE C 194 17.14 23.11 -36.29
C ILE C 194 17.28 21.59 -36.45
N ALA C 195 16.31 20.85 -35.89
CA ALA C 195 16.34 19.40 -36.00
C ALA C 195 16.08 18.93 -37.44
N ASN C 196 15.12 19.54 -38.14
CA ASN C 196 14.91 19.23 -39.58
C ASN C 196 16.17 19.47 -40.41
N ASP C 197 16.87 20.57 -40.13
CA ASP C 197 18.07 20.85 -40.91
C ASP C 197 19.16 19.81 -40.61
N ALA C 198 19.19 19.32 -39.37
CA ALA C 198 20.19 18.33 -39.02
C ALA C 198 19.88 17.01 -39.72
N VAL C 199 18.61 16.61 -39.77
CA VAL C 199 18.26 15.43 -40.60
C VAL C 199 18.73 15.63 -42.04
N ARG C 200 18.39 16.78 -42.61
CA ARG C 200 18.79 17.09 -43.98
C ARG C 200 20.30 16.92 -44.19
N ASP C 201 21.07 17.51 -43.29
CA ASP C 201 22.51 17.64 -43.51
C ASP C 201 23.33 16.40 -43.13
N TRP C 202 22.81 15.55 -42.24
CA TRP C 202 23.64 14.46 -41.74
C TRP C 202 23.10 13.05 -42.02
N VAL C 203 21.81 12.94 -42.33
CA VAL C 203 21.18 11.62 -42.45
C VAL C 203 20.50 11.39 -43.80
N LEU C 204 19.66 12.34 -44.20
CA LEU C 204 18.71 12.12 -45.30
C LEU C 204 19.35 11.74 -46.63
N GLY C 205 20.52 12.25 -46.92
CA GLY C 205 21.14 11.97 -48.21
C GLY C 205 21.98 10.71 -48.28
N LYS C 206 21.98 9.91 -47.21
CA LYS C 206 22.86 8.75 -47.17
C LYS C 206 22.65 7.77 -48.31
N ARG C 207 21.41 7.59 -48.79
CA ARG C 207 21.21 6.62 -49.89
C ARG C 207 21.00 7.27 -51.26
N ASP C 208 21.47 8.49 -51.44
CA ASP C 208 21.29 9.24 -52.68
C ASP C 208 21.81 8.49 -53.90
N GLU C 209 22.84 7.67 -53.71
CA GLU C 209 23.43 6.92 -54.83
C GLU C 209 23.22 5.41 -54.69
N ASP C 210 22.20 5.06 -53.92
CA ASP C 210 21.84 3.67 -53.69
C ASP C 210 20.51 3.42 -54.39
N THR C 211 20.51 2.53 -55.36
CA THR C 211 19.32 2.21 -56.12
C THR C 211 18.73 0.83 -55.79
N THR C 212 19.16 0.23 -54.68
CA THR C 212 18.76 -1.14 -54.38
C THR C 212 17.38 -1.25 -53.73
N PHE C 213 16.86 -0.17 -53.17
CA PHE C 213 15.50 -0.24 -52.62
C PHE C 213 14.47 -0.48 -53.72
N ALA C 214 13.65 -1.51 -53.53
CA ALA C 214 12.55 -1.80 -54.46
C ALA C 214 11.37 -0.89 -54.19
N SER C 215 11.11 0.05 -55.09
CA SER C 215 10.05 1.02 -54.88
C SER C 215 8.81 0.74 -55.73
N THR C 216 7.65 1.20 -55.26
CA THR C 216 6.40 1.04 -56.00
C THR C 216 5.70 2.39 -56.17
N PRO C 217 4.70 2.45 -57.06
CA PRO C 217 3.94 3.68 -57.24
C PRO C 217 3.09 4.04 -56.04
N TYR C 218 2.95 3.14 -55.06
CA TYR C 218 2.10 3.43 -53.91
C TYR C 218 2.89 3.78 -52.64
N ASP C 219 4.17 4.04 -52.80
CA ASP C 219 5.01 4.35 -51.65
C ASP C 219 4.75 5.74 -51.11
N VAL C 220 4.52 5.82 -49.79
CA VAL C 220 4.31 7.09 -49.10
C VAL C 220 5.12 7.14 -47.82
N ALA C 221 5.30 8.35 -47.26
CA ALA C 221 5.79 8.45 -45.88
C ALA C 221 4.79 9.24 -45.06
N ILE C 222 4.70 8.89 -43.77
CA ILE C 222 3.96 9.65 -42.80
C ILE C 222 4.94 10.61 -42.14
N ILE C 223 4.74 11.89 -42.37
CA ILE C 223 5.69 12.91 -41.93
C ILE C 223 5.06 13.72 -40.81
N GLY C 224 5.70 13.76 -39.65
CA GLY C 224 5.17 14.55 -38.54
C GLY C 224 4.03 13.85 -37.79
N ASP C 225 4.22 12.58 -37.47
CA ASP C 225 3.34 11.91 -36.51
C ASP C 225 4.24 11.20 -35.50
N TYR C 226 4.14 11.59 -34.26
CA TYR C 226 5.10 11.13 -33.29
C TYR C 226 4.54 9.97 -32.45
N ASN C 227 3.46 9.37 -32.96
CA ASN C 227 2.90 8.11 -32.43
C ASN C 227 2.52 8.19 -30.96
N ILE C 228 1.95 9.31 -30.58
CA ILE C 228 1.54 9.53 -29.19
C ILE C 228 0.46 8.52 -28.79
N GLY C 229 0.77 7.67 -27.83
CA GLY C 229 -0.15 6.59 -27.48
C GLY C 229 -0.46 5.63 -28.61
N GLY C 230 0.34 5.62 -29.67
CA GLY C 230 0.11 4.76 -30.81
C GLY C 230 -0.64 5.39 -31.97
N ASP C 231 -0.77 6.73 -31.97
CA ASP C 231 -1.48 7.48 -33.02
C ASP C 231 -1.07 7.13 -34.46
N ALA C 232 0.23 6.94 -34.66
CA ALA C 232 0.76 6.72 -36.00
C ALA C 232 0.39 5.34 -36.49
N TRP C 233 0.37 4.38 -35.57
CA TRP C 233 -0.01 3.02 -35.92
C TRP C 233 -1.46 2.94 -36.34
N SER C 234 -2.34 3.68 -35.65
CA SER C 234 -3.75 3.65 -36.02
C SER C 234 -4.02 4.56 -37.22
N SER C 235 -3.00 5.30 -37.65
CA SER C 235 -3.10 6.02 -38.92
C SER C 235 -2.56 5.14 -40.04
N ARG C 236 -1.40 4.54 -39.79
CA ARG C 236 -0.72 3.69 -40.75
C ARG C 236 -1.60 2.53 -41.21
N ILE C 237 -2.40 1.99 -40.30
CA ILE C 237 -3.16 0.82 -40.67
C ILE C 237 -4.22 1.17 -41.73
N LEU C 238 -4.75 2.39 -41.66
CA LEU C 238 -5.75 2.84 -42.62
C LEU C 238 -5.11 3.03 -44.00
N LEU C 239 -3.96 3.69 -44.04
CA LEU C 239 -3.28 3.95 -45.31
C LEU C 239 -2.95 2.64 -46.01
N GLU C 240 -2.61 1.62 -45.23
CA GLU C 240 -2.23 0.36 -45.87
C GLU C 240 -3.46 -0.47 -46.24
N GLU C 241 -4.55 -0.34 -45.50
CA GLU C 241 -5.80 -0.98 -45.94
C GLU C 241 -6.26 -0.35 -47.26
N MET C 242 -5.86 0.89 -47.47
CA MET C 242 -6.25 1.61 -48.66
C MET C 242 -5.29 1.24 -49.81
N GLY C 243 -4.32 0.38 -49.54
CA GLY C 243 -3.43 -0.09 -50.59
C GLY C 243 -2.09 0.63 -50.74
N LEU C 244 -1.84 1.63 -49.91
CA LEU C 244 -0.57 2.35 -49.92
C LEU C 244 0.49 1.61 -49.11
N ARG C 245 1.76 1.89 -49.40
CA ARG C 245 2.85 1.27 -48.66
C ARG C 245 3.59 2.35 -47.86
N CYS C 246 3.52 2.27 -46.53
CA CYS C 246 4.09 3.31 -45.69
C CYS C 246 5.55 3.01 -45.43
N VAL C 247 6.40 3.65 -46.20
CA VAL C 247 7.83 3.33 -46.16
C VAL C 247 8.46 3.90 -44.89
N ALA C 248 7.91 5.01 -44.39
CA ALA C 248 8.49 5.68 -43.25
C ALA C 248 7.46 6.38 -42.35
N GLN C 249 7.75 6.41 -41.06
CA GLN C 249 7.03 7.24 -40.09
C GLN C 249 8.01 8.19 -39.45
N TRP C 250 7.80 9.50 -39.61
CA TRP C 250 8.65 10.51 -38.98
C TRP C 250 7.93 11.23 -37.82
N SER C 251 8.35 11.03 -36.56
CA SER C 251 9.42 10.10 -36.23
C SER C 251 8.98 9.09 -35.16
N GLY C 252 7.68 9.02 -34.90
CA GLY C 252 7.14 8.09 -33.90
C GLY C 252 7.34 6.65 -34.36
N ASP C 253 7.89 5.81 -33.49
CA ASP C 253 8.30 4.44 -33.84
C ASP C 253 9.24 4.41 -35.06
N GLY C 254 9.90 5.53 -35.32
CA GLY C 254 10.71 5.65 -36.53
C GLY C 254 12.10 5.07 -36.37
N SER C 255 12.68 4.57 -37.46
CA SER C 255 14.05 4.06 -37.43
C SER C 255 14.91 4.89 -38.36
N ILE C 256 16.23 4.84 -38.17
CA ILE C 256 17.07 5.67 -39.00
C ILE C 256 17.01 5.16 -40.44
N SER C 257 16.87 3.84 -40.65
CA SER C 257 16.78 3.33 -42.02
C SER C 257 15.50 3.84 -42.71
N GLU C 258 14.39 3.94 -41.99
CA GLU C 258 13.17 4.54 -42.55
C GLU C 258 13.40 5.94 -43.08
N ILE C 259 14.04 6.75 -42.25
CA ILE C 259 14.35 8.11 -42.63
C ILE C 259 15.20 8.14 -43.90
N GLU C 260 16.20 7.27 -43.96
CA GLU C 260 17.07 7.22 -45.13
C GLU C 260 16.37 6.74 -46.41
N LEU C 261 15.29 5.97 -46.27
CA LEU C 261 14.56 5.46 -47.43
C LEU C 261 13.50 6.43 -47.93
N THR C 262 13.21 7.43 -47.12
CA THR C 262 12.14 8.38 -47.43
C THR C 262 12.32 9.10 -48.79
N PRO C 263 13.57 9.46 -49.18
CA PRO C 263 13.67 10.07 -50.51
C PRO C 263 13.21 9.17 -51.66
N LYS C 264 12.87 7.91 -51.38
CA LYS C 264 12.45 7.02 -52.46
C LYS C 264 10.93 6.95 -52.63
N VAL C 265 10.16 7.68 -51.82
CA VAL C 265 8.70 7.55 -51.87
C VAL C 265 8.08 8.47 -52.93
N LYS C 266 6.80 8.26 -53.23
CA LYS C 266 6.13 9.01 -54.28
C LYS C 266 5.39 10.21 -53.71
N LEU C 267 5.09 10.17 -52.41
CA LEU C 267 4.30 11.22 -51.78
C LEU C 267 4.57 11.32 -50.29
N ASN C 268 4.83 12.53 -49.80
CA ASN C 268 4.92 12.77 -48.38
C ASN C 268 3.61 13.24 -47.77
N LEU C 269 3.15 12.52 -46.75
CA LEU C 269 1.87 12.82 -46.11
C LEU C 269 2.18 13.51 -44.81
N VAL C 270 1.88 14.81 -44.75
CA VAL C 270 2.33 15.60 -43.63
C VAL C 270 1.19 15.77 -42.62
N HIS C 271 1.35 15.23 -41.41
CA HIS C 271 0.33 15.45 -40.39
C HIS C 271 0.74 16.72 -39.65
N CYS C 272 1.87 16.71 -38.94
CA CYS C 272 2.25 17.94 -38.30
C CYS C 272 3.01 18.88 -39.23
N TYR C 273 2.29 19.84 -39.76
CA TYR C 273 2.85 20.86 -40.62
C TYR C 273 3.93 21.66 -39.90
N ARG C 274 3.63 22.03 -38.66
CA ARG C 274 4.50 22.97 -37.94
C ARG C 274 5.89 22.39 -37.77
N SER C 275 5.98 21.12 -37.39
CA SER C 275 7.30 20.60 -37.03
C SER C 275 8.08 20.04 -38.23
N MET C 276 7.39 19.65 -39.30
CA MET C 276 8.04 18.96 -40.42
C MET C 276 7.87 19.60 -41.80
N ASN C 277 7.24 20.76 -41.91
CA ASN C 277 7.11 21.34 -43.24
C ASN C 277 8.49 21.66 -43.81
N TYR C 278 9.48 21.87 -42.94
CA TYR C 278 10.80 22.29 -43.44
C TYR C 278 11.44 21.17 -44.27
N ILE C 279 11.46 19.95 -43.74
CA ILE C 279 12.10 18.85 -44.45
C ILE C 279 11.22 18.43 -45.65
N SER C 280 9.91 18.62 -45.52
CA SER C 280 8.98 18.34 -46.63
C SER C 280 9.25 19.23 -47.84
N ARG C 281 9.43 20.52 -47.59
CA ARG C 281 9.80 21.42 -48.67
C ARG C 281 11.17 21.06 -49.23
N HIS C 282 12.11 20.69 -48.38
CA HIS C 282 13.43 20.32 -48.88
C HIS C 282 13.34 19.11 -49.82
N MET C 283 12.54 18.10 -49.44
CA MET C 283 12.47 16.89 -50.26
C MET C 283 11.76 17.12 -51.59
N GLU C 284 10.82 18.04 -51.62
CA GLU C 284 10.27 18.46 -52.91
C GLU C 284 11.32 19.13 -53.80
N GLU C 285 12.05 20.10 -53.26
CA GLU C 285 13.10 20.80 -54.02
C GLU C 285 14.20 19.84 -54.50
N LYS C 286 14.63 18.92 -53.65
CA LYS C 286 15.77 18.08 -54.00
C LYS C 286 15.37 16.82 -54.77
N TYR C 287 14.32 16.14 -54.32
CA TYR C 287 13.97 14.83 -54.87
C TYR C 287 12.71 14.87 -55.74
N GLY C 288 12.03 16.00 -55.77
CA GLY C 288 10.83 16.12 -56.59
C GLY C 288 9.60 15.47 -55.96
N ILE C 289 9.68 15.14 -54.67
CA ILE C 289 8.54 14.48 -53.99
C ILE C 289 7.51 15.48 -53.53
N PRO C 290 6.26 15.36 -54.01
CA PRO C 290 5.22 16.29 -53.54
C PRO C 290 4.85 15.97 -52.10
N TRP C 291 4.34 16.95 -51.36
CA TRP C 291 3.81 16.68 -50.03
C TRP C 291 2.40 17.28 -49.91
N MET C 292 1.59 16.72 -49.00
CA MET C 292 0.26 17.25 -48.75
C MET C 292 -0.09 17.12 -47.26
N GLU C 293 -0.78 18.11 -46.71
CA GLU C 293 -1.24 18.01 -45.33
C GLU C 293 -2.49 17.15 -45.24
N TYR C 294 -2.63 16.38 -44.16
CA TYR C 294 -3.85 15.64 -43.90
C TYR C 294 -4.23 15.72 -42.40
N ASN C 295 -5.37 15.13 -42.05
CA ASN C 295 -5.91 15.25 -40.71
C ASN C 295 -6.68 13.98 -40.38
N PHE C 296 -6.22 13.21 -39.40
CA PHE C 296 -6.90 11.97 -39.03
C PHE C 296 -7.62 12.06 -37.67
N PHE C 297 -8.07 13.25 -37.32
CA PHE C 297 -8.81 13.44 -36.07
C PHE C 297 -10.32 13.39 -36.37
N GLY C 298 -10.96 12.27 -36.04
CA GLY C 298 -12.40 12.16 -36.15
C GLY C 298 -12.78 11.65 -37.51
N PRO C 299 -14.00 11.11 -37.63
CA PRO C 299 -14.36 10.48 -38.90
C PRO C 299 -14.48 11.48 -40.06
N THR C 300 -15.02 12.67 -39.82
CA THR C 300 -15.21 13.59 -40.92
C THR C 300 -13.86 13.94 -41.58
N LYS C 301 -12.87 14.32 -40.76
CA LYS C 301 -11.57 14.69 -41.28
C LYS C 301 -10.87 13.49 -41.88
N THR C 302 -10.99 12.34 -41.22
CA THR C 302 -10.25 11.14 -41.64
C THR C 302 -10.77 10.70 -43.02
N ILE C 303 -12.09 10.72 -43.17
CA ILE C 303 -12.72 10.39 -44.44
C ILE C 303 -12.30 11.36 -45.53
N GLU C 304 -12.39 12.65 -45.25
CA GLU C 304 -11.93 13.66 -46.21
C GLU C 304 -10.47 13.46 -46.61
N SER C 305 -9.64 13.16 -45.61
CA SER C 305 -8.21 12.96 -45.83
C SER C 305 -7.93 11.72 -46.68
N LEU C 306 -8.58 10.61 -46.35
CA LEU C 306 -8.39 9.36 -47.08
C LEU C 306 -8.72 9.57 -48.56
N ARG C 307 -9.82 10.26 -48.83
CA ARG C 307 -10.25 10.50 -50.20
C ARG C 307 -9.28 11.42 -50.97
N ALA C 308 -8.82 12.48 -50.31
CA ALA C 308 -7.86 13.41 -50.92
C ALA C 308 -6.52 12.73 -51.22
N ILE C 309 -6.07 11.84 -50.33
CA ILE C 309 -4.83 11.10 -50.55
C ILE C 309 -4.99 10.12 -51.71
N ALA C 310 -6.12 9.43 -51.75
CA ALA C 310 -6.35 8.40 -52.76
C ALA C 310 -6.44 9.02 -54.15
N ALA C 311 -6.94 10.25 -54.22
CA ALA C 311 -7.09 10.95 -55.48
C ALA C 311 -5.73 11.32 -56.12
N LYS C 312 -4.65 11.23 -55.36
CA LYS C 312 -3.29 11.41 -55.90
C LYS C 312 -2.79 10.17 -56.64
N PHE C 313 -3.53 9.07 -56.50
CA PHE C 313 -3.11 7.80 -57.09
C PHE C 313 -4.19 7.36 -58.06
N ASP C 314 -4.16 6.10 -58.47
CA ASP C 314 -5.09 5.64 -59.50
C ASP C 314 -6.42 5.10 -58.94
N GLU C 315 -7.29 4.67 -59.86
CA GLU C 315 -8.64 4.20 -59.52
C GLU C 315 -8.65 3.06 -58.51
N SER C 316 -7.67 2.18 -58.59
CA SER C 316 -7.62 1.05 -57.68
C SER C 316 -7.46 1.53 -56.24
N ILE C 317 -6.70 2.60 -56.01
CA ILE C 317 -6.52 3.12 -54.65
C ILE C 317 -7.80 3.83 -54.22
N GLN C 318 -8.41 4.55 -55.16
CA GLN C 318 -9.66 5.22 -54.83
C GLN C 318 -10.76 4.19 -54.51
N LYS C 319 -10.75 3.07 -55.21
CA LYS C 319 -11.73 2.04 -54.93
C LYS C 319 -11.53 1.47 -53.53
N LYS C 320 -10.27 1.20 -53.17
CA LYS C 320 -9.93 0.69 -51.85
C LYS C 320 -10.23 1.71 -50.74
N CYS C 321 -10.04 2.98 -51.06
CA CYS C 321 -10.40 4.05 -50.15
C CYS C 321 -11.89 3.94 -49.76
N GLU C 322 -12.75 3.75 -50.75
CA GLU C 322 -14.16 3.68 -50.46
C GLU C 322 -14.48 2.39 -49.72
N GLU C 323 -13.73 1.32 -49.97
CA GLU C 323 -13.88 0.10 -49.18
C GLU C 323 -13.47 0.28 -47.70
N VAL C 324 -12.39 1.01 -47.45
CA VAL C 324 -12.02 1.34 -46.07
C VAL C 324 -13.11 2.16 -45.39
N ILE C 325 -13.57 3.18 -46.07
CA ILE C 325 -14.60 4.03 -45.53
C ILE C 325 -15.88 3.24 -45.22
N ALA C 326 -16.25 2.30 -46.10
CA ALA C 326 -17.45 1.51 -45.87
C ALA C 326 -17.26 0.56 -44.69
N LYS C 327 -16.05 0.07 -44.52
CA LYS C 327 -15.76 -0.88 -43.45
C LYS C 327 -15.93 -0.24 -42.08
N TYR C 328 -15.40 0.97 -41.92
CA TYR C 328 -15.36 1.61 -40.61
C TYR C 328 -16.61 2.43 -40.29
N LYS C 329 -17.46 2.61 -41.30
CA LYS C 329 -18.70 3.37 -41.17
C LYS C 329 -19.59 2.93 -39.97
N PRO C 330 -19.90 1.63 -39.85
CA PRO C 330 -20.78 1.31 -38.72
C PRO C 330 -20.05 1.43 -37.40
N GLU C 331 -18.72 1.35 -37.41
CA GLU C 331 -17.97 1.48 -36.17
C GLU C 331 -18.00 2.90 -35.64
N TRP C 332 -17.67 3.89 -36.47
CA TRP C 332 -17.70 5.25 -35.94
C TRP C 332 -19.17 5.73 -35.77
N GLU C 333 -20.10 5.22 -36.57
CA GLU C 333 -21.50 5.55 -36.33
C GLU C 333 -21.97 5.05 -34.97
N ALA C 334 -21.51 3.88 -34.53
CA ALA C 334 -21.88 3.39 -33.20
C ALA C 334 -21.30 4.31 -32.13
N VAL C 335 -20.09 4.81 -32.35
CA VAL C 335 -19.46 5.71 -31.41
C VAL C 335 -20.26 7.02 -31.27
N VAL C 336 -20.61 7.62 -32.40
CA VAL C 336 -21.41 8.83 -32.41
C VAL C 336 -22.76 8.59 -31.75
N ALA C 337 -23.40 7.47 -32.08
CA ALA C 337 -24.74 7.17 -31.55
C ALA C 337 -24.68 7.04 -30.03
N LYS C 338 -23.57 6.52 -29.52
CA LYS C 338 -23.43 6.34 -28.08
C LYS C 338 -23.02 7.63 -27.35
N TYR C 339 -22.03 8.35 -27.88
CA TYR C 339 -21.45 9.44 -27.11
C TYR C 339 -21.94 10.85 -27.48
N ARG C 340 -22.31 11.08 -28.74
CA ARG C 340 -22.80 12.42 -29.11
C ARG C 340 -23.98 12.92 -28.25
N PRO C 341 -24.97 12.05 -27.95
CA PRO C 341 -26.05 12.55 -27.07
C PRO C 341 -25.56 12.98 -25.69
N ARG C 342 -24.50 12.36 -25.18
CA ARG C 342 -23.94 12.70 -23.87
C ARG C 342 -23.06 13.97 -23.93
N LEU C 343 -22.71 14.43 -25.13
CA LEU C 343 -21.73 15.52 -25.26
C LEU C 343 -22.27 16.71 -26.03
N GLU C 344 -23.36 16.48 -26.76
CA GLU C 344 -23.97 17.48 -27.62
C GLU C 344 -24.11 18.86 -27.01
N GLY C 345 -23.59 19.87 -27.69
CA GLY C 345 -23.78 21.24 -27.25
C GLY C 345 -22.75 21.73 -26.24
N LYS C 346 -21.93 20.84 -25.70
CA LYS C 346 -20.93 21.25 -24.72
C LYS C 346 -19.80 22.08 -25.36
N ARG C 347 -19.32 23.08 -24.63
CA ARG C 347 -18.34 24.04 -25.15
C ARG C 347 -16.94 23.80 -24.59
N VAL C 348 -15.95 23.84 -25.47
CA VAL C 348 -14.57 23.47 -25.17
C VAL C 348 -13.61 24.63 -25.44
N MET C 349 -12.63 24.80 -24.57
CA MET C 349 -11.51 25.72 -24.85
C MET C 349 -10.23 24.90 -24.94
N LEU C 350 -9.42 25.16 -25.96
CA LEU C 350 -8.20 24.41 -26.20
C LEU C 350 -6.99 25.33 -26.08
N TYR C 351 -5.87 24.77 -25.64
CA TYR C 351 -4.59 25.47 -25.70
C TYR C 351 -3.51 24.42 -25.81
N ILE C 352 -2.88 24.34 -26.97
CA ILE C 352 -1.88 23.32 -27.15
C ILE C 352 -0.72 23.96 -27.93
N GLY C 353 0.04 23.17 -28.69
CA GLY C 353 1.34 23.62 -29.18
C GLY C 353 1.41 24.29 -30.54
N GLY C 354 1.30 23.49 -31.61
CA GLY C 354 1.55 23.99 -32.95
C GLY C 354 0.66 23.38 -34.02
N LEU C 355 -0.17 22.40 -33.66
CA LEU C 355 -1.01 21.72 -34.66
C LEU C 355 -2.39 21.39 -34.10
N ARG C 356 -2.40 20.66 -32.99
CA ARG C 356 -3.65 20.15 -32.43
C ARG C 356 -4.70 21.24 -32.11
N PRO C 357 -4.30 22.47 -31.72
CA PRO C 357 -5.39 23.45 -31.49
C PRO C 357 -6.32 23.70 -32.66
N ARG C 358 -5.89 23.42 -33.88
CA ARG C 358 -6.86 23.47 -34.99
C ARG C 358 -7.24 22.05 -35.43
N HIS C 359 -6.31 21.10 -35.34
CA HIS C 359 -6.52 19.77 -35.95
C HIS C 359 -7.62 18.95 -35.27
N VAL C 360 -7.82 19.15 -33.96
CA VAL C 360 -8.82 18.34 -33.27
C VAL C 360 -10.24 18.91 -33.31
N ILE C 361 -10.41 20.09 -33.91
CA ILE C 361 -11.74 20.72 -33.92
C ILE C 361 -12.83 19.88 -34.58
N GLY C 362 -12.53 19.27 -35.73
CA GLY C 362 -13.48 18.41 -36.41
C GLY C 362 -13.98 17.24 -35.57
N ALA C 363 -13.09 16.61 -34.83
CA ALA C 363 -13.48 15.50 -33.95
C ALA C 363 -14.47 15.94 -32.85
N TYR C 364 -14.21 17.09 -32.24
CA TYR C 364 -15.15 17.65 -31.27
C TYR C 364 -16.50 17.89 -31.91
N GLU C 365 -16.48 18.43 -33.12
CA GLU C 365 -17.73 18.74 -33.82
C GLU C 365 -18.44 17.47 -34.20
N ASP C 366 -17.71 16.39 -34.48
CA ASP C 366 -18.36 15.10 -34.78
C ASP C 366 -19.16 14.53 -33.61
N LEU C 367 -18.84 15.03 -32.41
CA LEU C 367 -19.60 14.70 -31.21
C LEU C 367 -20.53 15.84 -30.77
N GLY C 368 -20.75 16.81 -31.64
CA GLY C 368 -21.73 17.87 -31.38
C GLY C 368 -21.23 18.94 -30.42
N MET C 369 -19.94 18.91 -30.14
CA MET C 369 -19.32 19.90 -29.25
C MET C 369 -18.83 21.13 -30.01
N GLU C 370 -18.69 22.26 -29.31
CA GLU C 370 -18.28 23.50 -29.94
C GLU C 370 -16.97 23.97 -29.31
N VAL C 371 -15.97 24.25 -30.15
CA VAL C 371 -14.72 24.83 -29.67
C VAL C 371 -14.86 26.34 -29.68
N VAL C 372 -14.93 26.95 -28.49
CA VAL C 372 -15.26 28.37 -28.36
C VAL C 372 -14.00 29.24 -28.13
N GLY C 373 -12.87 28.59 -27.97
CA GLY C 373 -11.62 29.30 -27.81
C GLY C 373 -10.51 28.34 -28.14
N THR C 374 -9.50 28.80 -28.84
CA THR C 374 -8.35 27.95 -29.05
C THR C 374 -7.13 28.83 -29.20
N GLY C 375 -5.96 28.22 -29.09
CA GLY C 375 -4.72 28.95 -29.21
C GLY C 375 -3.51 28.04 -29.18
N TYR C 376 -2.36 28.62 -29.44
CA TYR C 376 -1.12 27.86 -29.60
C TYR C 376 0.01 28.42 -28.78
N GLU C 377 0.86 27.55 -28.26
CA GLU C 377 2.09 27.99 -27.63
C GLU C 377 3.04 28.67 -28.60
N PHE C 378 3.27 28.05 -29.75
CA PHE C 378 4.40 28.46 -30.58
C PHE C 378 4.10 28.42 -32.08
N ALA C 379 2.82 28.44 -32.45
CA ALA C 379 2.47 28.48 -33.89
C ALA C 379 2.99 29.74 -34.59
N HIS C 380 3.10 29.65 -35.92
CA HIS C 380 3.41 30.84 -36.71
C HIS C 380 2.12 31.31 -37.40
N ASN C 381 2.17 32.44 -38.10
CA ASN C 381 0.94 32.91 -38.75
C ASN C 381 0.40 31.97 -39.83
N ASP C 382 1.26 31.20 -40.49
CA ASP C 382 0.69 30.25 -41.46
C ASP C 382 -0.15 29.15 -40.76
N ASP C 383 0.09 28.93 -39.46
CA ASP C 383 -0.82 28.09 -38.67
C ASP C 383 -2.11 28.83 -38.37
N TYR C 384 -2.03 30.10 -38.03
CA TYR C 384 -3.28 30.83 -37.77
C TYR C 384 -4.08 31.03 -39.06
N ASP C 385 -3.39 31.16 -40.18
CA ASP C 385 -4.05 31.20 -41.50
C ASP C 385 -4.94 29.97 -41.69
N ARG C 386 -4.50 28.84 -41.15
CA ARG C 386 -5.22 27.59 -41.30
C ARG C 386 -6.30 27.43 -40.25
N THR C 387 -6.25 28.26 -39.21
CA THR C 387 -7.09 28.08 -38.01
C THR C 387 -8.42 28.87 -38.05
N MET C 388 -8.35 30.11 -38.50
CA MET C 388 -9.49 30.99 -38.39
C MET C 388 -10.69 30.45 -39.15
N LYS C 389 -10.44 29.83 -40.30
CA LYS C 389 -11.54 29.29 -41.09
C LYS C 389 -12.14 28.02 -40.47
N GLU C 390 -11.39 27.41 -39.55
CA GLU C 390 -11.87 26.24 -38.81
C GLU C 390 -12.68 26.62 -37.58
N MET C 391 -12.59 27.87 -37.15
CA MET C 391 -13.20 28.30 -35.89
C MET C 391 -14.47 29.13 -36.11
N GLY C 392 -15.38 29.08 -35.16
CA GLY C 392 -16.59 29.88 -35.29
C GLY C 392 -16.34 31.38 -35.26
N ASP C 393 -17.28 32.15 -35.79
CA ASP C 393 -17.18 33.60 -35.70
C ASP C 393 -17.26 34.05 -34.23
N SER C 394 -16.51 35.08 -33.88
CA SER C 394 -16.50 35.64 -32.54
C SER C 394 -16.09 34.64 -31.46
N THR C 395 -15.30 33.65 -31.86
CA THR C 395 -14.66 32.81 -30.89
C THR C 395 -13.30 33.46 -30.54
N LEU C 396 -12.66 32.99 -29.48
CA LEU C 396 -11.46 33.66 -28.99
C LEU C 396 -10.21 32.88 -29.42
N LEU C 397 -9.21 33.62 -29.91
CA LEU C 397 -7.90 33.06 -30.31
C LEU C 397 -6.81 33.68 -29.44
N TYR C 398 -5.87 32.87 -28.96
CA TYR C 398 -4.81 33.40 -28.12
C TYR C 398 -3.49 32.75 -28.45
N ASP C 399 -2.47 33.57 -28.63
CA ASP C 399 -1.12 33.11 -28.95
C ASP C 399 -0.19 33.28 -27.75
N ASP C 400 0.57 32.24 -27.42
CA ASP C 400 1.48 32.24 -26.27
C ASP C 400 0.79 32.83 -25.05
N VAL C 401 -0.34 32.23 -24.67
CA VAL C 401 -1.20 32.80 -23.64
C VAL C 401 -0.50 32.74 -22.28
N THR C 402 -0.71 33.75 -21.43
CA THR C 402 -0.13 33.70 -20.10
C THR C 402 -1.03 32.92 -19.18
N GLY C 403 -0.48 32.46 -18.08
CA GLY C 403 -1.23 31.70 -17.09
C GLY C 403 -2.40 32.54 -16.63
N TYR C 404 -2.12 33.81 -16.36
CA TYR C 404 -3.13 34.76 -15.91
C TYR C 404 -4.24 34.97 -16.94
N GLU C 405 -3.86 35.21 -18.19
CA GLU C 405 -4.83 35.39 -19.27
C GLU C 405 -5.74 34.18 -19.39
N PHE C 406 -5.13 33.00 -19.36
CA PHE C 406 -5.88 31.79 -19.63
C PHE C 406 -6.92 31.58 -18.53
N GLU C 407 -6.50 31.74 -17.28
CA GLU C 407 -7.42 31.67 -16.16
C GLU C 407 -8.59 32.66 -16.29
N GLU C 408 -8.27 33.92 -16.58
CA GLU C 408 -9.31 34.94 -16.65
C GLU C 408 -10.30 34.67 -17.81
N PHE C 409 -9.79 34.21 -18.95
CA PHE C 409 -10.67 33.92 -20.08
C PHE C 409 -11.66 32.80 -19.74
N VAL C 410 -11.13 31.77 -19.10
CA VAL C 410 -11.93 30.62 -18.69
C VAL C 410 -13.03 31.04 -17.71
N LYS C 411 -12.67 31.89 -16.76
CA LYS C 411 -13.63 32.39 -15.77
C LYS C 411 -14.83 33.09 -16.40
N ARG C 412 -14.60 33.82 -17.49
CA ARG C 412 -15.67 34.55 -18.15
C ARG C 412 -16.42 33.70 -19.19
N ILE C 413 -15.67 32.95 -20.01
CA ILE C 413 -16.28 32.16 -21.08
C ILE C 413 -17.02 30.91 -20.57
N LYS C 414 -16.57 30.41 -19.41
CA LYS C 414 -17.18 29.25 -18.73
C LYS C 414 -17.37 28.02 -19.61
N PRO C 415 -16.28 27.49 -20.16
CA PRO C 415 -16.39 26.27 -20.97
C PRO C 415 -16.78 25.05 -20.13
N ASP C 416 -17.34 24.03 -20.78
CA ASP C 416 -17.68 22.80 -20.10
C ASP C 416 -16.47 21.89 -19.99
N LEU C 417 -15.48 22.13 -20.83
CA LEU C 417 -14.30 21.25 -20.92
C LEU C 417 -13.11 22.06 -21.40
N ILE C 418 -11.93 21.80 -20.83
CA ILE C 418 -10.70 22.39 -21.33
C ILE C 418 -9.74 21.30 -21.75
N GLY C 419 -9.07 21.52 -22.88
CA GLY C 419 -8.10 20.58 -23.38
C GLY C 419 -6.77 21.30 -23.54
N SER C 420 -5.81 20.94 -22.69
CA SER C 420 -4.50 21.60 -22.71
C SER C 420 -3.42 20.69 -22.09
N GLY C 421 -2.43 21.29 -21.43
CA GLY C 421 -1.28 20.52 -21.01
C GLY C 421 -1.21 20.24 -19.51
N ILE C 422 -0.15 19.54 -19.10
CA ILE C 422 0.02 19.14 -17.70
C ILE C 422 0.18 20.33 -16.76
N LYS C 423 0.74 21.42 -17.26
CA LYS C 423 0.94 22.58 -16.40
C LYS C 423 -0.35 23.34 -16.21
N GLU C 424 -1.37 23.00 -17.00
CA GLU C 424 -2.69 23.63 -16.91
C GLU C 424 -3.70 22.77 -16.16
N LYS C 425 -3.49 21.46 -16.22
CA LYS C 425 -4.50 20.50 -15.79
C LYS C 425 -5.07 20.72 -14.39
N PHE C 426 -4.18 20.86 -13.41
CA PHE C 426 -4.64 20.80 -12.03
C PHE C 426 -5.23 22.15 -11.62
N ILE C 427 -4.88 23.20 -12.36
CA ILE C 427 -5.47 24.52 -12.12
C ILE C 427 -6.98 24.49 -12.35
N PHE C 428 -7.37 24.00 -13.52
CA PHE C 428 -8.77 24.01 -13.89
C PHE C 428 -9.59 22.91 -13.21
N GLN C 429 -8.96 21.80 -12.80
CA GLN C 429 -9.73 20.84 -12.01
C GLN C 429 -10.12 21.44 -10.67
N LYS C 430 -9.27 22.27 -10.10
CA LYS C 430 -9.60 22.85 -8.81
C LYS C 430 -10.74 23.85 -8.95
N MET C 431 -10.89 24.37 -10.16
CA MET C 431 -11.98 25.28 -10.47
C MET C 431 -13.27 24.53 -10.78
N GLY C 432 -13.20 23.21 -10.84
CA GLY C 432 -14.41 22.44 -11.12
C GLY C 432 -14.69 22.28 -12.60
N ILE C 433 -13.70 22.57 -13.45
CA ILE C 433 -13.88 22.37 -14.88
C ILE C 433 -13.21 21.09 -15.39
N PRO C 434 -14.00 20.15 -15.92
CA PRO C 434 -13.45 18.93 -16.55
C PRO C 434 -12.28 19.27 -17.47
N PHE C 435 -11.19 18.52 -17.38
CA PHE C 435 -9.98 18.84 -18.12
C PHE C 435 -9.43 17.56 -18.79
N ARG C 436 -9.06 17.65 -20.07
CA ARG C 436 -8.35 16.56 -20.69
C ARG C 436 -6.99 17.03 -21.17
N GLN C 437 -5.98 16.22 -20.90
CA GLN C 437 -4.66 16.48 -21.47
C GLN C 437 -4.69 16.23 -22.95
N MET C 438 -4.34 17.25 -23.73
CA MET C 438 -4.38 17.11 -25.19
C MET C 438 -2.97 17.04 -25.79
N HIS C 439 -1.96 16.88 -24.94
CA HIS C 439 -0.65 16.46 -25.42
C HIS C 439 -0.48 14.96 -25.21
N SER C 440 -0.52 14.56 -23.95
CA SER C 440 -0.27 13.19 -23.53
C SER C 440 -1.52 12.31 -23.65
N TRP C 441 -2.63 12.93 -24.05
CA TRP C 441 -3.94 12.25 -24.09
C TRP C 441 -4.32 11.67 -22.72
N ASP C 442 -3.74 12.20 -21.64
CA ASP C 442 -4.02 11.73 -20.28
C ASP C 442 -3.79 10.22 -20.18
N TYR C 443 -2.70 9.77 -20.82
CA TYR C 443 -2.17 8.40 -20.68
C TYR C 443 -3.14 7.40 -21.30
N SER C 444 -3.94 7.93 -22.23
CA SER C 444 -4.93 7.17 -22.99
C SER C 444 -4.59 7.23 -24.49
N GLY C 445 -5.58 7.09 -25.37
CA GLY C 445 -5.28 7.13 -26.79
C GLY C 445 -4.99 5.74 -27.35
N PRO C 446 -4.72 5.63 -28.66
CA PRO C 446 -4.53 6.72 -29.62
C PRO C 446 -5.81 7.52 -29.90
N TYR C 447 -5.68 8.74 -30.41
CA TYR C 447 -6.85 9.49 -30.89
C TYR C 447 -6.93 9.60 -32.44
N HIS C 448 -5.85 9.25 -33.16
CA HIS C 448 -5.88 9.32 -34.62
C HIS C 448 -6.70 8.20 -35.24
N GLY C 449 -7.34 8.50 -36.37
CA GLY C 449 -8.02 7.52 -37.17
C GLY C 449 -9.33 7.02 -36.58
N PHE C 450 -9.88 5.97 -37.16
CA PHE C 450 -11.19 5.49 -36.73
C PHE C 450 -11.11 4.83 -35.35
N ASP C 451 -10.09 3.99 -35.13
CA ASP C 451 -9.95 3.35 -33.82
C ASP C 451 -9.69 4.39 -32.73
N GLY C 452 -9.00 5.46 -33.12
CA GLY C 452 -8.70 6.53 -32.19
C GLY C 452 -9.91 7.34 -31.77
N PHE C 453 -10.85 7.49 -32.71
CA PHE C 453 -12.05 8.30 -32.46
C PHE C 453 -12.90 7.69 -31.34
N ALA C 454 -13.05 6.36 -31.37
CA ALA C 454 -13.70 5.62 -30.26
C ALA C 454 -13.11 5.96 -28.88
N ILE C 455 -11.79 5.91 -28.77
CA ILE C 455 -11.14 6.22 -27.50
C ILE C 455 -11.30 7.70 -27.11
N PHE C 456 -11.11 8.58 -28.09
CA PHE C 456 -11.32 10.01 -27.89
C PHE C 456 -12.72 10.28 -27.32
N ALA C 457 -13.74 9.67 -27.95
CA ALA C 457 -15.13 9.87 -27.55
C ALA C 457 -15.36 9.40 -26.12
N ARG C 458 -14.91 8.18 -25.84
CA ARG C 458 -15.04 7.61 -24.50
C ARG C 458 -14.35 8.51 -23.47
N ASP C 459 -13.16 9.01 -23.81
CA ASP C 459 -12.40 9.84 -22.88
C ASP C 459 -13.07 11.20 -22.59
N MET C 460 -13.51 11.87 -23.64
CA MET C 460 -14.22 13.14 -23.45
C MET C 460 -15.47 12.91 -22.59
N ASP C 461 -16.19 11.83 -22.85
CA ASP C 461 -17.40 11.56 -22.06
C ASP C 461 -17.09 11.22 -20.60
N MET C 462 -16.08 10.38 -20.36
CA MET C 462 -15.83 9.88 -19.01
C MET C 462 -15.46 11.01 -18.06
N THR C 463 -14.82 12.05 -18.62
CA THR C 463 -14.32 13.16 -17.84
C THR C 463 -15.38 14.24 -17.72
N LEU C 464 -15.94 14.66 -18.84
CA LEU C 464 -16.96 15.70 -18.79
C LEU C 464 -18.12 15.24 -17.92
N ASN C 465 -18.52 13.98 -18.02
CA ASN C 465 -19.71 13.57 -17.31
C ASN C 465 -19.42 12.81 -16.02
N ASN C 466 -18.18 12.91 -15.53
CA ASN C 466 -17.81 12.21 -14.31
C ASN C 466 -18.56 12.68 -13.05
N PRO C 467 -18.91 11.75 -12.16
CA PRO C 467 -19.62 12.20 -10.95
C PRO C 467 -18.79 13.11 -10.02
N CYS C 468 -17.48 13.15 -10.14
CA CYS C 468 -16.68 14.02 -9.25
C CYS C 468 -16.98 15.51 -9.41
N TRP C 469 -17.42 15.94 -10.58
CA TRP C 469 -17.55 17.38 -10.81
C TRP C 469 -18.73 17.96 -10.07
N LYS C 470 -19.63 17.08 -9.61
CA LYS C 470 -20.82 17.51 -8.87
C LYS C 470 -20.51 17.72 -7.39
N LYS C 471 -19.28 17.42 -6.99
CA LYS C 471 -19.00 17.29 -5.57
C LYS C 471 -18.10 18.39 -4.98
N LEU C 472 -17.74 19.41 -5.75
CA LEU C 472 -16.76 20.36 -5.25
C LEU C 472 -17.28 21.28 -4.16
N GLN C 473 -18.58 21.58 -4.14
CA GLN C 473 -19.04 22.49 -3.10
C GLN C 473 -19.52 21.69 -1.88
N ALA C 474 -19.01 22.02 -0.69
CA ALA C 474 -19.50 21.32 0.50
C ALA C 474 -20.96 21.73 0.73
N PRO C 475 -21.81 20.76 1.12
CA PRO C 475 -23.24 20.97 1.33
C PRO C 475 -23.54 22.08 2.35
N TRP C 476 -22.68 22.25 3.34
CA TRP C 476 -22.86 23.31 4.31
C TRP C 476 -22.30 24.65 3.84
N GLU C 477 -21.88 24.73 2.59
CA GLU C 477 -21.35 25.97 2.06
C GLU C 477 -22.16 26.46 0.87
N SER D 1 -9.87 -2.08 -35.52
CA SER D 1 -11.33 -2.08 -35.27
C SER D 1 -11.62 -1.92 -33.79
N GLN D 2 -12.80 -1.42 -33.49
CA GLN D 2 -13.28 -1.28 -32.11
C GLN D 2 -14.69 -1.84 -31.97
N GLN D 3 -14.95 -2.52 -30.85
CA GLN D 3 -16.33 -2.82 -30.43
C GLN D 3 -16.81 -1.71 -29.49
N VAL D 4 -17.93 -1.08 -29.81
CA VAL D 4 -18.30 0.16 -29.11
C VAL D 4 -18.58 -0.06 -27.63
N ASP D 5 -18.95 -1.27 -27.24
CA ASP D 5 -19.28 -1.51 -25.84
C ASP D 5 -18.08 -1.99 -25.05
N LYS D 6 -16.96 -2.23 -25.73
CA LYS D 6 -15.72 -2.56 -25.05
C LYS D 6 -14.52 -1.98 -25.79
N ILE D 7 -14.38 -0.65 -25.70
CA ILE D 7 -13.36 0.06 -26.44
C ILE D 7 -11.96 -0.25 -25.88
N LYS D 8 -11.00 -0.49 -26.76
CA LYS D 8 -9.62 -0.79 -26.39
C LYS D 8 -8.73 0.42 -26.59
N ALA D 9 -7.98 0.78 -25.53
CA ALA D 9 -6.89 1.75 -25.64
C ALA D 9 -5.66 1.06 -26.19
N SER D 10 -4.54 1.79 -26.32
CA SER D 10 -3.33 1.29 -26.98
C SER D 10 -2.98 -0.12 -26.49
N TYR D 11 -2.99 -0.32 -25.18
CA TYR D 11 -3.04 -1.67 -24.64
C TYR D 11 -4.51 -1.97 -24.22
N PRO D 12 -5.12 -3.05 -24.75
CA PRO D 12 -4.57 -4.11 -25.60
C PRO D 12 -4.86 -3.99 -27.11
N LEU D 13 -5.28 -2.82 -27.59
CA LEU D 13 -5.66 -2.65 -29.00
C LEU D 13 -4.63 -3.17 -30.00
N PHE D 14 -3.36 -2.86 -29.75
CA PHE D 14 -2.33 -3.15 -30.73
C PHE D 14 -1.90 -4.63 -30.67
N LEU D 15 -2.53 -5.39 -29.79
CA LEU D 15 -2.38 -6.84 -29.77
C LEU D 15 -3.33 -7.54 -30.74
N ASP D 16 -4.30 -6.80 -31.26
CA ASP D 16 -5.17 -7.35 -32.32
C ASP D 16 -4.31 -7.89 -33.48
N GLN D 17 -4.78 -8.95 -34.13
CA GLN D 17 -3.98 -9.56 -35.18
C GLN D 17 -3.65 -8.60 -36.33
N ASP D 18 -4.59 -7.73 -36.72
CA ASP D 18 -4.30 -6.92 -37.89
C ASP D 18 -3.21 -5.88 -37.58
N TYR D 19 -3.19 -5.32 -36.36
CA TYR D 19 -2.08 -4.47 -35.94
C TYR D 19 -0.76 -5.22 -35.81
N LYS D 20 -0.81 -6.43 -35.25
CA LYS D 20 0.40 -7.26 -35.13
C LYS D 20 1.01 -7.52 -36.51
N ASP D 21 0.16 -7.85 -37.48
CA ASP D 21 0.63 -8.15 -38.84
C ASP D 21 1.22 -6.90 -39.49
N MET D 22 0.53 -5.78 -39.32
CA MET D 22 1.03 -4.49 -39.79
C MET D 22 2.40 -4.13 -39.22
N LEU D 23 2.57 -4.33 -37.91
CA LEU D 23 3.86 -4.04 -37.28
C LEU D 23 4.94 -4.99 -37.77
N ALA D 24 4.57 -6.23 -38.08
CA ALA D 24 5.56 -7.15 -38.63
C ALA D 24 6.04 -6.67 -39.99
N LYS D 25 5.11 -6.26 -40.84
CA LYS D 25 5.46 -5.76 -42.18
C LYS D 25 6.33 -4.48 -42.12
N LYS D 26 6.02 -3.60 -41.16
CA LYS D 26 6.82 -2.39 -40.96
C LYS D 26 8.26 -2.78 -40.57
N ARG D 27 8.39 -3.59 -39.53
CA ARG D 27 9.70 -4.12 -39.10
C ARG D 27 10.49 -4.75 -40.25
N ASP D 28 9.90 -5.74 -40.91
CA ASP D 28 10.60 -6.45 -41.97
C ASP D 28 10.86 -5.60 -43.23
N GLY D 29 9.91 -4.75 -43.59
CA GLY D 29 10.05 -3.96 -44.80
C GLY D 29 11.12 -2.89 -44.71
N PHE D 30 11.16 -2.16 -43.59
CA PHE D 30 11.81 -0.86 -43.58
C PHE D 30 12.72 -0.50 -42.42
N GLU D 31 12.68 -1.27 -41.34
CA GLU D 31 13.46 -0.91 -40.14
C GLU D 31 14.90 -1.47 -40.13
N GLU D 32 15.20 -2.38 -41.06
CA GLU D 32 16.51 -3.05 -41.14
C GLU D 32 17.01 -3.45 -39.73
N LYS D 33 16.14 -4.19 -39.06
CA LYS D 33 16.28 -4.46 -37.63
C LYS D 33 17.29 -5.58 -37.44
N TYR D 34 18.09 -5.54 -36.37
CA TYR D 34 18.96 -6.68 -36.07
C TYR D 34 18.12 -7.94 -35.85
N PRO D 35 18.60 -9.12 -36.31
CA PRO D 35 17.88 -10.39 -36.08
C PRO D 35 17.59 -10.62 -34.59
N GLN D 36 16.47 -11.26 -34.30
CA GLN D 36 16.05 -11.44 -32.91
C GLN D 36 17.10 -12.24 -32.12
N ASP D 37 17.76 -13.20 -32.77
CA ASP D 37 18.85 -13.97 -32.12
C ASP D 37 20.00 -13.07 -31.65
N LYS D 38 20.33 -12.07 -32.44
CA LYS D 38 21.42 -11.16 -32.11
C LYS D 38 20.99 -10.28 -30.96
N ILE D 39 19.73 -9.88 -30.98
CA ILE D 39 19.19 -9.04 -29.92
C ILE D 39 19.20 -9.79 -28.59
N ASP D 40 18.73 -11.05 -28.63
CA ASP D 40 18.77 -11.93 -27.46
C ASP D 40 20.22 -12.10 -26.95
N GLU D 41 21.17 -12.28 -27.87
CA GLU D 41 22.56 -12.50 -27.44
C GLU D 41 23.15 -11.26 -26.78
N VAL D 42 22.86 -10.09 -27.34
CA VAL D 42 23.36 -8.87 -26.76
C VAL D 42 22.65 -8.60 -25.44
N PHE D 43 21.33 -8.78 -25.40
CA PHE D 43 20.65 -8.63 -24.11
C PHE D 43 21.30 -9.49 -23.02
N GLN D 44 21.50 -10.76 -23.29
CA GLN D 44 22.12 -11.65 -22.32
C GLN D 44 23.51 -11.13 -21.87
N TRP D 45 24.31 -10.65 -22.82
CA TRP D 45 25.60 -10.08 -22.52
C TRP D 45 25.50 -8.86 -21.57
N THR D 46 24.44 -8.05 -21.69
CA THR D 46 24.28 -6.89 -20.80
C THR D 46 23.94 -7.26 -19.35
N THR D 47 23.61 -8.53 -19.10
CA THR D 47 23.32 -8.97 -17.74
C THR D 47 24.57 -9.59 -17.08
N THR D 48 25.71 -9.57 -17.76
CA THR D 48 26.88 -10.31 -17.26
C THR D 48 27.89 -9.49 -16.46
N LYS D 49 28.78 -10.21 -15.79
CA LYS D 49 29.91 -9.61 -15.07
C LYS D 49 30.88 -8.90 -16.01
N GLU D 50 31.09 -9.45 -17.20
N GLU D 50 31.10 -9.49 -17.19
CA GLU D 50 31.99 -8.82 -18.17
CA GLU D 50 31.93 -8.86 -18.23
C GLU D 50 31.42 -7.49 -18.66
C GLU D 50 31.39 -7.48 -18.54
N TYR D 51 30.11 -7.41 -18.82
CA TYR D 51 29.47 -6.15 -19.18
C TYR D 51 29.54 -5.17 -18.01
N GLN D 52 29.32 -5.70 -16.82
CA GLN D 52 29.38 -4.85 -15.62
C GLN D 52 30.75 -4.20 -15.51
N GLU D 53 31.80 -4.94 -15.86
CA GLU D 53 33.16 -4.38 -15.80
C GLU D 53 33.29 -3.19 -16.74
N LEU D 54 32.84 -3.38 -17.98
CA LEU D 54 32.90 -2.32 -18.98
C LEU D 54 32.04 -1.13 -18.54
N ASN D 55 30.91 -1.45 -17.92
CA ASN D 55 29.95 -0.48 -17.45
C ASN D 55 30.56 0.46 -16.38
N PHE D 56 31.23 -0.15 -15.42
CA PHE D 56 31.82 0.60 -14.31
C PHE D 56 33.15 1.25 -14.70
N GLN D 57 33.62 1.02 -15.94
CA GLN D 57 34.80 1.74 -16.43
C GLN D 57 34.42 3.11 -17.04
N ARG D 58 33.13 3.41 -17.16
CA ARG D 58 32.70 4.68 -17.73
C ARG D 58 33.28 5.87 -16.99
N GLU D 59 33.79 6.82 -17.74
CA GLU D 59 34.32 8.05 -17.20
C GLU D 59 33.62 9.28 -17.79
N ALA D 60 32.90 9.12 -18.89
CA ALA D 60 32.32 10.28 -19.57
C ALA D 60 30.80 10.16 -19.82
N LEU D 61 30.34 8.95 -20.14
CA LEU D 61 28.91 8.73 -20.41
C LEU D 61 28.14 8.50 -19.11
N THR D 62 26.98 9.15 -19.00
CA THR D 62 26.06 8.90 -17.92
C THR D 62 24.78 8.37 -18.55
N VAL D 63 24.20 7.36 -17.94
CA VAL D 63 23.00 6.74 -18.47
C VAL D 63 21.99 6.58 -17.35
N ASN D 64 20.77 7.11 -17.55
CA ASN D 64 19.72 7.07 -16.54
C ASN D 64 20.19 7.58 -15.16
N PRO D 65 20.51 8.87 -15.10
CA PRO D 65 20.92 9.46 -13.81
C PRO D 65 19.84 9.39 -12.73
N ALA D 66 20.28 9.47 -11.49
CA ALA D 66 19.35 9.49 -10.36
C ALA D 66 19.52 10.81 -9.60
N LYS D 67 19.46 11.91 -10.35
CA LYS D 67 19.53 13.26 -9.78
C LYS D 67 19.00 14.28 -10.79
N ALA D 68 18.67 15.49 -10.32
CA ALA D 68 18.22 16.54 -11.23
C ALA D 68 19.09 17.77 -10.94
N CYS D 69 18.73 18.93 -11.45
CA CYS D 69 19.67 20.08 -11.35
C CYS D 69 19.23 21.12 -10.30
N GLN D 70 20.17 21.98 -9.92
CA GLN D 70 19.95 22.91 -8.78
C GLN D 70 18.63 23.71 -8.77
N PRO D 71 18.28 24.39 -9.89
CA PRO D 71 17.11 25.27 -9.76
C PRO D 71 15.80 24.56 -9.46
N LEU D 72 15.69 23.28 -9.81
CA LEU D 72 14.54 22.49 -9.34
C LEU D 72 14.38 22.62 -7.83
N GLY D 73 15.49 22.45 -7.10
CA GLY D 73 15.46 22.49 -5.65
C GLY D 73 15.23 23.88 -5.13
N ALA D 74 15.75 24.86 -5.86
CA ALA D 74 15.52 26.27 -5.50
C ALA D 74 14.04 26.60 -5.63
N VAL D 75 13.40 26.09 -6.68
CA VAL D 75 11.99 26.35 -6.84
C VAL D 75 11.18 25.74 -5.69
N LEU D 76 11.45 24.48 -5.34
CA LEU D 76 10.71 23.84 -4.25
C LEU D 76 10.91 24.58 -2.94
N CYS D 77 12.13 25.01 -2.67
CA CYS D 77 12.38 25.79 -1.46
C CYS D 77 11.56 27.09 -1.44
N ALA D 78 11.60 27.82 -2.56
CA ALA D 78 10.84 29.09 -2.67
C ALA D 78 9.34 28.89 -2.45
N LEU D 79 8.80 27.78 -2.96
CA LEU D 79 7.38 27.49 -2.79
C LEU D 79 6.94 27.37 -1.33
N GLY D 80 7.89 27.16 -0.43
CA GLY D 80 7.60 27.03 0.99
C GLY D 80 7.39 28.33 1.79
N PHE D 81 7.48 29.47 1.11
CA PHE D 81 7.30 30.78 1.77
C PHE D 81 5.99 31.46 1.36
N GLU D 82 5.40 32.20 2.29
CA GLU D 82 4.06 32.76 2.10
C GLU D 82 3.99 33.72 0.90
N LYS D 83 3.01 33.48 0.03
CA LYS D 83 2.77 34.27 -1.18
C LYS D 83 4.04 34.59 -1.96
N THR D 84 4.87 33.57 -2.14
CA THR D 84 6.16 33.75 -2.78
C THR D 84 6.10 33.14 -4.16
N MET D 85 6.57 33.89 -5.15
CA MET D 85 6.67 33.38 -6.51
C MET D 85 8.11 32.99 -6.81
N PRO D 86 8.34 31.69 -7.06
CA PRO D 86 9.66 31.31 -7.57
C PRO D 86 9.88 31.92 -8.94
N TYR D 87 11.08 32.41 -9.17
CA TYR D 87 11.40 33.15 -10.39
C TYR D 87 12.78 32.66 -10.81
N VAL D 88 12.91 32.11 -12.01
CA VAL D 88 14.20 31.58 -12.40
C VAL D 88 14.74 32.45 -13.53
N HIS D 89 15.75 33.25 -13.20
CA HIS D 89 16.41 34.10 -14.15
C HIS D 89 17.18 33.25 -15.15
N GLY D 90 16.83 33.43 -16.42
CA GLY D 90 17.43 32.66 -17.48
C GLY D 90 16.44 32.23 -18.54
N SER D 91 16.62 31.00 -19.00
CA SER D 91 15.90 30.45 -20.14
C SER D 91 14.57 29.78 -19.79
N GLN D 92 13.53 30.03 -20.57
CA GLN D 92 12.18 29.61 -20.15
C GLN D 92 11.93 28.11 -20.23
N GLY D 93 12.65 27.38 -21.10
CA GLY D 93 12.51 25.94 -21.22
C GLY D 93 12.69 25.23 -19.88
N CYS D 94 13.60 25.74 -19.07
CA CYS D 94 13.88 25.20 -17.75
C CYS D 94 12.66 25.19 -16.88
N VAL D 95 12.00 26.35 -16.81
CA VAL D 95 10.81 26.47 -15.97
C VAL D 95 9.66 25.58 -16.44
N ALA D 96 9.50 25.40 -17.74
CA ALA D 96 8.45 24.51 -18.24
C ALA D 96 8.71 23.11 -17.71
N TYR D 97 9.98 22.70 -17.75
CA TYR D 97 10.36 21.39 -17.21
C TYR D 97 10.20 21.28 -15.67
N PHE D 98 10.69 22.27 -14.91
CA PHE D 98 10.56 22.26 -13.45
C PHE D 98 9.09 22.09 -13.03
N ARG D 99 8.23 22.91 -13.62
CA ARG D 99 6.80 22.86 -13.31
C ARG D 99 6.18 21.51 -13.65
N SER D 100 6.48 21.01 -14.84
CA SER D 100 5.94 19.71 -15.30
C SER D 100 6.41 18.55 -14.44
N TYR D 101 7.65 18.65 -14.01
CA TYR D 101 8.26 17.60 -13.20
C TYR D 101 7.55 17.50 -11.87
N PHE D 102 7.43 18.64 -11.19
CA PHE D 102 6.64 18.67 -9.96
C PHE D 102 5.15 18.41 -10.18
N ASN D 103 4.54 18.94 -11.26
CA ASN D 103 3.11 18.66 -11.55
C ASN D 103 2.86 17.18 -11.50
N ARG D 104 3.76 16.42 -12.13
CA ARG D 104 3.53 14.99 -12.29
C ARG D 104 3.70 14.21 -10.99
N HIS D 105 4.57 14.71 -10.11
CA HIS D 105 4.79 14.03 -8.82
C HIS D 105 3.71 14.34 -7.81
N PHE D 106 3.36 15.62 -7.70
CA PHE D 106 2.39 16.06 -6.69
C PHE D 106 0.92 16.02 -7.18
N ARG D 107 0.73 15.97 -8.49
CA ARG D 107 -0.58 16.10 -9.13
C ARG D 107 -1.28 17.34 -8.63
N GLU D 108 -0.54 18.44 -8.69
CA GLU D 108 -0.98 19.76 -8.21
C GLU D 108 -0.42 20.83 -9.13
N PRO D 109 -1.05 22.00 -9.15
CA PRO D 109 -0.46 23.12 -9.90
C PRO D 109 0.87 23.49 -9.29
N VAL D 110 1.78 24.01 -10.11
CA VAL D 110 3.11 24.44 -9.66
C VAL D 110 3.43 25.76 -10.31
N SER D 111 3.47 26.83 -9.53
CA SER D 111 3.58 28.16 -10.11
C SER D 111 5.05 28.60 -10.03
N CYS D 112 5.58 29.07 -11.15
CA CYS D 112 6.96 29.49 -11.24
C CYS D 112 7.06 30.32 -12.50
N VAL D 113 7.86 31.39 -12.49
CA VAL D 113 8.01 32.15 -13.72
C VAL D 113 9.47 32.16 -14.18
N SER D 114 9.65 32.52 -15.45
CA SER D 114 10.94 32.71 -16.09
C SER D 114 11.09 34.18 -16.49
N ASP D 115 12.31 34.68 -16.75
CA ASP D 115 12.29 35.97 -17.44
C ASP D 115 12.76 35.81 -18.86
N SER D 116 12.68 34.57 -19.36
CA SER D 116 12.72 34.27 -20.79
C SER D 116 13.89 34.92 -21.54
N MET D 117 15.11 34.69 -21.06
CA MET D 117 16.29 35.16 -21.78
C MET D 117 16.46 34.39 -23.08
N THR D 118 16.64 35.14 -24.16
CA THR D 118 16.83 34.59 -25.48
C THR D 118 18.29 34.76 -25.87
N GLU D 119 18.58 34.50 -27.12
CA GLU D 119 19.93 34.53 -27.64
C GLU D 119 20.56 35.92 -27.51
N ASP D 120 19.79 36.98 -27.74
CA ASP D 120 20.40 38.30 -27.61
C ASP D 120 20.62 38.64 -26.14
N ALA D 121 19.78 38.11 -25.26
CA ALA D 121 20.02 38.27 -23.81
C ALA D 121 21.25 37.48 -23.35
N ALA D 122 21.51 36.34 -23.98
CA ALA D 122 22.76 35.63 -23.70
C ALA D 122 23.95 36.52 -24.02
N VAL D 123 23.91 37.21 -25.16
CA VAL D 123 25.06 38.00 -25.58
C VAL D 123 25.18 39.31 -24.78
N PHE D 124 24.05 39.98 -24.53
CA PHE D 124 24.09 41.29 -23.87
C PHE D 124 23.84 41.22 -22.38
N GLY D 125 23.50 40.03 -21.87
CA GLY D 125 23.26 39.85 -20.45
C GLY D 125 21.77 40.02 -20.21
N GLY D 126 21.25 39.57 -19.07
CA GLY D 126 19.81 39.59 -18.85
C GLY D 126 19.29 40.69 -17.96
N GLN D 127 19.92 41.85 -17.95
CA GLN D 127 19.52 42.92 -17.04
C GLN D 127 18.13 43.46 -17.38
N GLN D 128 17.83 43.59 -18.67
CA GLN D 128 16.52 44.13 -19.05
C GLN D 128 15.44 43.11 -18.74
N ASN D 129 15.77 41.83 -18.91
CA ASN D 129 14.81 40.76 -18.61
C ASN D 129 14.46 40.79 -17.12
N MET D 130 15.44 41.08 -16.28
CA MET D 130 15.21 41.14 -14.83
C MET D 130 14.30 42.32 -14.48
N LYS D 131 14.58 43.48 -15.06
CA LYS D 131 13.78 44.67 -14.82
C LYS D 131 12.33 44.45 -15.22
N ASP D 132 12.11 44.10 -16.49
CA ASP D 132 10.75 43.88 -16.98
C ASP D 132 10.13 42.65 -16.30
N GLY D 133 10.93 41.62 -16.07
CA GLY D 133 10.40 40.37 -15.50
C GLY D 133 9.82 40.60 -14.11
N LEU D 134 10.59 41.28 -13.28
CA LEU D 134 10.16 41.55 -11.90
C LEU D 134 8.90 42.41 -11.90
N GLN D 135 8.88 43.46 -12.73
CA GLN D 135 7.72 44.34 -12.77
C GLN D 135 6.48 43.58 -13.27
N ASN D 136 6.65 42.82 -14.34
CA ASN D 136 5.54 42.04 -14.89
C ASN D 136 4.98 41.00 -13.90
N CYS D 137 5.90 40.26 -13.30
CA CYS D 137 5.51 39.20 -12.39
C CYS D 137 4.74 39.79 -11.21
N LYS D 138 5.26 40.87 -10.64
CA LYS D 138 4.61 41.49 -9.50
C LYS D 138 3.23 42.06 -9.86
N ALA D 139 3.14 42.73 -10.99
CA ALA D 139 1.84 43.29 -11.41
C ALA D 139 0.81 42.19 -11.73
N THR D 140 1.25 41.11 -12.34
CA THR D 140 0.32 40.12 -12.86
C THR D 140 -0.09 39.07 -11.80
N TYR D 141 0.88 38.52 -11.07
CA TYR D 141 0.58 37.43 -10.14
C TYR D 141 0.57 37.88 -8.69
N LYS D 142 0.86 39.16 -8.47
CA LYS D 142 0.77 39.77 -7.13
C LYS D 142 1.31 38.92 -5.94
N PRO D 143 2.55 38.42 -6.05
CA PRO D 143 3.24 37.79 -4.92
C PRO D 143 3.62 38.82 -3.85
N ASP D 144 3.76 38.40 -2.59
CA ASP D 144 4.32 39.29 -1.58
C ASP D 144 5.84 39.27 -1.65
N MET D 145 6.39 38.30 -2.36
CA MET D 145 7.83 38.09 -2.43
C MET D 145 8.17 37.37 -3.71
N ILE D 146 9.32 37.70 -4.31
CA ILE D 146 9.79 36.98 -5.47
C ILE D 146 11.16 36.39 -5.14
N ALA D 147 11.28 35.07 -5.26
CA ALA D 147 12.56 34.43 -4.91
C ALA D 147 13.29 33.99 -6.17
N VAL D 148 14.46 34.57 -6.39
CA VAL D 148 15.14 34.45 -7.67
C VAL D 148 16.29 33.42 -7.64
N SER D 149 16.27 32.51 -8.59
CA SER D 149 17.36 31.55 -8.80
C SER D 149 17.79 31.67 -10.28
N THR D 150 18.68 30.78 -10.74
CA THR D 150 19.22 30.90 -12.12
C THR D 150 19.21 29.61 -12.92
N THR D 151 19.12 29.74 -14.24
CA THR D 151 19.36 28.60 -15.14
C THR D 151 20.81 28.65 -15.60
N CYS D 152 21.27 27.58 -16.26
CA CYS D 152 22.70 27.42 -16.44
C CYS D 152 23.25 28.48 -17.42
N MET D 153 22.42 28.98 -18.34
CA MET D 153 22.94 29.99 -19.28
C MET D 153 23.32 31.25 -18.53
N ALA D 154 22.50 31.63 -17.56
CA ALA D 154 22.80 32.86 -16.79
C ALA D 154 23.99 32.66 -15.86
N GLU D 155 24.23 31.41 -15.49
CA GLU D 155 25.42 31.07 -14.69
C GLU D 155 26.72 31.10 -15.50
N VAL D 156 26.71 30.59 -16.72
CA VAL D 156 27.90 30.67 -17.57
C VAL D 156 28.35 32.12 -17.80
N ILE D 157 27.41 32.99 -18.16
CA ILE D 157 27.72 34.36 -18.59
C ILE D 157 27.88 35.33 -17.40
N GLY D 158 27.72 34.82 -16.20
CA GLY D 158 27.95 35.61 -15.01
C GLY D 158 26.98 36.73 -14.76
N ASP D 159 25.69 36.54 -15.07
CA ASP D 159 24.70 37.55 -14.73
C ASP D 159 24.73 37.80 -13.22
N ASP D 160 24.92 39.05 -12.83
CA ASP D 160 25.02 39.38 -11.40
C ASP D 160 23.61 39.65 -10.86
N LEU D 161 23.01 38.62 -10.27
CA LEU D 161 21.65 38.71 -9.74
C LEU D 161 21.53 39.90 -8.81
N ASN D 162 22.52 40.04 -7.92
CA ASN D 162 22.44 41.08 -6.90
C ASN D 162 22.36 42.44 -7.55
N ALA D 163 23.26 42.70 -8.50
CA ALA D 163 23.25 43.99 -9.18
C ALA D 163 22.00 44.18 -10.03
N PHE D 164 21.56 43.16 -10.75
CA PHE D 164 20.40 43.30 -11.64
C PHE D 164 19.12 43.60 -10.85
N ILE D 165 18.95 42.93 -9.71
CA ILE D 165 17.79 43.17 -8.85
C ILE D 165 17.87 44.58 -8.26
N ASN D 166 19.03 44.97 -7.72
CA ASN D 166 19.15 46.31 -7.15
C ASN D 166 18.98 47.43 -8.19
N ASN D 167 19.44 47.22 -9.42
CA ASN D 167 19.15 48.22 -10.44
C ASN D 167 17.66 48.25 -10.83
N SER D 168 16.99 47.11 -10.73
CA SER D 168 15.56 47.09 -11.00
C SER D 168 14.84 47.98 -9.98
N LYS D 169 15.28 47.93 -8.74
CA LYS D 169 14.67 48.77 -7.70
C LYS D 169 15.06 50.24 -7.87
N LYS D 170 16.33 50.51 -8.16
CA LYS D 170 16.77 51.88 -8.27
C LYS D 170 16.06 52.56 -9.44
N GLU D 171 15.70 51.78 -10.46
CA GLU D 171 15.09 52.39 -11.63
C GLU D 171 13.56 52.36 -11.59
N GLY D 172 13.01 51.81 -10.51
CA GLY D 172 11.58 51.95 -10.25
C GLY D 172 10.71 50.82 -10.77
N PHE D 173 11.32 49.76 -11.28
CA PHE D 173 10.54 48.64 -11.81
C PHE D 173 9.82 47.87 -10.73
N ILE D 174 10.40 47.80 -9.54
CA ILE D 174 9.71 47.25 -8.37
C ILE D 174 10.07 48.11 -7.18
N PRO D 175 9.19 48.17 -6.16
CA PRO D 175 9.46 49.02 -4.98
C PRO D 175 10.70 48.57 -4.22
N ASP D 176 11.39 49.54 -3.62
CA ASP D 176 12.65 49.29 -2.93
C ASP D 176 12.54 48.29 -1.79
N GLU D 177 11.41 48.30 -1.09
CA GLU D 177 11.24 47.43 0.07
C GLU D 177 10.62 46.07 -0.29
N PHE D 178 10.24 45.90 -1.55
CA PHE D 178 9.66 44.64 -1.96
C PHE D 178 10.73 43.53 -1.91
N PRO D 179 10.43 42.42 -1.20
CA PRO D 179 11.53 41.47 -0.95
C PRO D 179 11.88 40.61 -2.17
N VAL D 180 13.14 40.67 -2.60
CA VAL D 180 13.61 39.84 -3.71
C VAL D 180 14.92 39.14 -3.33
N PRO D 181 14.81 38.06 -2.51
CA PRO D 181 15.98 37.26 -2.19
C PRO D 181 16.42 36.51 -3.44
N PHE D 182 17.72 36.22 -3.52
CA PHE D 182 18.24 35.49 -4.66
C PHE D 182 19.30 34.47 -4.27
N ALA D 183 19.57 33.54 -5.18
CA ALA D 183 20.70 32.63 -5.03
C ALA D 183 21.16 32.22 -6.41
N HIS D 184 22.46 32.12 -6.56
CA HIS D 184 23.01 31.50 -7.76
C HIS D 184 22.91 29.97 -7.69
N THR D 185 22.26 29.37 -8.68
CA THR D 185 21.99 27.94 -8.65
C THR D 185 22.47 27.21 -9.92
N PRO D 186 23.80 27.01 -10.08
CA PRO D 186 24.33 26.43 -11.32
C PRO D 186 24.05 24.96 -11.49
N SER D 187 23.44 24.55 -12.61
CA SER D 187 23.02 23.16 -12.76
C SER D 187 24.21 22.23 -12.87
N PHE D 188 25.36 22.76 -13.26
CA PHE D 188 26.57 21.96 -13.42
C PHE D 188 27.41 21.87 -12.12
N VAL D 189 26.80 22.19 -10.98
CA VAL D 189 27.42 21.95 -9.70
C VAL D 189 26.42 21.18 -8.83
N GLY D 190 26.85 20.10 -8.21
CA GLY D 190 25.96 19.38 -7.28
C GLY D 190 24.69 18.87 -7.93
N SER D 191 23.53 19.11 -7.30
CA SER D 191 22.27 18.62 -7.84
C SER D 191 21.10 19.44 -7.31
N HIS D 192 19.87 19.02 -7.58
CA HIS D 192 18.69 19.71 -7.07
C HIS D 192 18.79 19.99 -5.54
N VAL D 193 19.34 19.07 -4.74
CA VAL D 193 19.36 19.35 -3.30
C VAL D 193 20.29 20.53 -2.96
N THR D 194 21.34 20.72 -3.76
CA THR D 194 22.26 21.85 -3.57
C THR D 194 21.54 23.17 -3.88
N GLY D 195 20.71 23.16 -4.92
CA GLY D 195 19.89 24.32 -5.23
C GLY D 195 18.96 24.71 -4.09
N TRP D 196 18.42 23.72 -3.39
CA TRP D 196 17.57 23.99 -2.21
C TRP D 196 18.36 24.69 -1.12
N ASP D 197 19.51 24.11 -0.77
CA ASP D 197 20.45 24.70 0.21
C ASP D 197 20.77 26.16 -0.15
N ASN D 198 21.14 26.37 -1.41
CA ASN D 198 21.57 27.69 -1.87
C ASN D 198 20.43 28.70 -1.79
N MET D 199 19.24 28.28 -2.23
CA MET D 199 18.06 29.17 -2.19
C MET D 199 17.69 29.52 -0.75
N PHE D 200 17.69 28.53 0.12
CA PHE D 200 17.33 28.78 1.52
C PHE D 200 18.30 29.75 2.17
N GLU D 201 19.60 29.50 1.98
CA GLU D 201 20.59 30.38 2.56
C GLU D 201 20.43 31.82 2.03
N GLY D 202 20.08 31.95 0.76
CA GLY D 202 19.87 33.26 0.16
C GLY D 202 18.69 33.99 0.82
N ILE D 203 17.64 33.26 1.11
CA ILE D 203 16.45 33.83 1.73
C ILE D 203 16.76 34.16 3.21
N ALA D 204 17.39 33.23 3.90
CA ALA D 204 17.80 33.49 5.28
C ALA D 204 18.72 34.74 5.39
N ARG D 205 19.67 34.84 4.46
CA ARG D 205 20.58 35.98 4.42
C ARG D 205 19.81 37.29 4.21
N TYR D 206 18.88 37.26 3.24
CA TYR D 206 18.12 38.45 2.85
C TYR D 206 17.42 39.06 4.06
N PHE D 207 16.82 38.22 4.91
CA PHE D 207 15.96 38.73 5.97
C PHE D 207 16.67 38.94 7.29
N THR D 208 17.92 38.51 7.41
CA THR D 208 18.57 38.61 8.72
C THR D 208 19.94 39.25 8.73
N LEU D 209 20.65 39.24 7.61
CA LEU D 209 22.05 39.65 7.62
C LEU D 209 22.26 41.06 8.18
N LYS D 210 21.43 42.01 7.77
CA LYS D 210 21.62 43.41 8.10
C LYS D 210 20.98 43.81 9.42
N SER D 211 20.33 42.87 10.10
CA SER D 211 19.60 43.26 11.28
C SER D 211 19.96 42.40 12.49
N MET D 212 21.21 41.94 12.54
CA MET D 212 21.64 41.05 13.64
C MET D 212 21.82 41.72 15.00
N ASP D 213 22.01 43.04 15.00
CA ASP D 213 22.42 43.74 16.22
C ASP D 213 21.43 43.63 17.37
N ASP D 214 20.14 43.54 17.06
CA ASP D 214 19.15 43.47 18.13
C ASP D 214 18.76 42.04 18.50
N LYS D 215 19.35 41.07 17.81
CA LYS D 215 18.95 39.68 18.02
C LYS D 215 19.55 39.07 19.29
N VAL D 216 18.76 38.24 19.95
CA VAL D 216 19.19 37.57 21.17
C VAL D 216 18.81 36.10 21.07
N VAL D 217 19.82 35.23 21.09
CA VAL D 217 19.60 33.79 20.89
C VAL D 217 18.68 33.28 21.99
N GLY D 218 17.62 32.59 21.61
CA GLY D 218 16.71 32.00 22.56
C GLY D 218 15.59 32.88 23.06
N SER D 219 15.59 34.15 22.69
CA SER D 219 14.60 35.09 23.23
C SER D 219 13.16 34.89 22.71
N ASN D 220 12.94 34.07 21.67
CA ASN D 220 11.56 33.82 21.26
C ASN D 220 11.10 32.42 21.69
N LYS D 221 12.01 31.69 22.33
CA LYS D 221 11.73 30.38 22.92
C LYS D 221 11.27 29.31 21.93
N LYS D 222 11.60 29.48 20.65
CA LYS D 222 11.24 28.47 19.65
C LYS D 222 12.47 27.74 19.14
N ILE D 223 12.25 26.61 18.49
CA ILE D 223 13.28 25.97 17.67
C ILE D 223 12.96 26.11 16.17
N ASN D 224 13.92 26.59 15.41
CA ASN D 224 13.83 26.60 13.96
C ASN D 224 13.99 25.20 13.40
N ILE D 225 13.15 24.85 12.43
CA ILE D 225 13.29 23.59 11.71
C ILE D 225 13.49 23.85 10.21
N VAL D 226 14.57 23.31 9.65
CA VAL D 226 14.86 23.48 8.22
C VAL D 226 14.74 22.10 7.58
N PRO D 227 13.73 21.93 6.73
CA PRO D 227 13.44 20.56 6.26
C PRO D 227 14.34 20.08 5.11
N GLY D 228 14.89 21.01 4.33
CA GLY D 228 15.56 20.65 3.11
C GLY D 228 14.58 20.17 2.03
N PHE D 229 15.14 19.66 0.93
CA PHE D 229 14.39 19.17 -0.24
C PHE D 229 13.52 17.99 0.19
N GLU D 230 12.21 18.18 0.18
CA GLU D 230 11.29 17.20 0.75
C GLU D 230 10.04 17.10 -0.12
N THR D 231 9.72 15.90 -0.56
CA THR D 231 8.63 15.75 -1.50
C THR D 231 7.52 14.82 -1.02
N TYR D 232 7.56 14.46 0.27
CA TYR D 232 6.46 13.79 0.96
C TYR D 232 5.75 14.78 1.86
N LEU D 233 4.47 15.05 1.59
CA LEU D 233 3.73 15.99 2.44
C LEU D 233 3.65 15.50 3.88
N GLY D 234 3.63 14.18 4.07
CA GLY D 234 3.55 13.64 5.42
C GLY D 234 4.74 14.01 6.27
N ASN D 235 5.87 14.32 5.64
CA ASN D 235 7.08 14.58 6.40
C ASN D 235 7.07 15.98 7.02
N PHE D 236 6.54 16.96 6.29
CA PHE D 236 6.30 18.27 6.90
C PHE D 236 5.31 18.15 8.04
N ARG D 237 4.26 17.36 7.81
CA ARG D 237 3.20 17.22 8.78
C ARG D 237 3.60 16.46 10.06
N VAL D 238 4.38 15.39 9.92
CA VAL D 238 4.74 14.61 11.09
C VAL D 238 5.69 15.39 12.00
N ILE D 239 6.55 16.21 11.43
CA ILE D 239 7.47 17.00 12.26
C ILE D 239 6.72 18.05 13.04
N LYS D 240 5.82 18.77 12.38
CA LYS D 240 4.93 19.70 13.09
C LYS D 240 4.03 19.02 14.14
N ARG D 241 3.51 17.85 13.82
CA ARG D 241 2.62 17.16 14.75
C ARG D 241 3.39 16.77 16.01
N MET D 242 4.61 16.26 15.83
CA MET D 242 5.40 15.81 16.98
C MET D 242 5.85 16.96 17.86
N LEU D 243 6.23 18.07 17.24
CA LEU D 243 6.67 19.21 18.07
C LEU D 243 5.47 19.78 18.83
N SER D 244 4.30 19.82 18.19
CA SER D 244 3.10 20.33 18.85
C SER D 244 2.70 19.42 19.99
N GLU D 245 2.86 18.11 19.77
CA GLU D 245 2.55 17.13 20.80
C GLU D 245 3.41 17.31 22.05
N MET D 246 4.66 17.73 21.83
CA MET D 246 5.61 17.95 22.94
C MET D 246 5.41 19.31 23.60
N GLY D 247 4.66 20.19 22.95
CA GLY D 247 4.47 21.54 23.46
C GLY D 247 5.66 22.43 23.16
N VAL D 248 6.38 22.10 22.10
CA VAL D 248 7.58 22.83 21.71
C VAL D 248 7.21 23.95 20.75
N GLY D 249 7.63 25.18 21.05
CA GLY D 249 7.43 26.26 20.10
C GLY D 249 8.36 26.03 18.93
N TYR D 250 7.85 26.14 17.71
CA TYR D 250 8.75 25.91 16.59
C TYR D 250 8.47 26.85 15.45
N SER D 251 9.38 26.86 14.50
CA SER D 251 9.20 27.63 13.30
C SER D 251 9.75 26.78 12.16
N LEU D 252 8.85 26.30 11.28
CA LEU D 252 9.24 25.50 10.12
C LEU D 252 9.59 26.44 8.95
N LEU D 253 10.86 26.44 8.57
CA LEU D 253 11.36 27.43 7.62
C LEU D 253 11.47 26.80 6.24
N SER D 254 10.58 27.25 5.36
CA SER D 254 10.25 26.66 4.06
C SER D 254 9.21 25.56 4.30
N ASP D 255 7.95 25.91 4.10
CA ASP D 255 6.85 25.01 4.42
C ASP D 255 5.81 25.03 3.30
N PRO D 256 5.99 24.15 2.31
CA PRO D 256 5.14 24.11 1.13
C PRO D 256 3.93 23.18 1.26
N GLU D 257 3.63 22.67 2.46
CA GLU D 257 2.63 21.59 2.52
C GLU D 257 1.23 22.09 2.17
N GLU D 258 0.90 23.34 2.47
CA GLU D 258 -0.43 23.84 2.09
C GLU D 258 -0.54 24.09 0.57
N VAL D 259 0.50 24.68 -0.02
CA VAL D 259 0.44 25.09 -1.42
C VAL D 259 0.59 23.88 -2.33
N LEU D 260 1.10 22.78 -1.79
CA LEU D 260 1.16 21.55 -2.57
C LEU D 260 -0.02 20.60 -2.28
N ASP D 261 -1.03 21.12 -1.62
CA ASP D 261 -2.17 20.27 -1.28
C ASP D 261 -3.44 21.10 -1.10
N THR D 262 -3.69 22.03 -2.03
CA THR D 262 -4.91 22.85 -1.91
C THR D 262 -6.15 22.04 -2.23
N PRO D 263 -7.29 22.38 -1.59
CA PRO D 263 -8.53 21.66 -1.88
C PRO D 263 -9.13 21.96 -3.26
N ALA D 264 -9.86 21.00 -3.84
CA ALA D 264 -10.62 21.26 -5.06
C ALA D 264 -12.01 21.68 -4.64
N ASP D 265 -12.22 22.99 -4.50
CA ASP D 265 -13.50 23.46 -4.02
C ASP D 265 -14.08 24.54 -4.93
N GLY D 266 -13.53 24.67 -6.13
CA GLY D 266 -14.08 25.59 -7.10
C GLY D 266 -13.25 26.84 -7.27
N GLN D 267 -12.16 26.94 -6.54
CA GLN D 267 -11.25 28.03 -6.84
C GLN D 267 -9.82 27.54 -6.83
N PHE D 268 -9.05 28.09 -7.77
CA PHE D 268 -7.62 27.84 -7.86
C PHE D 268 -6.92 28.83 -6.92
N ARG D 269 -6.12 28.31 -6.00
CA ARG D 269 -5.30 29.14 -5.12
C ARG D 269 -3.84 29.06 -5.52
N MET D 270 -3.32 30.11 -6.12
CA MET D 270 -1.92 30.10 -6.56
C MET D 270 -0.96 30.00 -5.36
N TYR D 271 -1.32 30.65 -4.26
CA TYR D 271 -0.55 30.59 -3.01
C TYR D 271 -1.38 30.01 -1.85
N ALA D 272 -0.74 29.30 -0.93
CA ALA D 272 -1.41 28.92 0.31
C ALA D 272 -0.38 28.65 1.40
N GLY D 273 -0.66 29.09 2.63
CA GLY D 273 0.21 28.80 3.77
C GLY D 273 1.62 29.30 3.57
N GLY D 274 2.60 28.54 4.05
CA GLY D 274 3.98 28.91 3.88
C GLY D 274 4.59 29.66 5.05
N THR D 275 5.92 29.63 5.14
CA THR D 275 6.65 30.40 6.15
C THR D 275 6.47 31.90 5.93
N THR D 276 6.20 32.66 7.00
CA THR D 276 5.97 34.08 6.82
C THR D 276 7.28 34.84 6.79
N GLN D 277 7.25 36.06 6.25
CA GLN D 277 8.45 36.86 6.26
C GLN D 277 8.83 37.21 7.70
N GLU D 278 7.84 37.39 8.55
CA GLU D 278 8.09 37.68 9.96
C GLU D 278 8.82 36.54 10.66
N GLU D 279 8.43 35.30 10.36
CA GLU D 279 9.15 34.14 10.88
C GLU D 279 10.62 34.12 10.48
N MET D 280 10.92 34.44 9.22
CA MET D 280 12.32 34.46 8.80
C MET D 280 13.08 35.60 9.49
N LYS D 281 12.46 36.75 9.62
CA LYS D 281 13.10 37.90 10.27
C LYS D 281 13.40 37.59 11.73
N ASP D 282 12.51 36.85 12.37
CA ASP D 282 12.60 36.59 13.80
C ASP D 282 13.41 35.32 14.10
N ALA D 283 13.71 34.55 13.06
CA ALA D 283 14.46 33.29 13.21
C ALA D 283 15.77 33.31 14.04
N PRO D 284 16.57 34.39 13.97
CA PRO D 284 17.78 34.38 14.83
C PRO D 284 17.49 34.42 16.32
N ASN D 285 16.26 34.79 16.72
CA ASN D 285 15.91 34.81 18.14
C ASN D 285 15.54 33.44 18.68
N ALA D 286 15.55 32.43 17.82
CA ALA D 286 15.21 31.07 18.24
C ALA D 286 16.28 30.54 19.21
N LEU D 287 15.93 29.48 19.96
CA LEU D 287 16.86 28.79 20.86
C LEU D 287 17.98 28.18 20.07
N ASN D 288 17.62 27.64 18.90
CA ASN D 288 18.54 26.87 18.09
C ASN D 288 17.85 26.55 16.77
N THR D 289 18.61 25.96 15.86
CA THR D 289 18.11 25.59 14.54
C THR D 289 18.48 24.14 14.28
N VAL D 290 17.47 23.35 13.91
CA VAL D 290 17.68 21.96 13.59
C VAL D 290 17.53 21.77 12.09
N LEU D 291 18.52 21.10 11.50
CA LEU D 291 18.51 20.79 10.07
C LEU D 291 18.08 19.33 9.87
N LEU D 292 16.95 19.07 9.22
CA LEU D 292 16.47 17.70 9.09
C LEU D 292 17.29 16.85 8.11
N GLN D 293 17.97 17.49 7.16
CA GLN D 293 18.71 16.77 6.13
C GLN D 293 20.08 17.42 5.99
N PRO D 294 20.95 17.15 6.97
CA PRO D 294 22.20 17.89 7.11
C PRO D 294 23.15 17.68 5.92
N TRP D 295 23.06 16.56 5.22
CA TRP D 295 24.03 16.35 4.14
C TRP D 295 23.74 17.18 2.89
N HIS D 296 22.61 17.88 2.84
CA HIS D 296 22.51 18.88 1.78
C HIS D 296 22.19 20.28 2.31
N LEU D 297 22.48 20.51 3.59
CA LEU D 297 22.22 21.82 4.19
C LEU D 297 23.49 22.42 4.78
N GLU D 298 24.63 22.15 4.14
CA GLU D 298 25.92 22.63 4.66
C GLU D 298 26.17 24.14 4.56
N LYS D 299 25.70 24.75 3.50
CA LYS D 299 25.84 26.19 3.35
C LYS D 299 24.92 26.91 4.33
N THR D 300 23.72 26.37 4.49
CA THR D 300 22.77 26.88 5.44
C THR D 300 23.35 26.78 6.85
N LYS D 301 23.96 25.64 7.16
CA LYS D 301 24.55 25.45 8.49
C LYS D 301 25.61 26.50 8.79
N LYS D 302 26.49 26.76 7.82
CA LYS D 302 27.57 27.73 7.99
C LYS D 302 27.02 29.12 8.30
N PHE D 303 25.90 29.49 7.66
CA PHE D 303 25.32 30.81 7.87
C PHE D 303 24.65 30.94 9.23
N VAL D 304 23.91 29.89 9.57
CA VAL D 304 23.17 29.81 10.81
C VAL D 304 24.11 29.74 12.03
N GLU D 305 25.20 28.98 11.90
CA GLU D 305 26.20 28.92 12.98
C GLU D 305 27.01 30.22 13.05
N GLY D 306 27.37 30.77 11.90
CA GLY D 306 28.28 31.90 11.87
C GLY D 306 27.58 33.23 12.11
N THR D 307 26.37 33.39 11.59
CA THR D 307 25.71 34.68 11.69
C THR D 307 24.65 34.66 12.79
N TRP D 308 23.80 33.64 12.83
CA TRP D 308 22.79 33.60 13.90
C TRP D 308 23.40 33.13 15.20
N LYS D 309 24.57 32.52 15.11
CA LYS D 309 25.28 31.98 16.28
C LYS D 309 24.49 30.87 16.97
N HIS D 310 23.73 30.08 16.22
CA HIS D 310 23.07 28.92 16.80
C HIS D 310 24.00 27.71 16.84
N GLU D 311 23.96 26.97 17.95
CA GLU D 311 24.73 25.75 18.11
C GLU D 311 24.01 24.58 17.46
N VAL D 312 23.89 24.63 16.14
CA VAL D 312 23.16 23.61 15.39
C VAL D 312 23.58 22.21 15.80
N PRO D 313 22.62 21.40 16.27
CA PRO D 313 22.89 20.04 16.74
C PRO D 313 23.41 19.15 15.63
N LYS D 314 24.34 18.25 15.95
CA LYS D 314 24.84 17.28 14.98
C LYS D 314 23.90 16.08 14.97
N LEU D 315 22.80 16.20 14.23
CA LEU D 315 21.78 15.16 14.18
C LEU D 315 21.67 14.55 12.78
N ASN D 316 21.44 13.25 12.72
CA ASN D 316 21.01 12.61 11.46
C ASN D 316 19.57 12.91 11.19
N ILE D 317 19.18 12.77 9.92
CA ILE D 317 17.78 12.75 9.53
C ILE D 317 16.96 11.86 10.49
N PRO D 318 15.79 12.35 10.93
CA PRO D 318 15.02 11.52 11.89
C PRO D 318 14.24 10.42 11.17
N MET D 319 14.96 9.37 10.78
CA MET D 319 14.37 8.21 10.11
C MET D 319 14.73 6.96 10.89
N GLY D 320 13.79 6.02 10.98
CA GLY D 320 14.03 4.82 11.75
C GLY D 320 13.89 5.09 13.23
N LEU D 321 14.23 4.09 14.04
CA LEU D 321 13.97 4.15 15.46
C LEU D 321 15.02 4.97 16.21
N ASP D 322 16.29 4.63 16.04
CA ASP D 322 17.35 5.31 16.78
C ASP D 322 17.41 6.81 16.52
N TRP D 323 17.27 7.19 15.26
CA TRP D 323 17.53 8.59 14.89
C TRP D 323 16.31 9.44 15.17
N THR D 324 15.13 8.83 15.21
CA THR D 324 13.95 9.55 15.71
C THR D 324 14.08 9.76 17.21
N ASP D 325 14.47 8.70 17.94
CA ASP D 325 14.82 8.84 19.36
C ASP D 325 15.80 9.99 19.59
N GLU D 326 16.86 10.04 18.79
CA GLU D 326 17.92 11.03 19.02
C GLU D 326 17.37 12.42 18.76
N PHE D 327 16.53 12.53 17.75
CA PHE D 327 15.90 13.81 17.40
C PHE D 327 15.01 14.29 18.55
N LEU D 328 14.15 13.42 19.05
CA LEU D 328 13.24 13.79 20.13
C LEU D 328 14.00 14.22 21.40
N MET D 329 15.05 13.49 21.72
CA MET D 329 15.82 13.81 22.90
C MET D 329 16.56 15.13 22.78
N LYS D 330 17.07 15.44 21.59
CA LYS D 330 17.75 16.72 21.39
C LYS D 330 16.74 17.87 21.49
N VAL D 331 15.56 17.70 20.89
CA VAL D 331 14.52 18.72 20.96
C VAL D 331 14.10 18.93 22.41
N SER D 332 13.98 17.83 23.15
CA SER D 332 13.65 17.89 24.56
C SER D 332 14.71 18.69 25.34
N GLU D 333 15.98 18.43 25.04
CA GLU D 333 17.07 19.13 25.70
C GLU D 333 17.06 20.62 25.36
N ILE D 334 16.90 20.94 24.08
CA ILE D 334 16.92 22.34 23.66
C ILE D 334 15.75 23.15 24.23
N SER D 335 14.57 22.54 24.21
CA SER D 335 13.35 23.26 24.54
C SER D 335 13.05 23.23 26.03
N GLY D 336 13.55 22.21 26.72
CA GLY D 336 13.18 22.02 28.11
C GLY D 336 11.87 21.26 28.32
N GLN D 337 11.17 20.91 27.23
CA GLN D 337 9.97 20.08 27.31
C GLN D 337 10.29 18.59 27.37
N PRO D 338 9.61 17.87 28.25
CA PRO D 338 9.83 16.41 28.30
C PRO D 338 9.21 15.72 27.09
N ILE D 339 9.67 14.52 26.76
CA ILE D 339 9.01 13.71 25.76
C ILE D 339 7.73 13.15 26.40
N PRO D 340 6.55 13.48 25.83
CA PRO D 340 5.27 13.12 26.45
C PRO D 340 4.92 11.65 26.28
N ALA D 341 3.99 11.14 27.10
CA ALA D 341 3.56 9.74 27.08
C ALA D 341 3.09 9.28 25.70
N SER D 342 2.37 10.14 24.99
CA SER D 342 1.86 9.81 23.66
C SER D 342 2.97 9.44 22.69
N LEU D 343 4.07 10.20 22.66
CA LEU D 343 5.16 9.87 21.75
C LEU D 343 5.91 8.62 22.24
N THR D 344 6.04 8.46 23.55
CA THR D 344 6.66 7.25 24.09
C THR D 344 5.85 6.00 23.69
N LYS D 345 4.53 6.12 23.74
CA LYS D 345 3.67 5.04 23.30
C LYS D 345 3.80 4.78 21.82
N GLU D 346 3.89 5.85 21.03
CA GLU D 346 4.00 5.69 19.59
C GLU D 346 5.29 4.95 19.24
N ARG D 347 6.37 5.31 19.92
CA ARG D 347 7.64 4.60 19.75
C ARG D 347 7.45 3.10 20.01
N GLY D 348 6.78 2.76 21.10
CA GLY D 348 6.61 1.37 21.47
C GLY D 348 5.73 0.62 20.48
N ARG D 349 4.89 1.36 19.76
CA ARG D 349 3.99 0.71 18.80
C ARG D 349 4.79 0.35 17.57
N LEU D 350 5.76 1.21 17.24
CA LEU D 350 6.71 0.88 16.19
C LEU D 350 7.53 -0.35 16.58
N VAL D 351 8.03 -0.38 17.80
CA VAL D 351 8.82 -1.54 18.22
C VAL D 351 7.98 -2.81 18.15
N ASP D 352 6.72 -2.71 18.57
CA ASP D 352 5.81 -3.83 18.48
C ASP D 352 5.71 -4.35 17.06
N MET D 353 5.52 -3.44 16.10
CA MET D 353 5.46 -3.81 14.68
C MET D 353 6.74 -4.48 14.20
N MET D 354 7.90 -3.99 14.65
CA MET D 354 9.17 -4.64 14.28
C MET D 354 9.23 -6.06 14.85
N THR D 355 8.78 -6.26 16.10
CA THR D 355 8.73 -7.62 16.64
C THR D 355 7.74 -8.50 15.85
N ASP D 356 6.60 -7.94 15.49
CA ASP D 356 5.59 -8.72 14.75
C ASP D 356 6.05 -9.16 13.37
N SER D 357 6.86 -8.32 12.73
CA SER D 357 7.18 -8.56 11.32
C SER D 357 8.62 -9.03 11.07
N HIS D 358 9.39 -9.25 12.14
CA HIS D 358 10.83 -9.44 11.99
C HIS D 358 11.19 -10.73 11.23
N THR D 359 10.35 -11.76 11.31
CA THR D 359 10.73 -13.03 10.68
C THR D 359 10.65 -12.97 9.14
N TRP D 360 9.77 -12.15 8.58
CA TRP D 360 9.70 -12.03 7.12
C TRP D 360 10.70 -11.01 6.59
N LEU D 361 11.08 -10.05 7.42
CA LEU D 361 12.09 -9.08 7.00
C LEU D 361 13.54 -9.60 7.06
N HIS D 362 13.80 -10.56 7.95
CA HIS D 362 15.16 -10.96 8.27
C HIS D 362 15.95 -11.41 7.06
N GLY D 363 17.12 -10.79 6.86
CA GLY D 363 18.03 -11.20 5.81
C GLY D 363 17.60 -10.81 4.41
N LYS D 364 16.47 -10.12 4.28
CA LYS D 364 16.01 -9.76 2.93
C LYS D 364 16.97 -8.75 2.33
N ARG D 365 17.30 -8.92 1.05
CA ARG D 365 18.35 -8.14 0.41
C ARG D 365 17.79 -7.05 -0.50
N PHE D 366 18.35 -5.85 -0.36
CA PHE D 366 17.81 -4.68 -1.07
C PHE D 366 18.89 -3.91 -1.81
N ALA D 367 18.52 -3.44 -3.00
CA ALA D 367 19.22 -2.35 -3.68
C ALA D 367 18.38 -1.11 -3.47
N LEU D 368 19.02 0.04 -3.31
CA LEU D 368 18.26 1.26 -3.11
C LEU D 368 19.00 2.46 -3.63
N TRP D 369 18.27 3.52 -3.95
CA TRP D 369 18.88 4.79 -4.33
C TRP D 369 18.03 5.99 -3.93
N GLY D 370 18.60 7.18 -4.03
CA GLY D 370 17.84 8.39 -3.71
C GLY D 370 18.83 9.47 -3.30
N ASP D 371 18.35 10.50 -2.61
CA ASP D 371 19.23 11.60 -2.15
C ASP D 371 19.99 11.17 -0.90
N PRO D 372 21.11 11.86 -0.57
CA PRO D 372 21.98 11.41 0.52
C PRO D 372 21.31 11.16 1.86
N ASP D 373 20.57 12.13 2.39
CA ASP D 373 20.01 11.95 3.72
C ASP D 373 18.99 10.85 3.70
N PHE D 374 18.13 10.89 2.69
CA PHE D 374 17.08 9.87 2.58
C PHE D 374 17.66 8.46 2.53
N VAL D 375 18.66 8.28 1.68
CA VAL D 375 19.31 6.99 1.52
C VAL D 375 19.96 6.50 2.81
N MET D 376 20.66 7.38 3.51
CA MET D 376 21.32 6.91 4.71
C MET D 376 20.29 6.58 5.79
N GLY D 377 19.20 7.35 5.86
CA GLY D 377 18.13 7.06 6.82
C GLY D 377 17.47 5.71 6.52
N LEU D 378 17.32 5.42 5.23
CA LEU D 378 16.72 4.16 4.81
C LEU D 378 17.66 2.99 5.09
N VAL D 379 18.95 3.17 4.83
CA VAL D 379 19.96 2.17 5.19
C VAL D 379 19.92 1.91 6.70
N LYS D 380 19.90 2.98 7.48
CA LYS D 380 19.89 2.83 8.94
C LYS D 380 18.70 1.97 9.40
N PHE D 381 17.53 2.30 8.88
CA PHE D 381 16.29 1.59 9.27
C PHE D 381 16.30 0.12 8.81
N LEU D 382 16.77 -0.12 7.58
CA LEU D 382 16.91 -1.49 7.10
C LEU D 382 17.77 -2.31 8.06
N LEU D 383 18.86 -1.74 8.56
CA LEU D 383 19.73 -2.46 9.48
C LEU D 383 18.98 -2.76 10.79
N GLU D 384 18.15 -1.81 11.22
CA GLU D 384 17.38 -1.97 12.47
C GLU D 384 16.34 -3.10 12.34
N LEU D 385 15.88 -3.32 11.11
CA LEU D 385 14.89 -4.35 10.82
C LEU D 385 15.52 -5.74 10.60
N GLY D 386 16.84 -5.79 10.54
CA GLY D 386 17.49 -7.04 10.23
C GLY D 386 17.55 -7.34 8.74
N CYS D 387 17.35 -6.31 7.92
CA CYS D 387 17.50 -6.46 6.47
C CYS D 387 18.94 -6.18 6.03
N GLU D 388 19.29 -6.66 4.85
CA GLU D 388 20.64 -6.46 4.31
C GLU D 388 20.64 -5.51 3.14
N PRO D 389 21.02 -4.25 3.38
CA PRO D 389 21.17 -3.41 2.19
C PRO D 389 22.37 -3.95 1.43
N VAL D 390 22.28 -4.11 0.11
CA VAL D 390 23.38 -4.71 -0.64
C VAL D 390 24.00 -3.73 -1.62
N HIS D 391 23.15 -3.07 -2.40
CA HIS D 391 23.61 -2.06 -3.35
C HIS D 391 22.99 -0.72 -2.96
N ILE D 392 23.86 0.17 -2.49
CA ILE D 392 23.41 1.48 -2.03
C ILE D 392 23.94 2.53 -2.99
N LEU D 393 23.04 3.21 -3.69
CA LEU D 393 23.49 4.12 -4.74
C LEU D 393 22.99 5.53 -4.48
N CYS D 394 23.92 6.46 -4.48
CA CYS D 394 23.58 7.87 -4.37
C CYS D 394 24.37 8.64 -5.41
N HIS D 395 23.72 8.91 -6.54
CA HIS D 395 24.35 9.53 -7.69
C HIS D 395 24.93 10.88 -7.28
N ASN D 396 24.19 11.63 -6.46
CA ASN D 396 24.67 12.92 -6.00
C ASN D 396 25.32 12.92 -4.62
N GLY D 397 25.87 11.79 -4.18
CA GLY D 397 26.53 11.72 -2.88
C GLY D 397 27.99 12.16 -3.04
N ASN D 398 28.68 12.43 -1.94
CA ASN D 398 30.07 12.78 -2.02
C ASN D 398 30.91 11.84 -1.16
N LYS D 399 32.24 12.00 -1.22
CA LYS D 399 33.16 11.10 -0.55
C LYS D 399 32.99 11.10 0.97
N ARG D 400 32.69 12.25 1.56
CA ARG D 400 32.49 12.30 3.02
C ARG D 400 31.23 11.52 3.43
N TRP D 401 30.14 11.71 2.68
CA TRP D 401 28.90 10.99 2.94
C TRP D 401 29.07 9.47 2.79
N LYS D 402 29.75 9.04 1.73
CA LYS D 402 30.00 7.62 1.52
C LYS D 402 30.71 7.00 2.73
N LYS D 403 31.79 7.65 3.21
CA LYS D 403 32.49 7.13 4.38
C LYS D 403 31.58 7.02 5.61
N ALA D 404 30.69 7.99 5.81
CA ALA D 404 29.75 7.91 6.92
C ALA D 404 28.77 6.73 6.77
N VAL D 405 28.26 6.49 5.57
CA VAL D 405 27.33 5.36 5.37
C VAL D 405 28.09 4.04 5.52
N ASP D 406 29.32 4.00 5.03
CA ASP D 406 30.18 2.83 5.25
C ASP D 406 30.38 2.54 6.76
N ALA D 407 30.53 3.58 7.57
CA ALA D 407 30.69 3.38 9.02
C ALA D 407 29.43 2.77 9.62
N ILE D 408 28.27 3.25 9.20
CA ILE D 408 27.00 2.70 9.69
C ILE D 408 26.86 1.22 9.33
N LEU D 409 27.19 0.87 8.09
CA LEU D 409 27.15 -0.52 7.63
C LEU D 409 28.08 -1.42 8.42
N ALA D 410 29.30 -0.95 8.67
CA ALA D 410 30.29 -1.74 9.39
C ALA D 410 29.86 -2.06 10.82
N ALA D 411 28.98 -1.21 11.37
CA ALA D 411 28.58 -1.30 12.76
C ALA D 411 27.47 -2.36 12.96
N SER D 412 27.01 -2.94 11.86
CA SER D 412 25.96 -3.94 11.96
C SER D 412 26.35 -5.19 11.17
N PRO D 413 26.11 -6.37 11.76
CA PRO D 413 26.40 -7.61 11.02
C PRO D 413 25.53 -7.71 9.76
N TYR D 414 24.46 -6.92 9.69
CA TYR D 414 23.58 -6.91 8.53
C TYR D 414 24.12 -6.03 7.39
N GLY D 415 25.23 -5.34 7.64
CA GLY D 415 25.84 -4.51 6.62
C GLY D 415 27.00 -5.18 5.90
N LYS D 416 27.28 -6.44 6.21
CA LYS D 416 28.52 -7.04 5.75
C LYS D 416 28.60 -7.27 4.25
N ASN D 417 27.46 -7.28 3.57
CA ASN D 417 27.47 -7.53 2.13
C ASN D 417 27.14 -6.28 1.31
N ALA D 418 27.22 -5.14 1.96
CA ALA D 418 26.77 -3.90 1.34
C ALA D 418 27.93 -3.13 0.70
N THR D 419 27.65 -2.48 -0.42
CA THR D 419 28.60 -1.57 -1.05
C THR D 419 27.86 -0.27 -1.29
N VAL D 420 28.55 0.85 -1.05
CA VAL D 420 28.01 2.18 -1.29
C VAL D 420 28.66 2.79 -2.53
N TYR D 421 27.83 3.30 -3.44
CA TYR D 421 28.28 3.81 -4.73
C TYR D 421 27.91 5.28 -4.84
N ILE D 422 28.88 6.14 -5.13
CA ILE D 422 28.53 7.53 -5.39
C ILE D 422 28.96 7.87 -6.83
N GLY D 423 28.27 8.81 -7.49
CA GLY D 423 28.65 9.15 -8.84
C GLY D 423 28.18 8.11 -9.86
N LYS D 424 27.51 7.07 -9.42
CA LYS D 424 27.04 6.03 -10.34
C LYS D 424 25.54 6.22 -10.62
N ASP D 425 25.06 5.68 -11.74
CA ASP D 425 23.68 5.92 -12.19
C ASP D 425 22.85 4.63 -12.22
N LEU D 426 21.64 4.70 -12.78
CA LEU D 426 20.72 3.57 -12.74
C LEU D 426 21.08 2.53 -13.78
N TRP D 427 21.93 2.89 -14.73
CA TRP D 427 22.44 1.86 -15.64
C TRP D 427 23.53 1.04 -14.93
N HIS D 428 24.34 1.68 -14.10
CA HIS D 428 25.24 0.94 -13.19
C HIS D 428 24.43 0.01 -12.25
N LEU D 429 23.38 0.57 -11.65
CA LEU D 429 22.57 -0.20 -10.71
C LEU D 429 21.94 -1.41 -11.41
N ARG D 430 21.52 -1.21 -12.65
CA ARG D 430 20.98 -2.33 -13.45
C ARG D 430 21.96 -3.52 -13.53
N SER D 431 23.25 -3.25 -13.77
CA SER D 431 24.21 -4.34 -13.80
C SER D 431 24.26 -5.04 -12.45
N LEU D 432 24.27 -4.25 -11.37
CA LEU D 432 24.41 -4.82 -10.03
C LEU D 432 23.27 -5.78 -9.67
N VAL D 433 22.05 -5.45 -10.09
CA VAL D 433 20.92 -6.29 -9.70
C VAL D 433 20.83 -7.55 -10.59
N PHE D 434 21.55 -7.56 -11.72
CA PHE D 434 21.76 -8.79 -12.48
C PHE D 434 22.89 -9.66 -11.93
N THR D 435 24.02 -9.05 -11.58
CA THR D 435 25.20 -9.86 -11.20
C THR D 435 25.19 -10.31 -9.75
N ASP D 436 24.49 -9.58 -8.89
CA ASP D 436 24.43 -9.84 -7.45
C ASP D 436 23.00 -9.56 -7.01
N LYS D 437 22.09 -10.44 -7.42
CA LYS D 437 20.67 -10.14 -7.38
C LYS D 437 20.18 -9.98 -5.95
N PRO D 438 19.52 -8.84 -5.65
CA PRO D 438 18.84 -8.60 -4.38
C PRO D 438 17.41 -9.13 -4.45
N ASP D 439 16.66 -9.08 -3.35
CA ASP D 439 15.26 -9.53 -3.42
C ASP D 439 14.36 -8.43 -3.97
N PHE D 440 14.69 -7.18 -3.65
CA PHE D 440 13.91 -6.00 -4.06
C PHE D 440 14.81 -4.79 -4.33
N MET D 441 14.26 -3.85 -5.08
CA MET D 441 14.77 -2.50 -5.21
C MET D 441 13.87 -1.54 -4.46
N ILE D 442 14.46 -0.57 -3.80
CA ILE D 442 13.73 0.56 -3.26
C ILE D 442 14.18 1.82 -3.97
N GLY D 443 13.26 2.49 -4.66
CA GLY D 443 13.64 3.65 -5.42
C GLY D 443 12.44 4.31 -6.07
N ASN D 444 12.72 5.19 -7.02
CA ASN D 444 11.68 6.02 -7.60
C ASN D 444 11.18 5.39 -8.91
N SER D 445 10.29 6.06 -9.64
CA SER D 445 9.64 5.39 -10.80
C SER D 445 10.62 4.97 -11.88
N TYR D 446 11.80 5.59 -11.93
CA TYR D 446 12.79 5.17 -12.94
C TYR D 446 13.24 3.71 -12.72
N GLY D 447 12.99 3.17 -11.53
CA GLY D 447 13.29 1.77 -11.26
C GLY D 447 12.43 0.77 -12.06
N LYS D 448 11.30 1.21 -12.61
CA LYS D 448 10.43 0.27 -13.32
C LYS D 448 11.12 -0.32 -14.55
N PHE D 449 11.99 0.43 -15.21
CA PHE D 449 12.65 -0.11 -16.42
C PHE D 449 13.67 -1.20 -16.05
N ILE D 450 14.23 -1.10 -14.84
CA ILE D 450 15.12 -2.14 -14.36
C ILE D 450 14.33 -3.40 -14.05
N GLN D 451 13.18 -3.25 -13.36
CA GLN D 451 12.37 -4.43 -13.09
C GLN D 451 11.98 -5.12 -14.39
N ARG D 452 11.58 -4.32 -15.38
CA ARG D 452 11.23 -4.84 -16.72
C ARG D 452 12.40 -5.63 -17.34
N ASP D 453 13.58 -5.05 -17.27
CA ASP D 453 14.79 -5.74 -17.80
C ASP D 453 15.06 -7.05 -17.05
N THR D 454 14.90 -7.06 -15.73
CA THR D 454 15.23 -8.28 -14.99
C THR D 454 14.20 -9.38 -15.32
N LEU D 455 12.93 -9.03 -15.46
CA LEU D 455 11.89 -10.01 -15.82
C LEU D 455 12.18 -10.64 -17.17
N HIS D 456 12.68 -9.82 -18.11
CA HIS D 456 13.01 -10.31 -19.45
C HIS D 456 14.04 -11.41 -19.40
N LYS D 457 14.99 -11.35 -18.47
CA LYS D 457 15.93 -12.47 -18.32
C LYS D 457 15.20 -13.72 -17.82
N GLY D 458 14.21 -13.53 -16.96
CA GLY D 458 13.38 -14.65 -16.51
C GLY D 458 12.65 -14.30 -15.24
N LYS D 459 11.48 -14.91 -15.02
CA LYS D 459 10.69 -14.61 -13.83
C LYS D 459 11.54 -14.83 -12.57
N GLU D 460 12.42 -15.85 -12.58
CA GLU D 460 13.23 -16.11 -11.38
C GLU D 460 14.34 -15.06 -11.16
N PHE D 461 14.55 -14.19 -12.15
CA PHE D 461 15.56 -13.13 -12.04
C PHE D 461 14.96 -11.76 -11.79
N GLU D 462 13.63 -11.69 -11.81
CA GLU D 462 12.93 -10.43 -11.67
C GLU D 462 13.20 -9.80 -10.31
N VAL D 463 13.43 -8.50 -10.29
CA VAL D 463 13.64 -7.79 -9.03
C VAL D 463 12.54 -6.75 -8.91
N PRO D 464 11.55 -6.99 -8.04
CA PRO D 464 10.44 -6.01 -7.99
C PRO D 464 10.84 -4.68 -7.35
N LEU D 465 10.26 -3.62 -7.89
CA LEU D 465 10.52 -2.28 -7.41
C LEU D 465 9.55 -1.94 -6.28
N ILE D 466 10.09 -1.38 -5.20
CA ILE D 466 9.28 -0.83 -4.12
C ILE D 466 9.44 0.70 -4.22
N ARG D 467 8.35 1.42 -4.46
CA ARG D 467 8.46 2.86 -4.75
C ARG D 467 8.50 3.71 -3.51
N ILE D 468 9.70 4.21 -3.23
CA ILE D 468 9.87 5.16 -2.15
C ILE D 468 10.93 6.14 -2.62
N GLY D 469 10.64 7.44 -2.62
CA GLY D 469 11.58 8.41 -3.13
C GLY D 469 10.91 9.45 -4.03
N PHE D 470 11.71 10.04 -4.91
CA PHE D 470 11.27 11.10 -5.79
C PHE D 470 12.04 11.00 -7.10
N PRO D 471 11.35 11.13 -8.23
CA PRO D 471 9.89 11.27 -8.34
C PRO D 471 9.15 9.94 -8.44
N ILE D 472 7.88 9.95 -8.06
CA ILE D 472 6.98 8.83 -8.31
C ILE D 472 5.86 9.32 -9.23
N PHE D 473 5.85 8.82 -10.46
CA PHE D 473 4.98 9.31 -11.52
C PHE D 473 3.92 8.30 -11.94
N ASP D 474 4.12 7.02 -11.61
CA ASP D 474 3.29 5.93 -12.19
C ASP D 474 2.39 5.26 -11.16
N ARG D 475 2.29 5.87 -9.98
CA ARG D 475 1.31 5.57 -8.95
C ARG D 475 0.73 6.90 -8.50
N HIS D 476 -0.47 6.88 -7.92
CA HIS D 476 -1.14 8.10 -7.48
C HIS D 476 -1.10 8.32 -5.96
N HIS D 477 -0.88 9.57 -5.56
CA HIS D 477 -0.98 10.04 -4.17
C HIS D 477 0.01 9.43 -3.19
N LEU D 478 1.10 8.85 -3.66
CA LEU D 478 2.11 8.37 -2.71
C LEU D 478 2.86 9.55 -2.09
N HIS D 479 2.75 10.72 -2.72
CA HIS D 479 3.37 11.93 -2.15
C HIS D 479 2.69 12.38 -0.85
N ARG D 480 1.56 11.77 -0.50
CA ARG D 480 0.90 12.03 0.76
C ARG D 480 1.54 11.27 1.94
N SER D 481 2.40 10.32 1.60
CA SER D 481 3.02 9.44 2.59
C SER D 481 3.97 10.15 3.54
N THR D 482 4.50 9.39 4.49
CA THR D 482 5.44 9.86 5.51
C THR D 482 6.65 8.91 5.54
N THR D 483 7.86 9.45 5.61
CA THR D 483 9.02 8.59 5.82
C THR D 483 9.80 8.95 7.09
N LEU D 484 9.53 10.10 7.68
CA LEU D 484 10.23 10.53 8.91
C LEU D 484 9.52 10.10 10.19
N GLY D 485 10.27 10.06 11.29
CA GLY D 485 9.69 9.78 12.60
C GLY D 485 9.21 8.36 12.76
N TYR D 486 8.51 8.08 13.86
CA TYR D 486 7.95 6.74 14.08
C TYR D 486 6.85 6.46 13.07
N GLU D 487 6.09 7.49 12.73
CA GLU D 487 4.99 7.33 11.78
C GLU D 487 5.51 6.92 10.40
N GLY D 488 6.58 7.58 9.97
CA GLY D 488 7.18 7.23 8.69
C GLY D 488 7.81 5.85 8.74
N ALA D 489 8.42 5.52 9.88
CA ALA D 489 9.05 4.21 10.01
C ALA D 489 7.98 3.11 9.96
N MET D 490 6.80 3.37 10.53
CA MET D 490 5.71 2.38 10.49
C MET D 490 5.21 2.17 9.06
N GLN D 491 5.10 3.28 8.33
CA GLN D 491 4.66 3.19 6.93
C GLN D 491 5.68 2.43 6.06
N ILE D 492 6.97 2.72 6.26
CA ILE D 492 8.00 2.03 5.51
C ILE D 492 8.04 0.54 5.85
N LEU D 493 8.00 0.23 7.15
CA LEU D 493 8.00 -1.18 7.57
C LEU D 493 6.83 -1.91 6.90
N THR D 494 5.65 -1.33 7.01
CA THR D 494 4.44 -1.95 6.43
C THR D 494 4.63 -2.18 4.92
N THR D 495 5.13 -1.16 4.24
CA THR D 495 5.39 -1.30 2.80
C THR D 495 6.37 -2.43 2.51
N LEU D 496 7.45 -2.51 3.30
CA LEU D 496 8.49 -3.50 3.00
C LEU D 496 7.94 -4.89 3.25
N VAL D 497 7.30 -5.10 4.39
CA VAL D 497 6.91 -6.46 4.72
C VAL D 497 5.80 -6.93 3.80
N ASN D 498 4.91 -6.03 3.41
CA ASN D 498 3.84 -6.45 2.50
C ASN D 498 4.29 -6.58 1.05
N SER D 499 5.35 -5.89 0.66
CA SER D 499 5.99 -6.16 -0.63
C SER D 499 6.56 -7.58 -0.65
N ILE D 500 7.19 -7.96 0.45
CA ILE D 500 7.74 -9.30 0.59
C ILE D 500 6.62 -10.34 0.54
N LEU D 501 5.53 -10.09 1.25
CA LEU D 501 4.45 -11.07 1.30
C LEU D 501 3.67 -11.13 -0.01
N GLU D 502 3.53 -9.98 -0.68
CA GLU D 502 2.88 -9.89 -1.99
C GLU D 502 3.67 -10.74 -3.02
N ARG D 503 4.98 -10.62 -3.01
CA ARG D 503 5.80 -11.39 -3.93
C ARG D 503 5.73 -12.89 -3.61
N LEU D 504 5.72 -13.22 -2.32
CA LEU D 504 5.62 -14.63 -1.95
C LEU D 504 4.30 -15.24 -2.42
N ASP D 505 3.20 -14.51 -2.23
CA ASP D 505 1.92 -14.97 -2.77
C ASP D 505 1.99 -15.18 -4.26
N GLU D 506 2.61 -14.25 -4.97
CA GLU D 506 2.73 -14.42 -6.42
C GLU D 506 3.50 -15.69 -6.77
N GLU D 507 4.61 -15.94 -6.07
CA GLU D 507 5.44 -17.11 -6.33
C GLU D 507 4.79 -18.42 -5.87
N THR D 508 3.78 -18.35 -5.01
CA THR D 508 3.11 -19.56 -4.53
C THR D 508 1.68 -19.69 -5.03
N ARG D 509 1.33 -18.96 -6.09
CA ARG D 509 -0.05 -18.98 -6.58
C ARG D 509 -0.30 -20.06 -7.64
N GLY D 510 0.66 -20.96 -7.86
CA GLY D 510 0.57 -21.93 -8.95
C GLY D 510 -0.14 -23.20 -8.51
N MET D 511 -1.34 -23.39 -9.03
CA MET D 511 -2.19 -24.54 -8.71
C MET D 511 -1.46 -25.86 -8.79
N GLN D 512 -1.46 -26.62 -7.68
CA GLN D 512 -0.83 -27.93 -7.61
C GLN D 512 0.65 -27.90 -7.99
N ALA D 513 1.30 -26.75 -7.81
CA ALA D 513 2.71 -26.67 -8.17
C ALA D 513 3.46 -25.95 -7.05
N THR D 514 3.07 -24.71 -6.75
CA THR D 514 3.73 -24.00 -5.65
C THR D 514 2.73 -23.60 -4.57
N ASP D 515 1.46 -23.93 -4.76
CA ASP D 515 0.48 -23.40 -3.80
C ASP D 515 0.37 -24.23 -2.52
N TYR D 516 1.22 -25.23 -2.36
CA TYR D 516 1.35 -25.90 -1.06
C TYR D 516 1.76 -24.87 0.00
N ASN D 517 2.49 -23.83 -0.42
CA ASN D 517 2.93 -22.77 0.49
C ASN D 517 2.09 -21.46 0.32
N HIS D 518 0.87 -21.57 -0.20
CA HIS D 518 0.02 -20.39 -0.39
C HIS D 518 -0.81 -20.20 0.91
N ASP D 519 -0.13 -19.89 2.00
CA ASP D 519 -0.77 -19.90 3.34
C ASP D 519 -1.80 -18.79 3.49
N LEU D 520 -2.95 -19.13 4.08
CA LEU D 520 -3.90 -18.11 4.50
C LEU D 520 -3.30 -17.15 5.50
N VAL D 521 -2.54 -17.71 6.44
CA VAL D 521 -2.07 -16.92 7.58
C VAL D 521 -0.56 -16.74 7.43
N ARG D 522 -0.07 -15.51 7.50
CA ARG D 522 1.39 -15.24 7.44
C ARG D 522 1.83 -14.32 8.59
N ALA E 1 -30.85 -63.13 19.46
CA ALA E 1 -31.67 -63.81 20.46
C ALA E 1 -31.83 -62.95 21.71
N MET E 2 -31.06 -61.86 21.77
CA MET E 2 -31.32 -60.83 22.77
C MET E 2 -32.38 -59.92 22.18
N ARG E 3 -33.51 -59.78 22.87
CA ARG E 3 -34.55 -58.89 22.39
C ARG E 3 -34.57 -57.57 23.15
N GLN E 4 -34.55 -56.46 22.40
CA GLN E 4 -34.56 -55.13 23.01
C GLN E 4 -35.90 -54.46 22.78
N CYS E 5 -36.51 -54.00 23.85
CA CYS E 5 -37.82 -53.38 23.82
C CYS E 5 -37.78 -52.01 24.46
N ALA E 6 -38.51 -51.07 23.90
CA ALA E 6 -38.57 -49.73 24.45
C ALA E 6 -40.00 -49.46 24.84
N ILE E 7 -40.19 -48.90 26.03
CA ILE E 7 -41.54 -48.66 26.53
C ILE E 7 -41.82 -47.17 26.51
N TYR E 8 -42.87 -46.79 25.80
CA TYR E 8 -43.25 -45.39 25.67
C TYR E 8 -44.69 -45.21 26.15
N GLY E 9 -45.12 -43.96 26.34
CA GLY E 9 -46.48 -43.66 26.71
C GLY E 9 -46.49 -42.44 27.63
N LYS E 10 -47.64 -41.79 27.76
CA LYS E 10 -47.76 -40.53 28.52
C LYS E 10 -47.18 -40.65 29.93
N GLY E 11 -46.59 -39.55 30.42
CA GLY E 11 -46.11 -39.51 31.79
C GLY E 11 -47.22 -39.91 32.75
N GLY E 12 -46.86 -40.65 33.80
CA GLY E 12 -47.84 -41.08 34.79
C GLY E 12 -48.90 -42.07 34.31
N ILE E 13 -48.74 -42.59 33.11
CA ILE E 13 -49.68 -43.58 32.59
C ILE E 13 -49.38 -44.94 33.18
N GLY E 14 -48.16 -45.12 33.70
CA GLY E 14 -47.78 -46.38 34.31
C GLY E 14 -46.65 -47.14 33.64
N LYS E 15 -45.80 -46.43 32.89
CA LYS E 15 -44.69 -47.10 32.21
C LYS E 15 -43.75 -47.81 33.18
N SER E 16 -43.25 -47.11 34.19
CA SER E 16 -42.25 -47.72 35.06
C SER E 16 -42.79 -48.85 35.92
N THR E 17 -44.01 -48.69 36.39
CA THR E 17 -44.64 -49.75 37.15
C THR E 17 -44.83 -50.98 36.28
N THR E 18 -45.44 -50.79 35.11
CA THR E 18 -45.70 -51.90 34.24
C THR E 18 -44.41 -52.55 33.78
N THR E 19 -43.41 -51.75 33.42
CA THR E 19 -42.15 -52.29 32.94
C THR E 19 -41.47 -53.17 34.01
N GLN E 20 -41.33 -52.63 35.21
CA GLN E 20 -40.63 -53.39 36.26
C GLN E 20 -41.39 -54.65 36.69
N ASN E 21 -42.71 -54.58 36.77
CA ASN E 21 -43.50 -55.78 37.10
C ASN E 21 -43.42 -56.83 36.00
N LEU E 22 -43.55 -56.38 34.76
CA LEU E 22 -43.33 -57.21 33.58
C LEU E 22 -41.94 -57.89 33.63
N VAL E 23 -40.91 -57.10 33.91
CA VAL E 23 -39.54 -57.61 33.93
C VAL E 23 -39.32 -58.62 35.07
N ALA E 24 -39.88 -58.33 36.24
CA ALA E 24 -39.82 -59.25 37.38
C ALA E 24 -40.49 -60.58 37.03
N ALA E 25 -41.67 -60.51 36.44
CA ALA E 25 -42.35 -61.68 35.93
C ALA E 25 -41.45 -62.45 34.95
N LEU E 26 -40.78 -61.73 34.06
CA LEU E 26 -39.88 -62.36 33.09
C LEU E 26 -38.72 -63.08 33.80
N ALA E 27 -38.14 -62.41 34.79
CA ALA E 27 -37.02 -62.99 35.52
C ALA E 27 -37.51 -64.22 36.27
N GLU E 28 -38.72 -64.10 36.82
CA GLU E 28 -39.34 -65.16 37.60
C GLU E 28 -39.54 -66.43 36.77
N MET E 29 -39.70 -66.28 35.45
CA MET E 29 -39.84 -67.46 34.59
C MET E 29 -38.48 -67.87 33.99
N GLY E 30 -37.41 -67.23 34.46
CA GLY E 30 -36.06 -67.65 34.10
C GLY E 30 -35.33 -66.80 33.07
N LYS E 31 -35.90 -65.67 32.67
CA LYS E 31 -35.25 -64.81 31.68
C LYS E 31 -34.18 -63.91 32.29
N LYS E 32 -33.11 -63.68 31.55
CA LYS E 32 -32.08 -62.72 31.97
C LYS E 32 -32.38 -61.36 31.35
N VAL E 33 -32.60 -60.37 32.21
CA VAL E 33 -33.10 -59.06 31.79
C VAL E 33 -32.25 -57.90 32.30
N MET E 34 -32.06 -56.89 31.46
CA MET E 34 -31.50 -55.62 31.89
C MET E 34 -32.55 -54.51 31.68
N ILE E 35 -32.68 -53.64 32.67
CA ILE E 35 -33.52 -52.44 32.52
C ILE E 35 -32.64 -51.19 32.44
N VAL E 36 -32.83 -50.40 31.39
CA VAL E 36 -32.12 -49.14 31.20
C VAL E 36 -33.10 -47.99 31.38
N GLY E 37 -32.94 -47.22 32.44
CA GLY E 37 -33.84 -46.11 32.70
C GLY E 37 -33.45 -44.88 31.90
N CYS E 38 -34.38 -44.39 31.09
CA CYS E 38 -34.13 -43.25 30.21
C CYS E 38 -35.02 -42.08 30.56
N ASP E 39 -35.24 -41.90 31.85
CA ASP E 39 -36.11 -40.88 32.39
C ASP E 39 -35.34 -40.11 33.47
N PRO E 40 -35.15 -38.80 33.28
CA PRO E 40 -34.27 -38.07 34.21
C PRO E 40 -34.78 -38.08 35.66
N LYS E 41 -36.04 -38.49 35.86
CA LYS E 41 -36.56 -38.65 37.22
C LYS E 41 -35.87 -39.84 37.90
N ALA E 42 -35.37 -40.77 37.08
CA ALA E 42 -34.56 -41.90 37.52
C ALA E 42 -35.25 -42.80 38.57
N ASP E 43 -36.48 -43.18 38.30
CA ASP E 43 -37.20 -44.08 39.19
C ASP E 43 -37.56 -45.38 38.51
N SER E 44 -36.82 -45.76 37.47
CA SER E 44 -37.24 -46.85 36.59
C SER E 44 -36.76 -48.20 37.09
N THR E 45 -35.91 -48.19 38.10
CA THR E 45 -35.35 -49.42 38.61
C THR E 45 -35.55 -49.53 40.12
N ARG E 46 -36.23 -48.55 40.72
CA ARG E 46 -36.49 -48.55 42.16
C ARG E 46 -37.17 -49.81 42.68
N LEU E 47 -38.21 -50.27 41.97
CA LEU E 47 -38.95 -51.43 42.41
C LEU E 47 -38.16 -52.74 42.25
N ILE E 48 -37.20 -52.76 41.33
CA ILE E 48 -36.40 -53.96 41.12
C ILE E 48 -35.26 -54.07 42.13
N LEU E 49 -34.64 -52.93 42.46
CA LEU E 49 -33.52 -52.96 43.39
C LEU E 49 -33.90 -53.09 44.88
N HIS E 50 -35.14 -52.75 45.23
CA HIS E 50 -35.64 -52.51 46.59
C HIS E 50 -35.55 -51.01 46.92
N SER E 51 -34.38 -50.58 47.39
CA SER E 51 -34.18 -49.20 47.83
C SER E 51 -34.41 -48.18 46.72
N LYS E 52 -35.04 -47.06 47.07
CA LYS E 52 -35.29 -45.98 46.12
C LYS E 52 -34.07 -45.10 45.90
N ALA E 53 -33.20 -45.52 44.99
CA ALA E 53 -32.01 -44.72 44.65
C ALA E 53 -31.35 -45.18 43.36
N GLN E 54 -30.35 -46.03 43.50
CA GLN E 54 -29.41 -46.40 42.43
C GLN E 54 -28.68 -45.18 41.88
N ASN E 55 -27.36 -45.18 42.05
CA ASN E 55 -26.52 -44.13 41.49
C ASN E 55 -26.57 -44.16 39.96
N THR E 56 -26.81 -42.99 39.37
CA THR E 56 -27.01 -42.89 37.94
C THR E 56 -25.69 -42.70 37.21
N ILE E 57 -25.68 -43.06 35.93
CA ILE E 57 -24.50 -42.90 35.10
C ILE E 57 -24.01 -41.45 35.10
N MET E 58 -24.92 -40.49 34.91
CA MET E 58 -24.49 -39.10 34.80
C MET E 58 -23.92 -38.56 36.11
N GLU E 59 -24.55 -38.89 37.23
CA GLU E 59 -24.03 -38.36 38.48
C GLU E 59 -22.70 -39.04 38.85
N MET E 60 -22.53 -40.31 38.48
CA MET E 60 -21.27 -40.98 38.76
C MET E 60 -20.17 -40.45 37.83
N ALA E 61 -20.54 -40.06 36.62
CA ALA E 61 -19.60 -39.43 35.71
C ALA E 61 -19.15 -38.07 36.29
N ALA E 62 -20.09 -37.31 36.83
CA ALA E 62 -19.78 -36.03 37.47
C ALA E 62 -18.92 -36.22 38.70
N GLU E 63 -19.10 -37.33 39.40
CA GLU E 63 -18.29 -37.62 40.60
C GLU E 63 -16.87 -38.04 40.24
N ALA E 64 -16.74 -38.81 39.16
CA ALA E 64 -15.46 -39.37 38.77
C ALA E 64 -14.65 -38.40 37.91
N GLY E 65 -15.30 -37.34 37.43
CA GLY E 65 -14.61 -36.35 36.63
C GLY E 65 -15.27 -36.19 35.27
N THR E 66 -15.07 -37.16 34.41
CA THR E 66 -15.80 -37.24 33.16
C THR E 66 -16.33 -38.65 32.94
N VAL E 67 -17.14 -38.82 31.91
CA VAL E 67 -17.68 -40.12 31.57
C VAL E 67 -16.59 -41.15 31.33
N GLU E 68 -15.46 -40.68 30.81
CA GLU E 68 -14.32 -41.54 30.49
C GLU E 68 -13.71 -42.22 31.71
N ASP E 69 -13.92 -41.64 32.88
CA ASP E 69 -13.38 -42.19 34.13
C ASP E 69 -14.32 -43.22 34.76
N LEU E 70 -15.45 -43.46 34.10
CA LEU E 70 -16.51 -44.26 34.69
C LEU E 70 -16.31 -45.73 34.39
N GLU E 71 -16.53 -46.58 35.40
CA GLU E 71 -16.51 -48.03 35.24
C GLU E 71 -17.94 -48.59 35.30
N LEU E 72 -18.23 -49.56 34.44
CA LEU E 72 -19.56 -50.17 34.37
C LEU E 72 -20.02 -50.73 35.72
N GLU E 73 -19.05 -51.22 36.48
CA GLU E 73 -19.33 -51.87 37.76
C GLU E 73 -19.94 -50.89 38.74
N ASP E 74 -19.74 -49.59 38.50
CA ASP E 74 -20.15 -48.55 39.43
C ASP E 74 -21.61 -48.16 39.25
N VAL E 75 -22.18 -48.48 38.10
CA VAL E 75 -23.50 -47.98 37.72
C VAL E 75 -24.50 -49.04 37.28
N LEU E 76 -24.03 -50.27 37.13
CA LEU E 76 -24.90 -51.37 36.75
C LEU E 76 -25.03 -52.30 37.94
N LYS E 77 -26.24 -52.42 38.48
CA LYS E 77 -26.45 -53.20 39.69
C LYS E 77 -27.58 -54.22 39.52
N ALA E 78 -27.47 -55.35 40.20
CA ALA E 78 -28.51 -56.38 40.08
C ALA E 78 -29.50 -56.27 41.22
N GLY E 79 -30.78 -56.50 40.89
CA GLY E 79 -31.87 -56.47 41.85
C GLY E 79 -32.68 -57.75 41.75
N TYR E 80 -33.98 -57.66 41.98
CA TYR E 80 -34.86 -58.83 41.99
C TYR E 80 -34.62 -59.79 40.84
N GLY E 81 -34.56 -61.07 41.16
CA GLY E 81 -34.37 -62.11 40.16
C GLY E 81 -33.14 -61.93 39.29
N GLY E 82 -32.12 -61.26 39.81
CA GLY E 82 -30.88 -61.04 39.07
C GLY E 82 -31.00 -60.08 37.88
N VAL E 83 -32.07 -59.29 37.83
CA VAL E 83 -32.20 -58.29 36.77
C VAL E 83 -31.12 -57.22 36.90
N LYS E 84 -30.52 -56.82 35.78
CA LYS E 84 -29.49 -55.79 35.82
C LYS E 84 -30.12 -54.41 35.59
N CYS E 85 -29.79 -53.47 36.47
CA CYS E 85 -30.43 -52.15 36.47
C CYS E 85 -29.42 -51.02 36.28
N VAL E 86 -29.81 -50.04 35.47
CA VAL E 86 -28.97 -48.88 35.28
C VAL E 86 -29.87 -47.67 34.96
N GLU E 87 -29.47 -46.51 35.47
CA GLU E 87 -30.17 -45.26 35.18
C GLU E 87 -29.23 -44.31 34.48
N SER E 88 -29.76 -43.65 33.46
CA SER E 88 -29.04 -42.59 32.79
C SER E 88 -28.72 -41.44 33.74
N GLY E 89 -29.70 -41.06 34.54
CA GLY E 89 -29.59 -39.87 35.36
C GLY E 89 -29.81 -38.63 34.53
N GLY E 90 -29.87 -37.49 35.19
CA GLY E 90 -30.11 -36.25 34.49
C GLY E 90 -30.31 -35.13 35.50
N PRO E 91 -30.58 -33.92 35.00
CA PRO E 91 -30.75 -32.75 35.87
C PRO E 91 -32.08 -32.76 36.62
N GLU E 92 -32.19 -31.94 37.66
CA GLU E 92 -33.48 -31.61 38.24
C GLU E 92 -34.21 -30.74 37.20
N PRO E 93 -35.54 -30.61 37.33
CA PRO E 93 -36.34 -29.87 36.35
C PRO E 93 -35.89 -28.44 36.04
N GLY E 94 -35.85 -28.10 34.75
CA GLY E 94 -35.67 -26.71 34.35
C GLY E 94 -34.25 -26.21 34.24
N VAL E 95 -33.30 -27.12 34.06
CA VAL E 95 -31.91 -26.76 33.88
C VAL E 95 -31.22 -27.91 33.18
N GLY E 96 -30.18 -27.61 32.39
CA GLY E 96 -29.41 -28.68 31.78
C GLY E 96 -30.10 -29.29 30.56
N CYS E 97 -29.80 -30.56 30.29
CA CYS E 97 -30.23 -31.22 29.08
C CYS E 97 -30.35 -32.73 29.34
N ALA E 98 -31.54 -33.16 29.74
CA ALA E 98 -31.80 -34.57 30.05
C ALA E 98 -31.57 -35.47 28.84
N GLY E 99 -31.86 -34.94 27.65
CA GLY E 99 -31.69 -35.65 26.40
C GLY E 99 -30.25 -36.10 26.21
N ARG E 100 -29.30 -35.20 26.46
CA ARG E 100 -27.90 -35.54 26.31
C ARG E 100 -27.49 -36.59 27.35
N GLY E 101 -28.12 -36.57 28.53
CA GLY E 101 -27.84 -37.59 29.53
C GLY E 101 -28.11 -39.00 29.04
N VAL E 102 -29.19 -39.15 28.29
CA VAL E 102 -29.61 -40.43 27.75
C VAL E 102 -28.64 -40.85 26.65
N ILE E 103 -28.25 -39.88 25.82
CA ILE E 103 -27.28 -40.10 24.76
C ILE E 103 -25.95 -40.57 25.35
N THR E 104 -25.42 -39.80 26.28
CA THR E 104 -24.19 -40.18 26.97
C THR E 104 -24.31 -41.58 27.61
N ALA E 105 -25.40 -41.81 28.33
CA ALA E 105 -25.58 -43.06 29.07
C ALA E 105 -25.64 -44.27 28.15
N ILE E 106 -26.44 -44.18 27.09
CA ILE E 106 -26.57 -45.31 26.18
C ILE E 106 -25.29 -45.54 25.38
N ASN E 107 -24.59 -44.48 24.98
CA ASN E 107 -23.29 -44.68 24.32
C ASN E 107 -22.29 -45.38 25.25
N PHE E 108 -22.34 -45.01 26.53
CA PHE E 108 -21.47 -45.61 27.53
C PHE E 108 -21.75 -47.09 27.69
N LEU E 109 -23.02 -47.45 27.80
CA LEU E 109 -23.41 -48.85 27.95
C LEU E 109 -22.96 -49.68 26.75
N GLU E 110 -23.13 -49.12 25.57
CA GLU E 110 -22.70 -49.78 24.33
C GLU E 110 -21.19 -49.99 24.36
N GLU E 111 -20.45 -48.90 24.59
CA GLU E 111 -18.98 -48.92 24.58
C GLU E 111 -18.39 -49.88 25.62
N GLU E 112 -18.99 -49.95 26.80
CA GLU E 112 -18.43 -50.80 27.86
C GLU E 112 -18.92 -52.22 27.76
N GLY E 113 -19.70 -52.50 26.71
CA GLY E 113 -20.16 -53.85 26.44
C GLY E 113 -21.17 -54.41 27.41
N ALA E 114 -22.04 -53.55 27.96
CA ALA E 114 -23.08 -53.99 28.87
C ALA E 114 -24.06 -54.96 28.20
N TYR E 115 -24.08 -54.96 26.86
CA TYR E 115 -24.94 -55.83 26.08
C TYR E 115 -24.22 -57.16 25.85
N GLU E 116 -23.97 -57.86 26.96
CA GLU E 116 -23.07 -59.02 27.03
C GLU E 116 -23.45 -60.23 26.19
N ASP E 117 -24.76 -60.44 26.00
CA ASP E 117 -25.40 -61.64 25.40
C ASP E 117 -25.63 -62.74 26.43
N ASP E 118 -25.48 -62.40 27.71
CA ASP E 118 -26.05 -63.21 28.78
C ASP E 118 -27.39 -62.60 29.12
N LEU E 119 -28.03 -62.04 28.11
CA LEU E 119 -29.30 -61.35 28.30
C LEU E 119 -30.33 -61.88 27.31
N ASP E 120 -31.55 -62.04 27.79
CA ASP E 120 -32.67 -62.40 26.92
C ASP E 120 -33.47 -61.16 26.54
N PHE E 121 -33.55 -60.19 27.46
CA PHE E 121 -34.28 -58.94 27.19
C PHE E 121 -33.56 -57.71 27.75
N VAL E 122 -33.56 -56.64 26.96
CA VAL E 122 -33.24 -55.32 27.44
C VAL E 122 -34.50 -54.49 27.31
N PHE E 123 -34.90 -53.83 28.39
CA PHE E 123 -36.02 -52.91 28.34
C PHE E 123 -35.56 -51.49 28.61
N TYR E 124 -35.93 -50.57 27.73
CA TYR E 124 -35.70 -49.15 27.98
C TYR E 124 -36.98 -48.49 28.45
N ASP E 125 -36.89 -47.76 29.56
CA ASP E 125 -38.03 -47.05 30.11
C ASP E 125 -37.85 -45.57 29.81
N VAL E 126 -38.69 -45.04 28.92
CA VAL E 126 -38.39 -43.73 28.33
C VAL E 126 -39.39 -42.64 28.71
N LEU E 127 -38.86 -41.46 28.99
CA LEU E 127 -39.61 -40.23 29.21
C LEU E 127 -40.88 -40.11 28.36
N GLY E 128 -41.96 -39.63 28.98
CA GLY E 128 -43.25 -39.52 28.32
C GLY E 128 -43.29 -38.70 27.03
N ASP E 129 -42.85 -37.45 27.10
CA ASP E 129 -43.04 -36.51 25.99
C ASP E 129 -42.04 -36.64 24.82
N VAL E 130 -40.89 -37.26 25.06
CA VAL E 130 -39.92 -37.52 23.98
C VAL E 130 -39.64 -36.25 23.15
N VAL E 131 -39.07 -35.24 23.80
CA VAL E 131 -39.04 -33.91 23.20
C VAL E 131 -37.80 -33.64 22.32
N CYS E 132 -36.97 -34.65 22.14
CA CYS E 132 -35.77 -34.46 21.32
C CYS E 132 -35.20 -35.78 20.87
N GLY E 133 -34.16 -35.69 20.03
CA GLY E 133 -33.52 -36.88 19.49
C GLY E 133 -32.98 -37.83 20.54
N GLY E 134 -32.50 -37.28 21.64
CA GLY E 134 -31.91 -38.09 22.70
C GLY E 134 -32.86 -39.14 23.24
N PHE E 135 -34.12 -38.77 23.39
CA PHE E 135 -35.10 -39.74 23.89
C PHE E 135 -35.56 -40.72 22.81
N ALA E 136 -35.00 -40.63 21.62
CA ALA E 136 -35.24 -41.66 20.60
C ALA E 136 -34.01 -42.53 20.44
N MET E 137 -32.97 -42.19 21.17
CA MET E 137 -31.77 -43.04 21.25
C MET E 137 -32.10 -44.54 21.43
N PRO E 138 -33.08 -44.87 22.30
CA PRO E 138 -33.39 -46.30 22.45
C PRO E 138 -34.00 -46.99 21.21
N ILE E 139 -34.43 -46.25 20.18
CA ILE E 139 -35.05 -46.93 19.04
C ILE E 139 -34.29 -46.68 17.73
N ARG E 140 -33.04 -46.25 17.87
CA ARG E 140 -32.14 -46.21 16.72
C ARG E 140 -31.72 -47.62 16.35
N GLU E 141 -31.02 -47.74 15.22
CA GLU E 141 -30.49 -49.02 14.75
C GLU E 141 -29.62 -49.69 15.82
N ASN E 142 -29.80 -51.00 15.96
CA ASN E 142 -29.07 -51.83 16.93
C ASN E 142 -29.43 -51.54 18.39
N LYS E 143 -30.55 -50.85 18.61
CA LYS E 143 -31.10 -50.71 19.96
C LYS E 143 -32.43 -51.49 20.03
N ALA E 144 -33.49 -50.85 20.53
CA ALA E 144 -34.76 -51.57 20.67
C ALA E 144 -35.31 -51.91 19.29
N GLN E 145 -35.76 -53.15 19.15
CA GLN E 145 -36.43 -53.65 17.96
C GLN E 145 -37.96 -53.63 18.09
N GLU E 146 -38.45 -53.66 19.33
CA GLU E 146 -39.88 -53.67 19.57
C GLU E 146 -40.27 -52.52 20.46
N ILE E 147 -41.36 -51.85 20.12
CA ILE E 147 -41.88 -50.79 20.98
C ILE E 147 -43.22 -51.23 21.53
N TYR E 148 -43.42 -51.03 22.82
CA TYR E 148 -44.75 -51.19 23.39
C TYR E 148 -45.16 -49.84 23.96
N ILE E 149 -46.40 -49.46 23.70
CA ILE E 149 -46.89 -48.19 24.17
C ILE E 149 -47.94 -48.45 25.23
N VAL E 150 -47.69 -47.93 26.43
CA VAL E 150 -48.65 -48.02 27.51
C VAL E 150 -49.62 -46.88 27.37
N CYS E 151 -50.91 -47.17 27.46
CA CYS E 151 -51.89 -46.11 27.45
C CYS E 151 -53.05 -46.51 28.34
N SER E 152 -54.18 -45.84 28.16
CA SER E 152 -55.42 -46.19 28.82
C SER E 152 -56.55 -45.60 28.01
N GLY E 153 -57.78 -45.87 28.43
CA GLY E 153 -58.97 -45.43 27.72
C GLY E 153 -59.37 -43.98 27.93
N GLU E 154 -58.41 -43.15 28.35
CA GLU E 154 -58.63 -41.72 28.48
C GLU E 154 -58.10 -40.99 27.24
N MET E 155 -58.77 -39.90 26.86
CA MET E 155 -58.39 -39.13 25.67
C MET E 155 -56.89 -38.76 25.65
N MET E 156 -56.37 -38.26 26.77
CA MET E 156 -55.00 -37.76 26.79
C MET E 156 -53.96 -38.87 26.55
N ALA E 157 -54.27 -40.06 27.01
CA ALA E 157 -53.35 -41.18 26.92
C ALA E 157 -53.32 -41.72 25.50
N MET E 158 -54.47 -41.70 24.85
CA MET E 158 -54.60 -42.15 23.48
C MET E 158 -54.00 -41.17 22.47
N TYR E 159 -54.08 -39.88 22.75
CA TYR E 159 -53.45 -38.91 21.85
C TYR E 159 -51.93 -39.09 21.89
N ALA E 160 -51.42 -39.27 23.11
CA ALA E 160 -49.99 -39.43 23.33
C ALA E 160 -49.48 -40.67 22.60
N ALA E 161 -50.22 -41.77 22.72
CA ALA E 161 -49.93 -42.99 21.97
C ALA E 161 -49.80 -42.67 20.48
N ASN E 162 -50.76 -41.92 19.97
CA ASN E 162 -50.80 -41.58 18.56
C ASN E 162 -49.65 -40.64 18.14
N ASN E 163 -49.40 -39.64 18.99
CA ASN E 163 -48.29 -38.70 18.81
C ASN E 163 -46.93 -39.39 18.82
N ILE E 164 -46.74 -40.30 19.78
CA ILE E 164 -45.51 -41.09 19.87
C ILE E 164 -45.30 -41.96 18.61
N SER E 165 -46.39 -42.55 18.10
CA SER E 165 -46.32 -43.30 16.85
C SER E 165 -45.85 -42.44 15.67
N LYS E 166 -46.27 -41.17 15.62
CA LYS E 166 -45.77 -40.24 14.61
C LYS E 166 -44.26 -40.22 14.60
N GLY E 167 -43.67 -40.05 15.79
CA GLY E 167 -42.22 -40.01 15.94
C GLY E 167 -41.52 -41.33 15.59
N ILE E 168 -42.22 -42.43 15.87
CA ILE E 168 -41.75 -43.78 15.56
C ILE E 168 -41.51 -44.04 14.07
N VAL E 169 -42.46 -43.61 13.23
CA VAL E 169 -42.42 -43.89 11.79
C VAL E 169 -41.06 -43.56 11.13
N LYS E 170 -40.47 -42.43 11.54
CA LYS E 170 -39.13 -42.02 11.11
C LYS E 170 -38.07 -43.12 11.35
N TYR E 171 -38.07 -43.67 12.56
CA TYR E 171 -37.04 -44.65 12.96
C TYR E 171 -37.38 -46.06 12.48
N ALA E 172 -38.66 -46.36 12.34
CA ALA E 172 -39.09 -47.63 11.75
C ALA E 172 -38.65 -47.71 10.28
N ASN E 173 -38.71 -46.59 9.59
CA ASN E 173 -38.33 -46.59 8.18
C ASN E 173 -36.84 -46.46 7.91
N SER E 174 -36.13 -45.75 8.79
CA SER E 174 -34.68 -45.68 8.66
C SER E 174 -34.03 -46.98 9.15
N GLY E 175 -34.68 -47.64 10.11
CA GLY E 175 -34.13 -48.84 10.72
C GLY E 175 -35.07 -50.04 10.72
N SER E 176 -34.97 -50.89 11.74
CA SER E 176 -35.80 -52.09 11.77
C SER E 176 -36.81 -52.10 12.90
N VAL E 177 -36.90 -51.00 13.66
CA VAL E 177 -37.72 -50.99 14.86
C VAL E 177 -39.20 -50.98 14.48
N ARG E 178 -40.02 -51.67 15.29
CA ARG E 178 -41.44 -51.89 15.01
C ARG E 178 -42.25 -51.74 16.28
N LEU E 179 -43.52 -51.42 16.11
CA LEU E 179 -44.48 -51.37 17.21
C LEU E 179 -45.08 -52.74 17.48
N GLY E 180 -44.90 -53.25 18.70
CA GLY E 180 -45.39 -54.58 19.06
C GLY E 180 -46.77 -54.59 19.68
N GLY E 181 -47.22 -53.45 20.19
CA GLY E 181 -48.57 -53.35 20.68
C GLY E 181 -48.84 -52.29 21.71
N LEU E 182 -50.11 -52.16 22.05
CA LEU E 182 -50.57 -51.26 23.10
C LEU E 182 -50.84 -52.05 24.37
N ILE E 183 -50.33 -51.55 25.49
CA ILE E 183 -50.66 -52.10 26.79
C ILE E 183 -51.64 -51.16 27.47
N CYS E 184 -52.84 -51.66 27.77
CA CYS E 184 -53.84 -50.85 28.45
C CYS E 184 -53.69 -50.97 29.95
N ASN E 185 -53.13 -49.93 30.55
CA ASN E 185 -53.08 -49.79 32.00
C ASN E 185 -54.37 -49.11 32.44
N SER E 186 -55.30 -49.88 33.00
CA SER E 186 -56.66 -49.40 33.20
C SER E 186 -56.82 -48.22 34.17
N ARG E 187 -57.66 -47.29 33.75
CA ARG E 187 -58.11 -46.19 34.60
C ARG E 187 -59.59 -46.33 34.89
N ASN E 188 -60.10 -47.56 34.75
CA ASN E 188 -61.49 -47.89 35.05
C ASN E 188 -62.52 -47.04 34.30
N THR E 189 -62.22 -46.67 33.06
CA THR E 189 -63.17 -45.90 32.25
C THR E 189 -64.19 -46.86 31.62
N ASP E 190 -65.31 -46.32 31.16
CA ASP E 190 -66.37 -47.12 30.55
C ASP E 190 -65.93 -47.68 29.20
N ARG E 191 -66.10 -48.99 29.03
CA ARG E 191 -65.78 -49.67 27.77
C ARG E 191 -64.30 -49.49 27.38
N GLU E 192 -63.43 -49.45 28.40
CA GLU E 192 -62.02 -49.14 28.21
C GLU E 192 -61.31 -50.11 27.28
N ASP E 193 -61.62 -51.40 27.42
CA ASP E 193 -60.95 -52.42 26.63
C ASP E 193 -61.35 -52.31 25.16
N GLU E 194 -62.63 -52.11 24.86
CA GLU E 194 -63.05 -52.01 23.46
C GLU E 194 -62.46 -50.77 22.81
N LEU E 195 -62.34 -49.71 23.60
CA LEU E 195 -61.83 -48.44 23.09
C LEU E 195 -60.36 -48.56 22.64
N ILE E 196 -59.54 -49.23 23.44
CA ILE E 196 -58.12 -49.42 23.13
C ILE E 196 -57.91 -50.42 22.01
N ILE E 197 -58.70 -51.48 22.02
CA ILE E 197 -58.68 -52.44 20.93
C ILE E 197 -58.97 -51.71 19.61
N ALA E 198 -59.94 -50.81 19.62
CA ALA E 198 -60.31 -50.04 18.44
C ALA E 198 -59.20 -49.08 17.99
N LEU E 199 -58.54 -48.42 18.94
CA LEU E 199 -57.44 -47.54 18.58
C LEU E 199 -56.30 -48.38 17.99
N ALA E 200 -56.05 -49.54 18.59
CA ALA E 200 -55.00 -50.46 18.12
C ALA E 200 -55.17 -50.80 16.63
N ASN E 201 -56.38 -51.16 16.23
CA ASN E 201 -56.73 -51.42 14.83
C ASN E 201 -56.48 -50.26 13.87
N LYS E 202 -56.87 -49.06 14.30
CA LYS E 202 -56.61 -47.84 13.53
C LYS E 202 -55.12 -47.67 13.21
N LEU E 203 -54.28 -47.96 14.21
CA LEU E 203 -52.83 -47.83 14.05
C LEU E 203 -52.25 -49.02 13.29
N GLY E 204 -52.99 -50.13 13.30
CA GLY E 204 -52.56 -51.36 12.66
C GLY E 204 -51.85 -52.33 13.60
N THR E 205 -51.94 -52.07 14.91
CA THR E 205 -51.25 -52.92 15.88
C THR E 205 -52.27 -53.78 16.64
N GLN E 206 -52.00 -54.05 17.92
CA GLN E 206 -52.92 -54.83 18.77
C GLN E 206 -52.90 -54.26 20.19
N MET E 207 -53.93 -54.57 20.96
CA MET E 207 -53.89 -54.38 22.41
C MET E 207 -53.33 -55.65 23.03
N ILE E 208 -52.06 -55.65 23.41
CA ILE E 208 -51.38 -56.88 23.78
C ILE E 208 -51.87 -57.42 25.13
N HIS E 209 -52.32 -56.54 26.02
CA HIS E 209 -52.91 -56.94 27.29
C HIS E 209 -53.61 -55.78 28.02
N PHE E 210 -54.64 -56.12 28.78
CA PHE E 210 -55.36 -55.17 29.63
C PHE E 210 -54.97 -55.36 31.09
N VAL E 211 -54.27 -54.39 31.66
CA VAL E 211 -53.86 -54.45 33.07
C VAL E 211 -54.87 -53.73 33.95
N PRO E 212 -55.47 -54.45 34.90
CA PRO E 212 -56.48 -53.85 35.79
C PRO E 212 -55.89 -52.80 36.72
N ARG E 213 -56.70 -51.85 37.16
CA ARG E 213 -56.27 -50.95 38.23
C ARG E 213 -56.49 -51.66 39.56
N ASP E 214 -55.38 -51.97 40.21
CA ASP E 214 -55.40 -52.69 41.48
C ASP E 214 -54.56 -51.91 42.50
N ASN E 215 -55.12 -51.67 43.67
CA ASN E 215 -54.36 -50.95 44.70
C ASN E 215 -53.32 -51.82 45.40
N VAL E 216 -53.19 -53.07 45.00
CA VAL E 216 -52.06 -53.88 45.41
C VAL E 216 -50.79 -53.31 44.78
N VAL E 217 -50.96 -52.55 43.70
CA VAL E 217 -49.84 -51.87 43.10
C VAL E 217 -49.34 -50.77 44.03
N GLN E 218 -50.26 -49.94 44.54
CA GLN E 218 -49.88 -48.88 45.46
C GLN E 218 -49.27 -49.47 46.73
N ARG E 219 -49.74 -50.65 47.12
CA ARG E 219 -49.21 -51.34 48.29
C ARG E 219 -47.74 -51.71 48.10
N ALA E 220 -47.45 -52.46 47.03
CA ALA E 220 -46.09 -52.89 46.72
C ALA E 220 -45.15 -51.71 46.52
N GLU E 221 -45.67 -50.62 45.97
CA GLU E 221 -44.86 -49.46 45.59
C GLU E 221 -44.31 -48.71 46.80
N ILE E 222 -45.14 -48.50 47.82
CA ILE E 222 -44.67 -47.86 49.04
C ILE E 222 -43.73 -48.83 49.76
N ARG E 223 -43.96 -50.13 49.56
CA ARG E 223 -43.05 -51.17 50.00
C ARG E 223 -41.82 -51.31 49.05
N ARG E 224 -41.72 -50.39 48.08
CA ARG E 224 -40.60 -50.32 47.13
C ARG E 224 -40.28 -51.63 46.39
N MET E 225 -41.32 -52.40 46.10
CA MET E 225 -41.16 -53.64 45.34
C MET E 225 -42.14 -53.73 44.17
N THR E 226 -41.91 -54.70 43.30
CA THR E 226 -42.91 -55.09 42.31
C THR E 226 -43.99 -55.88 43.02
N VAL E 227 -45.12 -56.10 42.35
CA VAL E 227 -46.18 -56.93 42.89
C VAL E 227 -45.71 -58.38 42.86
N ILE E 228 -44.90 -58.71 41.86
CA ILE E 228 -44.39 -60.07 41.68
C ILE E 228 -43.60 -60.53 42.91
N GLU E 229 -42.82 -59.62 43.48
CA GLU E 229 -42.03 -59.93 44.68
C GLU E 229 -42.85 -59.76 45.96
N TYR E 230 -43.70 -58.74 45.98
CA TYR E 230 -44.53 -58.44 47.14
C TYR E 230 -45.55 -59.53 47.48
N ASP E 231 -46.37 -59.89 46.50
CA ASP E 231 -47.37 -60.94 46.70
C ASP E 231 -47.48 -61.80 45.46
N PRO E 232 -46.62 -62.82 45.36
CA PRO E 232 -46.55 -63.73 44.20
C PRO E 232 -47.90 -64.32 43.77
N LYS E 233 -48.84 -64.55 44.67
CA LYS E 233 -50.17 -65.00 44.24
C LYS E 233 -51.26 -63.98 44.51
N ALA E 234 -51.04 -62.74 44.09
CA ALA E 234 -52.12 -61.77 43.94
C ALA E 234 -52.65 -61.91 42.52
N LYS E 235 -53.90 -61.53 42.27
CA LYS E 235 -54.45 -61.67 40.93
C LYS E 235 -53.71 -60.72 39.98
N GLN E 236 -53.24 -59.60 40.51
CA GLN E 236 -52.47 -58.65 39.72
C GLN E 236 -51.09 -59.21 39.35
N ALA E 237 -50.56 -60.09 40.18
CA ALA E 237 -49.30 -60.74 39.86
C ALA E 237 -49.50 -61.67 38.65
N ASP E 238 -50.62 -62.35 38.61
CA ASP E 238 -50.95 -63.21 37.48
C ASP E 238 -51.16 -62.41 36.20
N GLU E 239 -51.72 -61.20 36.35
CA GLU E 239 -51.89 -60.29 35.21
C GLU E 239 -50.54 -59.91 34.56
N TYR E 240 -49.51 -59.71 35.38
CA TYR E 240 -48.21 -59.35 34.83
C TYR E 240 -47.53 -60.57 34.22
N ARG E 241 -47.84 -61.76 34.75
CA ARG E 241 -47.28 -62.98 34.19
C ARG E 241 -47.88 -63.20 32.82
N ALA E 242 -49.17 -62.90 32.71
CA ALA E 242 -49.88 -63.02 31.45
C ALA E 242 -49.29 -62.06 30.42
N LEU E 243 -49.09 -60.81 30.84
CA LEU E 243 -48.49 -59.83 29.96
C LEU E 243 -47.09 -60.27 29.55
N ALA E 244 -46.35 -60.79 30.53
CA ALA E 244 -44.99 -61.26 30.29
C ALA E 244 -44.94 -62.37 29.25
N ARG E 245 -45.85 -63.34 29.36
CA ARG E 245 -45.88 -64.44 28.41
C ARG E 245 -46.22 -63.96 27.00
N LYS E 246 -47.17 -63.03 26.90
CA LYS E 246 -47.59 -62.50 25.59
C LYS E 246 -46.44 -61.79 24.89
N VAL E 247 -45.72 -60.98 25.64
CA VAL E 247 -44.55 -60.27 25.12
C VAL E 247 -43.52 -61.27 24.59
N VAL E 248 -43.21 -62.29 25.38
CA VAL E 248 -42.30 -63.35 24.94
C VAL E 248 -42.78 -64.03 23.64
N ASP E 249 -44.08 -64.26 23.50
CA ASP E 249 -44.60 -65.00 22.35
C ASP E 249 -45.10 -64.11 21.19
N ASN E 250 -45.09 -62.80 21.37
CA ASN E 250 -45.57 -61.87 20.35
C ASN E 250 -44.78 -61.91 19.03
N LYS E 251 -45.50 -61.87 17.92
CA LYS E 251 -44.90 -61.87 16.59
C LYS E 251 -45.48 -60.73 15.76
N LEU E 252 -46.42 -59.97 16.34
CA LEU E 252 -47.01 -58.84 15.62
C LEU E 252 -46.20 -57.58 15.82
N LEU E 253 -45.42 -57.22 14.82
CA LEU E 253 -44.54 -56.05 14.88
C LEU E 253 -44.70 -55.23 13.62
N VAL E 254 -45.32 -54.06 13.75
CA VAL E 254 -45.77 -53.32 12.59
C VAL E 254 -45.23 -51.91 12.59
N ILE E 255 -45.37 -51.26 11.45
CA ILE E 255 -45.11 -49.83 11.35
C ILE E 255 -46.44 -49.14 11.62
N PRO E 256 -46.49 -48.23 12.61
CA PRO E 256 -47.80 -47.69 12.98
C PRO E 256 -48.35 -46.72 11.93
N ASN E 257 -49.68 -46.63 11.87
CA ASN E 257 -50.37 -45.71 10.98
C ASN E 257 -51.14 -44.68 11.81
N PRO E 258 -50.49 -43.57 12.18
CA PRO E 258 -51.13 -42.61 13.10
C PRO E 258 -52.41 -42.04 12.50
N ILE E 259 -53.36 -41.67 13.36
CA ILE E 259 -54.64 -41.15 12.89
C ILE E 259 -54.70 -39.65 13.17
N THR E 260 -55.71 -38.98 12.67
CA THR E 260 -55.81 -37.53 12.88
C THR E 260 -56.55 -37.22 14.18
N MET E 261 -56.51 -35.95 14.58
CA MET E 261 -57.22 -35.55 15.77
C MET E 261 -58.73 -35.78 15.60
N ASP E 262 -59.23 -35.51 14.39
CA ASP E 262 -60.66 -35.71 14.13
C ASP E 262 -61.04 -37.19 14.24
N GLU E 263 -60.13 -38.07 13.84
CA GLU E 263 -60.41 -39.49 13.93
C GLU E 263 -60.49 -39.97 15.37
N LEU E 264 -59.57 -39.47 16.19
CA LEU E 264 -59.53 -39.82 17.60
C LEU E 264 -60.76 -39.29 18.34
N GLU E 265 -61.19 -38.08 17.99
CA GLU E 265 -62.38 -37.51 18.61
C GLU E 265 -63.62 -38.35 18.22
N GLU E 266 -63.71 -38.74 16.97
CA GLU E 266 -64.84 -39.55 16.52
C GLU E 266 -64.90 -40.90 17.24
N LEU E 267 -63.73 -41.50 17.49
CA LEU E 267 -63.64 -42.78 18.18
C LEU E 267 -64.20 -42.72 19.61
N LEU E 268 -63.76 -41.72 20.35
CA LEU E 268 -64.22 -41.52 21.72
C LEU E 268 -65.73 -41.22 21.77
N MET E 269 -66.24 -40.54 20.75
CA MET E 269 -67.65 -40.23 20.68
C MET E 269 -68.45 -41.51 20.39
N GLU E 270 -67.91 -42.37 19.53
CA GLU E 270 -68.49 -43.69 19.26
C GLU E 270 -68.65 -44.48 20.56
N PHE E 271 -67.76 -44.29 21.52
CA PHE E 271 -67.80 -45.06 22.77
C PHE E 271 -68.42 -44.34 23.96
N GLY E 272 -69.25 -43.33 23.66
CA GLY E 272 -70.11 -42.73 24.67
C GLY E 272 -69.54 -41.58 25.46
N ILE E 273 -68.46 -40.96 24.99
CA ILE E 273 -67.82 -39.95 25.83
C ILE E 273 -68.76 -38.75 26.08
N MET E 274 -69.63 -38.43 25.12
CA MET E 274 -70.54 -37.31 25.30
C MET E 274 -71.78 -37.66 26.12
N GLU E 275 -71.98 -38.94 26.42
CA GLU E 275 -73.14 -39.34 27.22
C GLU E 275 -72.96 -38.93 28.68
N VAL E 276 -74.02 -38.42 29.31
CA VAL E 276 -73.84 -37.86 30.66
C VAL E 276 -74.16 -38.85 31.77
N ALA F 1 -49.49 -2.79 35.16
CA ALA F 1 -49.46 -3.84 36.17
C ALA F 1 -49.97 -5.16 35.57
N MET F 2 -49.36 -5.57 34.48
CA MET F 2 -49.66 -6.86 33.87
C MET F 2 -49.07 -7.98 34.72
N ARG F 3 -49.86 -9.02 34.98
CA ARG F 3 -49.38 -10.12 35.80
C ARG F 3 -49.03 -11.33 34.94
N GLN F 4 -47.78 -11.79 35.01
CA GLN F 4 -47.38 -12.96 34.25
C GLN F 4 -47.34 -14.19 35.14
N CYS F 5 -47.94 -15.27 34.65
CA CYS F 5 -48.18 -16.48 35.44
C CYS F 5 -47.76 -17.71 34.66
N ALA F 6 -47.15 -18.68 35.34
CA ALA F 6 -46.75 -19.90 34.64
C ALA F 6 -47.36 -21.12 35.30
N ILE F 7 -47.86 -22.05 34.49
CA ILE F 7 -48.51 -23.25 34.99
C ILE F 7 -47.65 -24.48 34.76
N TYR F 8 -47.34 -25.17 35.85
CA TYR F 8 -46.54 -26.38 35.85
C TYR F 8 -47.28 -27.49 36.60
N GLY F 9 -46.79 -28.71 36.50
CA GLY F 9 -47.37 -29.83 37.23
C GLY F 9 -47.10 -31.14 36.52
N LYS F 10 -47.27 -32.24 37.24
CA LYS F 10 -47.17 -33.60 36.71
C LYS F 10 -47.78 -33.77 35.31
N GLY F 11 -47.07 -34.45 34.41
CA GLY F 11 -47.62 -34.80 33.12
C GLY F 11 -49.01 -35.43 33.23
N GLY F 12 -49.96 -34.91 32.47
CA GLY F 12 -51.32 -35.43 32.49
C GLY F 12 -52.22 -34.96 33.61
N ILE F 13 -51.75 -34.03 34.44
CA ILE F 13 -52.50 -33.65 35.64
C ILE F 13 -53.68 -32.69 35.34
N GLY F 14 -53.70 -32.12 34.13
CA GLY F 14 -54.76 -31.18 33.77
C GLY F 14 -54.30 -29.73 33.64
N LYS F 15 -53.01 -29.51 33.40
CA LYS F 15 -52.48 -28.14 33.28
C LYS F 15 -53.21 -27.33 32.20
N SER F 16 -53.29 -27.89 30.99
CA SER F 16 -53.74 -27.10 29.84
C SER F 16 -55.23 -26.77 29.91
N THR F 17 -56.00 -27.79 30.25
CA THR F 17 -57.43 -27.62 30.48
C THR F 17 -57.73 -26.62 31.61
N THR F 18 -57.00 -26.76 32.71
CA THR F 18 -57.26 -25.88 33.84
C THR F 18 -56.93 -24.45 33.44
N THR F 19 -55.79 -24.28 32.78
CA THR F 19 -55.35 -22.97 32.35
C THR F 19 -56.37 -22.32 31.40
N GLN F 20 -56.80 -23.03 30.38
CA GLN F 20 -57.73 -22.43 29.44
C GLN F 20 -59.09 -22.12 30.07
N ASN F 21 -59.58 -23.00 30.93
CA ASN F 21 -60.86 -22.74 31.58
C ASN F 21 -60.77 -21.54 32.52
N LEU F 22 -59.65 -21.45 33.23
CA LEU F 22 -59.35 -20.31 34.09
C LEU F 22 -59.37 -19.00 33.27
N VAL F 23 -58.65 -19.02 32.16
CA VAL F 23 -58.51 -17.84 31.31
C VAL F 23 -59.85 -17.42 30.70
N ALA F 24 -60.66 -18.38 30.29
CA ALA F 24 -62.00 -18.07 29.80
C ALA F 24 -62.76 -17.27 30.86
N ALA F 25 -62.68 -17.75 32.10
CA ALA F 25 -63.37 -17.09 33.19
C ALA F 25 -62.82 -15.69 33.44
N LEU F 26 -61.51 -15.50 33.31
CA LEU F 26 -60.93 -14.18 33.47
C LEU F 26 -61.48 -13.22 32.41
N ALA F 27 -61.55 -13.70 31.17
CA ALA F 27 -62.02 -12.91 30.04
C ALA F 27 -63.51 -12.59 30.17
N GLU F 28 -64.26 -13.55 30.69
CA GLU F 28 -65.67 -13.35 31.04
C GLU F 28 -65.85 -12.20 32.06
N MET F 29 -64.87 -12.01 32.94
CA MET F 29 -64.87 -10.92 33.91
C MET F 29 -64.47 -9.58 33.33
N GLY F 30 -63.93 -9.59 32.11
CA GLY F 30 -63.46 -8.38 31.48
C GLY F 30 -61.96 -8.19 31.55
N LYS F 31 -61.23 -9.25 31.91
CA LYS F 31 -59.76 -9.18 31.91
C LYS F 31 -59.21 -9.46 30.52
N LYS F 32 -58.16 -8.75 30.13
CA LYS F 32 -57.51 -8.98 28.85
C LYS F 32 -56.35 -9.96 29.07
N VAL F 33 -56.36 -11.09 28.36
CA VAL F 33 -55.41 -12.16 28.67
C VAL F 33 -54.72 -12.73 27.43
N MET F 34 -53.44 -13.08 27.57
CA MET F 34 -52.73 -13.83 26.55
C MET F 34 -52.26 -15.18 27.09
N ILE F 35 -52.52 -16.24 26.33
CA ILE F 35 -51.98 -17.55 26.63
C ILE F 35 -50.78 -17.88 25.72
N VAL F 36 -49.66 -18.28 26.32
CA VAL F 36 -48.48 -18.70 25.59
C VAL F 36 -48.26 -20.20 25.79
N GLY F 37 -48.47 -20.98 24.74
CA GLY F 37 -48.21 -22.40 24.80
C GLY F 37 -46.74 -22.70 24.73
N CYS F 38 -46.23 -23.45 25.72
CA CYS F 38 -44.81 -23.78 25.80
C CYS F 38 -44.59 -25.28 25.75
N ASP F 39 -45.18 -25.91 24.74
CA ASP F 39 -45.22 -27.38 24.61
C ASP F 39 -45.22 -27.71 23.13
N PRO F 40 -44.30 -28.58 22.68
CA PRO F 40 -44.24 -28.78 21.24
C PRO F 40 -45.52 -29.41 20.63
N LYS F 41 -46.39 -30.02 21.41
CA LYS F 41 -47.60 -30.56 20.81
C LYS F 41 -48.64 -29.46 20.62
N ALA F 42 -48.35 -28.26 21.13
CA ALA F 42 -49.10 -27.06 20.77
C ALA F 42 -50.60 -27.24 21.02
N ASP F 43 -50.96 -27.60 22.25
CA ASP F 43 -52.37 -27.85 22.55
C ASP F 43 -52.88 -26.94 23.65
N SER F 44 -52.15 -25.85 23.91
CA SER F 44 -52.47 -24.94 25.00
C SER F 44 -53.62 -23.96 24.73
N THR F 45 -54.02 -23.80 23.47
CA THR F 45 -54.97 -22.76 23.11
C THR F 45 -56.11 -23.34 22.29
N ARG F 46 -56.06 -24.66 22.14
CA ARG F 46 -57.02 -25.43 21.34
C ARG F 46 -58.48 -25.18 21.73
N LEU F 47 -58.70 -24.88 23.01
CA LEU F 47 -60.06 -24.78 23.54
C LEU F 47 -60.56 -23.34 23.54
N ILE F 48 -59.63 -22.40 23.40
CA ILE F 48 -59.93 -20.98 23.35
C ILE F 48 -60.17 -20.52 21.90
N LEU F 49 -59.38 -21.06 20.98
CA LEU F 49 -59.48 -20.73 19.58
C LEU F 49 -60.56 -21.55 18.88
N HIS F 50 -60.35 -22.88 18.88
CA HIS F 50 -61.20 -23.92 18.26
C HIS F 50 -61.85 -23.62 16.91
N SER F 51 -61.91 -22.35 16.53
CA SER F 51 -62.26 -21.99 15.16
C SER F 51 -61.00 -21.60 14.41
N LYS F 52 -60.88 -22.13 13.19
CA LYS F 52 -59.78 -21.82 12.27
C LYS F 52 -58.42 -22.36 12.75
N ALA F 53 -57.53 -22.59 11.78
CA ALA F 53 -56.23 -23.19 12.04
C ALA F 53 -55.31 -22.26 12.84
N GLN F 54 -54.55 -22.85 13.76
CA GLN F 54 -53.52 -22.14 14.49
C GLN F 54 -52.15 -22.51 13.91
N ASN F 55 -51.34 -21.49 13.63
CA ASN F 55 -49.98 -21.67 13.17
C ASN F 55 -49.00 -21.34 14.29
N THR F 56 -48.01 -22.21 14.53
CA THR F 56 -47.08 -22.00 15.63
C THR F 56 -45.89 -21.13 15.23
N ILE F 57 -45.24 -20.52 16.21
CA ILE F 57 -44.08 -19.67 15.95
C ILE F 57 -43.02 -20.48 15.24
N MET F 58 -42.68 -21.66 15.76
CA MET F 58 -41.58 -22.42 15.18
C MET F 58 -41.89 -22.92 13.77
N GLU F 59 -43.13 -23.33 13.54
CA GLU F 59 -43.54 -23.79 12.24
C GLU F 59 -43.46 -22.63 11.23
N MET F 60 -43.93 -21.46 11.65
CA MET F 60 -43.95 -20.31 10.75
C MET F 60 -42.54 -19.82 10.49
N ALA F 61 -41.68 -19.92 11.49
CA ALA F 61 -40.29 -19.55 11.33
C ALA F 61 -39.63 -20.44 10.29
N ALA F 62 -39.82 -21.75 10.41
CA ALA F 62 -39.22 -22.70 9.46
C ALA F 62 -39.63 -22.38 8.04
N GLU F 63 -40.91 -22.09 7.84
CA GLU F 63 -41.41 -21.73 6.53
C GLU F 63 -40.79 -20.44 6.01
N ALA F 64 -40.55 -19.50 6.91
CA ALA F 64 -39.99 -18.20 6.53
C ALA F 64 -38.46 -18.20 6.56
N GLY F 65 -37.88 -19.22 7.19
CA GLY F 65 -36.43 -19.43 7.18
C GLY F 65 -35.75 -19.05 8.49
N THR F 66 -36.13 -17.89 9.02
CA THR F 66 -35.67 -17.46 10.36
C THR F 66 -36.79 -16.74 11.11
N VAL F 67 -36.56 -16.53 12.40
CA VAL F 67 -37.50 -15.85 13.28
C VAL F 67 -37.60 -14.37 12.96
N GLU F 68 -36.52 -13.81 12.39
CA GLU F 68 -36.45 -12.37 12.08
C GLU F 68 -37.43 -12.00 10.99
N ASP F 69 -37.75 -12.96 10.13
CA ASP F 69 -38.67 -12.67 9.02
C ASP F 69 -40.12 -12.79 9.47
N LEU F 70 -40.32 -13.23 10.70
CA LEU F 70 -41.66 -13.48 11.19
C LEU F 70 -42.33 -12.22 11.74
N GLU F 71 -43.63 -12.10 11.50
CA GLU F 71 -44.40 -11.01 12.09
C GLU F 71 -45.37 -11.52 13.17
N LEU F 72 -45.56 -10.69 14.19
CA LEU F 72 -46.34 -11.06 15.35
C LEU F 72 -47.79 -11.36 15.00
N GLU F 73 -48.35 -10.71 14.00
CA GLU F 73 -49.76 -10.94 13.72
C GLU F 73 -49.99 -12.20 12.89
N ASP F 74 -48.92 -12.85 12.47
CA ASP F 74 -49.03 -14.13 11.78
C ASP F 74 -49.28 -15.29 12.77
N VAL F 75 -48.85 -15.15 14.01
CA VAL F 75 -48.87 -16.26 14.96
C VAL F 75 -49.73 -15.99 16.21
N LEU F 76 -50.14 -14.74 16.38
CA LEU F 76 -50.92 -14.33 17.54
C LEU F 76 -52.38 -14.14 17.15
N LYS F 77 -53.26 -14.99 17.69
CA LYS F 77 -54.68 -14.96 17.35
C LYS F 77 -55.56 -14.79 18.57
N ALA F 78 -56.75 -14.23 18.35
CA ALA F 78 -57.72 -14.02 19.41
C ALA F 78 -58.89 -15.01 19.30
N GLY F 79 -59.27 -15.63 20.41
CA GLY F 79 -60.37 -16.57 20.42
C GLY F 79 -61.51 -16.14 21.31
N TYR F 80 -62.04 -17.11 22.06
CA TYR F 80 -63.13 -16.82 22.99
C TYR F 80 -62.79 -15.66 23.92
N GLY F 81 -63.74 -14.73 24.06
CA GLY F 81 -63.61 -13.59 24.95
C GLY F 81 -62.48 -12.64 24.61
N GLY F 82 -61.93 -12.77 23.40
CA GLY F 82 -60.81 -11.93 22.99
C GLY F 82 -59.48 -12.34 23.59
N VAL F 83 -59.43 -13.55 24.14
CA VAL F 83 -58.17 -14.08 24.65
C VAL F 83 -57.21 -14.28 23.49
N LYS F 84 -56.01 -13.74 23.64
CA LYS F 84 -54.98 -13.82 22.63
C LYS F 84 -54.16 -15.10 22.80
N CYS F 85 -53.95 -15.82 21.71
CA CYS F 85 -53.34 -17.13 21.78
C CYS F 85 -52.12 -17.23 20.90
N VAL F 86 -51.06 -17.81 21.43
CA VAL F 86 -49.89 -18.07 20.62
C VAL F 86 -49.21 -19.36 21.11
N GLU F 87 -48.69 -20.14 20.16
CA GLU F 87 -48.04 -21.40 20.45
C GLU F 87 -46.57 -21.34 20.03
N SER F 88 -45.68 -21.75 20.91
CA SER F 88 -44.28 -21.91 20.54
C SER F 88 -44.16 -22.86 19.36
N GLY F 89 -44.79 -24.02 19.48
CA GLY F 89 -44.61 -25.10 18.52
C GLY F 89 -43.29 -25.80 18.73
N GLY F 90 -42.92 -26.66 17.78
CA GLY F 90 -41.71 -27.45 17.95
C GLY F 90 -41.78 -28.71 17.11
N PRO F 91 -40.75 -29.56 17.20
CA PRO F 91 -40.71 -30.77 16.36
C PRO F 91 -41.74 -31.82 16.75
N GLU F 92 -41.98 -32.78 15.88
CA GLU F 92 -42.65 -34.01 16.26
C GLU F 92 -41.76 -34.79 17.26
N PRO F 93 -42.33 -35.78 17.95
CA PRO F 93 -41.49 -36.41 18.98
C PRO F 93 -40.27 -37.17 18.43
N GLY F 94 -39.13 -37.05 19.11
CA GLY F 94 -38.01 -37.92 18.81
C GLY F 94 -36.99 -37.31 17.87
N VAL F 95 -37.10 -36.01 17.64
CA VAL F 95 -36.22 -35.32 16.71
C VAL F 95 -36.14 -33.87 17.15
N GLY F 96 -35.01 -33.21 16.84
CA GLY F 96 -34.86 -31.79 17.13
C GLY F 96 -34.73 -31.48 18.61
N CYS F 97 -35.11 -30.27 18.99
CA CYS F 97 -34.88 -29.77 20.33
C CYS F 97 -36.04 -28.85 20.69
N ALA F 98 -37.03 -29.40 21.39
CA ALA F 98 -38.22 -28.63 21.70
C ALA F 98 -37.93 -27.53 22.71
N GLY F 99 -36.97 -27.78 23.60
CA GLY F 99 -36.56 -26.78 24.58
C GLY F 99 -36.12 -25.48 23.93
N ARG F 100 -35.28 -25.59 22.91
CA ARG F 100 -34.83 -24.40 22.21
C ARG F 100 -35.99 -23.71 21.50
N GLY F 101 -36.94 -24.49 20.98
CA GLY F 101 -38.14 -23.92 20.42
C GLY F 101 -38.86 -22.97 21.36
N VAL F 102 -38.96 -23.34 22.64
CA VAL F 102 -39.63 -22.45 23.60
C VAL F 102 -38.79 -21.19 23.84
N ILE F 103 -37.48 -21.35 23.99
CA ILE F 103 -36.61 -20.18 24.16
C ILE F 103 -36.78 -19.16 23.03
N THR F 104 -36.65 -19.67 21.81
CA THR F 104 -36.80 -18.90 20.59
C THR F 104 -38.15 -18.17 20.50
N ALA F 105 -39.23 -18.90 20.79
CA ALA F 105 -40.56 -18.33 20.71
C ALA F 105 -40.76 -17.23 21.74
N ILE F 106 -40.31 -17.43 22.97
CA ILE F 106 -40.53 -16.40 23.98
C ILE F 106 -39.62 -15.18 23.71
N ASN F 107 -38.38 -15.41 23.28
CA ASN F 107 -37.52 -14.31 22.80
C ASN F 107 -38.20 -13.51 21.70
N PHE F 108 -38.82 -14.19 20.75
CA PHE F 108 -39.56 -13.51 19.66
C PHE F 108 -40.66 -12.61 20.19
N LEU F 109 -41.48 -13.15 21.10
CA LEU F 109 -42.59 -12.41 21.68
C LEU F 109 -42.09 -11.15 22.38
N GLU F 110 -41.01 -11.31 23.14
CA GLU F 110 -40.38 -10.20 23.83
C GLU F 110 -39.91 -9.15 22.85
N GLU F 111 -39.18 -9.58 21.83
CA GLU F 111 -38.62 -8.66 20.83
C GLU F 111 -39.69 -7.97 19.99
N GLU F 112 -40.82 -8.64 19.74
CA GLU F 112 -41.85 -8.06 18.88
C GLU F 112 -42.92 -7.31 19.65
N GLY F 113 -42.71 -7.14 20.95
CA GLY F 113 -43.58 -6.31 21.75
C GLY F 113 -44.93 -6.94 22.03
N ALA F 114 -44.96 -8.26 22.13
CA ALA F 114 -46.21 -8.95 22.49
C ALA F 114 -46.68 -8.44 23.85
N TYR F 115 -45.71 -8.13 24.71
CA TYR F 115 -46.01 -7.74 26.08
C TYR F 115 -46.28 -6.25 26.22
N GLU F 116 -46.29 -5.55 25.09
CA GLU F 116 -46.94 -4.25 25.02
C GLU F 116 -48.43 -4.54 24.96
N ASP F 117 -49.24 -3.57 24.55
CA ASP F 117 -50.69 -3.71 24.65
C ASP F 117 -51.05 -3.84 26.13
N ASP F 118 -52.26 -3.48 26.51
CA ASP F 118 -52.53 -3.51 27.93
C ASP F 118 -53.24 -4.78 28.34
N LEU F 119 -52.45 -5.83 28.50
CA LEU F 119 -52.91 -7.09 29.06
C LEU F 119 -52.94 -7.03 30.58
N ASP F 120 -53.94 -7.67 31.18
CA ASP F 120 -53.96 -7.83 32.63
C ASP F 120 -53.16 -9.07 33.01
N PHE F 121 -53.21 -10.09 32.16
CA PHE F 121 -52.58 -11.37 32.45
C PHE F 121 -51.90 -12.00 31.25
N VAL F 122 -50.77 -12.64 31.50
CA VAL F 122 -50.19 -13.59 30.57
C VAL F 122 -50.02 -14.91 31.30
N PHE F 123 -50.45 -16.01 30.67
CA PHE F 123 -50.22 -17.35 31.22
C PHE F 123 -49.35 -18.16 30.29
N TYR F 124 -48.30 -18.75 30.85
CA TYR F 124 -47.51 -19.72 30.10
C TYR F 124 -47.98 -21.11 30.48
N ASP F 125 -48.40 -21.88 29.48
CA ASP F 125 -48.78 -23.26 29.69
C ASP F 125 -47.62 -24.17 29.28
N VAL F 126 -47.01 -24.83 30.25
CA VAL F 126 -45.76 -25.58 30.00
C VAL F 126 -46.06 -27.09 30.02
N LEU F 127 -45.20 -27.90 29.43
CA LEU F 127 -45.42 -29.34 29.49
C LEU F 127 -44.98 -29.92 30.84
N GLY F 128 -45.32 -31.18 31.06
CA GLY F 128 -45.08 -31.83 32.35
C GLY F 128 -43.63 -32.23 32.56
N ASP F 129 -42.98 -32.66 31.48
CA ASP F 129 -41.60 -33.10 31.54
C ASP F 129 -40.62 -31.94 31.33
N VAL F 130 -40.34 -31.18 32.39
CA VAL F 130 -39.45 -30.04 32.32
C VAL F 130 -38.00 -30.51 32.34
N VAL F 131 -37.53 -30.97 31.19
CA VAL F 131 -36.28 -31.71 31.09
C VAL F 131 -35.04 -30.88 30.81
N CYS F 132 -35.21 -29.58 30.62
CA CYS F 132 -34.06 -28.73 30.33
C CYS F 132 -34.33 -27.26 30.61
N GLY F 133 -33.27 -26.46 30.46
CA GLY F 133 -33.36 -25.04 30.70
C GLY F 133 -34.41 -24.33 29.89
N GLY F 134 -34.60 -24.77 28.64
CA GLY F 134 -35.59 -24.14 27.75
C GLY F 134 -37.00 -24.14 28.31
N PHE F 135 -37.38 -25.22 28.98
CA PHE F 135 -38.76 -25.29 29.49
C PHE F 135 -38.92 -24.50 30.76
N ALA F 136 -37.83 -23.91 31.24
CA ALA F 136 -37.94 -22.97 32.37
C ALA F 136 -37.81 -21.53 31.87
N MET F 137 -37.73 -21.36 30.55
CA MET F 137 -37.79 -20.02 29.97
C MET F 137 -38.94 -19.16 30.55
N PRO F 138 -40.16 -19.74 30.75
CA PRO F 138 -41.24 -18.92 31.30
C PRO F 138 -41.01 -18.34 32.69
N ILE F 139 -40.05 -18.83 33.45
CA ILE F 139 -39.90 -18.28 34.80
C ILE F 139 -38.60 -17.52 34.99
N ARG F 140 -37.98 -17.13 33.89
CA ARG F 140 -36.83 -16.24 33.96
C ARG F 140 -37.26 -14.83 34.35
N GLU F 141 -36.30 -14.00 34.78
CA GLU F 141 -36.62 -12.62 35.10
C GLU F 141 -37.24 -11.94 33.88
N ASN F 142 -38.23 -11.08 34.14
CA ASN F 142 -39.08 -10.39 33.13
C ASN F 142 -40.12 -11.29 32.46
N LYS F 143 -40.24 -12.53 32.91
CA LYS F 143 -41.31 -13.40 32.43
C LYS F 143 -42.30 -13.64 33.57
N ALA F 144 -42.72 -14.88 33.79
CA ALA F 144 -43.70 -15.16 34.85
C ALA F 144 -43.17 -14.74 36.22
N GLN F 145 -44.01 -14.09 37.01
CA GLN F 145 -43.66 -13.74 38.37
C GLN F 145 -44.43 -14.60 39.36
N GLU F 146 -45.39 -15.36 38.85
CA GLU F 146 -46.22 -16.20 39.71
C GLU F 146 -46.33 -17.61 39.14
N ILE F 147 -46.03 -18.62 39.94
CA ILE F 147 -46.18 -19.99 39.47
C ILE F 147 -47.35 -20.63 40.20
N TYR F 148 -48.23 -21.27 39.43
CA TYR F 148 -49.26 -22.15 39.99
C TYR F 148 -48.96 -23.57 39.52
N ILE F 149 -48.90 -24.48 40.49
CA ILE F 149 -48.59 -25.87 40.22
C ILE F 149 -49.88 -26.66 40.35
N VAL F 150 -50.25 -27.35 39.28
CA VAL F 150 -51.41 -28.21 39.34
C VAL F 150 -51.01 -29.58 39.87
N CYS F 151 -51.75 -30.05 40.86
CA CYS F 151 -51.48 -31.36 41.44
C CYS F 151 -52.77 -32.13 41.73
N SER F 152 -52.64 -33.25 42.42
CA SER F 152 -53.80 -33.97 42.94
C SER F 152 -53.35 -34.76 44.17
N GLY F 153 -54.25 -35.52 44.75
CA GLY F 153 -53.95 -36.33 45.92
C GLY F 153 -53.18 -37.62 45.65
N GLU F 154 -52.83 -37.86 44.39
CA GLU F 154 -52.05 -39.05 44.01
C GLU F 154 -50.55 -38.82 44.23
N MET F 155 -49.85 -39.87 44.66
CA MET F 155 -48.43 -39.78 45.03
C MET F 155 -47.59 -39.13 43.93
N MET F 156 -47.62 -39.70 42.74
CA MET F 156 -46.85 -39.17 41.61
C MET F 156 -47.05 -37.67 41.43
N ALA F 157 -48.24 -37.17 41.75
CA ALA F 157 -48.61 -35.77 41.50
C ALA F 157 -48.09 -34.84 42.59
N MET F 158 -47.90 -35.37 43.79
CA MET F 158 -47.30 -34.60 44.86
C MET F 158 -45.77 -34.59 44.74
N TYR F 159 -45.20 -35.75 44.40
CA TYR F 159 -43.77 -35.84 44.14
C TYR F 159 -43.38 -34.88 43.01
N ALA F 160 -44.29 -34.70 42.06
CA ALA F 160 -44.04 -33.82 40.94
C ALA F 160 -44.03 -32.37 41.44
N ALA F 161 -45.00 -32.05 42.29
CA ALA F 161 -45.10 -30.72 42.88
C ALA F 161 -43.80 -30.36 43.58
N ASN F 162 -43.36 -31.23 44.47
CA ASN F 162 -42.14 -31.04 45.24
C ASN F 162 -40.92 -30.88 44.35
N ASN F 163 -40.79 -31.76 43.37
CA ASN F 163 -39.65 -31.76 42.45
C ASN F 163 -39.62 -30.53 41.54
N ILE F 164 -40.81 -30.10 41.11
CA ILE F 164 -40.93 -28.84 40.39
C ILE F 164 -40.52 -27.65 41.28
N SER F 165 -41.00 -27.64 42.53
CA SER F 165 -40.62 -26.59 43.46
C SER F 165 -39.09 -26.52 43.62
N LYS F 166 -38.46 -27.69 43.72
CA LYS F 166 -37.00 -27.79 43.72
C LYS F 166 -36.39 -26.99 42.57
N GLY F 167 -36.88 -27.24 41.36
CA GLY F 167 -36.37 -26.57 40.17
C GLY F 167 -36.60 -25.06 40.15
N ILE F 168 -37.69 -24.65 40.79
CA ILE F 168 -38.08 -23.24 40.90
C ILE F 168 -37.12 -22.42 41.76
N VAL F 169 -36.56 -23.06 42.79
CA VAL F 169 -35.72 -22.37 43.76
C VAL F 169 -34.52 -21.58 43.18
N LYS F 170 -33.80 -22.12 42.19
CA LYS F 170 -32.66 -21.39 41.63
C LYS F 170 -33.08 -20.09 40.91
N TYR F 171 -34.31 -20.08 40.42
CA TYR F 171 -34.85 -18.91 39.73
C TYR F 171 -35.47 -17.92 40.72
N ALA F 172 -36.05 -18.48 41.79
CA ALA F 172 -36.70 -17.67 42.82
C ALA F 172 -35.66 -16.92 43.64
N ASN F 173 -34.57 -17.60 43.97
CA ASN F 173 -33.46 -16.97 44.71
C ASN F 173 -32.76 -15.90 43.90
N SER F 174 -32.85 -15.99 42.57
CA SER F 174 -32.07 -15.13 41.70
C SER F 174 -32.92 -14.04 41.06
N GLY F 175 -34.23 -14.15 41.23
CA GLY F 175 -35.12 -13.23 40.58
C GLY F 175 -36.39 -12.96 41.37
N SER F 176 -37.46 -12.63 40.68
CA SER F 176 -38.68 -12.33 41.42
C SER F 176 -39.79 -13.38 41.26
N VAL F 177 -39.58 -14.41 40.43
CA VAL F 177 -40.60 -15.48 40.32
C VAL F 177 -40.85 -16.14 41.69
N ARG F 178 -42.11 -16.45 41.95
CA ARG F 178 -42.55 -16.96 43.25
C ARG F 178 -43.66 -17.97 43.02
N LEU F 179 -43.77 -18.96 43.90
CA LEU F 179 -44.92 -19.87 43.86
C LEU F 179 -46.17 -19.15 44.40
N GLY F 180 -47.26 -19.19 43.61
CA GLY F 180 -48.50 -18.52 43.97
C GLY F 180 -49.52 -19.42 44.65
N GLY F 181 -49.36 -20.73 44.48
CA GLY F 181 -50.27 -21.67 45.09
C GLY F 181 -50.34 -23.00 44.34
N LEU F 182 -50.98 -23.96 44.97
CA LEU F 182 -51.26 -25.25 44.34
C LEU F 182 -52.72 -25.26 43.88
N ILE F 183 -52.95 -25.83 42.71
CA ILE F 183 -54.31 -26.03 42.25
C ILE F 183 -54.61 -27.52 42.29
N CYS F 184 -55.54 -27.91 43.14
CA CYS F 184 -55.89 -29.31 43.25
C CYS F 184 -56.93 -29.69 42.21
N ASN F 185 -56.47 -30.37 41.17
CA ASN F 185 -57.31 -30.99 40.17
C ASN F 185 -57.64 -32.40 40.61
N SER F 186 -58.80 -32.56 41.24
CA SER F 186 -59.18 -33.77 41.97
C SER F 186 -59.16 -35.10 41.21
N ARG F 187 -58.67 -36.13 41.86
CA ARG F 187 -58.77 -37.48 41.34
C ARG F 187 -59.67 -38.31 42.25
N ASN F 188 -60.58 -37.63 42.95
CA ASN F 188 -61.57 -38.27 43.82
C ASN F 188 -60.98 -39.19 44.89
N THR F 189 -59.80 -38.86 45.40
CA THR F 189 -59.14 -39.66 46.41
C THR F 189 -59.63 -39.23 47.78
N ASP F 190 -59.48 -40.10 48.78
CA ASP F 190 -60.03 -39.86 50.12
C ASP F 190 -59.37 -38.68 50.83
N ARG F 191 -60.19 -37.72 51.25
CA ARG F 191 -59.73 -36.53 51.98
C ARG F 191 -58.65 -35.77 51.20
N GLU F 192 -58.86 -35.69 49.89
CA GLU F 192 -57.93 -35.05 48.99
C GLU F 192 -57.65 -33.60 49.35
N ASP F 193 -58.70 -32.85 49.66
CA ASP F 193 -58.56 -31.43 49.95
C ASP F 193 -57.68 -31.17 51.18
N GLU F 194 -57.95 -31.86 52.27
CA GLU F 194 -57.14 -31.74 53.47
C GLU F 194 -55.68 -32.07 53.20
N LEU F 195 -55.46 -33.12 52.42
CA LEU F 195 -54.13 -33.60 52.12
C LEU F 195 -53.31 -32.59 51.30
N ILE F 196 -53.95 -31.93 50.33
CA ILE F 196 -53.23 -30.96 49.50
C ILE F 196 -52.99 -29.67 50.27
N ILE F 197 -53.94 -29.28 51.10
CA ILE F 197 -53.74 -28.19 52.04
C ILE F 197 -52.50 -28.46 52.91
N ALA F 198 -52.32 -29.72 53.29
CA ALA F 198 -51.18 -30.12 54.12
C ALA F 198 -49.86 -29.99 53.38
N LEU F 199 -49.81 -30.47 52.15
CA LEU F 199 -48.60 -30.36 51.33
C LEU F 199 -48.25 -28.90 51.08
N ALA F 200 -49.27 -28.08 50.84
CA ALA F 200 -49.08 -26.65 50.65
C ALA F 200 -48.30 -26.00 51.80
N ASN F 201 -48.68 -26.32 53.03
CA ASN F 201 -48.01 -25.74 54.20
C ASN F 201 -46.57 -26.20 54.41
N LYS F 202 -46.27 -27.44 54.04
CA LYS F 202 -44.89 -27.93 54.17
C LYS F 202 -44.03 -27.15 53.19
N LEU F 203 -44.55 -26.96 51.99
CA LEU F 203 -43.89 -26.16 50.97
C LEU F 203 -43.85 -24.68 51.37
N GLY F 204 -44.89 -24.23 52.06
CA GLY F 204 -45.00 -22.85 52.48
C GLY F 204 -45.97 -22.01 51.66
N THR F 205 -46.75 -22.66 50.79
CA THR F 205 -47.70 -21.95 49.92
C THR F 205 -49.15 -22.16 50.41
N GLN F 206 -50.11 -22.24 49.48
CA GLN F 206 -51.52 -22.46 49.80
C GLN F 206 -52.16 -23.35 48.72
N MET F 207 -53.27 -24.01 49.05
CA MET F 207 -54.10 -24.59 47.99
C MET F 207 -55.11 -23.55 47.58
N ILE F 208 -54.90 -22.90 46.44
CA ILE F 208 -55.70 -21.74 46.09
C ILE F 208 -57.13 -22.13 45.71
N HIS F 209 -57.30 -23.34 45.20
CA HIS F 209 -58.64 -23.83 44.86
C HIS F 209 -58.64 -25.33 44.63
N PHE F 210 -59.74 -25.95 45.01
CA PHE F 210 -60.00 -27.36 44.77
C PHE F 210 -60.94 -27.47 43.59
N VAL F 211 -60.44 -28.02 42.49
CA VAL F 211 -61.22 -28.23 41.27
C VAL F 211 -61.77 -29.65 41.23
N PRO F 212 -63.10 -29.82 41.31
CA PRO F 212 -63.66 -31.17 41.30
C PRO F 212 -63.40 -31.93 40.00
N ARG F 213 -63.33 -33.25 40.08
CA ARG F 213 -63.35 -34.05 38.86
C ARG F 213 -64.76 -34.07 38.31
N ASP F 214 -64.92 -33.56 37.09
CA ASP F 214 -66.24 -33.49 36.45
C ASP F 214 -66.09 -33.75 34.96
N ASN F 215 -66.71 -34.81 34.47
CA ASN F 215 -66.52 -35.22 33.08
C ASN F 215 -67.07 -34.25 32.03
N VAL F 216 -67.74 -33.19 32.47
CA VAL F 216 -68.14 -32.12 31.56
C VAL F 216 -66.89 -31.41 30.98
N VAL F 217 -65.80 -31.43 31.75
CA VAL F 217 -64.54 -30.87 31.30
C VAL F 217 -64.05 -31.57 30.02
N GLN F 218 -64.23 -32.89 30.01
CA GLN F 218 -63.84 -33.72 28.88
C GLN F 218 -64.82 -33.61 27.73
N ARG F 219 -66.10 -33.39 28.03
CA ARG F 219 -67.08 -33.22 26.98
C ARG F 219 -66.87 -31.90 26.27
N ALA F 220 -66.58 -30.86 27.04
CA ALA F 220 -66.23 -29.56 26.47
C ALA F 220 -64.98 -29.67 25.58
N GLU F 221 -63.98 -30.39 26.08
CA GLU F 221 -62.72 -30.56 25.36
C GLU F 221 -62.93 -31.26 24.01
N ILE F 222 -63.71 -32.34 24.01
CA ILE F 222 -64.06 -33.06 22.78
C ILE F 222 -64.69 -32.11 21.75
N ARG F 223 -65.44 -31.12 22.22
CA ARG F 223 -66.02 -30.10 21.35
C ARG F 223 -65.06 -28.92 21.11
N ARG F 224 -63.84 -29.06 21.62
CA ARG F 224 -62.81 -28.04 21.57
C ARG F 224 -63.27 -26.72 22.22
N MET F 225 -63.80 -26.81 23.42
CA MET F 225 -64.25 -25.62 24.14
C MET F 225 -63.87 -25.69 25.60
N THR F 226 -63.92 -24.55 26.27
CA THR F 226 -63.83 -24.51 27.71
C THR F 226 -65.24 -24.76 28.25
N VAL F 227 -65.35 -25.09 29.54
CA VAL F 227 -66.67 -25.27 30.16
C VAL F 227 -67.41 -23.93 30.13
N ILE F 228 -66.67 -22.86 30.40
CA ILE F 228 -67.23 -21.50 30.35
C ILE F 228 -67.95 -21.25 29.02
N GLU F 229 -67.36 -21.66 27.90
CA GLU F 229 -68.06 -21.49 26.61
C GLU F 229 -69.12 -22.56 26.36
N TYR F 230 -68.77 -23.81 26.68
CA TYR F 230 -69.63 -24.96 26.39
C TYR F 230 -70.94 -25.00 27.17
N ASP F 231 -70.86 -24.70 28.47
CA ASP F 231 -72.01 -24.80 29.37
C ASP F 231 -71.83 -23.80 30.51
N PRO F 232 -72.10 -22.51 30.23
CA PRO F 232 -71.81 -21.37 31.13
C PRO F 232 -72.50 -21.47 32.51
N LYS F 233 -73.46 -22.37 32.64
CA LYS F 233 -74.21 -22.47 33.89
C LYS F 233 -73.95 -23.79 34.61
N ALA F 234 -73.03 -24.61 34.10
CA ALA F 234 -72.66 -25.86 34.75
C ALA F 234 -72.01 -25.59 36.09
N LYS F 235 -72.17 -26.53 37.03
CA LYS F 235 -71.49 -26.45 38.32
C LYS F 235 -69.99 -26.21 38.13
N GLN F 236 -69.38 -27.01 37.25
CA GLN F 236 -67.94 -26.91 37.01
C GLN F 236 -67.53 -25.54 36.47
N ALA F 237 -68.40 -24.92 35.67
CA ALA F 237 -68.13 -23.55 35.19
C ALA F 237 -68.00 -22.59 36.38
N ASP F 238 -68.90 -22.74 37.35
CA ASP F 238 -68.83 -21.93 38.56
C ASP F 238 -67.53 -22.18 39.32
N GLU F 239 -67.05 -23.42 39.32
CA GLU F 239 -65.78 -23.71 39.96
C GLU F 239 -64.65 -22.91 39.32
N TYR F 240 -64.67 -22.81 37.99
CA TYR F 240 -63.58 -22.09 37.33
C TYR F 240 -63.68 -20.60 37.55
N ARG F 241 -64.89 -20.07 37.65
CA ARG F 241 -65.04 -18.66 37.96
C ARG F 241 -64.53 -18.41 39.36
N ALA F 242 -64.79 -19.35 40.26
CA ALA F 242 -64.31 -19.24 41.63
C ALA F 242 -62.79 -19.21 41.63
N LEU F 243 -62.19 -20.13 40.88
CA LEU F 243 -60.76 -20.21 40.75
C LEU F 243 -60.21 -18.89 40.19
N ALA F 244 -60.87 -18.38 39.16
CA ALA F 244 -60.40 -17.16 38.52
C ALA F 244 -60.43 -15.97 39.48
N ARG F 245 -61.46 -15.89 40.31
CA ARG F 245 -61.58 -14.81 41.28
C ARG F 245 -60.43 -14.80 42.28
N LYS F 246 -60.09 -15.99 42.80
CA LYS F 246 -58.95 -16.15 43.70
C LYS F 246 -57.65 -15.72 43.05
N VAL F 247 -57.48 -16.10 41.79
CA VAL F 247 -56.26 -15.76 41.11
C VAL F 247 -56.18 -14.23 40.97
N VAL F 248 -57.28 -13.61 40.57
CA VAL F 248 -57.32 -12.17 40.46
C VAL F 248 -56.89 -11.50 41.78
N ASP F 249 -57.46 -11.95 42.89
CA ASP F 249 -57.20 -11.27 44.16
C ASP F 249 -55.99 -11.81 44.94
N ASN F 250 -55.31 -12.82 44.42
CA ASN F 250 -54.20 -13.45 45.14
C ASN F 250 -53.00 -12.51 45.35
N LYS F 251 -52.47 -12.48 46.57
CA LYS F 251 -51.27 -11.72 46.87
C LYS F 251 -50.17 -12.62 47.45
N LEU F 252 -50.49 -13.89 47.65
CA LEU F 252 -49.57 -14.81 48.31
C LEU F 252 -48.56 -15.35 47.31
N LEU F 253 -47.33 -14.88 47.43
CA LEU F 253 -46.21 -15.22 46.55
C LEU F 253 -44.98 -15.56 47.38
N VAL F 254 -44.59 -16.83 47.41
CA VAL F 254 -43.53 -17.29 48.32
C VAL F 254 -42.41 -18.06 47.62
N ILE F 255 -41.30 -18.26 48.31
CA ILE F 255 -40.28 -19.21 47.83
C ILE F 255 -40.56 -20.57 48.46
N PRO F 256 -40.68 -21.62 47.63
CA PRO F 256 -40.91 -23.02 48.06
C PRO F 256 -39.80 -23.61 48.92
N ASN F 257 -40.20 -24.30 49.99
CA ASN F 257 -39.28 -25.17 50.74
C ASN F 257 -39.61 -26.62 50.45
N PRO F 258 -38.99 -27.18 49.41
CA PRO F 258 -39.27 -28.58 49.07
C PRO F 258 -38.97 -29.51 50.24
N ILE F 259 -39.67 -30.63 50.34
CA ILE F 259 -39.39 -31.56 51.41
C ILE F 259 -38.75 -32.84 50.87
N THR F 260 -38.27 -33.68 51.78
CA THR F 260 -37.62 -34.93 51.41
C THR F 260 -38.65 -35.89 50.86
N MET F 261 -38.20 -36.89 50.10
CA MET F 261 -39.11 -37.91 49.60
C MET F 261 -39.60 -38.73 50.78
N ASP F 262 -38.89 -38.62 51.90
CA ASP F 262 -39.28 -39.25 53.16
C ASP F 262 -40.45 -38.54 53.83
N GLU F 263 -40.39 -37.21 53.89
CA GLU F 263 -41.48 -36.44 54.47
C GLU F 263 -42.78 -36.64 53.70
N LEU F 264 -42.66 -36.73 52.38
CA LEU F 264 -43.79 -36.99 51.49
C LEU F 264 -44.44 -38.33 51.80
N GLU F 265 -43.60 -39.35 52.00
CA GLU F 265 -44.09 -40.67 52.38
C GLU F 265 -44.74 -40.63 53.76
N GLU F 266 -44.23 -39.76 54.63
CA GLU F 266 -44.83 -39.54 55.94
C GLU F 266 -46.24 -38.99 55.77
N LEU F 267 -46.37 -37.94 54.96
CA LEU F 267 -47.65 -37.32 54.69
C LEU F 267 -48.72 -38.30 54.24
N LEU F 268 -48.34 -39.18 53.31
CA LEU F 268 -49.29 -40.05 52.65
C LEU F 268 -49.73 -41.23 53.51
N MET F 269 -48.88 -41.62 54.45
CA MET F 269 -49.27 -42.63 55.43
C MET F 269 -50.20 -42.03 56.48
N GLU F 270 -49.85 -40.84 56.96
CA GLU F 270 -50.62 -40.16 58.00
C GLU F 270 -52.02 -39.72 57.53
N PHE F 271 -52.35 -40.03 56.27
CA PHE F 271 -53.69 -39.77 55.76
C PHE F 271 -54.34 -41.07 55.28
N ALA G 1 38.45 28.65 -54.59
CA ALA G 1 39.75 29.27 -54.41
C ALA G 1 39.67 30.48 -53.47
N MET G 2 38.59 30.55 -52.70
CA MET G 2 38.44 31.60 -51.68
C MET G 2 39.37 31.29 -50.52
N ARG G 3 40.21 32.25 -50.13
CA ARG G 3 41.08 32.00 -48.99
C ARG G 3 40.58 32.71 -47.74
N GLN G 4 40.48 31.98 -46.65
CA GLN G 4 40.07 32.60 -45.42
C GLN G 4 41.23 32.65 -44.43
N CYS G 5 41.47 33.84 -43.89
CA CYS G 5 42.53 34.05 -42.91
C CYS G 5 41.98 34.64 -41.63
N ALA G 6 42.60 34.26 -40.51
CA ALA G 6 42.24 34.82 -39.23
C ALA G 6 43.47 35.55 -38.67
N ILE G 7 43.25 36.75 -38.14
CA ILE G 7 44.31 37.54 -37.56
C ILE G 7 44.18 37.52 -36.04
N TYR G 8 45.22 37.05 -35.34
CA TYR G 8 45.23 37.01 -33.88
C TYR G 8 46.42 37.82 -33.34
N GLY G 9 46.49 38.01 -32.03
CA GLY G 9 47.54 38.79 -31.42
C GLY G 9 47.04 39.59 -30.23
N LYS G 10 47.97 40.05 -29.42
CA LYS G 10 47.66 40.76 -28.19
C LYS G 10 46.77 41.99 -28.45
N GLY G 11 45.77 42.21 -27.60
CA GLY G 11 45.00 43.45 -27.67
C GLY G 11 45.95 44.63 -27.71
N GLY G 12 45.69 45.60 -28.59
CA GLY G 12 46.55 46.77 -28.70
C GLY G 12 47.78 46.58 -29.59
N ILE G 13 48.00 45.36 -30.09
CA ILE G 13 49.23 45.08 -30.87
C ILE G 13 49.18 45.66 -32.30
N GLY G 14 47.99 45.87 -32.83
CA GLY G 14 47.83 46.44 -34.16
C GLY G 14 47.04 45.57 -35.15
N LYS G 15 46.25 44.64 -34.65
CA LYS G 15 45.53 43.71 -35.53
C LYS G 15 44.61 44.45 -36.49
N SER G 16 43.80 45.36 -35.96
CA SER G 16 42.78 46.04 -36.78
C SER G 16 43.36 46.99 -37.80
N THR G 17 44.36 47.75 -37.37
CA THR G 17 45.06 48.64 -38.28
C THR G 17 45.75 47.87 -39.41
N THR G 18 46.46 46.81 -39.02
CA THR G 18 47.21 46.03 -39.99
C THR G 18 46.26 45.33 -40.95
N THR G 19 45.20 44.73 -40.42
CA THR G 19 44.24 43.99 -41.23
C THR G 19 43.57 44.93 -42.24
N GLN G 20 43.10 46.08 -41.80
CA GLN G 20 42.35 46.96 -42.70
C GLN G 20 43.29 47.54 -43.75
N ASN G 21 44.53 47.81 -43.36
CA ASN G 21 45.49 48.29 -44.36
C ASN G 21 45.95 47.20 -45.30
N LEU G 22 46.15 46.01 -44.77
CA LEU G 22 46.49 44.87 -45.59
C LEU G 22 45.38 44.64 -46.61
N VAL G 23 44.13 44.70 -46.15
CA VAL G 23 43.00 44.41 -47.02
C VAL G 23 42.78 45.53 -48.06
N ALA G 24 42.96 46.77 -47.64
CA ALA G 24 42.88 47.87 -48.61
C ALA G 24 43.86 47.64 -49.76
N ALA G 25 45.03 47.13 -49.42
CA ALA G 25 46.07 46.89 -50.44
C ALA G 25 45.67 45.71 -51.32
N LEU G 26 44.96 44.74 -50.75
CA LEU G 26 44.46 43.62 -51.53
C LEU G 26 43.40 44.10 -52.51
N ALA G 27 42.51 44.96 -52.04
CA ALA G 27 41.43 45.49 -52.85
C ALA G 27 42.00 46.29 -54.01
N GLU G 28 43.01 47.10 -53.68
CA GLU G 28 43.72 47.95 -54.64
C GLU G 28 44.34 47.12 -55.77
N MET G 29 44.74 45.89 -55.45
CA MET G 29 45.25 44.94 -56.43
C MET G 29 44.13 44.31 -57.24
N GLY G 30 42.89 44.54 -56.81
CA GLY G 30 41.74 43.99 -57.50
C GLY G 30 41.16 42.71 -56.92
N LYS G 31 41.51 42.39 -55.68
CA LYS G 31 40.94 41.22 -54.98
C LYS G 31 39.61 41.59 -54.32
N LYS G 32 38.66 40.67 -54.35
CA LYS G 32 37.39 40.85 -53.64
C LYS G 32 37.53 40.29 -52.22
N VAL G 33 37.30 41.13 -51.21
CA VAL G 33 37.56 40.74 -49.82
C VAL G 33 36.37 41.00 -48.90
N MET G 34 36.22 40.19 -47.86
CA MET G 34 35.29 40.49 -46.79
C MET G 34 36.07 40.52 -45.46
N ILE G 35 35.78 41.51 -44.62
CA ILE G 35 36.29 41.57 -43.24
C ILE G 35 35.20 41.21 -42.25
N VAL G 36 35.49 40.25 -41.37
CA VAL G 36 34.53 39.89 -40.32
C VAL G 36 35.10 40.28 -38.97
N GLY G 37 34.49 41.26 -38.32
CA GLY G 37 34.94 41.69 -37.00
C GLY G 37 34.52 40.72 -35.91
N CYS G 38 35.50 40.15 -35.20
CA CYS G 38 35.24 39.19 -34.13
C CYS G 38 35.81 39.69 -32.83
N ASP G 39 35.71 41.00 -32.64
CA ASP G 39 36.23 41.69 -31.47
C ASP G 39 35.09 42.57 -30.99
N PRO G 40 34.60 42.35 -29.76
CA PRO G 40 33.41 43.08 -29.29
C PRO G 40 33.60 44.61 -29.28
N LYS G 41 34.83 45.08 -29.38
CA LYS G 41 35.07 46.52 -29.50
C LYS G 41 34.38 47.06 -30.76
N ALA G 42 34.22 46.19 -31.74
CA ALA G 42 33.48 46.47 -32.97
C ALA G 42 34.07 47.65 -33.77
N ASP G 43 35.39 47.73 -33.82
CA ASP G 43 36.01 48.80 -34.59
C ASP G 43 36.87 48.25 -35.73
N SER G 44 36.71 46.98 -36.05
CA SER G 44 37.54 46.31 -37.04
C SER G 44 37.32 46.72 -38.51
N THR G 45 36.25 47.48 -38.76
CA THR G 45 35.87 47.82 -40.14
C THR G 45 35.80 49.34 -40.36
N ARG G 46 36.13 50.07 -39.29
CA ARG G 46 36.00 51.52 -39.21
C ARG G 46 36.76 52.28 -40.32
N LEU G 47 37.96 51.81 -40.64
CA LEU G 47 38.82 52.51 -41.60
C LEU G 47 38.43 52.18 -43.04
N ILE G 48 37.77 51.05 -43.23
CA ILE G 48 37.28 50.69 -44.55
C ILE G 48 35.97 51.39 -44.87
N LEU G 49 35.14 51.58 -43.85
CA LEU G 49 33.83 52.21 -44.03
C LEU G 49 33.84 53.73 -43.82
N HIS G 50 34.94 54.25 -43.29
CA HIS G 50 35.00 55.63 -42.76
C HIS G 50 33.89 55.88 -41.74
N SER G 51 33.52 54.85 -40.99
CA SER G 51 32.25 54.85 -40.27
C SER G 51 32.22 55.81 -39.08
N LYS G 52 32.77 55.29 -37.97
CA LYS G 52 32.62 55.77 -36.59
C LYS G 52 32.24 54.52 -35.80
N ALA G 53 31.09 53.94 -36.16
CA ALA G 53 30.65 52.67 -35.59
C ALA G 53 29.59 51.98 -36.46
N GLN G 54 30.03 51.05 -37.31
CA GLN G 54 29.12 50.23 -38.12
C GLN G 54 28.11 49.49 -37.24
N ASN G 55 26.85 49.41 -37.69
CA ASN G 55 25.83 48.61 -37.02
C ASN G 55 26.23 47.13 -36.98
N THR G 56 26.15 46.52 -35.80
CA THR G 56 26.63 45.14 -35.62
C THR G 56 25.51 44.12 -35.74
N ILE G 57 25.90 42.88 -36.06
CA ILE G 57 24.93 41.81 -36.19
C ILE G 57 24.11 41.65 -34.91
N MET G 58 24.80 41.58 -33.77
CA MET G 58 24.10 41.36 -32.49
C MET G 58 23.13 42.51 -32.15
N GLU G 59 23.55 43.75 -32.36
CA GLU G 59 22.65 44.84 -31.99
C GLU G 59 21.49 44.94 -32.99
N MET G 60 21.74 44.64 -34.26
CA MET G 60 20.66 44.62 -35.25
C MET G 60 19.67 43.48 -35.00
N ALA G 61 20.17 42.35 -34.50
CA ALA G 61 19.30 41.23 -34.15
C ALA G 61 18.39 41.58 -32.97
N ALA G 62 18.92 42.32 -32.01
CA ALA G 62 18.15 42.68 -30.82
C ALA G 62 17.13 43.76 -31.17
N GLU G 63 17.46 44.60 -32.14
CA GLU G 63 16.50 45.59 -32.64
C GLU G 63 15.37 44.93 -33.42
N ALA G 64 15.74 43.99 -34.30
CA ALA G 64 14.77 43.36 -35.19
C ALA G 64 13.87 42.34 -34.47
N GLY G 65 14.31 41.87 -33.31
CA GLY G 65 13.58 40.86 -32.55
C GLY G 65 14.47 39.72 -32.11
N THR G 66 14.74 38.81 -33.04
CA THR G 66 15.75 37.77 -32.85
C THR G 66 16.63 37.71 -34.08
N VAL G 67 17.70 36.92 -34.04
CA VAL G 67 18.57 36.73 -35.20
C VAL G 67 17.81 36.26 -36.43
N GLU G 68 16.72 35.51 -36.18
CA GLU G 68 15.96 34.94 -37.30
C GLU G 68 15.27 36.02 -38.13
N ASP G 69 15.06 37.20 -37.54
CA ASP G 69 14.43 38.33 -38.22
C ASP G 69 15.41 39.20 -39.01
N LEU G 70 16.70 38.88 -38.90
CA LEU G 70 17.75 39.75 -39.41
C LEU G 70 17.99 39.43 -40.89
N GLU G 71 18.15 40.45 -41.72
CA GLU G 71 18.53 40.22 -43.12
C GLU G 71 20.00 40.62 -43.35
N LEU G 72 20.64 39.95 -44.30
CA LEU G 72 22.06 40.16 -44.56
C LEU G 72 22.37 41.61 -44.95
N GLU G 73 21.47 42.22 -45.73
CA GLU G 73 21.65 43.60 -46.20
C GLU G 73 21.82 44.61 -45.06
N ASP G 74 21.22 44.31 -43.91
CA ASP G 74 21.19 45.25 -42.80
C ASP G 74 22.52 45.31 -42.06
N VAL G 75 23.39 44.35 -42.30
CA VAL G 75 24.63 44.29 -41.54
C VAL G 75 25.89 44.18 -42.39
N LEU G 76 25.77 43.75 -43.64
CA LEU G 76 26.95 43.61 -44.50
C LEU G 76 27.04 44.84 -45.39
N LYS G 77 28.11 45.61 -45.24
CA LYS G 77 28.25 46.88 -45.95
C LYS G 77 29.60 46.96 -46.66
N ALA G 78 29.61 47.57 -47.84
CA ALA G 78 30.84 47.69 -48.60
C ALA G 78 31.50 49.05 -48.38
N GLY G 79 32.83 49.07 -48.35
CA GLY G 79 33.55 50.31 -48.19
C GLY G 79 34.62 50.47 -49.24
N TYR G 80 35.77 50.99 -48.82
CA TYR G 80 36.90 51.20 -49.71
C TYR G 80 37.21 49.94 -50.51
N GLY G 81 37.40 50.11 -51.81
CA GLY G 81 37.79 49.02 -52.67
C GLY G 81 36.73 47.95 -52.80
N GLY G 82 35.50 48.28 -52.40
CA GLY G 82 34.43 47.32 -52.46
C GLY G 82 34.56 46.21 -51.43
N VAL G 83 35.47 46.38 -50.49
CA VAL G 83 35.63 45.45 -49.36
C VAL G 83 34.32 45.37 -48.57
N LYS G 84 33.84 44.15 -48.34
CA LYS G 84 32.62 43.95 -47.56
C LYS G 84 32.95 43.82 -46.08
N CYS G 85 32.18 44.53 -45.26
CA CYS G 85 32.47 44.62 -43.84
C CYS G 85 31.29 44.22 -43.00
N VAL G 86 31.56 43.46 -41.95
CA VAL G 86 30.52 43.13 -41.01
C VAL G 86 31.13 43.02 -39.62
N GLU G 87 30.38 43.42 -38.61
CA GLU G 87 30.81 43.33 -37.20
C GLU G 87 29.87 42.40 -36.43
N SER G 88 30.45 41.50 -35.64
CA SER G 88 29.67 40.60 -34.80
C SER G 88 28.84 41.37 -33.81
N GLY G 89 29.51 42.30 -33.12
CA GLY G 89 28.92 43.01 -32.02
C GLY G 89 29.07 42.23 -30.72
N GLY G 90 28.74 42.86 -29.62
CA GLY G 90 28.74 42.20 -28.33
C GLY G 90 28.44 43.19 -27.22
N PRO G 91 28.54 42.73 -25.96
CA PRO G 91 28.16 43.56 -24.84
C PRO G 91 29.23 44.60 -24.49
N GLU G 92 28.83 45.55 -23.67
CA GLU G 92 29.76 46.44 -22.96
C GLU G 92 30.55 45.58 -22.00
N PRO G 93 31.76 46.00 -21.61
CA PRO G 93 32.58 45.22 -20.68
C PRO G 93 31.86 44.82 -19.38
N GLY G 94 32.04 43.57 -18.97
CA GLY G 94 31.59 43.15 -17.65
C GLY G 94 30.17 42.64 -17.54
N VAL G 95 29.56 42.34 -18.68
CA VAL G 95 28.22 41.72 -18.66
C VAL G 95 28.09 40.93 -19.96
N GLY G 96 27.19 39.96 -19.98
CA GLY G 96 26.92 39.25 -21.21
C GLY G 96 27.98 38.21 -21.57
N CYS G 97 28.07 37.89 -22.86
CA CYS G 97 28.94 36.84 -23.37
C CYS G 97 29.35 37.22 -24.80
N ALA G 98 30.51 37.86 -24.94
CA ALA G 98 30.97 38.27 -26.26
C ALA G 98 31.30 37.07 -27.14
N GLY G 99 31.70 35.96 -26.52
CA GLY G 99 31.99 34.73 -27.26
C GLY G 99 30.77 34.22 -28.04
N ARG G 100 29.61 34.21 -27.41
CA ARG G 100 28.39 33.80 -28.12
C ARG G 100 28.04 34.77 -29.28
N GLY G 101 28.35 36.04 -29.09
CA GLY G 101 28.15 37.05 -30.12
C GLY G 101 28.85 36.67 -31.41
N VAL G 102 30.08 36.18 -31.28
CA VAL G 102 30.84 35.74 -32.44
C VAL G 102 30.27 34.45 -32.98
N ILE G 103 29.88 33.52 -32.10
CA ILE G 103 29.28 32.27 -32.56
C ILE G 103 28.01 32.55 -33.37
N THR G 104 27.14 33.40 -32.81
CA THR G 104 25.91 33.78 -33.50
C THR G 104 26.17 34.46 -34.85
N ALA G 105 27.10 35.40 -34.86
CA ALA G 105 27.40 36.18 -36.06
C ALA G 105 27.95 35.30 -37.19
N ILE G 106 28.95 34.48 -36.89
CA ILE G 106 29.54 33.65 -37.93
C ILE G 106 28.53 32.60 -38.44
N ASN G 107 27.74 32.02 -37.55
CA ASN G 107 26.69 31.09 -38.02
C ASN G 107 25.69 31.80 -38.91
N PHE G 108 25.39 33.05 -38.58
CA PHE G 108 24.45 33.83 -39.38
C PHE G 108 24.99 34.08 -40.80
N LEU G 109 26.27 34.48 -40.87
CA LEU G 109 26.95 34.74 -42.14
C LEU G 109 26.92 33.51 -43.04
N GLU G 110 27.22 32.36 -42.46
CA GLU G 110 27.20 31.11 -43.19
C GLU G 110 25.79 30.78 -43.72
N GLU G 111 24.79 30.92 -42.85
CA GLU G 111 23.42 30.59 -43.21
C GLU G 111 22.85 31.53 -44.28
N GLU G 112 23.20 32.82 -44.23
CA GLU G 112 22.62 33.79 -45.18
C GLU G 112 23.41 33.92 -46.48
N GLY G 113 24.41 33.08 -46.64
CA GLY G 113 25.13 33.01 -47.90
C GLY G 113 26.16 34.11 -48.09
N ALA G 114 26.79 34.58 -47.02
CA ALA G 114 27.78 35.65 -47.13
C ALA G 114 29.02 35.17 -47.86
N TYR G 115 29.36 33.91 -47.65
CA TYR G 115 30.42 33.27 -48.40
C TYR G 115 29.71 32.75 -49.62
N GLU G 116 30.38 31.96 -50.45
CA GLU G 116 29.79 31.52 -51.72
C GLU G 116 29.43 32.73 -52.59
N ASP G 117 29.83 33.90 -52.13
CA ASP G 117 29.99 35.08 -52.95
C ASP G 117 31.40 34.97 -53.52
N ASP G 118 31.63 35.40 -54.75
CA ASP G 118 32.94 35.21 -55.40
C ASP G 118 34.04 36.06 -54.75
N LEU G 119 34.22 35.86 -53.46
CA LEU G 119 35.28 36.51 -52.71
C LEU G 119 36.60 35.86 -52.98
N ASP G 120 37.66 36.64 -52.99
CA ASP G 120 38.99 36.07 -53.08
C ASP G 120 39.50 35.79 -51.68
N PHE G 121 39.16 36.66 -50.73
CA PHE G 121 39.62 36.53 -49.34
C PHE G 121 38.55 36.82 -48.32
N VAL G 122 38.63 36.13 -47.20
CA VAL G 122 37.94 36.55 -45.98
C VAL G 122 38.96 36.73 -44.89
N PHE G 123 38.90 37.85 -44.18
CA PHE G 123 39.73 38.06 -43.01
C PHE G 123 38.87 38.19 -41.74
N TYR G 124 39.19 37.38 -40.74
CA TYR G 124 38.58 37.53 -39.42
C TYR G 124 39.54 38.26 -38.49
N ASP G 125 39.03 39.27 -37.82
CA ASP G 125 39.81 40.09 -36.90
C ASP G 125 39.35 39.74 -35.48
N VAL G 126 40.20 39.02 -34.73
CA VAL G 126 39.73 38.34 -33.52
C VAL G 126 40.30 38.92 -32.22
N LEU G 127 39.41 39.08 -31.24
CA LEU G 127 39.73 39.46 -29.87
C LEU G 127 41.04 38.90 -29.34
N GLY G 128 41.86 39.79 -28.77
CA GLY G 128 43.20 39.46 -28.32
C GLY G 128 43.45 38.17 -27.53
N ASP G 129 42.79 38.02 -26.38
CA ASP G 129 43.11 36.92 -25.45
C ASP G 129 42.44 35.56 -25.78
N VAL G 130 41.40 35.56 -26.63
CA VAL G 130 40.77 34.30 -27.08
C VAL G 130 40.36 33.45 -25.86
N VAL G 131 39.46 33.99 -25.04
CA VAL G 131 39.23 33.39 -23.73
C VAL G 131 38.20 32.26 -23.74
N CYS G 132 37.69 31.90 -24.91
CA CYS G 132 36.73 30.79 -24.99
C CYS G 132 36.60 30.24 -26.42
N GLY G 133 35.79 29.18 -26.54
CA GLY G 133 35.59 28.46 -27.79
C GLY G 133 35.04 29.34 -28.89
N GLY G 134 34.22 30.32 -28.53
CA GLY G 134 33.64 31.21 -29.53
C GLY G 134 34.68 32.02 -30.32
N PHE G 135 35.77 32.39 -29.65
CA PHE G 135 36.79 33.17 -30.36
C PHE G 135 37.73 32.27 -31.19
N ALA G 136 37.49 30.97 -31.16
CA ALA G 136 38.14 30.06 -32.12
C ALA G 136 37.18 29.62 -33.21
N MET G 137 35.96 30.17 -33.20
CA MET G 137 35.03 29.91 -34.31
C MET G 137 35.64 30.29 -35.68
N PRO G 138 36.40 31.40 -35.75
CA PRO G 138 36.99 31.64 -37.07
C PRO G 138 38.02 30.59 -37.54
N ILE G 139 38.53 29.71 -36.70
CA ILE G 139 39.54 28.76 -37.21
C ILE G 139 39.04 27.31 -37.21
N ARG G 140 37.73 27.15 -37.14
CA ARG G 140 37.15 25.82 -37.35
C ARG G 140 37.17 25.39 -38.80
N GLU G 141 36.93 24.10 -39.04
CA GLU G 141 36.71 23.60 -40.40
C GLU G 141 35.76 24.47 -41.21
N ASN G 142 36.09 24.67 -42.48
CA ASN G 142 35.35 25.54 -43.41
C ASN G 142 35.41 27.03 -43.10
N LYS G 143 36.21 27.41 -42.11
CA LYS G 143 36.45 28.83 -41.85
C LYS G 143 37.90 29.15 -42.25
N ALA G 144 38.64 29.89 -41.42
CA ALA G 144 40.01 30.25 -41.80
C ALA G 144 40.90 29.01 -41.96
N GLN G 145 41.71 28.98 -43.01
CA GLN G 145 42.73 27.94 -43.13
C GLN G 145 44.15 28.47 -42.87
N GLU G 146 44.29 29.80 -42.84
CA GLU G 146 45.58 30.43 -42.55
C GLU G 146 45.41 31.38 -41.38
N ILE G 147 46.29 31.29 -40.39
CA ILE G 147 46.32 32.23 -39.27
C ILE G 147 47.58 33.08 -39.35
N TYR G 148 47.46 34.38 -39.12
CA TYR G 148 48.64 35.22 -38.97
C TYR G 148 48.58 35.86 -37.58
N ILE G 149 49.70 35.88 -36.88
CA ILE G 149 49.71 36.45 -35.55
C ILE G 149 50.52 37.73 -35.56
N VAL G 150 49.87 38.83 -35.19
CA VAL G 150 50.54 40.13 -35.06
C VAL G 150 51.24 40.18 -33.71
N CYS G 151 52.52 40.56 -33.70
CA CYS G 151 53.24 40.69 -32.44
C CYS G 151 54.24 41.82 -32.56
N SER G 152 55.13 41.92 -31.57
CA SER G 152 56.20 42.91 -31.58
C SER G 152 57.33 42.33 -30.76
N GLY G 153 58.46 43.04 -30.71
CA GLY G 153 59.60 42.59 -29.94
C GLY G 153 59.46 42.73 -28.44
N GLU G 154 58.28 43.10 -27.95
CA GLU G 154 58.05 43.23 -26.52
C GLU G 154 57.66 41.86 -25.96
N MET G 155 58.18 41.53 -24.78
CA MET G 155 57.96 40.24 -24.13
C MET G 155 56.48 39.82 -24.08
N MET G 156 55.60 40.76 -23.74
CA MET G 156 54.19 40.41 -23.60
C MET G 156 53.56 40.02 -24.93
N ALA G 157 54.03 40.61 -26.02
CA ALA G 157 53.44 40.29 -27.32
C ALA G 157 53.92 38.93 -27.81
N MET G 158 55.20 38.64 -27.58
CA MET G 158 55.74 37.34 -27.93
C MET G 158 55.10 36.24 -27.06
N TYR G 159 54.91 36.52 -25.78
CA TYR G 159 54.23 35.55 -24.92
C TYR G 159 52.85 35.24 -25.46
N ALA G 160 52.16 36.28 -25.92
CA ALA G 160 50.79 36.12 -26.42
C ALA G 160 50.80 35.28 -27.69
N ALA G 161 51.77 35.53 -28.55
CA ALA G 161 51.94 34.76 -29.78
C ALA G 161 52.12 33.27 -29.46
N ASN G 162 52.97 33.00 -28.49
CA ASN G 162 53.23 31.62 -28.08
C ASN G 162 51.98 30.96 -27.49
N ASN G 163 51.30 31.70 -26.62
CA ASN G 163 50.08 31.25 -25.96
C ASN G 163 48.94 30.96 -26.96
N ILE G 164 48.66 31.91 -27.85
CA ILE G 164 47.74 31.70 -28.96
C ILE G 164 48.12 30.46 -29.78
N SER G 165 49.42 30.29 -30.04
CA SER G 165 49.89 29.10 -30.76
C SER G 165 49.50 27.80 -30.04
N LYS G 166 49.57 27.78 -28.71
CA LYS G 166 49.09 26.61 -27.96
C LYS G 166 47.63 26.26 -28.28
N GLY G 167 46.79 27.29 -28.30
CA GLY G 167 45.37 27.08 -28.58
C GLY G 167 45.10 26.62 -30.00
N ILE G 168 45.97 27.02 -30.91
CA ILE G 168 45.85 26.67 -32.33
C ILE G 168 45.99 25.16 -32.58
N VAL G 169 46.87 24.52 -31.83
CA VAL G 169 47.16 23.11 -32.06
C VAL G 169 45.91 22.20 -32.10
N LYS G 170 44.92 22.42 -31.23
CA LYS G 170 43.79 21.48 -31.25
C LYS G 170 42.99 21.67 -32.54
N TYR G 171 42.91 22.89 -33.04
CA TYR G 171 42.16 23.11 -34.28
C TYR G 171 42.97 22.68 -35.50
N ALA G 172 44.29 22.77 -35.41
CA ALA G 172 45.14 22.31 -36.49
C ALA G 172 45.10 20.79 -36.59
N ASN G 173 44.96 20.12 -35.45
CA ASN G 173 44.89 18.67 -35.45
C ASN G 173 43.52 18.16 -35.87
N SER G 174 42.47 18.90 -35.53
CA SER G 174 41.12 18.43 -35.82
C SER G 174 40.63 18.90 -37.18
N GLY G 175 41.27 19.93 -37.74
CA GLY G 175 40.85 20.42 -39.03
C GLY G 175 42.03 20.72 -39.91
N SER G 176 41.92 21.76 -40.73
CA SER G 176 42.99 22.04 -41.66
C SER G 176 43.67 23.37 -41.39
N VAL G 177 43.21 24.12 -40.38
CA VAL G 177 43.80 25.44 -40.17
C VAL G 177 45.31 25.31 -39.84
N ARG G 178 46.09 26.28 -40.30
CA ARG G 178 47.53 26.30 -40.07
C ARG G 178 47.99 27.71 -39.76
N LEU G 179 49.11 27.82 -39.07
CA LEU G 179 49.75 29.10 -38.84
C LEU G 179 50.54 29.51 -40.09
N GLY G 180 50.27 30.70 -40.63
CA GLY G 180 50.92 31.18 -41.86
C GLY G 180 52.15 32.03 -41.59
N GLY G 181 52.23 32.62 -40.40
CA GLY G 181 53.40 33.45 -40.10
C GLY G 181 53.13 34.45 -39.00
N LEU G 182 54.20 35.10 -38.54
CA LEU G 182 54.12 36.20 -37.58
C LEU G 182 54.24 37.50 -38.37
N ILE G 183 53.46 38.50 -37.97
CA ILE G 183 53.62 39.84 -38.51
C ILE G 183 54.16 40.73 -37.39
N CYS G 184 55.36 41.26 -37.57
CA CYS G 184 55.93 42.15 -36.54
C CYS G 184 55.48 43.57 -36.73
N ASN G 185 54.61 44.04 -35.84
CA ASN G 185 54.19 45.43 -35.84
C ASN G 185 55.06 46.20 -34.86
N SER G 186 56.05 46.88 -35.41
CA SER G 186 57.16 47.40 -34.63
C SER G 186 56.77 48.33 -33.48
N ARG G 187 57.51 48.18 -32.37
CA ARG G 187 57.37 49.06 -31.23
C ARG G 187 58.71 49.74 -30.99
N ASN G 188 59.59 49.65 -31.99
CA ASN G 188 60.91 50.29 -31.98
C ASN G 188 61.85 49.80 -30.88
N THR G 189 61.70 48.55 -30.48
CA THR G 189 62.67 47.92 -29.59
C THR G 189 63.93 47.55 -30.37
N ASP G 190 65.05 47.35 -29.69
CA ASP G 190 66.29 47.03 -30.39
C ASP G 190 66.26 45.61 -30.92
N ARG G 191 66.83 45.42 -32.12
CA ARG G 191 66.96 44.11 -32.74
C ARG G 191 65.61 43.39 -32.82
N GLU G 192 64.56 44.19 -32.98
CA GLU G 192 63.19 43.69 -32.98
C GLU G 192 62.90 42.69 -34.10
N ASP G 193 63.44 42.92 -35.29
CA ASP G 193 63.16 42.02 -36.38
C ASP G 193 63.89 40.67 -36.18
N GLU G 194 65.11 40.70 -35.69
CA GLU G 194 65.85 39.46 -35.42
C GLU G 194 65.17 38.63 -34.33
N LEU G 195 64.61 39.32 -33.35
CA LEU G 195 63.90 38.68 -32.26
C LEU G 195 62.65 37.93 -32.78
N ILE G 196 61.83 38.60 -33.60
CA ILE G 196 60.61 37.94 -34.09
C ILE G 196 60.97 36.83 -35.09
N ILE G 197 62.02 37.02 -35.86
CA ILE G 197 62.50 35.98 -36.75
C ILE G 197 62.91 34.75 -35.93
N ALA G 198 63.65 34.98 -34.85
CA ALA G 198 64.10 33.90 -34.01
C ALA G 198 62.91 33.17 -33.33
N LEU G 199 61.92 33.93 -32.87
CA LEU G 199 60.73 33.32 -32.27
C LEU G 199 59.99 32.46 -33.29
N ALA G 200 59.78 33.04 -34.47
CA ALA G 200 59.08 32.35 -35.54
C ALA G 200 59.75 31.02 -35.87
N ASN G 201 61.08 31.02 -35.98
CA ASN G 201 61.82 29.80 -36.26
C ASN G 201 61.66 28.74 -35.17
N LYS G 202 61.59 29.17 -33.91
CA LYS G 202 61.34 28.24 -32.82
C LYS G 202 59.94 27.61 -32.90
N LEU G 203 58.97 28.39 -33.38
CA LEU G 203 57.59 27.93 -33.50
C LEU G 203 57.44 27.06 -34.73
N GLY G 204 58.40 27.19 -35.65
CA GLY G 204 58.38 26.46 -36.91
C GLY G 204 57.78 27.25 -38.07
N THR G 205 57.59 28.56 -37.89
CA THR G 205 56.96 29.35 -38.94
C THR G 205 57.96 30.41 -39.45
N GLN G 206 57.46 31.55 -39.92
CA GLN G 206 58.33 32.61 -40.46
C GLN G 206 57.83 33.95 -39.95
N MET G 207 58.67 34.98 -40.00
CA MET G 207 58.18 36.34 -39.86
C MET G 207 57.89 36.80 -41.26
N ILE G 208 56.61 36.88 -41.59
CA ILE G 208 56.22 37.15 -42.96
C ILE G 208 56.52 38.60 -43.32
N HIS G 209 56.45 39.52 -42.35
CA HIS G 209 56.77 40.91 -42.64
C HIS G 209 56.99 41.76 -41.40
N PHE G 210 57.88 42.73 -41.53
CA PHE G 210 58.15 43.71 -40.49
C PHE G 210 57.44 45.02 -40.83
N VAL G 211 56.42 45.36 -40.06
CA VAL G 211 55.68 46.60 -40.29
C VAL G 211 56.21 47.69 -39.37
N PRO G 212 56.82 48.73 -39.95
CA PRO G 212 57.37 49.84 -39.16
C PRO G 212 56.32 50.64 -38.37
N ARG G 213 56.75 51.22 -37.25
CA ARG G 213 55.91 52.19 -36.55
C ARG G 213 56.02 53.50 -37.30
N ASP G 214 54.89 53.99 -37.84
CA ASP G 214 54.89 55.24 -38.60
C ASP G 214 53.70 56.10 -38.19
N ASN G 215 53.96 57.37 -37.88
CA ASN G 215 52.91 58.26 -37.42
C ASN G 215 51.86 58.62 -38.49
N VAL G 216 52.16 58.32 -39.76
CA VAL G 216 51.17 58.48 -40.82
C VAL G 216 49.91 57.66 -40.53
N VAL G 217 50.08 56.58 -39.76
CA VAL G 217 48.97 55.75 -39.34
C VAL G 217 47.97 56.57 -38.54
N GLN G 218 48.45 57.39 -37.59
CA GLN G 218 47.53 58.23 -36.81
C GLN G 218 46.89 59.31 -37.67
N ARG G 219 47.68 59.93 -38.53
CA ARG G 219 47.15 60.94 -39.44
C ARG G 219 46.00 60.36 -40.26
N ALA G 220 46.20 59.15 -40.77
CA ALA G 220 45.16 58.46 -41.52
C ALA G 220 43.93 58.10 -40.68
N GLU G 221 44.16 57.57 -39.48
CA GLU G 221 43.07 57.04 -38.67
C GLU G 221 42.23 58.14 -38.00
N ILE G 222 42.75 59.36 -37.91
CA ILE G 222 41.94 60.47 -37.40
C ILE G 222 41.01 60.95 -38.52
N ARG G 223 41.27 60.48 -39.73
CA ARG G 223 40.35 60.70 -40.84
C ARG G 223 39.53 59.44 -41.10
N ARG G 224 39.65 58.47 -40.19
CA ARG G 224 38.91 57.20 -40.27
C ARG G 224 39.16 56.50 -41.61
N MET G 225 40.40 56.50 -42.08
CA MET G 225 40.74 55.71 -43.26
C MET G 225 42.09 55.00 -43.13
N THR G 226 42.34 54.10 -44.06
CA THR G 226 43.61 53.39 -44.15
C THR G 226 44.69 54.29 -44.74
N VAL G 227 45.93 53.90 -44.55
CA VAL G 227 47.04 54.62 -45.12
C VAL G 227 46.97 54.49 -46.65
N ILE G 228 46.56 53.30 -47.08
CA ILE G 228 46.32 53.00 -48.49
C ILE G 228 45.41 54.05 -49.14
N GLU G 229 44.25 54.33 -48.55
CA GLU G 229 43.36 55.34 -49.13
C GLU G 229 43.82 56.77 -48.85
N TYR G 230 44.34 57.00 -47.65
CA TYR G 230 44.72 58.36 -47.24
C TYR G 230 45.93 58.93 -47.98
N ASP G 231 46.95 58.11 -48.22
CA ASP G 231 48.15 58.58 -48.89
C ASP G 231 48.83 57.43 -49.61
N PRO G 232 48.35 57.13 -50.83
CA PRO G 232 48.86 56.01 -51.65
C PRO G 232 50.36 56.08 -51.89
N LYS G 233 50.93 57.28 -51.81
CA LYS G 233 52.35 57.47 -52.08
C LYS G 233 53.23 57.31 -50.85
N ALA G 234 52.63 57.24 -49.66
CA ALA G 234 53.39 57.08 -48.42
C ALA G 234 54.31 55.86 -48.43
N LYS G 235 55.42 55.96 -47.72
CA LYS G 235 56.32 54.82 -47.50
C LYS G 235 55.56 53.69 -46.78
N GLN G 236 54.73 54.07 -45.83
CA GLN G 236 54.02 53.09 -45.04
C GLN G 236 53.01 52.35 -45.89
N ALA G 237 52.43 53.04 -46.87
CA ALA G 237 51.49 52.41 -47.78
C ALA G 237 52.18 51.28 -48.52
N ASP G 238 53.41 51.55 -48.95
CA ASP G 238 54.19 50.55 -49.67
C ASP G 238 54.54 49.36 -48.75
N GLU G 239 54.65 49.61 -47.46
CA GLU G 239 54.92 48.51 -46.51
C GLU G 239 53.71 47.56 -46.46
N TYR G 240 52.50 48.12 -46.46
CA TYR G 240 51.29 47.30 -46.44
C TYR G 240 51.07 46.55 -47.76
N ARG G 241 51.45 47.20 -48.86
CA ARG G 241 51.37 46.55 -50.17
C ARG G 241 52.30 45.35 -50.22
N ALA G 242 53.51 45.52 -49.70
CA ALA G 242 54.48 44.42 -49.61
C ALA G 242 53.94 43.29 -48.75
N LEU G 243 53.38 43.64 -47.60
CA LEU G 243 52.76 42.63 -46.75
C LEU G 243 51.63 41.91 -47.50
N ALA G 244 50.78 42.67 -48.19
CA ALA G 244 49.69 42.08 -48.97
C ALA G 244 50.19 41.03 -49.95
N ARG G 245 51.25 41.39 -50.68
CA ARG G 245 51.80 40.51 -51.70
C ARG G 245 52.39 39.25 -51.09
N LYS G 246 53.05 39.37 -49.93
CA LYS G 246 53.61 38.19 -49.28
C LYS G 246 52.52 37.26 -48.75
N VAL G 247 51.43 37.82 -48.25
CA VAL G 247 50.30 37.00 -47.80
C VAL G 247 49.71 36.27 -49.00
N VAL G 248 49.51 36.99 -50.11
CA VAL G 248 48.98 36.37 -51.32
C VAL G 248 49.86 35.20 -51.79
N ASP G 249 51.18 35.39 -51.74
CA ASP G 249 52.12 34.39 -52.24
C ASP G 249 52.55 33.34 -51.22
N ASN G 250 52.07 33.44 -49.98
CA ASN G 250 52.57 32.54 -48.94
C ASN G 250 52.08 31.10 -49.10
N LYS G 251 52.99 30.15 -48.96
CA LYS G 251 52.59 28.73 -48.99
C LYS G 251 53.04 28.01 -47.74
N LEU G 252 53.83 28.69 -46.90
CA LEU G 252 54.30 28.05 -45.66
C LEU G 252 53.17 28.03 -44.62
N LEU G 253 52.68 26.83 -44.33
CA LEU G 253 51.55 26.61 -43.42
C LEU G 253 51.90 25.46 -42.49
N VAL G 254 51.96 25.73 -41.19
CA VAL G 254 52.49 24.76 -40.25
C VAL G 254 51.63 24.65 -39.01
N ILE G 255 51.77 23.54 -38.29
CA ILE G 255 51.27 23.44 -36.92
C ILE G 255 52.35 23.94 -35.97
N PRO G 256 52.03 24.96 -35.15
CA PRO G 256 53.06 25.57 -34.31
C PRO G 256 53.63 24.64 -33.24
N ASN G 257 54.91 24.85 -32.90
CA ASN G 257 55.55 24.19 -31.75
C ASN G 257 55.78 25.20 -30.65
N PRO G 258 54.80 25.39 -29.76
CA PRO G 258 54.94 26.36 -28.68
C PRO G 258 56.19 26.10 -27.86
N ILE G 259 56.76 27.16 -27.29
CA ILE G 259 57.99 26.99 -26.54
C ILE G 259 57.69 27.22 -25.09
N THR G 260 58.63 26.87 -24.21
CA THR G 260 58.45 27.07 -22.78
C THR G 260 58.72 28.52 -22.35
N MET G 261 58.22 28.89 -21.18
CA MET G 261 58.52 30.20 -20.62
C MET G 261 60.03 30.41 -20.48
N ASP G 262 60.73 29.36 -20.04
CA ASP G 262 62.19 29.43 -19.89
C ASP G 262 62.90 29.75 -21.21
N GLU G 263 62.44 29.12 -22.28
CA GLU G 263 62.97 29.41 -23.61
C GLU G 263 62.69 30.83 -24.06
N LEU G 264 61.49 31.33 -23.78
CA LEU G 264 61.17 32.69 -24.15
C LEU G 264 62.03 33.72 -23.41
N GLU G 265 62.19 33.53 -22.10
CA GLU G 265 63.07 34.42 -21.32
C GLU G 265 64.50 34.40 -21.87
N GLU G 266 64.95 33.22 -22.26
CA GLU G 266 66.31 33.04 -22.75
C GLU G 266 66.50 33.71 -24.10
N LEU G 267 65.44 33.68 -24.90
CA LEU G 267 65.45 34.40 -26.16
C LEU G 267 65.60 35.92 -25.96
N LEU G 268 64.82 36.49 -25.06
CA LEU G 268 64.89 37.93 -24.81
C LEU G 268 66.26 38.32 -24.26
N MET G 269 66.81 37.47 -23.40
CA MET G 269 68.16 37.70 -22.88
C MET G 269 69.23 37.62 -23.96
N GLU G 270 69.11 36.63 -24.85
CA GLU G 270 70.03 36.51 -25.97
C GLU G 270 70.04 37.78 -26.82
N PHE G 271 68.89 38.45 -26.93
CA PHE G 271 68.84 39.64 -27.80
C PHE G 271 68.96 40.97 -27.04
N GLY G 272 69.44 40.88 -25.80
CA GLY G 272 69.91 42.06 -25.10
C GLY G 272 68.99 42.71 -24.07
N ILE G 273 67.90 42.06 -23.65
CA ILE G 273 66.96 42.74 -22.74
C ILE G 273 67.58 43.15 -21.38
N MET G 274 68.62 42.44 -20.92
CA MET G 274 69.22 42.74 -19.61
C MET G 274 70.30 43.81 -19.68
N GLU G 275 70.68 44.22 -20.88
CA GLU G 275 71.66 45.29 -21.04
C GLU G 275 71.07 46.65 -20.68
N VAL G 276 71.85 47.45 -19.94
CA VAL G 276 71.51 48.83 -19.64
C VAL G 276 72.51 49.77 -20.31
N ALA H 1 39.19 44.55 9.02
CA ALA H 1 38.82 45.70 8.21
C ALA H 1 39.54 45.70 6.86
N MET H 2 39.60 44.55 6.20
CA MET H 2 40.39 44.47 4.98
C MET H 2 39.75 45.30 3.87
N ARG H 3 40.59 45.83 3.00
CA ARG H 3 40.14 46.57 1.83
C ARG H 3 40.36 45.70 0.62
N GLN H 4 39.31 45.51 -0.16
CA GLN H 4 39.45 44.73 -1.40
C GLN H 4 39.48 45.66 -2.60
N CYS H 5 40.44 45.43 -3.48
CA CYS H 5 40.69 46.29 -4.64
C CYS H 5 40.80 45.45 -5.92
N ALA H 6 40.29 45.98 -7.01
CA ALA H 6 40.34 45.28 -8.31
C ALA H 6 41.12 46.16 -9.29
N ILE H 7 41.98 45.55 -10.10
CA ILE H 7 42.80 46.27 -11.09
C ILE H 7 42.33 45.95 -12.51
N TYR H 8 41.86 46.97 -13.24
CA TYR H 8 41.42 46.80 -14.62
C TYR H 8 42.22 47.74 -15.54
N GLY H 9 42.06 47.57 -16.85
CA GLY H 9 42.73 48.44 -17.80
C GLY H 9 42.95 47.74 -19.13
N LYS H 10 43.23 48.54 -20.16
CA LYS H 10 43.57 48.07 -21.50
C LYS H 10 44.49 46.84 -21.50
N GLY H 11 44.21 45.88 -22.37
CA GLY H 11 45.13 44.77 -22.56
C GLY H 11 46.53 45.30 -22.82
N GLY H 12 47.52 44.75 -22.11
CA GLY H 12 48.90 45.14 -22.31
C GLY H 12 49.45 46.34 -21.56
N ILE H 13 48.58 47.03 -20.83
CA ILE H 13 48.90 48.33 -20.26
C ILE H 13 49.84 48.28 -19.06
N GLY H 14 49.94 47.11 -18.42
CA GLY H 14 50.80 46.97 -17.26
C GLY H 14 50.11 46.68 -15.95
N LYS H 15 48.89 46.11 -16.01
CA LYS H 15 48.11 45.82 -14.81
C LYS H 15 48.86 44.89 -13.87
N SER H 16 49.32 43.75 -14.39
CA SER H 16 49.90 42.71 -13.54
C SER H 16 51.18 43.11 -12.87
N THR H 17 52.04 43.74 -13.67
CA THR H 17 53.30 44.26 -13.18
C THR H 17 53.07 45.35 -12.14
N THR H 18 52.12 46.22 -12.41
CA THR H 18 51.90 47.34 -11.53
C THR H 18 51.37 46.83 -10.20
N THR H 19 50.44 45.90 -10.28
CA THR H 19 49.81 45.33 -9.08
C THR H 19 50.84 44.62 -8.19
N GLN H 20 51.65 43.75 -8.79
CA GLN H 20 52.62 43.01 -7.99
C GLN H 20 53.67 43.93 -7.38
N ASN H 21 54.14 44.91 -8.14
CA ASN H 21 55.09 45.87 -7.59
C ASN H 21 54.49 46.76 -6.48
N LEU H 22 53.25 47.19 -6.66
CA LEU H 22 52.53 47.92 -5.61
C LEU H 22 52.38 47.04 -4.37
N VAL H 23 52.00 45.79 -4.59
CA VAL H 23 51.77 44.89 -3.46
C VAL H 23 53.09 44.55 -2.73
N ALA H 24 54.18 44.37 -3.46
CA ALA H 24 55.47 44.22 -2.77
C ALA H 24 55.78 45.42 -1.87
N ALA H 25 55.49 46.63 -2.35
CA ALA H 25 55.74 47.81 -1.55
C ALA H 25 54.84 47.82 -0.29
N LEU H 26 53.59 47.34 -0.44
CA LEU H 26 52.67 47.25 0.69
C LEU H 26 53.20 46.29 1.72
N ALA H 27 53.67 45.12 1.27
CA ALA H 27 54.30 44.17 2.21
C ALA H 27 55.57 44.75 2.84
N GLU H 28 56.37 45.45 2.04
CA GLU H 28 57.58 46.09 2.56
C GLU H 28 57.25 46.97 3.75
N MET H 29 56.09 47.65 3.71
CA MET H 29 55.78 48.59 4.77
C MET H 29 54.92 47.96 5.86
N GLY H 30 54.67 46.64 5.77
CA GLY H 30 54.10 45.89 6.87
C GLY H 30 52.64 45.46 6.72
N LYS H 31 52.08 45.60 5.53
CA LYS H 31 50.71 45.23 5.28
C LYS H 31 50.62 43.75 4.93
N LYS H 32 49.56 43.10 5.39
CA LYS H 32 49.29 41.72 4.97
C LYS H 32 48.37 41.75 3.75
N VAL H 33 48.83 41.16 2.65
CA VAL H 33 48.12 41.29 1.36
C VAL H 33 47.86 39.95 0.71
N MET H 34 46.72 39.82 0.03
CA MET H 34 46.50 38.70 -0.88
C MET H 34 46.28 39.20 -2.31
N ILE H 35 46.89 38.51 -3.27
CA ILE H 35 46.59 38.74 -4.70
C ILE H 35 45.80 37.58 -5.26
N VAL H 36 44.69 37.90 -5.91
CA VAL H 36 43.87 36.89 -6.60
C VAL H 36 43.98 37.12 -8.10
N GLY H 37 44.56 36.16 -8.82
CA GLY H 37 44.68 36.28 -10.26
C GLY H 37 43.38 35.90 -10.96
N CYS H 38 42.87 36.80 -11.79
CA CYS H 38 41.59 36.58 -12.48
C CYS H 38 41.79 36.61 -14.00
N ASP H 39 42.76 35.82 -14.43
CA ASP H 39 43.20 35.74 -15.84
C ASP H 39 43.50 34.27 -16.10
N PRO H 40 42.98 33.71 -17.21
CA PRO H 40 43.27 32.30 -17.46
C PRO H 40 44.76 32.02 -17.67
N LYS H 41 45.55 32.99 -18.11
CA LYS H 41 46.99 32.70 -18.30
C LYS H 41 47.75 32.62 -16.97
N ALA H 42 47.11 33.06 -15.87
CA ALA H 42 47.64 32.84 -14.50
C ALA H 42 49.04 33.40 -14.28
N ASP H 43 49.22 34.67 -14.59
CA ASP H 43 50.54 35.29 -14.47
C ASP H 43 50.53 36.43 -13.46
N SER H 44 49.47 36.51 -12.67
CA SER H 44 49.27 37.62 -11.75
C SER H 44 50.17 37.58 -10.51
N THR H 45 50.79 36.44 -10.26
CA THR H 45 51.55 36.27 -9.01
C THR H 45 52.94 35.71 -9.25
N ARG H 46 53.32 35.52 -10.51
CA ARG H 46 54.61 34.89 -10.77
C ARG H 46 55.81 35.77 -10.35
N LEU H 47 55.64 37.08 -10.25
CA LEU H 47 56.75 37.92 -9.79
C LEU H 47 56.83 37.95 -8.24
N ILE H 48 55.72 37.64 -7.58
CA ILE H 48 55.73 37.65 -6.12
C ILE H 48 56.24 36.30 -5.60
N LEU H 49 55.87 35.23 -6.28
CA LEU H 49 56.31 33.91 -5.87
C LEU H 49 57.76 33.63 -6.25
N HIS H 50 58.22 34.25 -7.34
CA HIS H 50 59.45 33.87 -8.10
C HIS H 50 59.96 32.45 -7.90
N SER H 51 60.24 32.07 -6.64
CA SER H 51 60.44 30.67 -6.28
C SER H 51 59.32 29.83 -6.89
N LYS H 52 59.72 28.82 -7.65
CA LYS H 52 58.88 28.14 -8.63
C LYS H 52 57.48 27.67 -8.21
N ALA H 53 56.69 27.34 -9.24
CA ALA H 53 55.48 26.51 -9.16
C ALA H 53 54.28 27.14 -8.47
N GLN H 54 53.24 27.40 -9.25
CA GLN H 54 51.91 27.59 -8.69
C GLN H 54 50.96 26.58 -9.34
N ASN H 55 49.95 26.19 -8.58
CA ASN H 55 48.84 25.41 -9.09
C ASN H 55 47.65 26.35 -9.09
N THR H 56 46.82 26.27 -10.11
CA THR H 56 45.68 27.18 -10.18
C THR H 56 44.42 26.50 -9.60
N ILE H 57 43.44 27.29 -9.19
CA ILE H 57 42.23 26.70 -8.61
C ILE H 57 41.54 25.79 -9.64
N MET H 58 41.35 26.27 -10.87
CA MET H 58 40.66 25.46 -11.86
C MET H 58 41.46 24.19 -12.21
N GLU H 59 42.79 24.29 -12.23
CA GLU H 59 43.57 23.11 -12.59
C GLU H 59 43.45 22.03 -11.50
N MET H 60 43.48 22.45 -10.24
CA MET H 60 43.43 21.50 -9.14
C MET H 60 42.01 20.96 -8.97
N ALA H 61 41.03 21.78 -9.35
CA ALA H 61 39.64 21.37 -9.32
C ALA H 61 39.39 20.30 -10.37
N ALA H 62 39.97 20.49 -11.56
CA ALA H 62 39.82 19.50 -12.64
C ALA H 62 40.55 18.20 -12.31
N GLU H 63 41.69 18.29 -11.65
CA GLU H 63 42.41 17.09 -11.24
C GLU H 63 41.63 16.35 -10.16
N ALA H 64 40.98 17.09 -9.27
CA ALA H 64 40.20 16.49 -8.17
C ALA H 64 38.78 16.11 -8.59
N GLY H 65 38.31 16.65 -9.71
CA GLY H 65 36.99 16.34 -10.22
C GLY H 65 36.01 17.46 -9.96
N THR H 66 35.99 17.98 -8.74
CA THR H 66 35.15 19.12 -8.40
C THR H 66 35.84 20.08 -7.44
N VAL H 67 35.30 21.29 -7.38
CA VAL H 67 35.73 22.32 -6.43
C VAL H 67 35.51 21.90 -4.97
N GLU H 68 34.43 21.15 -4.72
CA GLU H 68 34.11 20.75 -3.35
C GLU H 68 35.19 19.88 -2.70
N ASP H 69 35.95 19.16 -3.51
CA ASP H 69 36.99 18.29 -2.98
C ASP H 69 38.30 19.05 -2.72
N LEU H 70 38.28 20.36 -2.95
CA LEU H 70 39.50 21.15 -2.95
C LEU H 70 39.67 21.92 -1.65
N GLU H 71 40.90 21.98 -1.13
CA GLU H 71 41.16 22.76 0.08
C GLU H 71 42.04 23.99 -0.23
N LEU H 72 41.85 25.03 0.56
CA LEU H 72 42.48 26.32 0.33
C LEU H 72 44.01 26.22 0.28
N GLU H 73 44.58 25.43 1.18
CA GLU H 73 46.03 25.35 1.28
C GLU H 73 46.64 24.59 0.09
N ASP H 74 45.80 24.00 -0.75
CA ASP H 74 46.31 23.37 -1.98
C ASP H 74 46.66 24.39 -3.08
N VAL H 75 46.06 25.59 -3.04
CA VAL H 75 46.17 26.55 -4.14
C VAL H 75 46.66 27.93 -3.70
N LEU H 76 46.78 28.13 -2.40
CA LEU H 76 47.13 29.42 -1.86
C LEU H 76 48.57 29.33 -1.34
N LYS H 77 49.44 30.23 -1.81
CA LYS H 77 50.85 30.18 -1.43
C LYS H 77 51.34 31.56 -1.05
N ALA H 78 52.36 31.61 -0.20
CA ALA H 78 52.98 32.86 0.19
C ALA H 78 54.27 33.09 -0.58
N GLY H 79 54.52 34.32 -1.00
CA GLY H 79 55.76 34.66 -1.67
C GLY H 79 56.47 35.81 -0.97
N TYR H 80 57.08 36.68 -1.77
CA TYR H 80 57.85 37.80 -1.25
C TYR H 80 57.06 38.59 -0.19
N GLY H 81 57.72 38.89 0.92
CA GLY H 81 57.12 39.65 2.01
C GLY H 81 55.92 39.01 2.69
N GLY H 82 55.69 37.72 2.46
CA GLY H 82 54.55 37.04 3.06
C GLY H 82 53.26 37.23 2.29
N VAL H 83 53.36 37.83 1.11
CA VAL H 83 52.18 38.07 0.27
C VAL H 83 51.53 36.75 -0.13
N LYS H 84 50.24 36.63 0.12
CA LYS H 84 49.55 35.41 -0.24
C LYS H 84 49.04 35.47 -1.68
N CYS H 85 49.28 34.39 -2.43
CA CYS H 85 48.95 34.32 -3.85
C CYS H 85 48.04 33.17 -4.21
N VAL H 86 47.05 33.47 -5.02
CA VAL H 86 46.22 32.44 -5.61
C VAL H 86 45.79 32.84 -7.03
N GLU H 87 45.76 31.84 -7.92
CA GLU H 87 45.33 32.03 -9.31
C GLU H 87 44.06 31.27 -9.58
N SER H 88 43.12 31.93 -10.27
CA SER H 88 41.91 31.27 -10.75
C SER H 88 42.27 30.13 -11.68
N GLY H 89 43.15 30.42 -12.64
CA GLY H 89 43.44 29.49 -13.71
C GLY H 89 42.35 29.50 -14.75
N GLY H 90 42.35 28.51 -15.62
CA GLY H 90 41.40 28.48 -16.73
C GLY H 90 42.00 27.78 -17.93
N PRO H 91 41.23 27.71 -19.04
CA PRO H 91 41.64 26.94 -20.21
C PRO H 91 42.75 27.62 -21.02
N GLU H 92 43.44 26.87 -21.86
CA GLU H 92 44.27 27.46 -22.91
C GLU H 92 43.39 28.22 -23.90
N PRO H 93 43.98 29.12 -24.68
CA PRO H 93 43.16 29.94 -25.60
C PRO H 93 42.29 29.10 -26.54
N GLY H 94 41.06 29.54 -26.78
CA GLY H 94 40.25 28.98 -27.86
C GLY H 94 39.36 27.80 -27.52
N VAL H 95 39.21 27.54 -26.22
CA VAL H 95 38.41 26.43 -25.73
C VAL H 95 37.85 26.76 -24.35
N GLY H 96 36.73 26.15 -24.00
CA GLY H 96 36.18 26.31 -22.67
C GLY H 96 35.66 27.70 -22.42
N CYS H 97 35.69 28.11 -21.15
CA CYS H 97 35.04 29.34 -20.71
C CYS H 97 35.83 29.94 -19.55
N ALA H 98 36.74 30.86 -19.86
CA ALA H 98 37.60 31.47 -18.85
C ALA H 98 36.79 32.29 -17.86
N GLY H 99 35.70 32.89 -18.32
CA GLY H 99 34.86 33.69 -17.47
C GLY H 99 34.31 32.88 -16.30
N ARG H 100 33.80 31.69 -16.59
CA ARG H 100 33.24 30.89 -15.53
C ARG H 100 34.35 30.44 -14.58
N GLY H 101 35.56 30.28 -15.11
CA GLY H 101 36.74 29.92 -14.30
C GLY H 101 36.89 30.96 -13.18
N VAL H 102 36.75 32.23 -13.51
CA VAL H 102 36.90 33.26 -12.48
C VAL H 102 35.76 33.23 -11.47
N ILE H 103 34.55 33.01 -11.97
CA ILE H 103 33.40 32.97 -11.08
C ILE H 103 33.58 31.85 -10.06
N THR H 104 33.91 30.67 -10.56
CA THR H 104 34.11 29.46 -9.74
C THR H 104 35.22 29.63 -8.70
N ALA H 105 36.36 30.16 -9.12
CA ALA H 105 37.51 30.40 -8.25
C ALA H 105 37.17 31.39 -7.14
N ILE H 106 36.54 32.51 -7.47
CA ILE H 106 36.18 33.46 -6.41
C ILE H 106 35.08 32.92 -5.48
N ASN H 107 34.11 32.19 -6.03
CA ASN H 107 33.12 31.54 -5.15
C ASN H 107 33.82 30.62 -4.16
N PHE H 108 34.81 29.88 -4.67
CA PHE H 108 35.60 28.97 -3.85
C PHE H 108 36.33 29.71 -2.73
N LEU H 109 36.98 30.82 -3.05
CA LEU H 109 37.70 31.57 -2.03
C LEU H 109 36.74 32.04 -0.94
N GLU H 110 35.57 32.50 -1.37
CA GLU H 110 34.57 32.96 -0.44
C GLU H 110 34.07 31.81 0.45
N GLU H 111 33.77 30.66 -0.15
CA GLU H 111 33.19 29.54 0.61
C GLU H 111 34.19 28.90 1.57
N GLU H 112 35.48 29.10 1.28
CA GLU H 112 36.57 28.45 2.00
C GLU H 112 37.22 29.35 3.04
N GLY H 113 36.67 30.54 3.22
CA GLY H 113 37.15 31.47 4.22
C GLY H 113 38.52 32.07 3.97
N ALA H 114 38.89 32.27 2.72
CA ALA H 114 40.18 32.90 2.41
C ALA H 114 40.18 34.36 2.84
N TYR H 115 38.98 34.93 2.97
CA TYR H 115 38.81 36.36 3.29
C TYR H 115 38.69 36.63 4.79
N GLU H 116 39.55 35.98 5.56
CA GLU H 116 39.61 36.23 6.99
C GLU H 116 41.05 36.60 7.30
N ASP H 117 41.78 35.67 7.89
CA ASP H 117 43.25 35.69 7.85
C ASP H 117 43.89 37.06 8.17
N ASP H 118 43.15 37.93 8.84
CA ASP H 118 43.57 39.30 9.16
C ASP H 118 44.38 39.98 8.04
N LEU H 119 43.85 39.93 6.83
CA LEU H 119 44.44 40.64 5.70
C LEU H 119 44.15 42.13 5.81
N ASP H 120 45.08 42.95 5.34
CA ASP H 120 44.82 44.37 5.20
C ASP H 120 44.29 44.71 3.81
N PHE H 121 44.80 44.00 2.80
CA PHE H 121 44.40 44.21 1.42
C PHE H 121 44.20 42.91 0.68
N VAL H 122 43.21 42.90 -0.20
CA VAL H 122 43.11 41.93 -1.26
C VAL H 122 43.12 42.64 -2.61
N PHE H 123 43.95 42.18 -3.54
CA PHE H 123 43.92 42.71 -4.88
C PHE H 123 43.51 41.66 -5.93
N TYR H 124 42.51 41.98 -6.73
CA TYR H 124 42.13 41.18 -7.89
C TYR H 124 42.78 41.77 -9.13
N ASP H 125 43.54 40.94 -9.83
CA ASP H 125 44.23 41.37 -11.03
C ASP H 125 43.51 40.70 -12.21
N VAL H 126 42.83 41.51 -13.02
CA VAL H 126 41.94 41.00 -14.05
C VAL H 126 42.60 41.15 -15.41
N LEU H 127 42.25 40.32 -16.39
CA LEU H 127 42.75 40.54 -17.74
C LEU H 127 42.12 41.78 -18.40
N GLY H 128 42.67 42.17 -19.55
CA GLY H 128 42.26 43.39 -20.23
C GLY H 128 40.96 43.27 -21.01
N ASP H 129 40.73 42.09 -21.59
CA ASP H 129 39.50 41.82 -22.33
C ASP H 129 38.37 41.33 -21.39
N VAL H 130 37.67 42.27 -20.78
CA VAL H 130 36.54 42.01 -19.90
C VAL H 130 35.29 41.72 -20.71
N VAL H 131 35.23 40.55 -21.32
CA VAL H 131 34.24 40.32 -22.36
C VAL H 131 32.95 39.67 -21.89
N CYS H 132 32.80 39.48 -20.59
CA CYS H 132 31.59 38.83 -20.07
C CYS H 132 31.42 39.10 -18.58
N GLY H 133 30.30 38.65 -18.03
CA GLY H 133 30.02 38.92 -16.62
C GLY H 133 31.00 38.30 -15.66
N GLY H 134 31.54 37.15 -16.02
CA GLY H 134 32.50 36.46 -15.16
C GLY H 134 33.71 37.30 -14.81
N PHE H 135 34.17 38.11 -15.74
CA PHE H 135 35.33 38.95 -15.48
C PHE H 135 34.99 40.20 -14.70
N ALA H 136 33.70 40.39 -14.42
CA ALA H 136 33.25 41.41 -13.47
C ALA H 136 33.00 40.80 -12.10
N MET H 137 33.18 39.49 -11.94
CA MET H 137 33.06 38.86 -10.62
C MET H 137 33.81 39.63 -9.50
N PRO H 138 35.04 40.10 -9.79
CA PRO H 138 35.71 40.81 -8.70
C PRO H 138 35.07 42.14 -8.26
N ILE H 139 34.09 42.68 -8.97
CA ILE H 139 33.51 43.94 -8.50
C ILE H 139 32.05 43.82 -8.07
N ARG H 140 31.58 42.59 -7.88
CA ARG H 140 30.28 42.37 -7.28
C ARG H 140 30.27 42.75 -5.80
N GLU H 141 29.08 42.88 -5.21
CA GLU H 141 28.95 43.15 -3.78
C GLU H 141 29.68 42.06 -2.99
N ASN H 142 30.41 42.48 -1.94
CA ASN H 142 31.23 41.63 -1.05
C ASN H 142 32.59 41.24 -1.61
N LYS H 143 32.88 41.67 -2.84
CA LYS H 143 34.24 41.56 -3.35
C LYS H 143 34.90 42.93 -3.28
N ALA H 144 35.48 43.38 -4.39
CA ALA H 144 36.24 44.61 -4.33
C ALA H 144 35.32 45.82 -4.06
N GLN H 145 35.80 46.74 -3.23
CA GLN H 145 35.12 48.01 -3.02
C GLN H 145 35.81 49.17 -3.74
N GLU H 146 37.05 48.95 -4.20
CA GLU H 146 37.83 49.99 -4.85
C GLU H 146 38.35 49.47 -6.17
N ILE H 147 38.13 50.21 -7.25
CA ILE H 147 38.72 49.86 -8.54
C ILE H 147 39.82 50.86 -8.92
N TYR H 148 40.95 50.38 -9.43
CA TYR H 148 41.96 51.26 -10.01
C TYR H 148 42.14 50.84 -11.46
N ILE H 149 42.15 51.82 -12.36
CA ILE H 149 42.25 51.53 -13.78
C ILE H 149 43.62 51.97 -14.26
N VAL H 150 44.37 51.03 -14.81
CA VAL H 150 45.67 51.38 -15.36
C VAL H 150 45.47 51.89 -16.79
N CYS H 151 46.12 53.00 -17.11
CA CYS H 151 46.04 53.55 -18.47
C CYS H 151 47.33 54.23 -18.88
N SER H 152 47.33 54.85 -20.03
CA SER H 152 48.46 55.66 -20.48
C SER H 152 47.87 56.75 -21.36
N GLY H 153 48.74 57.62 -21.87
CA GLY H 153 48.32 58.69 -22.77
C GLY H 153 48.00 58.24 -24.19
N GLU H 154 48.04 56.94 -24.46
CA GLU H 154 47.67 56.46 -25.79
C GLU H 154 46.14 56.38 -25.92
N MET H 155 45.65 56.72 -27.11
CA MET H 155 44.21 56.76 -27.39
C MET H 155 43.47 55.48 -27.00
N MET H 156 44.05 54.34 -27.40
CA MET H 156 43.42 53.05 -27.13
C MET H 156 43.25 52.85 -25.61
N ALA H 157 44.19 53.37 -24.82
CA ALA H 157 44.19 53.15 -23.38
C ALA H 157 43.16 54.04 -22.68
N MET H 158 43.09 55.29 -23.09
CA MET H 158 42.08 56.19 -22.56
C MET H 158 40.68 55.70 -22.98
N TYR H 159 40.55 55.24 -24.22
CA TYR H 159 39.29 54.65 -24.66
C TYR H 159 38.90 53.49 -23.74
N ALA H 160 39.85 52.60 -23.48
CA ALA H 160 39.59 51.45 -22.63
C ALA H 160 39.18 51.88 -21.23
N ALA H 161 39.81 52.94 -20.73
CA ALA H 161 39.50 53.45 -19.40
C ALA H 161 38.05 53.93 -19.37
N ASN H 162 37.68 54.64 -20.41
CA ASN H 162 36.33 55.14 -20.52
C ASN H 162 35.35 53.98 -20.65
N ASN H 163 35.74 52.97 -21.44
CA ASN H 163 34.84 51.85 -21.74
C ASN H 163 34.65 50.96 -20.49
N ILE H 164 35.74 50.65 -19.82
CA ILE H 164 35.65 50.00 -18.51
C ILE H 164 34.80 50.79 -17.50
N SER H 165 34.93 52.10 -17.48
CA SER H 165 34.13 52.89 -16.56
C SER H 165 32.63 52.72 -16.83
N LYS H 166 32.26 52.62 -18.11
CA LYS H 166 30.86 52.36 -18.45
C LYS H 166 30.40 51.06 -17.81
N GLY H 167 31.20 50.01 -17.97
CA GLY H 167 30.90 48.71 -17.41
C GLY H 167 30.73 48.72 -15.89
N ILE H 168 31.48 49.59 -15.24
CA ILE H 168 31.49 49.73 -13.78
C ILE H 168 30.19 50.31 -13.24
N VAL H 169 29.56 51.18 -14.02
CA VAL H 169 28.38 51.92 -13.56
C VAL H 169 27.25 51.00 -13.07
N LYS H 170 26.95 49.94 -13.81
CA LYS H 170 25.85 49.06 -13.41
C LYS H 170 26.14 48.32 -12.08
N TYR H 171 27.41 48.22 -11.70
CA TYR H 171 27.74 47.64 -10.40
C TYR H 171 27.86 48.68 -9.28
N ALA H 172 28.36 49.85 -9.64
CA ALA H 172 28.52 50.93 -8.66
C ALA H 172 27.17 51.51 -8.21
N ASN H 173 26.19 51.53 -9.11
CA ASN H 173 24.86 52.03 -8.69
C ASN H 173 24.09 51.01 -7.85
N SER H 174 24.45 49.74 -7.96
CA SER H 174 23.67 48.68 -7.33
C SER H 174 24.36 48.15 -6.08
N GLY H 175 25.52 48.72 -5.79
CA GLY H 175 26.36 48.19 -4.74
C GLY H 175 27.35 49.22 -4.24
N SER H 176 28.41 48.75 -3.60
CA SER H 176 29.29 49.70 -2.95
C SER H 176 30.63 49.86 -3.65
N VAL H 177 30.83 49.12 -4.75
CA VAL H 177 32.11 49.25 -5.46
C VAL H 177 32.22 50.63 -6.11
N ARG H 178 33.44 51.19 -6.06
CA ARG H 178 33.68 52.54 -6.56
C ARG H 178 35.01 52.59 -7.28
N LEU H 179 35.17 53.59 -8.14
CA LEU H 179 36.43 53.85 -8.79
C LEU H 179 37.32 54.64 -7.83
N GLY H 180 38.53 54.18 -7.58
CA GLY H 180 39.41 54.89 -6.67
C GLY H 180 40.45 55.76 -7.37
N GLY H 181 40.68 55.53 -8.65
CA GLY H 181 41.61 56.35 -9.39
C GLY H 181 42.16 55.70 -10.65
N LEU H 182 42.77 56.51 -11.50
CA LEU H 182 43.54 56.03 -12.64
C LEU H 182 45.01 56.00 -12.24
N ILE H 183 45.70 54.95 -12.65
CA ILE H 183 47.15 54.90 -12.53
C ILE H 183 47.69 55.03 -13.93
N CYS H 184 48.46 56.09 -14.19
CA CYS H 184 49.06 56.25 -15.49
C CYS H 184 50.40 55.53 -15.54
N ASN H 185 50.44 54.44 -16.29
CA ASN H 185 51.65 53.72 -16.61
C ASN H 185 52.15 54.27 -17.94
N SER H 186 53.11 55.19 -17.85
CA SER H 186 53.54 56.01 -18.97
C SER H 186 54.04 55.27 -20.22
N ARG H 187 53.72 55.83 -21.39
CA ARG H 187 54.30 55.38 -22.65
C ARG H 187 55.21 56.46 -23.26
N ASN H 188 55.55 57.45 -22.43
CA ASN H 188 56.39 58.57 -22.86
C ASN H 188 55.77 59.44 -23.96
N THR H 189 54.48 59.76 -23.83
CA THR H 189 53.84 60.65 -24.79
C THR H 189 53.92 62.09 -24.26
N ASP H 190 53.83 63.07 -25.17
CA ASP H 190 53.92 64.48 -24.80
C ASP H 190 52.80 64.88 -23.83
N ARG H 191 53.17 65.54 -22.73
CA ARG H 191 52.21 66.05 -21.74
C ARG H 191 51.28 64.93 -21.23
N GLU H 192 51.82 63.73 -21.08
CA GLU H 192 51.01 62.58 -20.70
C GLU H 192 50.33 62.76 -19.34
N ASP H 193 51.01 63.37 -18.38
CA ASP H 193 50.43 63.53 -17.04
C ASP H 193 49.22 64.46 -17.07
N GLU H 194 49.35 65.60 -17.71
CA GLU H 194 48.24 66.55 -17.85
C GLU H 194 47.04 65.88 -18.51
N LEU H 195 47.32 65.14 -19.58
CA LEU H 195 46.30 64.45 -20.34
C LEU H 195 45.52 63.44 -19.48
N ILE H 196 46.22 62.64 -18.69
CA ILE H 196 45.53 61.64 -17.86
C ILE H 196 44.81 62.32 -16.71
N ILE H 197 45.44 63.36 -16.17
CA ILE H 197 44.79 64.18 -15.14
C ILE H 197 43.48 64.77 -15.65
N ALA H 198 43.50 65.28 -16.87
CA ALA H 198 42.31 65.84 -17.50
C ALA H 198 41.24 64.77 -17.70
N LEU H 199 41.64 63.60 -18.19
CA LEU H 199 40.71 62.48 -18.35
C LEU H 199 40.08 62.14 -17.01
N ALA H 200 40.93 62.00 -15.99
CA ALA H 200 40.49 61.66 -14.65
C ALA H 200 39.40 62.62 -14.19
N ASN H 201 39.65 63.91 -14.38
CA ASN H 201 38.69 64.94 -14.00
C ASN H 201 37.34 64.80 -14.69
N LYS H 202 37.36 64.55 -16.00
CA LYS H 202 36.12 64.36 -16.75
C LYS H 202 35.36 63.14 -16.26
N LEU H 203 36.11 62.13 -15.82
CA LEU H 203 35.53 60.91 -15.30
C LEU H 203 35.00 61.08 -13.87
N GLY H 204 35.43 62.16 -13.22
CA GLY H 204 35.07 62.40 -11.84
C GLY H 204 36.01 61.74 -10.84
N THR H 205 37.13 61.20 -11.31
CA THR H 205 38.07 60.55 -10.39
C THR H 205 39.40 61.33 -10.29
N GLN H 206 40.50 60.63 -10.07
CA GLN H 206 41.80 61.28 -9.95
C GLN H 206 42.84 60.42 -10.67
N MET H 207 43.96 61.03 -11.03
CA MET H 207 45.13 60.23 -11.38
C MET H 207 45.94 60.05 -10.11
N ILE H 208 45.85 58.87 -9.53
CA ILE H 208 46.43 58.67 -8.22
C ILE H 208 47.96 58.67 -8.27
N HIS H 209 48.55 58.18 -9.37
CA HIS H 209 50.00 58.18 -9.53
C HIS H 209 50.41 58.05 -10.99
N PHE H 210 51.47 58.77 -11.33
CA PHE H 210 52.17 58.62 -12.59
C PHE H 210 53.39 57.69 -12.43
N VAL H 211 53.28 56.49 -12.99
CA VAL H 211 54.37 55.53 -13.01
C VAL H 211 55.18 55.74 -14.28
N PRO H 212 56.48 56.10 -14.14
CA PRO H 212 57.28 56.32 -15.34
C PRO H 212 57.56 55.03 -16.12
N ARG H 213 57.90 55.17 -17.40
CA ARG H 213 58.44 54.07 -18.18
C ARG H 213 59.89 53.85 -17.79
N ASP H 214 60.22 52.66 -17.32
CA ASP H 214 61.59 52.37 -16.90
C ASP H 214 61.83 50.89 -17.12
N ASN H 215 62.82 50.54 -17.94
CA ASN H 215 62.97 49.13 -18.31
C ASN H 215 63.50 48.25 -17.20
N VAL H 216 63.87 48.83 -16.06
CA VAL H 216 64.21 47.99 -14.91
C VAL H 216 63.01 47.08 -14.58
N VAL H 217 61.81 47.56 -14.91
CA VAL H 217 60.59 46.77 -14.71
C VAL H 217 60.67 45.48 -15.50
N GLN H 218 61.14 45.58 -16.74
CA GLN H 218 61.19 44.43 -17.61
C GLN H 218 62.36 43.52 -17.27
N ARG H 219 63.46 44.10 -16.78
CA ARG H 219 64.59 43.28 -16.39
C ARG H 219 64.24 42.51 -15.10
N ALA H 220 63.59 43.20 -14.15
CA ALA H 220 63.08 42.52 -12.96
C ALA H 220 62.15 41.37 -13.37
N GLU H 221 61.28 41.63 -14.33
CA GLU H 221 60.31 40.62 -14.76
C GLU H 221 60.99 39.40 -15.36
N ILE H 222 62.04 39.62 -16.13
CA ILE H 222 62.79 38.51 -16.70
C ILE H 222 63.34 37.64 -15.58
N ARG H 223 63.75 38.26 -14.47
CA ARG H 223 64.26 37.53 -13.33
C ARG H 223 63.10 37.03 -12.46
N ARG H 224 61.88 37.25 -12.94
CA ARG H 224 60.66 36.87 -12.23
C ARG H 224 60.55 37.54 -10.87
N MET H 225 60.85 38.83 -10.83
CA MET H 225 60.79 39.62 -9.59
C MET H 225 60.09 40.93 -9.77
N THR H 226 59.64 41.50 -8.66
CA THR H 226 59.24 42.88 -8.62
C THR H 226 60.50 43.71 -8.52
N VAL H 227 60.38 44.99 -8.87
CA VAL H 227 61.48 45.94 -8.74
C VAL H 227 61.85 46.11 -7.27
N ILE H 228 60.84 46.05 -6.41
CA ILE H 228 61.04 46.11 -4.97
C ILE H 228 62.00 45.00 -4.52
N GLU H 229 61.80 43.79 -5.03
CA GLU H 229 62.74 42.73 -4.66
C GLU H 229 64.05 42.82 -5.44
N TYR H 230 63.95 43.14 -6.73
CA TYR H 230 65.11 43.08 -7.64
C TYR H 230 66.19 44.12 -7.33
N ASP H 231 65.76 45.34 -7.05
CA ASP H 231 66.68 46.45 -6.78
C ASP H 231 65.94 47.47 -5.94
N PRO H 232 65.90 47.24 -4.62
CA PRO H 232 65.09 48.05 -3.71
C PRO H 232 65.49 49.53 -3.70
N LYS H 233 66.69 49.85 -4.16
CA LYS H 233 67.13 51.23 -4.13
C LYS H 233 66.92 51.94 -5.47
N ALA H 234 66.40 51.24 -6.48
CA ALA H 234 66.20 51.85 -7.79
C ALA H 234 65.21 53.00 -7.70
N LYS H 235 65.32 53.99 -8.59
CA LYS H 235 64.32 55.06 -8.66
C LYS H 235 62.91 54.50 -8.82
N GLN H 236 62.78 53.49 -9.67
CA GLN H 236 61.46 52.95 -9.95
C GLN H 236 60.85 52.28 -8.72
N ALA H 237 61.68 51.69 -7.87
CA ALA H 237 61.20 51.11 -6.62
C ALA H 237 60.52 52.18 -5.78
N ASP H 238 61.15 53.35 -5.71
CA ASP H 238 60.60 54.45 -4.95
C ASP H 238 59.30 54.94 -5.57
N GLU H 239 59.21 54.88 -6.89
CA GLU H 239 57.95 55.20 -7.55
C GLU H 239 56.82 54.28 -7.06
N TYR H 240 57.10 52.98 -6.92
CA TYR H 240 56.05 52.05 -6.50
C TYR H 240 55.73 52.22 -5.01
N ARG H 241 56.71 52.63 -4.22
CA ARG H 241 56.45 52.91 -2.82
C ARG H 241 55.53 54.13 -2.67
N ALA H 242 55.76 55.15 -3.49
CA ALA H 242 54.90 56.34 -3.48
C ALA H 242 53.46 55.94 -3.81
N LEU H 243 53.31 55.16 -4.88
CA LEU H 243 52.01 54.65 -5.29
C LEU H 243 51.33 53.86 -4.16
N ALA H 244 52.10 52.97 -3.54
CA ALA H 244 51.57 52.19 -2.42
C ALA H 244 51.09 53.08 -1.29
N ARG H 245 51.90 54.09 -0.96
CA ARG H 245 51.54 55.00 0.12
C ARG H 245 50.24 55.71 -0.19
N LYS H 246 50.06 56.15 -1.43
CA LYS H 246 48.81 56.83 -1.80
C LYS H 246 47.61 55.89 -1.75
N VAL H 247 47.79 54.66 -2.19
CA VAL H 247 46.68 53.72 -2.18
C VAL H 247 46.26 53.50 -0.73
N VAL H 248 47.23 53.38 0.16
CA VAL H 248 46.96 53.23 1.58
C VAL H 248 46.14 54.40 2.09
N ASP H 249 46.50 55.60 1.67
CA ASP H 249 45.86 56.79 2.21
C ASP H 249 44.67 57.29 1.40
N ASN H 250 44.35 56.63 0.29
CA ASN H 250 43.26 57.08 -0.56
C ASN H 250 41.88 57.03 0.12
N LYS H 251 41.13 58.11 -0.02
CA LYS H 251 39.75 58.14 0.47
C LYS H 251 38.77 58.41 -0.67
N LEU H 252 39.30 58.69 -1.86
CA LEU H 252 38.49 59.08 -3.00
C LEU H 252 37.88 57.87 -3.71
N LEU H 253 36.55 57.76 -3.61
CA LEU H 253 35.87 56.61 -4.19
C LEU H 253 34.58 57.08 -4.83
N VAL H 254 34.50 56.97 -6.16
CA VAL H 254 33.39 57.62 -6.87
C VAL H 254 32.69 56.70 -7.85
N ILE H 255 31.49 57.09 -8.27
CA ILE H 255 30.85 56.46 -9.41
C ILE H 255 31.35 57.20 -10.65
N PRO H 256 32.00 56.48 -11.59
CA PRO H 256 32.60 57.16 -12.76
C PRO H 256 31.54 57.83 -13.63
N ASN H 257 31.88 58.95 -14.28
CA ASN H 257 31.00 59.55 -15.28
C ASN H 257 31.58 59.43 -16.68
N PRO H 258 31.29 58.31 -17.37
CA PRO H 258 31.94 58.04 -18.66
C PRO H 258 31.62 59.13 -19.67
N ILE H 259 32.55 59.41 -20.57
CA ILE H 259 32.36 60.51 -21.51
C ILE H 259 32.04 59.97 -22.90
N THR H 260 31.54 60.84 -23.77
CA THR H 260 31.20 60.43 -25.13
C THR H 260 32.47 60.29 -25.96
N MET H 261 32.37 59.60 -27.09
CA MET H 261 33.52 59.41 -27.97
C MET H 261 34.06 60.72 -28.55
N ASP H 262 33.17 61.67 -28.81
CA ASP H 262 33.58 62.94 -29.37
C ASP H 262 34.30 63.78 -28.32
N GLU H 263 33.92 63.60 -27.06
CA GLU H 263 34.56 64.33 -25.97
C GLU H 263 35.97 63.83 -25.73
N LEU H 264 36.18 62.52 -25.88
CA LEU H 264 37.53 61.94 -25.79
C LEU H 264 38.35 62.37 -26.99
N GLU H 265 37.72 62.35 -28.17
CA GLU H 265 38.35 62.86 -29.39
C GLU H 265 38.76 64.32 -29.19
N GLU H 266 37.82 65.10 -28.66
CA GLU H 266 38.07 66.51 -28.35
C GLU H 266 39.25 66.67 -27.40
N LEU H 267 39.22 65.94 -26.29
CA LEU H 267 40.25 66.06 -25.26
C LEU H 267 41.66 65.74 -25.78
N LEU H 268 41.75 64.81 -26.72
CA LEU H 268 43.05 64.43 -27.27
C LEU H 268 43.62 65.53 -28.17
N MET H 269 42.73 66.23 -28.88
CA MET H 269 43.16 67.27 -29.80
C MET H 269 43.64 68.52 -29.08
N GLU H 270 43.21 68.70 -27.82
CA GLU H 270 43.66 69.83 -27.03
C GLU H 270 45.10 69.66 -26.56
N PHE H 271 45.59 68.43 -26.61
CA PHE H 271 46.97 68.13 -26.21
C PHE H 271 47.83 67.67 -27.39
C1 HCA I . -5.42 -26.63 17.64
C2 HCA I . -4.54 -26.35 16.43
C3 HCA I . -3.22 -25.74 16.89
C4 HCA I . -3.29 -24.29 17.42
C5 HCA I . -1.90 -23.67 17.33
C6 HCA I . -1.70 -22.39 18.14
C7 HCA I . -2.20 -25.84 15.76
O1 HCA I . -6.65 -26.40 17.56
O2 HCA I . -4.94 -27.05 18.74
O3 HCA I . -0.89 -21.52 17.72
O4 HCA I . -2.32 -22.20 19.20
O5 HCA I . -1.10 -26.44 16.00
O6 HCA I . -2.52 -25.34 14.65
O7 HCA I . -2.70 -26.54 17.98
FE1 ICS J . 0.60 -34.54 17.78
MO1 ICS J . -0.88 -27.71 17.51
FE2 ICS J . -1.28 -32.69 18.19
FE3 ICS J . 0.49 -32.38 16.22
FE4 ICS J . 1.26 -32.15 18.73
FE5 ICS J . 0.70 -29.61 18.67
FE6 ICS J . -1.79 -30.15 18.07
FE7 ICS J . -0.03 -29.85 16.16
CX ICS J . -0.05 -31.17 17.71
S1A ICS J . -0.02 -33.72 19.78
S1B ICS J . -1.15 -28.72 19.64
S2A ICS J . -1.07 -33.98 16.38
S2B ICS J . -3.21 -31.72 18.61
S3A ICS J . 2.33 -30.60 19.94
S3B ICS J . -2.18 -29.10 16.13
S4A ICS J . 2.37 -33.30 17.08
S4B ICS J . 1.33 -28.27 16.98
S5A ICS J . 0.64 -31.09 14.42
FE1 CLF K . -16.77 -24.50 20.25
FE2 CLF K . -18.15 -26.55 20.22
FE3 CLF K . -15.48 -26.79 19.64
FE4 CLF K . -17.26 -25.66 17.99
S1 CLF K . -18.97 -24.48 19.15
S2A CLF K . -16.38 -26.25 21.69
S4A CLF K . -17.27 -27.86 18.58
S3A CLF K . -15.27 -24.75 18.56
FE5 CLF K . -18.55 -23.18 17.18
FE6 CLF K . -20.68 -22.78 18.54
FE7 CLF K . -19.33 -20.55 17.56
FE8 CLF K . -18.41 -22.17 19.51
S2B CLF K . -20.48 -22.18 16.31
S3B CLF K . -20.26 -20.80 19.70
S4B CLF K . -17.15 -21.47 17.75
FE FE L . 1.44 -6.54 17.64
C1 HCA M . 7.15 19.74 -24.82
C2 HCA M . 6.54 18.34 -24.73
C3 HCA M . 5.01 18.44 -24.53
C4 HCA M . 4.67 18.85 -23.08
C5 HCA M . 3.23 18.44 -22.82
C6 HCA M . 2.53 19.11 -21.64
C7 HCA M . 4.37 17.11 -24.86
O1 HCA M . 8.29 19.95 -24.39
O2 HCA M . 6.50 20.70 -25.31
O3 HCA M . 1.61 18.51 -21.04
O4 HCA M . 2.82 20.27 -21.27
O5 HCA M . 3.45 17.08 -25.76
O6 HCA M . 4.87 16.11 -24.25
O7 HCA M . 4.42 19.41 -25.40
FE1 ICS N . 3.32 18.86 -33.99
MO1 ICS N . 3.13 18.58 -26.99
FE2 ICS N . 4.54 19.59 -31.74
FE3 ICS N . 3.29 17.27 -31.86
FE4 ICS N . 1.90 19.51 -31.85
FE5 ICS N . 1.84 19.44 -29.26
FE6 ICS N . 4.46 19.47 -29.16
FE7 ICS N . 3.19 17.21 -29.28
CX ICS N . 3.15 18.75 -30.56
S1A ICS N . 3.26 20.92 -33.05
S1B ICS N . 3.12 20.76 -27.95
S2A ICS N . 5.13 17.85 -33.04
S2B ICS N . 6.05 20.40 -30.33
S3A ICS N . 0.25 20.35 -30.61
S3B ICS N . 5.03 17.63 -28.03
S4A ICS N . 1.51 17.72 -33.22
S4B ICS N . 1.34 17.55 -28.13
S5A ICS N . 3.24 15.46 -30.58
FE1 CLF O . 16.65 24.79 -20.06
FE2 CLF O . 18.46 25.19 -21.69
FE3 CLF O . 16.15 24.03 -22.58
FE4 CLF O . 17.94 22.80 -21.03
S1 CLF O . 19.02 24.27 -19.48
S2A CLF O . 16.40 26.20 -21.85
S4A CLF O . 18.32 23.43 -23.15
S3A CLF O . 15.71 22.82 -20.63
FE5 CLF O . 18.77 22.19 -18.30
FE6 CLF O . 20.36 23.98 -17.40
FE7 CLF O . 18.79 22.62 -15.55
FE8 CLF O . 17.83 24.36 -17.38
S2B CLF O . 20.56 21.76 -16.86
S3B CLF O . 19.23 24.92 -15.57
S4B CLF O . 16.94 22.34 -17.00
FE FE P . -4.02 17.15 -6.89
FE1 SF4 Q . -31.57 -31.08 25.63
FE2 SF4 Q . -33.82 -32.25 24.57
FE3 SF4 Q . -33.12 -29.74 23.64
FE4 SF4 Q . -34.09 -29.97 26.16
S1 SF4 Q . -35.08 -30.53 24.28
S2 SF4 Q . -32.18 -29.01 25.53
S3 SF4 Q . -33.33 -31.93 26.68
S4 SF4 Q . -31.99 -31.58 23.51
MG MG R . -41.51 -43.71 34.86
PB ADP S . -44.90 -43.35 34.35
O1B ADP S . -43.87 -44.44 34.47
O2B ADP S . -44.42 -41.98 34.71
O3B ADP S . -45.71 -43.42 33.08
PA ADP S . -45.59 -44.78 36.77
O1A ADP S . -45.23 -46.18 36.36
O2A ADP S . -44.65 -44.00 37.65
O3A ADP S . -45.96 -43.83 35.50
O5' ADP S . -47.05 -44.87 37.48
C5' ADP S . -47.71 -43.71 37.98
C4' ADP S . -48.56 -44.07 39.20
O4' ADP S . -49.68 -44.93 38.87
C3' ADP S . -47.70 -44.82 40.21
O3' ADP S . -47.95 -44.28 41.49
C2' ADP S . -48.19 -46.24 40.16
O2' ADP S . -48.06 -46.86 41.45
C1' ADP S . -49.63 -46.12 39.68
N9 ADP S . -50.04 -47.34 38.92
C8 ADP S . -49.40 -47.84 37.84
N7 ADP S . -49.99 -48.97 37.38
C5 ADP S . -51.02 -49.22 38.19
C6 ADP S . -52.08 -50.26 38.27
N6 ADP S . -52.10 -51.27 37.36
N1 ADP S . -52.99 -50.16 39.27
C2 ADP S . -52.97 -49.16 40.17
N3 ADP S . -52.04 -48.19 40.16
C4 ADP S . -51.05 -48.16 39.22
MG MG T . -50.61 -29.54 28.58
PG ACP U . -49.29 -32.62 29.54
O1G ACP U . -48.86 -33.53 28.30
O2G ACP U . -48.51 -32.89 30.78
O3G ACP U . -48.94 -31.13 29.22
PB ACP U . -51.88 -31.72 30.95
O1B ACP U . -52.00 -30.34 30.44
O2B ACP U . -51.26 -31.62 32.42
C3B ACP U . -51.08 -32.91 29.85
PA ACP U . -54.67 -31.68 30.25
O1A ACP U . -54.37 -31.91 28.79
O2A ACP U . -55.14 -30.32 30.70
O3A ACP U . -53.42 -32.22 31.14
O5' ACP U . -55.82 -32.71 30.72
C5' ACP U . -55.64 -34.12 30.61
C4' ACP U . -57.02 -34.76 30.57
O4' ACP U . -57.65 -34.61 31.85
C3' ACP U . -57.91 -34.08 29.55
O3' ACP U . -58.64 -35.08 28.81
C2' ACP U . -58.87 -33.27 30.37
O2' ACP U . -60.15 -33.12 29.74
C1' ACP U . -58.95 -34.07 31.65
N9 ACP U . -59.32 -33.22 32.80
C8 ACP U . -58.69 -32.11 33.20
N7 ACP U . -59.31 -31.56 34.28
C5 ACP U . -60.37 -32.34 34.57
C6 ACP U . -61.44 -32.34 35.57
N6 ACP U . -61.50 -31.36 36.51
N1 ACP U . -62.36 -33.35 35.52
C2 ACP U . -62.31 -34.31 34.59
N3 ACP U . -61.35 -34.38 33.64
C4 ACP U . -60.37 -33.44 33.58
FE1 SF4 V . 30.99 33.80 -22.87
FE2 SF4 V . 33.55 33.33 -23.45
FE3 SF4 V . 32.54 32.18 -21.19
FE4 SF4 V . 32.94 34.83 -21.18
S1 SF4 V . 34.46 33.31 -21.45
S2 SF4 V . 31.06 33.72 -20.67
S3 SF4 V . 32.60 35.29 -23.28
S4 SF4 V . 31.91 31.84 -23.25
MG MG W . 41.10 45.59 -32.89
PB ADP X . 44.34 45.88 -31.93
O1B ADP X . 45.33 44.72 -32.02
O2B ADP X . 43.45 45.84 -33.11
O3B ADP X . 43.68 46.11 -30.60
PA ADP X . 44.78 48.39 -33.28
O1A ADP X . 44.94 47.91 -34.70
O2A ADP X . 43.48 49.01 -32.85
O3A ADP X . 45.20 47.21 -32.21
O5' ADP X . 46.02 49.41 -33.00
C5' ADP X . 46.24 50.02 -31.72
C4' ADP X . 46.85 51.40 -31.95
O4' ADP X . 48.17 51.35 -32.51
C3' ADP X . 46.00 52.21 -32.91
O3' ADP X . 45.94 53.53 -32.37
C2' ADP X . 46.81 52.30 -34.18
O2' ADP X . 46.60 53.55 -34.84
C1' ADP X . 48.23 52.20 -33.65
N9 ADP X . 49.09 51.54 -34.65
C8 ADP X . 48.90 50.29 -35.09
N7 ADP X . 49.85 49.95 -35.99
C5 ADP X . 50.67 51.01 -36.13
C6 ADP X . 51.88 51.32 -36.92
N6 ADP X . 52.40 50.40 -37.77
N1 ADP X . 52.42 52.56 -36.77
C2 ADP X . 51.89 53.47 -35.94
N3 ADP X . 50.80 53.26 -35.18
C4 ADP X . 50.16 52.07 -35.25
MG MG Y . 47.85 40.90 -16.65
PG ACP Z . 47.09 41.65 -19.89
O1G ACP Z . 47.18 40.33 -20.81
O2G ACP Z . 46.19 42.67 -20.44
O3G ACP Z . 46.42 41.26 -18.52
PB ACP Z . 49.02 43.56 -18.41
O1B ACP Z . 48.85 43.06 -17.04
O2B ACP Z . 48.15 44.86 -18.60
C3B ACP Z . 48.77 42.36 -19.73
PA ACP Z . 51.81 43.45 -17.73
O1A ACP Z . 51.88 41.98 -18.06
O2A ACP Z . 51.82 43.93 -16.31
O3A ACP Z . 50.55 44.07 -18.52
O5' ACP Z . 53.02 44.24 -18.45
C5' ACP Z . 53.17 44.24 -19.87
C4' ACP Z . 54.66 44.50 -20.15
O4' ACP Z . 54.97 45.86 -19.89
C3' ACP Z . 55.50 43.66 -19.20
O3' ACP Z . 56.52 42.99 -19.93
C2' ACP Z . 56.11 44.68 -18.24
O2' ACP Z . 57.44 44.31 -17.83
C1' ACP Z . 56.11 45.96 -19.03
N9 ACP Z . 55.95 47.14 -18.17
C8 ACP Z . 54.94 47.36 -17.29
N7 ACP Z . 55.08 48.56 -16.66
C5 ACP Z . 56.22 49.12 -17.14
C6 ACP Z . 56.96 50.38 -16.92
N6 ACP Z . 56.51 51.29 -16.03
N1 ACP Z . 58.10 50.58 -17.63
C2 ACP Z . 58.56 49.68 -18.50
N3 ACP Z . 57.94 48.52 -18.77
C4 ACP Z . 56.78 48.18 -18.13
#